data_7XG3
#
_entry.id   7XG3
#
_cell.length_a   1.00
_cell.length_b   1.00
_cell.length_c   1.00
_cell.angle_alpha   90.00
_cell.angle_beta   90.00
_cell.angle_gamma   90.00
#
_symmetry.space_group_name_H-M   'P 1'
#
loop_
_entity.id
_entity.type
_entity.pdbx_description
1 polymer Csf1
2 polymer Csf3
3 polymer Csf2
4 polymer Csf5
5 polymer crRNA
6 polymer NTS
7 polymer TS
8 polymer Csf4
9 non-polymer 'ZINC ION'
#
loop_
_entity_poly.entity_id
_entity_poly.type
_entity_poly.pdbx_seq_one_letter_code
_entity_poly.pdbx_strand_id
1 'polypeptide(L)'
;HHHHHHHHHHMRYPSDIVDQVLKAGPDKGLLTWEGVDAACSHCSRPIQNGDLYSPSSVGAFFSDTRDLASTSRSICWRCV
VLRKKPMLYGLSAAVVTQDGIYSISKDVNKAWLFTTPPPAPFLVVHSSSTMQHLSWRTPVTLDNRRIHVRYGPNLFIVRP
EVVRKALSIADRVNEGQKKWVTPVYFDRKAAAMGHGLITRAGAEMLTQEEQEFFQSVTPGERWALSYLMHSKRPEPEVGE
CITEKVMTSLNKE
;
A
2 'polypeptide(L)'
;MVNLKVTIDLSNPMMEPGDLLHLDALLGALRVSRARAEHGDAINPRDYHYDLPLERYQAPSGDWVFKASAFKLKRQLPNQ
MWMQTGRLSIVEAARHRQSGYLQLRAGKPNPAGGPFKTSIYHRPIVQAELTAFCVGDQQGIEALLSECRQIGGKRGVGFG
QVAGFKVEPVAETDCPWSWRALPADADPRLVTSEHARCIAAIRGPYWDRTLHVEALAPTP
;
B
3 'polypeptide(L)'
;MQIEVTVRNITPIFSAAPGSNYITIDGTINPPPGVSRFPLVRTRMMYVAADVGDGVIKSVPLQIVPGNTMRSLLRRTMLK
HVIEPALVEKGNKLSIGAYATAYSGNATGNPDGVPSSFDEIATMRAHPFIGLFGGGPRMLEGRLMVDSLYPIHTNAERIL
GAGYENEMMSGPITQVVWARRMDPILNLGSSEDVEVINGGAVAANGWIQDLLANSKAAASKKKKAAADEDESDGAAEENG
RGLKAFNAHEVVIPGLKWVWRISLDRPTDAQVGLVLLALNKMTNERIAGGHSKDYGRFVIDGVSLNGEQVWSQSGITGGE
QYFDAVAEAIDGLSSKEFEQFAQSAKEA
;
C,D,E,F,G
4 'polypeptide(L)'
;MFVKQVFFDLGARIHADEARALVAKLLDDTQPGLVSALMNYMPASKTSKTEFPLVQFSNFNQGFALLGFGEVGAQILSDA
TPIIHDAMAKLFASRGQGVVVQVSSRDVPLSCEKRPYGLQYTVAKMVVQKKHEHRERLANPETGKVFLEGLFLRSLERQA
AAVGMVLPRDLVVSFKGAERVSSVKLRPDSTLAHGSLRHAVFEVNARLGGLWSVGFLLSKGFGHINTDLQLGQGGTRHAL
SKWSHPQFEKGGGSGGGSGGWSHPQFEK
;
H
5 'polyribonucleotide' GUGAACGGUGGAGCAACACCUGAAGGAAGGCUUGAUGAGCGUGUUCCCCGCAUACGCGGG(23G) I
6 'polydeoxyribonucleotide'
;(DA)(DA)(DC)(DA)(DC)(DC)(DC)(DT)(DT)(DT)(DC)(DA)(DT)(DT)(DA)(DT)(DT)(DA)(DT)(DT)
(DA)(DT)(DT)(DT)(DT)(DT)(DT)(DT)(DT)(DT)(DT)(DT)(DT)
;
J
7 'polydeoxyribonucleotide'
;(DC)(DT)(DG)(DC)(DC)(DG)(DC)(DA)(DC)(DT)(DT)(DG)(DC)(DT)(DC)(DA)(DT)(DC)(DA)(DA)
(DG)(DC)(DC)(DT)(DT)(DC)(DC)(DT)(DT)(DC)(DA)(DG)(DG)(DT)(DG)(DT)(DT)(DG)(DC)(DT)
(DC)(DC)(DA)(DG)(DA)(DA)(DA)(DG)(DG)(DG)(DT)(DG)(DT)(DT)
;
K
8 'polypeptide(L)'
;MELPADALPGEGAVREVLRPLLKQAAEKTAAGKIVFAEAATGTGKGRMIASLAAAAAIKGDTVVVSAPLAVTWQLVNDMK
DIPEVRRVGLTLSLGRPNFISPQRTLEWAIDNERADLAAWIEGGGKPLSLRSMETSKVISHELCWLLEDALLLAEDLPAD
SLLLTSEDPADCPAQQLYVAMRSNYTEAGIILCSHFMLAAHTRMMQMRGLGNDEELDDEAPTGLSLPHFIDTLIVDEAHL
LEQAFASVYTHTLRLRPLMRTIEGLGSRGRKPALDALKELFTQMQVASARSTNTSLNVPLSDVPELIPALKDTVKTLGAL
PTKGMSRDARSVIRIATRAANDALSGHSRLRIEVTPVHSYPMLLSGRSNLQRALLGLWNATGGATLVSATLFTTGDNGSL
TRWKLEVPTERAAFLPPVHPAWTTAPVLLHKEFCAHEPDDSPEWATECAQTIQGVASTAQGGTLVLCTSYQNTELLAGRL
GAALGDRLIVQSKTSSAATCLAQFKAKHKAGIRPVWLGLGAAWTGIDLSDHSLPDNPELDRLLSDLVITRIPVGQNRSLT
HERRTAIGGFRIISQEAAWHFRQGLGRLVRRPGVTHKNLWVLDARIYGGAAWVAPFRQILDRYKKA
;
L
#
# COMPACT_ATOMS: atom_id res chain seq x y z
N MET A 11 21.33 25.84 -68.17
CA MET A 11 22.17 25.56 -67.01
C MET A 11 21.77 26.43 -65.83
N ARG A 12 21.24 27.62 -66.12
CA ARG A 12 20.95 28.57 -65.05
C ARG A 12 19.69 28.20 -64.28
N TYR A 13 18.64 27.80 -64.98
CA TYR A 13 17.33 27.57 -64.39
C TYR A 13 16.90 26.13 -64.62
N PRO A 14 15.97 25.61 -63.80
CA PRO A 14 15.37 24.30 -64.13
C PRO A 14 14.66 24.28 -65.46
N SER A 15 14.06 25.40 -65.86
CA SER A 15 13.38 25.49 -67.15
C SER A 15 14.34 25.38 -68.34
N ASP A 16 15.64 25.49 -68.10
CA ASP A 16 16.62 25.25 -69.16
C ASP A 16 16.67 23.78 -69.59
N ILE A 17 16.02 22.88 -68.84
CA ILE A 17 15.92 21.50 -69.34
C ILE A 17 14.93 21.41 -70.49
N VAL A 18 14.04 22.39 -70.64
CA VAL A 18 13.01 22.31 -71.69
C VAL A 18 13.62 22.51 -73.09
N ASP A 19 14.79 23.13 -73.19
CA ASP A 19 15.38 23.34 -74.50
C ASP A 19 16.75 22.70 -74.69
N GLN A 20 17.59 22.69 -73.65
CA GLN A 20 18.95 22.18 -73.81
C GLN A 20 18.98 20.66 -73.87
N VAL A 21 18.09 20.01 -73.12
CA VAL A 21 18.13 18.56 -72.99
C VAL A 21 17.10 17.93 -73.93
N LEU A 22 15.83 18.21 -73.67
CA LEU A 22 14.75 17.81 -74.55
C LEU A 22 14.41 18.99 -75.44
N LYS A 23 13.67 18.73 -76.52
CA LYS A 23 13.26 19.78 -77.43
C LYS A 23 11.75 19.99 -77.32
N ALA A 24 11.36 21.19 -76.89
CA ALA A 24 9.95 21.51 -76.73
C ALA A 24 9.73 22.99 -77.00
N GLY A 25 8.50 23.33 -77.33
CA GLY A 25 8.13 24.69 -77.60
C GLY A 25 6.97 25.15 -76.73
N PRO A 26 6.64 26.44 -76.80
CA PRO A 26 5.50 26.95 -76.03
C PRO A 26 4.18 26.42 -76.58
N ASP A 27 3.20 26.34 -75.68
CA ASP A 27 1.87 25.88 -76.07
C ASP A 27 1.16 26.94 -76.90
N LYS A 28 0.21 26.49 -77.72
CA LYS A 28 -0.59 27.42 -78.51
C LYS A 28 -1.62 28.10 -77.63
N GLY A 29 -1.71 29.43 -77.76
CA GLY A 29 -2.61 30.21 -76.95
C GLY A 29 -1.98 30.91 -75.77
N LEU A 30 -0.68 30.74 -75.55
CA LEU A 30 0.00 31.45 -74.47
C LEU A 30 0.22 32.91 -74.87
N LEU A 31 0.23 33.78 -73.86
CA LEU A 31 0.37 35.21 -74.10
C LEU A 31 1.84 35.62 -74.01
N THR A 32 2.21 36.62 -74.79
CA THR A 32 3.50 37.25 -74.63
C THR A 32 3.49 38.16 -73.41
N TRP A 33 4.67 38.43 -72.86
CA TRP A 33 4.77 39.22 -71.64
C TRP A 33 4.70 40.71 -71.96
N GLU A 34 3.91 41.44 -71.19
CA GLU A 34 3.80 42.88 -71.32
C GLU A 34 4.22 43.53 -70.01
N GLY A 35 4.35 44.85 -70.05
CA GLY A 35 4.68 45.62 -68.87
C GLY A 35 6.13 45.43 -68.43
N VAL A 36 6.36 45.69 -67.15
CA VAL A 36 7.69 45.49 -66.58
C VAL A 36 7.95 44.01 -66.42
N ASP A 37 9.23 43.63 -66.47
CA ASP A 37 9.60 42.23 -66.34
C ASP A 37 9.45 41.78 -64.89
N ALA A 38 8.84 40.60 -64.72
CA ALA A 38 8.63 40.01 -63.41
C ALA A 38 9.03 38.54 -63.46
N ALA A 39 9.35 38.00 -62.29
CA ALA A 39 9.72 36.60 -62.20
C ALA A 39 8.50 35.71 -62.38
N CYS A 40 8.75 34.46 -62.78
CA CYS A 40 7.68 33.50 -62.93
C CYS A 40 7.16 33.07 -61.56
N SER A 41 5.88 32.68 -61.52
CA SER A 41 5.28 32.25 -60.26
C SER A 41 5.84 30.90 -59.81
N HIS A 42 6.29 30.09 -60.76
CA HIS A 42 6.84 28.77 -60.48
C HIS A 42 8.34 28.69 -60.68
N CYS A 43 8.85 29.11 -61.84
CA CYS A 43 10.21 28.79 -62.24
C CYS A 43 11.27 29.53 -61.46
N SER A 44 10.98 30.79 -61.05
CA SER A 44 11.87 31.88 -60.64
C SER A 44 12.60 32.54 -61.82
N ARG A 45 12.29 32.16 -63.05
CA ARG A 45 12.93 32.90 -64.14
C ARG A 45 12.23 34.23 -64.35
N PRO A 46 13.00 35.32 -64.50
CA PRO A 46 12.38 36.61 -64.84
C PRO A 46 11.78 36.60 -66.24
N ILE A 47 10.46 36.72 -66.32
CA ILE A 47 9.76 36.75 -67.61
C ILE A 47 9.97 38.14 -68.19
N GLN A 48 10.91 38.26 -69.13
CA GLN A 48 11.14 39.52 -69.79
C GLN A 48 10.10 39.73 -70.88
N ASN A 49 10.04 40.97 -71.38
CA ASN A 49 9.16 41.27 -72.51
C ASN A 49 9.69 40.59 -73.77
N GLY A 50 8.78 40.04 -74.56
CA GLY A 50 9.14 39.19 -75.67
C GLY A 50 9.20 37.72 -75.34
N ASP A 51 8.89 37.33 -74.11
CA ASP A 51 8.84 35.94 -73.70
C ASP A 51 7.38 35.55 -73.48
N LEU A 52 7.06 34.30 -73.82
CA LEU A 52 5.69 33.81 -73.72
C LEU A 52 5.39 33.32 -72.32
N TYR A 53 4.14 33.52 -71.90
CA TYR A 53 3.75 33.22 -70.52
C TYR A 53 2.28 32.83 -70.50
N SER A 54 1.87 32.27 -69.36
CA SER A 54 0.48 31.91 -69.13
C SER A 54 -0.01 32.55 -67.85
N PRO A 55 -1.26 33.01 -67.80
CA PRO A 55 -1.87 33.37 -66.50
C PRO A 55 -2.16 32.11 -65.70
N SER A 56 -2.18 32.25 -64.37
CA SER A 56 -2.48 31.12 -63.51
C SER A 56 -3.98 30.94 -63.40
N SER A 57 -4.50 29.90 -64.05
CA SER A 57 -5.91 29.56 -63.97
C SER A 57 -6.11 28.17 -63.37
N VAL A 58 -5.37 27.84 -62.32
CA VAL A 58 -5.50 26.54 -61.67
C VAL A 58 -6.80 26.48 -60.88
N GLY A 59 -7.43 25.32 -60.89
CA GLY A 59 -8.50 25.04 -59.96
C GLY A 59 -7.95 24.76 -58.59
N ALA A 60 -8.85 24.60 -57.62
CA ALA A 60 -8.43 24.54 -56.22
C ALA A 60 -7.88 23.18 -55.82
N PHE A 61 -6.93 22.63 -56.59
CA PHE A 61 -6.27 21.36 -56.27
C PHE A 61 -4.76 21.49 -56.30
N PHE A 62 -4.21 22.68 -56.54
CA PHE A 62 -2.77 22.89 -56.59
C PHE A 62 -2.27 23.09 -55.15
N SER A 63 -1.65 22.06 -54.59
CA SER A 63 -1.22 22.11 -53.19
C SER A 63 0.06 22.89 -52.99
N ASP A 64 0.80 23.17 -54.07
CA ASP A 64 2.16 23.68 -53.95
C ASP A 64 2.21 25.20 -53.93
N THR A 65 1.38 25.82 -53.10
CA THR A 65 1.45 27.27 -52.94
C THR A 65 2.67 27.68 -52.13
N ARG A 66 3.15 26.78 -51.26
CA ARG A 66 4.27 27.10 -50.39
C ARG A 66 5.59 27.19 -51.15
N ASP A 67 5.67 26.53 -52.29
CA ASP A 67 6.93 26.48 -53.03
C ASP A 67 6.91 27.32 -54.28
N LEU A 68 5.92 28.20 -54.43
CA LEU A 68 5.92 29.17 -55.51
C LEU A 68 7.05 30.17 -55.30
N ALA A 69 7.85 30.37 -56.35
CA ALA A 69 9.05 31.19 -56.23
C ALA A 69 8.70 32.66 -56.03
N SER A 70 7.79 33.18 -56.84
CA SER A 70 7.34 34.56 -56.74
C SER A 70 5.82 34.56 -56.63
N THR A 71 5.24 35.76 -56.73
CA THR A 71 3.80 35.93 -56.65
C THR A 71 3.25 36.77 -57.80
N SER A 72 3.89 36.71 -58.97
CA SER A 72 3.51 37.51 -60.11
C SER A 72 2.34 36.95 -60.90
N ARG A 73 1.80 35.79 -60.47
CA ARG A 73 0.63 35.14 -61.06
C ARG A 73 0.84 34.82 -62.53
N SER A 74 2.04 34.38 -62.88
CA SER A 74 2.43 34.17 -64.26
C SER A 74 3.38 32.98 -64.35
N ILE A 75 3.14 32.09 -65.32
CA ILE A 75 3.95 30.91 -65.54
C ILE A 75 4.76 31.14 -66.81
N CYS A 76 6.07 30.94 -66.72
CA CYS A 76 6.89 30.91 -67.93
C CYS A 76 6.55 29.68 -68.76
N TRP A 77 6.68 29.82 -70.08
CA TRP A 77 6.18 28.81 -71.01
C TRP A 77 6.92 27.48 -70.88
N ARG A 78 8.20 27.56 -70.51
CA ARG A 78 9.00 26.35 -70.30
C ARG A 78 8.48 25.55 -69.13
N CYS A 79 8.05 26.22 -68.07
CA CYS A 79 7.41 25.51 -66.97
C CYS A 79 5.90 25.54 -67.06
N VAL A 80 5.32 26.11 -68.12
CA VAL A 80 4.02 25.61 -68.56
C VAL A 80 4.19 24.20 -69.09
N VAL A 81 5.26 23.95 -69.86
CA VAL A 81 5.55 22.61 -70.35
C VAL A 81 5.87 21.66 -69.19
N LEU A 82 6.66 22.14 -68.22
CA LEU A 82 6.96 21.32 -67.04
C LEU A 82 5.75 21.07 -66.14
N ARG A 83 4.68 21.84 -66.28
CA ARG A 83 3.49 21.63 -65.46
C ARG A 83 2.48 20.69 -66.09
N LYS A 84 2.67 20.28 -67.34
CA LYS A 84 1.80 19.27 -67.93
C LYS A 84 2.08 17.90 -67.36
N LYS A 85 1.04 17.06 -67.34
CA LYS A 85 1.03 15.79 -66.60
C LYS A 85 2.10 14.77 -67.00
N PRO A 86 2.42 14.53 -68.29
CA PRO A 86 3.57 13.64 -68.58
C PRO A 86 4.90 14.14 -68.05
N MET A 87 5.10 15.47 -68.00
CA MET A 87 6.29 16.01 -67.35
C MET A 87 6.25 15.80 -65.84
N LEU A 88 5.06 15.60 -65.27
CA LEU A 88 4.96 15.35 -63.84
C LEU A 88 5.24 13.90 -63.51
N TYR A 89 4.49 12.96 -64.10
CA TYR A 89 4.71 11.56 -63.71
C TYR A 89 5.93 10.96 -64.39
N GLY A 90 6.30 11.41 -65.59
CA GLY A 90 7.44 10.82 -66.27
C GLY A 90 8.76 11.25 -65.67
N LEU A 91 8.78 12.39 -65.00
CA LEU A 91 9.96 12.88 -64.29
C LEU A 91 9.90 12.57 -62.80
N SER A 92 9.34 11.42 -62.43
CA SER A 92 9.15 11.10 -61.02
C SER A 92 10.46 10.80 -60.32
N ALA A 93 11.45 10.27 -61.04
CA ALA A 93 12.78 10.06 -60.48
C ALA A 93 13.77 10.05 -61.64
N ALA A 94 14.47 11.17 -61.82
CA ALA A 94 15.37 11.30 -62.95
C ALA A 94 16.43 12.35 -62.68
N VAL A 95 17.58 12.18 -63.34
CA VAL A 95 18.62 13.19 -63.44
C VAL A 95 18.56 13.74 -64.86
N VAL A 96 18.58 15.07 -64.97
CA VAL A 96 18.50 15.75 -66.26
C VAL A 96 19.83 16.47 -66.45
N THR A 97 20.76 15.82 -67.13
CA THR A 97 22.05 16.43 -67.44
C THR A 97 21.95 17.18 -68.76
N GLN A 98 23.10 17.60 -69.30
CA GLN A 98 23.07 18.40 -70.52
C GLN A 98 22.85 17.55 -71.78
N ASP A 99 22.92 16.22 -71.67
CA ASP A 99 22.76 15.37 -72.85
C ASP A 99 21.46 14.57 -72.86
N GLY A 100 20.99 14.12 -71.71
CA GLY A 100 19.78 13.31 -71.70
C GLY A 100 19.15 13.27 -70.32
N ILE A 101 18.02 12.55 -70.25
CA ILE A 101 17.30 12.34 -69.01
C ILE A 101 17.44 10.88 -68.63
N TYR A 102 18.02 10.61 -67.47
CA TYR A 102 18.24 9.25 -67.00
C TYR A 102 17.39 8.98 -65.78
N SER A 103 16.63 7.89 -65.81
CA SER A 103 15.87 7.49 -64.64
C SER A 103 16.82 6.99 -63.55
N ILE A 104 16.54 7.37 -62.32
CA ILE A 104 17.38 7.01 -61.20
C ILE A 104 16.65 6.17 -60.17
N SER A 105 15.55 5.53 -60.55
CA SER A 105 14.75 4.77 -59.59
C SER A 105 15.48 3.52 -59.12
N LYS A 106 16.38 2.98 -59.93
CA LYS A 106 17.25 1.90 -59.51
C LYS A 106 18.25 2.38 -58.47
N ASP A 107 18.55 1.53 -57.49
CA ASP A 107 19.53 1.85 -56.47
C ASP A 107 20.94 1.94 -57.06
N VAL A 108 21.20 1.14 -58.10
CA VAL A 108 22.45 1.17 -58.84
C VAL A 108 22.66 2.54 -59.50
N ASN A 109 21.59 3.15 -60.00
CA ASN A 109 21.71 4.49 -60.56
C ASN A 109 22.04 5.54 -59.51
N LYS A 110 21.53 5.39 -58.29
CA LYS A 110 21.87 6.35 -57.26
C LYS A 110 23.26 6.10 -56.72
N ALA A 111 23.76 4.86 -56.85
CA ALA A 111 25.18 4.61 -56.67
C ALA A 111 25.99 5.31 -57.77
N TRP A 112 25.43 5.35 -58.98
CA TRP A 112 26.11 6.02 -60.12
C TRP A 112 26.18 7.54 -59.95
N LEU A 113 25.09 8.18 -59.53
CA LEU A 113 25.05 9.68 -59.44
C LEU A 113 25.58 10.21 -58.10
N PHE A 114 25.08 9.68 -56.98
CA PHE A 114 25.51 10.19 -55.65
C PHE A 114 27.01 9.94 -55.46
N THR A 115 27.47 8.76 -55.89
CA THR A 115 28.86 8.36 -55.77
C THR A 115 29.53 8.45 -57.13
N THR A 116 30.67 9.19 -57.18
CA THR A 116 31.50 9.59 -58.32
C THR A 116 30.75 9.82 -59.64
N PRO A 117 29.92 10.86 -59.73
CA PRO A 117 29.19 11.10 -60.98
C PRO A 117 30.10 11.68 -62.05
N PRO A 118 29.99 11.21 -63.30
CA PRO A 118 30.73 11.85 -64.41
C PRO A 118 30.30 13.29 -64.70
N PRO A 119 29.01 13.63 -64.91
CA PRO A 119 28.74 15.00 -65.38
C PRO A 119 28.77 16.01 -64.24
N ALA A 120 29.11 17.25 -64.56
CA ALA A 120 28.93 18.32 -63.59
C ALA A 120 27.51 18.92 -63.58
N PRO A 121 26.93 19.46 -64.71
CA PRO A 121 25.63 20.14 -64.57
C PRO A 121 24.40 19.27 -64.81
N PHE A 122 23.48 19.25 -63.84
CA PHE A 122 22.21 18.54 -64.00
C PHE A 122 21.12 18.97 -63.02
N LEU A 123 19.98 18.29 -63.10
CA LEU A 123 18.83 18.54 -62.24
C LEU A 123 18.30 17.20 -61.74
N VAL A 124 18.27 17.01 -60.42
CA VAL A 124 17.94 15.70 -59.85
C VAL A 124 16.59 15.80 -59.13
N VAL A 125 15.63 14.99 -59.57
CA VAL A 125 14.27 15.01 -59.05
C VAL A 125 13.90 13.59 -58.63
N HIS A 126 13.29 13.46 -57.45
CA HIS A 126 12.76 12.19 -56.98
C HIS A 126 11.42 12.48 -56.32
N SER A 127 10.43 11.62 -56.55
CA SER A 127 9.09 11.82 -56.04
C SER A 127 8.89 11.06 -54.74
N SER A 128 8.49 11.77 -53.68
CA SER A 128 8.08 11.10 -52.46
C SER A 128 6.73 10.42 -52.63
N SER A 129 5.76 11.16 -53.15
CA SER A 129 4.41 10.67 -53.36
C SER A 129 4.29 10.11 -54.78
N THR A 130 3.05 9.87 -55.21
CA THR A 130 2.81 9.34 -56.56
C THR A 130 3.16 10.37 -57.62
N MET A 131 2.71 11.61 -57.45
CA MET A 131 2.96 12.66 -58.44
C MET A 131 2.86 14.02 -57.76
N GLN A 132 3.95 14.79 -57.85
CA GLN A 132 3.99 16.13 -57.28
C GLN A 132 4.64 17.07 -58.30
N HIS A 133 4.35 18.36 -58.15
CA HIS A 133 5.02 19.40 -58.93
C HIS A 133 6.45 19.53 -58.43
N LEU A 134 7.40 19.04 -59.21
CA LEU A 134 8.74 18.82 -58.68
C LEU A 134 9.85 19.46 -59.49
N SER A 135 9.75 19.43 -60.82
CA SER A 135 10.92 19.77 -61.65
C SER A 135 11.20 21.27 -61.65
N TRP A 136 10.18 22.10 -61.41
CA TRP A 136 10.38 23.54 -61.49
C TRP A 136 10.81 24.16 -60.17
N ARG A 137 10.56 23.52 -59.03
CA ARG A 137 10.90 24.14 -57.76
C ARG A 137 12.27 23.75 -57.24
N THR A 138 13.02 22.95 -57.98
CA THR A 138 14.35 22.57 -57.51
C THR A 138 15.43 23.35 -58.28
N PRO A 139 16.44 23.86 -57.60
CA PRO A 139 17.56 24.51 -58.29
C PRO A 139 18.40 23.50 -59.05
N VAL A 140 19.09 23.98 -60.07
CA VAL A 140 19.94 23.16 -60.92
C VAL A 140 21.25 22.87 -60.19
N THR A 141 21.63 21.61 -60.13
CA THR A 141 22.95 21.25 -59.65
C THR A 141 23.93 21.74 -60.70
N LEU A 142 24.80 22.67 -60.30
CA LEU A 142 25.76 23.21 -61.25
C LEU A 142 27.02 22.34 -61.30
N ASP A 143 27.69 22.18 -60.17
CA ASP A 143 28.88 21.35 -60.08
C ASP A 143 28.53 20.06 -59.34
N ASN A 144 29.27 19.00 -59.66
CA ASN A 144 29.01 17.69 -59.04
C ASN A 144 29.28 17.71 -57.54
N ARG A 145 30.16 18.60 -57.07
CA ARG A 145 30.53 18.63 -55.66
C ARG A 145 29.39 19.10 -54.75
N ARG A 146 28.33 19.67 -55.32
CA ARG A 146 27.14 20.06 -54.55
C ARG A 146 25.90 19.68 -55.36
N ILE A 147 25.40 18.48 -55.13
CA ILE A 147 24.18 18.00 -55.79
C ILE A 147 22.97 18.60 -55.10
N HIS A 148 22.10 19.23 -55.88
CA HIS A 148 20.79 19.66 -55.43
C HIS A 148 19.76 18.64 -55.90
N VAL A 149 19.02 18.08 -54.96
CA VAL A 149 18.01 17.05 -55.21
C VAL A 149 16.69 17.59 -54.68
N ARG A 150 15.61 17.36 -55.41
CA ARG A 150 14.29 17.51 -54.81
C ARG A 150 13.74 16.13 -54.46
N TYR A 151 13.18 16.01 -53.26
CA TYR A 151 12.39 14.84 -52.87
C TYR A 151 11.16 15.34 -52.13
N GLY A 152 10.01 15.25 -52.81
CA GLY A 152 8.75 15.71 -52.27
C GLY A 152 8.75 17.20 -52.02
N PRO A 153 8.32 17.59 -50.81
CA PRO A 153 8.47 18.99 -50.39
C PRO A 153 9.83 19.33 -49.79
N ASN A 154 10.84 18.49 -49.97
CA ASN A 154 12.13 18.67 -49.33
C ASN A 154 13.21 18.95 -50.38
N LEU A 155 14.03 19.96 -50.12
CA LEU A 155 15.22 20.24 -50.91
C LEU A 155 16.42 19.65 -50.20
N PHE A 156 17.30 19.00 -50.97
CA PHE A 156 18.35 18.16 -50.43
C PHE A 156 19.67 18.47 -51.10
N ILE A 157 20.76 18.28 -50.36
CA ILE A 157 22.11 18.51 -50.85
C ILE A 157 22.92 17.24 -50.63
N VAL A 158 23.65 16.81 -51.66
CA VAL A 158 24.46 15.59 -51.62
C VAL A 158 25.87 15.94 -52.06
N ARG A 159 26.89 15.42 -51.36
CA ARG A 159 28.23 15.57 -51.90
C ARG A 159 28.78 14.21 -52.32
N PRO A 160 29.58 14.13 -53.39
CA PRO A 160 30.13 12.82 -53.78
C PRO A 160 31.24 12.35 -52.87
N GLU A 161 32.12 13.26 -52.45
CA GLU A 161 33.30 12.87 -51.68
C GLU A 161 32.93 12.42 -50.27
N VAL A 162 31.98 13.12 -49.64
CA VAL A 162 31.56 12.72 -48.29
C VAL A 162 30.79 11.40 -48.32
N VAL A 163 29.99 11.19 -49.36
CA VAL A 163 29.28 9.92 -49.54
C VAL A 163 30.27 8.79 -49.84
N ARG A 164 31.32 9.08 -50.62
CA ARG A 164 32.38 8.09 -50.86
C ARG A 164 33.14 7.76 -49.58
N LYS A 165 33.41 8.77 -48.76
CA LYS A 165 34.05 8.55 -47.46
C LYS A 165 33.16 7.70 -46.56
N ALA A 166 31.86 7.97 -46.57
CA ALA A 166 30.90 7.20 -45.77
C ALA A 166 30.83 5.75 -46.24
N LEU A 167 30.84 5.53 -47.56
CA LEU A 167 30.86 4.19 -48.11
C LEU A 167 32.13 3.44 -47.77
N SER A 168 33.28 4.13 -47.83
CA SER A 168 34.55 3.52 -47.46
C SER A 168 34.58 3.14 -45.98
N ILE A 169 34.09 4.04 -45.12
CA ILE A 169 34.02 3.76 -43.68
C ILE A 169 33.13 2.56 -43.40
N ALA A 170 31.93 2.54 -44.00
CA ALA A 170 30.97 1.47 -43.73
C ALA A 170 31.42 0.14 -44.31
N ASP A 171 32.12 0.17 -45.45
CA ASP A 171 32.59 -1.06 -46.04
C ASP A 171 33.80 -1.61 -45.29
N ARG A 172 34.64 -0.75 -44.72
CA ARG A 172 35.76 -1.27 -43.94
C ARG A 172 35.33 -1.75 -42.56
N VAL A 173 34.32 -1.12 -41.97
CA VAL A 173 33.87 -1.62 -40.67
C VAL A 173 33.00 -2.86 -40.86
N ASN A 174 32.30 -2.97 -41.99
CA ASN A 174 31.57 -4.18 -42.34
C ASN A 174 32.45 -5.23 -42.99
N GLU A 175 33.73 -4.94 -43.19
CA GLU A 175 34.67 -5.92 -43.72
C GLU A 175 34.92 -7.01 -42.68
N GLY A 176 34.91 -8.26 -43.13
CA GLY A 176 35.09 -9.39 -42.25
C GLY A 176 33.80 -9.98 -41.71
N GLN A 177 32.66 -9.38 -42.01
CA GLN A 177 31.36 -9.88 -41.59
C GLN A 177 30.61 -10.35 -42.83
N LYS A 178 30.14 -11.60 -42.81
CA LYS A 178 29.33 -12.11 -43.91
C LYS A 178 27.96 -11.42 -43.94
N LYS A 179 27.30 -11.35 -42.79
CA LYS A 179 26.06 -10.61 -42.69
C LYS A 179 26.36 -9.11 -42.68
N TRP A 180 25.64 -8.37 -43.51
CA TRP A 180 25.76 -6.92 -43.54
C TRP A 180 25.02 -6.33 -42.34
N VAL A 181 25.72 -5.51 -41.57
CA VAL A 181 25.13 -4.80 -40.45
C VAL A 181 25.07 -3.31 -40.81
N THR A 182 23.90 -2.71 -40.62
CA THR A 182 23.73 -1.30 -40.93
C THR A 182 24.37 -0.46 -39.83
N PRO A 183 25.35 0.40 -40.18
CA PRO A 183 25.97 1.23 -39.14
C PRO A 183 25.04 2.28 -38.58
N VAL A 184 24.33 2.99 -39.46
CA VAL A 184 23.37 4.01 -39.10
C VAL A 184 22.14 3.84 -39.99
N TYR A 185 20.96 3.83 -39.38
CA TYR A 185 19.73 3.63 -40.14
C TYR A 185 19.31 4.94 -40.80
N PHE A 186 18.87 4.85 -42.05
CA PHE A 186 18.25 5.95 -42.75
C PHE A 186 16.95 5.46 -43.37
N ASP A 187 15.89 6.25 -43.22
CA ASP A 187 14.57 5.88 -43.72
C ASP A 187 14.47 6.24 -45.20
N ARG A 188 13.94 5.30 -46.00
CA ARG A 188 13.76 5.53 -47.42
C ARG A 188 12.69 6.58 -47.71
N LYS A 189 11.60 6.56 -46.94
CA LYS A 189 10.57 7.57 -47.09
C LYS A 189 10.97 8.91 -46.48
N ALA A 190 12.02 8.91 -45.65
CA ALA A 190 12.44 10.01 -44.77
C ALA A 190 11.31 10.50 -43.89
N ALA A 191 10.40 9.61 -43.48
CA ALA A 191 9.21 9.97 -42.74
C ALA A 191 9.23 9.43 -41.31
N ALA A 192 9.96 8.35 -41.07
CA ALA A 192 10.09 7.80 -39.73
C ALA A 192 10.94 8.73 -38.88
N MET A 193 10.65 8.73 -37.58
CA MET A 193 11.40 9.54 -36.63
C MET A 193 12.85 9.10 -36.53
N GLY A 194 13.11 7.81 -36.68
CA GLY A 194 14.44 7.26 -36.55
C GLY A 194 15.36 7.47 -37.74
N HIS A 195 15.00 8.35 -38.67
CA HIS A 195 15.87 8.63 -39.81
C HIS A 195 17.11 9.39 -39.33
N GLY A 196 18.28 8.84 -39.63
CA GLY A 196 19.52 9.40 -39.14
C GLY A 196 20.02 8.83 -37.84
N LEU A 197 19.33 7.86 -37.26
CA LEU A 197 19.73 7.33 -35.96
C LEU A 197 20.79 6.25 -36.10
N ILE A 198 21.80 6.32 -35.23
CA ILE A 198 22.83 5.30 -35.19
C ILE A 198 22.25 4.01 -34.62
N THR A 199 22.54 2.90 -35.28
CA THR A 199 22.12 1.59 -34.78
C THR A 199 23.02 1.17 -33.61
N ARG A 200 22.52 0.20 -32.83
CA ARG A 200 23.21 -0.22 -31.60
C ARG A 200 24.55 -0.88 -31.92
N ALA A 201 24.50 -1.94 -32.73
CA ALA A 201 25.71 -2.58 -33.20
C ALA A 201 26.56 -1.62 -34.00
N GLY A 202 25.92 -0.81 -34.86
CA GLY A 202 26.65 0.21 -35.61
C GLY A 202 27.24 1.30 -34.73
N ALA A 203 26.68 1.50 -33.53
CA ALA A 203 27.36 2.35 -32.56
C ALA A 203 28.61 1.67 -32.02
N GLU A 204 28.57 0.34 -31.88
CA GLU A 204 29.79 -0.35 -31.46
C GLU A 204 30.87 -0.32 -32.56
N MET A 205 30.51 -0.68 -33.80
CA MET A 205 31.49 -0.88 -34.87
C MET A 205 31.80 0.42 -35.63
N LEU A 206 31.27 1.57 -35.16
CA LEU A 206 31.78 2.89 -35.50
C LEU A 206 32.39 3.54 -34.26
N THR A 207 33.44 4.32 -34.46
CA THR A 207 33.98 5.14 -33.37
C THR A 207 33.15 6.41 -33.21
N GLN A 208 33.47 7.18 -32.16
CA GLN A 208 32.71 8.37 -31.80
C GLN A 208 32.86 9.46 -32.86
N GLU A 209 34.06 9.62 -33.42
CA GLU A 209 34.26 10.58 -34.50
C GLU A 209 33.50 10.16 -35.76
N GLU A 210 33.45 8.85 -36.01
CA GLU A 210 32.65 8.35 -37.14
C GLU A 210 31.16 8.53 -36.89
N GLN A 211 30.71 8.37 -35.64
CA GLN A 211 29.32 8.65 -35.29
C GLN A 211 28.98 10.13 -35.50
N GLU A 212 29.92 11.01 -35.12
CA GLU A 212 29.70 12.45 -35.30
C GLU A 212 29.71 12.82 -36.78
N PHE A 213 30.56 12.16 -37.56
CA PHE A 213 30.60 12.41 -39.01
C PHE A 213 29.33 11.93 -39.70
N PHE A 214 28.84 10.73 -39.34
CA PHE A 214 27.60 10.24 -39.91
C PHE A 214 26.38 10.97 -39.36
N GLN A 215 26.53 11.67 -38.23
CA GLN A 215 25.41 12.40 -37.67
C GLN A 215 25.37 13.83 -38.17
N SER A 216 26.52 14.35 -38.63
CA SER A 216 26.63 15.74 -39.02
C SER A 216 26.25 16.00 -40.47
N VAL A 217 25.95 14.94 -41.24
CA VAL A 217 25.68 15.14 -42.65
C VAL A 217 24.31 15.77 -42.85
N THR A 218 24.16 16.49 -43.97
CA THR A 218 22.90 17.08 -44.35
C THR A 218 21.88 15.99 -44.69
N PRO A 219 20.57 16.26 -44.52
CA PRO A 219 19.56 15.22 -44.79
C PRO A 219 19.53 14.68 -46.21
N GLY A 220 20.10 15.39 -47.18
CA GLY A 220 20.23 14.85 -48.52
C GLY A 220 21.18 13.68 -48.59
N GLU A 221 22.30 13.76 -47.88
CA GLU A 221 23.22 12.63 -47.85
C GLU A 221 22.66 11.48 -47.03
N ARG A 222 21.88 11.77 -45.99
CA ARG A 222 21.19 10.71 -45.24
C ARG A 222 20.17 9.99 -46.13
N TRP A 223 19.43 10.78 -46.91
CA TRP A 223 18.45 10.24 -47.84
C TRP A 223 19.11 9.46 -48.98
N ALA A 224 20.31 9.87 -49.39
CA ALA A 224 21.05 9.09 -50.38
C ALA A 224 21.59 7.79 -49.80
N LEU A 225 22.10 7.85 -48.57
CA LEU A 225 22.66 6.67 -47.93
C LEU A 225 21.59 5.68 -47.49
N SER A 226 20.32 6.11 -47.42
CA SER A 226 19.23 5.14 -47.27
C SER A 226 19.18 4.20 -48.47
N TYR A 227 19.17 4.78 -49.66
CA TYR A 227 19.14 4.01 -50.89
C TYR A 227 20.47 3.36 -51.21
N LEU A 228 21.56 3.79 -50.55
CA LEU A 228 22.86 3.27 -50.93
C LEU A 228 23.53 2.41 -49.84
N MET A 229 23.19 2.60 -48.56
CA MET A 229 23.71 1.74 -47.49
C MET A 229 22.58 0.88 -46.97
N HIS A 230 22.56 -0.38 -47.37
CA HIS A 230 21.57 -1.35 -46.91
C HIS A 230 22.18 -2.74 -47.10
N SER A 231 21.32 -3.77 -47.02
CA SER A 231 21.78 -5.15 -46.87
C SER A 231 22.55 -5.65 -48.09
N LYS A 232 21.98 -5.47 -49.27
CA LYS A 232 22.74 -5.61 -50.50
C LYS A 232 23.26 -4.23 -50.89
N ARG A 233 24.42 -4.19 -51.53
CA ARG A 233 25.07 -2.92 -51.75
C ARG A 233 25.09 -2.58 -53.23
N PRO A 234 24.56 -1.43 -53.63
CA PRO A 234 24.60 -1.05 -55.05
C PRO A 234 25.99 -0.67 -55.51
N GLU A 235 26.19 -0.78 -56.82
CA GLU A 235 27.42 -0.42 -57.51
C GLU A 235 27.09 0.58 -58.61
N PRO A 236 28.01 1.50 -58.92
CA PRO A 236 27.66 2.59 -59.85
C PRO A 236 27.68 2.17 -61.32
N GLU A 237 26.50 2.01 -61.90
CA GLU A 237 26.36 1.79 -63.34
C GLU A 237 25.40 2.85 -63.90
N VAL A 238 25.63 3.22 -65.17
CA VAL A 238 24.94 4.31 -65.85
C VAL A 238 23.48 3.98 -66.13
N GLY A 239 22.72 4.98 -66.59
CA GLY A 239 21.28 4.86 -66.62
C GLY A 239 20.68 4.57 -67.98
N GLU A 240 19.50 3.97 -67.94
CA GLU A 240 18.65 3.87 -69.13
C GLU A 240 18.10 5.26 -69.41
N CYS A 241 18.23 5.71 -70.65
CA CYS A 241 17.82 7.06 -71.00
C CYS A 241 16.31 7.09 -71.20
N ILE A 242 15.59 7.75 -70.29
CA ILE A 242 14.15 7.88 -70.40
C ILE A 242 13.76 9.14 -71.18
N THR A 243 14.73 9.79 -71.83
CA THR A 243 14.46 11.01 -72.59
C THR A 243 13.51 10.76 -73.75
N GLU A 244 13.74 9.69 -74.51
CA GLU A 244 12.83 9.33 -75.58
C GLU A 244 11.51 8.82 -75.01
N LYS A 245 11.55 8.21 -73.82
CA LYS A 245 10.33 7.74 -73.18
C LYS A 245 9.42 8.90 -72.79
N VAL A 246 9.99 9.94 -72.16
CA VAL A 246 9.12 11.02 -71.71
C VAL A 246 8.80 11.93 -72.90
N MET A 247 9.63 11.89 -73.94
CA MET A 247 9.26 12.55 -75.20
C MET A 247 8.08 11.88 -75.88
N THR A 248 8.03 10.55 -75.86
CA THR A 248 6.88 9.84 -76.40
C THR A 248 5.65 10.04 -75.53
N SER A 249 5.85 10.17 -74.21
CA SER A 249 4.75 10.48 -73.32
C SER A 249 4.22 11.90 -73.56
N LEU A 250 5.12 12.83 -73.87
CA LEU A 250 4.72 14.24 -74.02
C LEU A 250 4.03 14.49 -75.35
N ASN A 251 4.52 13.87 -76.42
CA ASN A 251 3.93 14.05 -77.74
C ASN A 251 2.79 13.06 -77.96
N VAL B 2 35.71 44.04 -35.71
CA VAL B 2 35.84 43.51 -34.35
C VAL B 2 36.10 42.01 -34.40
N ASN B 3 35.56 41.36 -35.44
CA ASN B 3 35.79 39.94 -35.77
C ASN B 3 35.34 39.03 -34.63
N LEU B 4 34.04 38.99 -34.39
CA LEU B 4 33.48 38.26 -33.25
C LEU B 4 32.76 36.98 -33.69
N LYS B 5 32.18 36.29 -32.72
CA LYS B 5 31.72 34.92 -32.89
C LYS B 5 30.57 34.69 -31.92
N VAL B 6 29.49 34.11 -32.42
CA VAL B 6 28.20 34.07 -31.73
C VAL B 6 27.73 32.63 -31.58
N THR B 7 27.32 32.27 -30.37
CA THR B 7 26.66 31.01 -30.10
C THR B 7 25.23 31.27 -29.68
N ILE B 8 24.34 30.39 -30.08
CA ILE B 8 22.97 30.33 -29.58
C ILE B 8 22.70 28.92 -29.10
N ASP B 9 22.26 28.79 -27.85
CA ASP B 9 21.82 27.51 -27.31
C ASP B 9 20.31 27.54 -27.09
N LEU B 10 19.69 26.38 -27.23
CA LEU B 10 18.27 26.27 -27.49
C LEU B 10 17.54 25.64 -26.32
N SER B 11 16.40 26.23 -25.94
CA SER B 11 15.51 25.61 -24.98
C SER B 11 14.51 24.67 -25.62
N ASN B 12 14.40 24.70 -26.95
CA ASN B 12 13.51 23.86 -27.72
C ASN B 12 14.25 23.37 -28.96
N PRO B 13 13.96 22.16 -29.43
CA PRO B 13 14.55 21.71 -30.69
C PRO B 13 14.04 22.52 -31.89
N MET B 14 14.88 22.62 -32.91
CA MET B 14 14.63 23.50 -34.05
C MET B 14 14.65 22.70 -35.34
N MET B 15 14.06 23.29 -36.37
CA MET B 15 14.13 22.73 -37.72
C MET B 15 15.56 22.75 -38.23
N GLU B 16 16.04 21.63 -38.72
CA GLU B 16 17.34 21.61 -39.37
C GLU B 16 17.22 22.32 -40.70
N PRO B 17 18.03 23.35 -40.98
CA PRO B 17 17.78 24.18 -42.15
C PRO B 17 18.20 23.50 -43.45
N GLY B 18 17.32 23.59 -44.44
CA GLY B 18 17.71 23.30 -45.80
C GLY B 18 18.68 24.37 -46.24
N ASP B 19 19.81 23.94 -46.81
CA ASP B 19 21.00 24.76 -47.12
C ASP B 19 21.47 25.41 -45.81
N LEU B 20 21.83 26.68 -45.84
CA LEU B 20 22.57 27.33 -44.76
C LEU B 20 21.66 28.31 -44.03
N LEU B 21 21.66 28.23 -42.70
CA LEU B 21 21.13 29.30 -41.88
C LEU B 21 22.22 30.35 -41.73
N HIS B 22 22.04 31.49 -42.41
CA HIS B 22 23.00 32.58 -42.32
C HIS B 22 22.63 33.49 -41.16
N LEU B 23 23.66 33.99 -40.48
CA LEU B 23 23.43 34.86 -39.33
C LEU B 23 22.84 36.19 -39.75
N ASP B 24 23.23 36.68 -40.94
CA ASP B 24 22.71 37.94 -41.44
C ASP B 24 21.23 37.84 -41.79
N ALA B 25 20.75 36.65 -42.16
CA ALA B 25 19.31 36.45 -42.35
C ALA B 25 18.56 36.56 -41.02
N LEU B 26 19.13 35.98 -39.95
CA LEU B 26 18.55 36.09 -38.62
C LEU B 26 18.51 37.54 -38.17
N LEU B 27 19.60 38.28 -38.38
CA LEU B 27 19.65 39.68 -37.97
C LEU B 27 18.72 40.53 -38.83
N GLY B 28 18.56 40.18 -40.11
CA GLY B 28 17.61 40.89 -40.96
C GLY B 28 16.17 40.70 -40.53
N ALA B 29 15.80 39.46 -40.18
CA ALA B 29 14.45 39.21 -39.67
C ALA B 29 14.23 39.89 -38.34
N LEU B 30 15.25 39.90 -37.48
CA LEU B 30 15.15 40.60 -36.20
C LEU B 30 15.00 42.10 -36.38
N ARG B 31 15.74 42.68 -37.33
CA ARG B 31 15.61 44.11 -37.61
C ARG B 31 14.26 44.43 -38.25
N VAL B 32 13.71 43.51 -39.04
CA VAL B 32 12.36 43.68 -39.56
C VAL B 32 11.33 43.70 -38.42
N SER B 33 11.47 42.79 -37.45
CA SER B 33 10.58 42.78 -36.30
C SER B 33 10.73 44.04 -35.45
N ARG B 34 11.97 44.51 -35.30
CA ARG B 34 12.23 45.75 -34.56
C ARG B 34 11.63 46.95 -35.28
N ALA B 35 11.70 46.97 -36.61
CA ALA B 35 11.10 48.05 -37.38
C ALA B 35 9.57 47.97 -37.32
N ARG B 36 9.03 46.75 -37.21
CA ARG B 36 7.59 46.60 -37.05
C ARG B 36 7.13 47.10 -35.69
N ALA B 37 7.99 46.95 -34.68
CA ALA B 37 7.67 47.52 -33.37
C ALA B 37 7.83 49.03 -33.36
N GLU B 38 8.81 49.56 -34.08
CA GLU B 38 9.19 50.96 -33.91
C GLU B 38 8.50 51.88 -34.91
N HIS B 39 7.97 51.35 -36.01
CA HIS B 39 7.10 52.12 -36.89
C HIS B 39 5.63 51.70 -36.77
N GLY B 40 5.37 50.42 -37.00
CA GLY B 40 4.03 49.89 -37.11
C GLY B 40 4.02 48.74 -38.09
N ASP B 41 2.83 48.42 -38.58
CA ASP B 41 2.68 47.18 -39.35
C ASP B 41 2.81 47.44 -40.85
N ALA B 42 2.44 48.63 -41.32
CA ALA B 42 2.42 48.94 -42.75
C ALA B 42 3.78 49.51 -43.16
N ILE B 43 4.75 48.61 -43.33
CA ILE B 43 6.08 48.98 -43.82
C ILE B 43 6.54 47.95 -44.83
N ASN B 44 7.60 48.29 -45.55
CA ASN B 44 8.23 47.38 -46.49
C ASN B 44 9.36 46.65 -45.78
N PRO B 45 9.31 45.32 -45.70
CA PRO B 45 10.45 44.58 -45.11
C PRO B 45 11.72 44.65 -45.95
N ARG B 46 11.61 45.02 -47.23
CA ARG B 46 12.80 45.25 -48.06
C ARG B 46 13.62 46.45 -47.60
N ASP B 47 12.99 47.40 -46.90
CA ASP B 47 13.69 48.63 -46.52
C ASP B 47 14.70 48.39 -45.41
N TYR B 48 14.32 47.61 -44.40
CA TYR B 48 15.08 47.57 -43.15
C TYR B 48 15.83 46.27 -42.91
N HIS B 49 15.66 45.25 -43.73
CA HIS B 49 16.38 44.01 -43.46
C HIS B 49 17.81 44.02 -43.95
N TYR B 50 18.31 45.14 -44.47
CA TYR B 50 19.73 45.32 -44.73
C TYR B 50 20.38 46.26 -43.73
N ASP B 51 19.57 46.94 -42.90
CA ASP B 51 20.09 47.83 -41.86
C ASP B 51 20.59 46.94 -40.72
N LEU B 52 21.84 46.51 -40.87
CA LEU B 52 22.44 45.57 -39.94
C LEU B 52 23.76 46.12 -39.42
N PRO B 53 24.13 45.80 -38.19
CA PRO B 53 25.43 46.22 -37.66
C PRO B 53 26.54 45.21 -38.00
N LEU B 54 26.68 44.92 -39.28
CA LEU B 54 27.69 44.01 -39.79
C LEU B 54 28.52 44.72 -40.85
N GLU B 55 29.59 44.06 -41.26
CA GLU B 55 30.41 44.58 -42.35
C GLU B 55 29.90 44.02 -43.67
N ARG B 56 30.16 44.74 -44.76
CA ARG B 56 29.69 44.36 -46.08
C ARG B 56 30.89 44.13 -47.00
N TYR B 57 31.12 42.87 -47.36
CA TYR B 57 32.24 42.48 -48.21
C TYR B 57 31.82 42.67 -49.66
N GLN B 58 32.64 43.37 -50.43
CA GLN B 58 32.44 43.52 -51.87
C GLN B 58 33.42 42.62 -52.60
N ALA B 59 32.90 41.77 -53.49
CA ALA B 59 33.74 40.94 -54.35
C ALA B 59 34.43 41.83 -55.38
N PRO B 60 35.54 41.35 -56.00
CA PRO B 60 36.32 42.21 -56.91
C PRO B 60 35.60 42.89 -58.08
N SER B 61 34.49 42.33 -58.60
CA SER B 61 33.71 43.02 -59.63
C SER B 61 32.24 43.00 -59.26
N GLY B 62 31.82 43.91 -58.38
CA GLY B 62 30.45 43.88 -57.90
C GLY B 62 30.21 42.66 -57.01
N ASP B 63 28.96 42.17 -56.99
CA ASP B 63 28.51 41.04 -56.15
C ASP B 63 28.92 41.17 -54.69
N TRP B 64 28.31 42.11 -53.98
CA TRP B 64 28.62 42.28 -52.57
C TRP B 64 27.75 41.39 -51.70
N VAL B 65 28.33 40.92 -50.59
CA VAL B 65 27.62 40.13 -49.57
C VAL B 65 27.90 40.72 -48.20
N PHE B 66 27.09 40.30 -47.23
CA PHE B 66 27.37 40.65 -45.83
C PHE B 66 28.55 39.86 -45.32
N LYS B 67 29.29 40.46 -44.39
CA LYS B 67 30.39 39.75 -43.72
C LYS B 67 29.83 39.03 -42.50
N ALA B 68 29.22 37.87 -42.75
CA ALA B 68 28.68 37.03 -41.70
C ALA B 68 28.64 35.60 -42.20
N SER B 69 29.40 34.71 -41.55
CA SER B 69 29.43 33.32 -41.96
C SER B 69 28.15 32.60 -41.54
N ALA B 70 27.96 31.40 -42.09
CA ALA B 70 26.76 30.63 -41.80
C ALA B 70 26.84 29.98 -40.43
N PHE B 71 25.68 29.58 -39.93
CA PHE B 71 25.61 28.91 -38.63
C PHE B 71 26.12 27.49 -38.74
N LYS B 72 27.25 27.22 -38.10
CA LYS B 72 27.73 25.87 -37.92
C LYS B 72 26.98 25.21 -36.76
N LEU B 73 26.67 23.93 -36.93
CA LEU B 73 25.80 23.19 -36.04
C LEU B 73 26.63 22.17 -35.26
N LYS B 74 26.53 22.21 -33.92
CA LYS B 74 27.11 21.16 -33.09
C LYS B 74 25.95 20.45 -32.40
N ARG B 75 25.71 19.21 -32.81
CA ARG B 75 24.51 18.47 -32.42
C ARG B 75 24.64 18.02 -30.97
N GLN B 76 23.84 18.61 -30.08
CA GLN B 76 23.70 18.07 -28.75
C GLN B 76 22.89 16.79 -28.74
N LEU B 77 22.01 16.61 -29.72
CA LEU B 77 21.04 15.53 -29.78
C LEU B 77 21.14 14.84 -31.13
N PRO B 78 20.69 13.59 -31.23
CA PRO B 78 20.55 12.97 -32.54
C PRO B 78 19.47 13.66 -33.38
N ASN B 79 19.69 13.68 -34.69
CA ASN B 79 18.82 14.40 -35.62
C ASN B 79 17.54 13.62 -35.83
N GLN B 80 16.52 13.95 -35.05
CA GLN B 80 15.25 13.24 -35.11
C GLN B 80 14.37 13.86 -36.20
N MET B 81 13.11 13.43 -36.28
CA MET B 81 12.21 13.94 -37.30
C MET B 81 10.89 14.37 -36.67
N TRP B 82 10.32 15.43 -37.20
CA TRP B 82 9.02 15.92 -36.81
C TRP B 82 8.03 15.66 -37.93
N MET B 83 6.83 15.26 -37.56
CA MET B 83 5.74 15.07 -38.50
C MET B 83 4.67 16.10 -38.18
N GLN B 84 4.06 16.65 -39.23
CA GLN B 84 2.89 17.49 -39.06
C GLN B 84 1.88 17.15 -40.15
N THR B 85 0.60 17.37 -39.84
CA THR B 85 -0.49 17.08 -40.75
C THR B 85 -1.40 18.29 -40.86
N GLY B 86 -2.12 18.34 -41.97
CA GLY B 86 -3.08 19.40 -42.22
C GLY B 86 -4.36 18.87 -42.82
N ARG B 87 -5.49 19.15 -42.19
CA ARG B 87 -6.78 18.76 -42.72
C ARG B 87 -7.86 19.67 -42.14
N LEU B 88 -8.83 20.00 -42.98
CA LEU B 88 -10.01 20.71 -42.49
C LEU B 88 -10.99 19.69 -41.93
N SER B 89 -11.56 20.00 -40.77
CA SER B 89 -12.51 19.12 -40.12
C SER B 89 -13.79 19.04 -40.95
N ILE B 90 -14.07 17.84 -41.48
CA ILE B 90 -15.16 17.63 -42.42
C ILE B 90 -16.50 17.68 -41.70
N VAL B 91 -16.54 17.27 -40.43
CA VAL B 91 -17.78 17.21 -39.66
C VAL B 91 -18.36 18.60 -39.42
N GLU B 92 -17.51 19.55 -39.01
CA GLU B 92 -17.96 20.93 -38.86
C GLU B 92 -18.32 21.54 -40.19
N ALA B 93 -17.65 21.13 -41.27
CA ALA B 93 -18.02 21.60 -42.60
C ALA B 93 -19.41 21.12 -43.00
N ALA B 94 -19.75 19.88 -42.63
CA ALA B 94 -21.09 19.36 -42.93
C ALA B 94 -22.16 20.08 -42.13
N ARG B 95 -21.90 20.31 -40.83
CA ARG B 95 -22.90 21.02 -40.04
C ARG B 95 -23.02 22.48 -40.43
N HIS B 96 -21.93 23.09 -40.94
CA HIS B 96 -22.02 24.47 -41.43
C HIS B 96 -22.69 24.52 -42.80
N ARG B 97 -22.54 23.47 -43.60
CA ARG B 97 -23.24 23.37 -44.87
C ARG B 97 -24.74 23.25 -44.67
N GLN B 98 -25.17 22.49 -43.66
CA GLN B 98 -26.60 22.44 -43.36
C GLN B 98 -27.10 23.72 -42.70
N SER B 99 -26.28 24.32 -41.83
CA SER B 99 -26.74 25.51 -41.11
C SER B 99 -26.79 26.75 -42.00
N GLY B 100 -26.19 26.70 -43.19
CA GLY B 100 -26.17 27.81 -44.10
C GLY B 100 -24.96 28.71 -43.96
N TYR B 101 -24.13 28.47 -42.94
CA TYR B 101 -22.94 29.30 -42.76
C TYR B 101 -21.88 28.94 -43.79
N LEU B 102 -21.94 27.75 -44.35
CA LEU B 102 -21.04 27.31 -45.40
C LEU B 102 -21.82 27.17 -46.70
N GLN B 103 -21.24 27.68 -47.78
CA GLN B 103 -21.82 27.60 -49.11
C GLN B 103 -20.90 26.70 -49.93
N LEU B 104 -21.16 25.40 -49.91
CA LEU B 104 -20.33 24.40 -50.57
C LEU B 104 -21.20 23.63 -51.55
N ARG B 105 -20.94 23.81 -52.84
CA ARG B 105 -21.71 23.09 -53.85
C ARG B 105 -21.32 21.61 -53.88
N ALA B 106 -20.04 21.31 -53.63
CA ALA B 106 -19.57 19.93 -53.64
C ALA B 106 -20.15 19.16 -52.46
N GLY B 107 -20.58 17.93 -52.73
CA GLY B 107 -21.12 17.09 -51.69
C GLY B 107 -20.14 16.03 -51.26
N LYS B 108 -18.86 16.21 -51.57
CA LYS B 108 -17.83 15.24 -51.23
C LYS B 108 -16.47 15.90 -51.09
N PRO B 109 -15.71 15.57 -50.05
CA PRO B 109 -14.36 16.12 -49.91
C PRO B 109 -13.37 15.32 -50.74
N ASN B 110 -12.10 15.66 -50.59
CA ASN B 110 -11.01 14.95 -51.26
C ASN B 110 -9.77 15.04 -50.37
N PRO B 111 -9.37 13.94 -49.75
CA PRO B 111 -8.16 13.96 -48.91
C PRO B 111 -6.86 14.02 -49.70
N ALA B 112 -6.89 13.72 -51.00
CA ALA B 112 -5.70 13.79 -51.83
C ALA B 112 -5.43 15.18 -52.39
N GLY B 113 -6.42 16.07 -52.36
CA GLY B 113 -6.22 17.40 -52.89
C GLY B 113 -7.36 18.34 -52.57
N GLY B 114 -7.07 19.64 -52.47
CA GLY B 114 -8.11 20.61 -52.29
C GLY B 114 -8.17 21.20 -50.89
N PRO B 115 -9.34 21.76 -50.55
CA PRO B 115 -9.48 22.40 -49.22
C PRO B 115 -9.51 21.40 -48.10
N PHE B 116 -10.09 20.22 -48.32
CA PHE B 116 -10.16 19.17 -47.32
C PHE B 116 -9.05 18.14 -47.51
N LYS B 117 -7.96 18.53 -48.17
CA LYS B 117 -6.83 17.64 -48.34
C LYS B 117 -6.14 17.40 -47.01
N THR B 118 -5.97 16.13 -46.66
CA THR B 118 -5.11 15.74 -45.56
C THR B 118 -3.69 15.65 -46.09
N SER B 119 -2.76 16.36 -45.46
CA SER B 119 -1.38 16.40 -45.89
C SER B 119 -0.48 16.01 -44.73
N ILE B 120 0.50 15.16 -45.00
CA ILE B 120 1.47 14.74 -44.01
C ILE B 120 2.85 15.15 -44.52
N TYR B 121 3.67 15.71 -43.61
CA TYR B 121 4.98 16.19 -44.02
C TYR B 121 5.94 16.12 -42.85
N HIS B 122 7.19 15.77 -43.16
CA HIS B 122 8.20 15.44 -42.16
C HIS B 122 9.41 16.33 -42.38
N ARG B 123 9.86 16.97 -41.31
CA ARG B 123 11.01 17.85 -41.33
C ARG B 123 12.05 17.40 -40.32
N PRO B 124 13.33 17.54 -40.60
CA PRO B 124 14.36 17.18 -39.61
C PRO B 124 14.34 18.11 -38.40
N ILE B 125 14.69 17.55 -37.26
CA ILE B 125 14.69 18.24 -35.97
C ILE B 125 16.06 18.05 -35.33
N VAL B 126 16.70 19.14 -34.96
CA VAL B 126 18.02 19.12 -34.35
C VAL B 126 18.01 20.04 -33.13
N GLN B 127 18.57 19.54 -32.03
CA GLN B 127 18.87 20.35 -30.85
C GLN B 127 20.37 20.55 -30.82
N ALA B 128 20.81 21.81 -30.93
CA ALA B 128 22.20 22.03 -31.25
C ALA B 128 22.68 23.35 -30.68
N GLU B 129 24.01 23.45 -30.56
CA GLU B 129 24.69 24.71 -30.36
C GLU B 129 24.98 25.32 -31.72
N LEU B 130 24.52 26.54 -31.94
CA LEU B 130 24.67 27.20 -33.24
C LEU B 130 25.76 28.27 -33.14
N THR B 131 26.87 28.07 -33.84
CA THR B 131 28.02 28.97 -33.78
C THR B 131 28.26 29.59 -35.16
N ALA B 132 28.21 30.92 -35.23
CA ALA B 132 28.52 31.67 -36.43
C ALA B 132 29.67 32.64 -36.16
N PHE B 133 30.25 33.14 -37.26
CA PHE B 133 31.40 34.03 -37.21
C PHE B 133 31.11 35.25 -38.07
N CYS B 134 31.32 36.45 -37.52
CA CYS B 134 31.02 37.64 -38.31
C CYS B 134 31.87 38.80 -37.83
N VAL B 135 31.97 39.82 -38.69
CA VAL B 135 32.69 41.09 -38.37
C VAL B 135 31.60 42.16 -38.20
N GLY B 136 31.56 42.83 -37.04
CA GLY B 136 30.53 43.85 -36.79
C GLY B 136 30.55 44.35 -35.36
N ASP B 137 29.53 45.13 -34.96
CA ASP B 137 29.44 45.68 -33.59
C ASP B 137 28.65 44.71 -32.71
N GLN B 138 29.25 44.30 -31.58
CA GLN B 138 28.64 43.33 -30.63
C GLN B 138 27.36 43.91 -30.00
N GLN B 139 27.36 45.20 -29.67
CA GLN B 139 26.18 45.80 -28.97
C GLN B 139 24.93 45.72 -29.85
N GLY B 140 25.04 46.00 -31.16
CA GLY B 140 23.89 45.92 -32.02
C GLY B 140 23.39 44.50 -32.22
N ILE B 141 24.31 43.53 -32.23
CA ILE B 141 23.92 42.13 -32.34
C ILE B 141 23.21 41.67 -31.07
N GLU B 142 23.67 42.15 -29.90
CA GLU B 142 22.97 41.86 -28.66
C GLU B 142 21.57 42.49 -28.64
N ALA B 143 21.46 43.72 -29.13
CA ALA B 143 20.16 44.40 -29.15
C ALA B 143 19.19 43.73 -30.11
N LEU B 144 19.70 43.21 -31.22
CA LEU B 144 18.85 42.44 -32.14
C LEU B 144 18.45 41.10 -31.53
N LEU B 145 19.43 40.36 -30.99
CA LEU B 145 19.20 39.01 -30.50
C LEU B 145 18.45 38.98 -29.16
N SER B 146 18.27 40.13 -28.50
CA SER B 146 17.44 40.16 -27.30
C SER B 146 15.99 39.83 -27.62
N GLU B 147 15.50 40.25 -28.78
CA GLU B 147 14.15 39.92 -29.23
C GLU B 147 14.06 38.52 -29.82
N CYS B 148 15.19 37.88 -30.11
CA CYS B 148 15.24 36.60 -30.82
C CYS B 148 14.74 35.50 -29.88
N ARG B 149 13.42 35.30 -29.91
CA ARG B 149 12.81 34.23 -29.14
C ARG B 149 12.86 32.89 -29.87
N GLN B 150 13.04 32.89 -31.18
CA GLN B 150 13.11 31.66 -31.96
C GLN B 150 14.15 31.81 -33.07
N ILE B 151 14.68 30.69 -33.55
CA ILE B 151 15.72 30.67 -34.56
C ILE B 151 15.57 29.43 -35.43
N GLY B 152 15.75 29.61 -36.75
CA GLY B 152 15.73 28.50 -37.68
C GLY B 152 14.36 28.33 -38.29
N GLY B 153 13.36 28.34 -37.42
CA GLY B 153 11.99 28.46 -37.86
C GLY B 153 11.25 29.43 -36.96
N LYS B 154 10.69 30.49 -37.54
CA LYS B 154 9.75 31.37 -36.82
C LYS B 154 8.33 30.80 -36.95
N ARG B 155 8.21 29.53 -36.54
CA ARG B 155 7.10 28.68 -36.95
C ARG B 155 5.78 29.10 -36.33
N GLY B 156 5.82 29.82 -35.22
CA GLY B 156 4.62 30.10 -34.48
C GLY B 156 3.94 28.88 -33.91
N VAL B 157 4.64 27.77 -33.79
CA VAL B 157 4.00 26.52 -33.40
C VAL B 157 4.86 25.92 -32.28
N GLY B 158 6.02 26.51 -32.05
CA GLY B 158 6.79 26.26 -30.85
C GLY B 158 8.22 25.80 -30.99
N PHE B 159 8.81 25.89 -32.18
CA PHE B 159 10.12 25.30 -32.38
C PHE B 159 11.24 26.34 -32.41
N GLY B 160 12.41 25.92 -31.94
CA GLY B 160 13.60 26.74 -31.99
C GLY B 160 13.68 27.80 -30.92
N GLN B 161 13.03 27.60 -29.78
CA GLN B 161 13.01 28.62 -28.73
C GLN B 161 14.39 28.79 -28.10
N VAL B 162 14.83 30.04 -28.02
CA VAL B 162 16.20 30.35 -27.67
C VAL B 162 16.35 30.31 -26.15
N ALA B 163 17.18 29.39 -25.66
CA ALA B 163 17.56 29.45 -24.25
C ALA B 163 18.50 30.62 -24.00
N GLY B 164 19.43 30.87 -24.91
CA GLY B 164 20.29 32.03 -24.75
C GLY B 164 21.21 32.20 -25.94
N PHE B 165 21.96 33.29 -25.89
CA PHE B 165 22.91 33.66 -26.92
C PHE B 165 24.12 34.32 -26.27
N LYS B 166 25.24 34.29 -26.98
CA LYS B 166 26.48 34.84 -26.46
C LYS B 166 27.37 35.26 -27.62
N VAL B 167 27.97 36.45 -27.51
CA VAL B 167 28.84 37.00 -28.55
C VAL B 167 30.18 37.32 -27.91
N GLU B 168 31.28 36.79 -28.48
CA GLU B 168 32.61 37.10 -27.97
C GLU B 168 33.52 37.49 -29.11
N PRO B 169 34.41 38.46 -28.91
CA PRO B 169 35.42 38.74 -29.92
C PRO B 169 36.53 37.69 -29.89
N VAL B 170 37.02 37.35 -31.09
CA VAL B 170 38.08 36.34 -31.26
C VAL B 170 39.10 36.91 -32.24
N ALA B 171 40.26 36.24 -32.32
CA ALA B 171 41.34 36.71 -33.17
C ALA B 171 41.02 36.47 -34.65
N GLU B 172 41.84 37.07 -35.52
CA GLU B 172 41.59 37.03 -36.96
C GLU B 172 41.81 35.65 -37.55
N THR B 173 42.89 34.98 -37.16
CA THR B 173 43.28 33.74 -37.84
C THR B 173 42.41 32.57 -37.40
N ASP B 174 41.75 32.70 -36.25
CA ASP B 174 40.87 31.64 -35.79
C ASP B 174 39.56 31.62 -36.57
N CYS B 175 39.04 32.79 -36.92
CA CYS B 175 37.69 32.94 -37.44
C CYS B 175 37.58 32.48 -38.89
N PRO B 176 36.77 31.47 -39.21
CA PRO B 176 36.47 31.13 -40.60
C PRO B 176 35.21 31.82 -41.13
N TRP B 177 35.35 33.11 -41.43
CA TRP B 177 34.28 33.84 -42.11
C TRP B 177 33.97 33.25 -43.47
N SER B 178 34.98 32.70 -44.15
CA SER B 178 34.88 32.23 -45.53
C SER B 178 33.82 31.15 -45.72
N TRP B 179 33.47 30.42 -44.66
CA TRP B 179 32.44 29.39 -44.69
C TRP B 179 31.07 30.07 -44.79
N ARG B 180 30.74 30.48 -46.01
CA ARG B 180 29.53 31.23 -46.31
C ARG B 180 29.27 31.08 -47.80
N ALA B 181 28.01 31.26 -48.20
CA ALA B 181 27.69 31.38 -49.61
C ALA B 181 28.35 32.63 -50.19
N LEU B 182 29.23 32.43 -51.16
CA LEU B 182 30.03 33.50 -51.74
C LEU B 182 29.79 33.57 -53.24
N PRO B 183 30.02 34.72 -53.86
CA PRO B 183 30.01 34.79 -55.32
C PRO B 183 31.20 34.05 -55.93
N ALA B 184 31.05 33.72 -57.22
CA ALA B 184 32.08 32.93 -57.90
C ALA B 184 33.34 33.75 -58.17
N ASP B 185 33.23 35.07 -58.15
CA ASP B 185 34.38 35.94 -58.33
C ASP B 185 35.02 36.33 -57.00
N ALA B 186 34.88 35.50 -55.96
CA ALA B 186 35.51 35.78 -54.68
C ALA B 186 37.00 35.58 -54.76
N ASP B 187 37.69 36.06 -53.72
CA ASP B 187 39.15 36.04 -53.70
C ASP B 187 39.66 34.60 -53.58
N PRO B 188 40.84 34.30 -54.14
CA PRO B 188 41.37 32.93 -54.03
C PRO B 188 41.68 32.47 -52.62
N ARG B 189 41.91 33.39 -51.68
CA ARG B 189 42.09 32.98 -50.30
C ARG B 189 40.76 32.72 -49.60
N LEU B 190 39.65 33.17 -50.19
CA LEU B 190 38.34 32.96 -49.57
C LEU B 190 37.63 31.71 -50.07
N VAL B 191 38.05 31.14 -51.20
CA VAL B 191 37.41 29.94 -51.69
C VAL B 191 38.06 28.72 -51.03
N THR B 192 37.24 27.84 -50.46
CA THR B 192 37.73 26.64 -49.79
C THR B 192 37.33 25.41 -50.58
N SER B 193 37.70 24.24 -50.03
CA SER B 193 37.42 22.98 -50.71
C SER B 193 35.95 22.60 -50.60
N GLU B 194 35.32 22.86 -49.44
CA GLU B 194 33.92 22.49 -49.28
C GLU B 194 32.98 23.45 -50.00
N HIS B 195 33.47 24.57 -50.49
CA HIS B 195 32.68 25.44 -51.36
C HIS B 195 32.56 24.80 -52.74
N ALA B 196 31.38 24.96 -53.34
CA ALA B 196 31.13 24.44 -54.68
C ALA B 196 30.16 25.38 -55.38
N ARG B 197 30.19 25.32 -56.70
CA ARG B 197 29.43 26.26 -57.52
C ARG B 197 28.02 25.76 -57.77
N CYS B 198 27.05 26.63 -57.53
CA CYS B 198 25.64 26.24 -57.49
C CYS B 198 24.77 27.48 -57.68
N ILE B 199 23.46 27.29 -57.60
CA ILE B 199 22.48 28.36 -57.52
C ILE B 199 22.12 28.55 -56.06
N ALA B 200 22.38 29.75 -55.53
CA ALA B 200 22.07 30.03 -54.15
C ALA B 200 21.88 31.53 -53.99
N ALA B 201 21.10 31.91 -52.98
CA ALA B 201 21.08 33.30 -52.55
C ALA B 201 22.29 33.57 -51.67
N ILE B 202 22.87 34.75 -51.83
CA ILE B 202 23.99 35.17 -51.01
C ILE B 202 23.63 36.30 -50.07
N ARG B 203 22.42 36.85 -50.18
CA ARG B 203 22.05 38.06 -49.47
C ARG B 203 20.56 38.06 -49.14
N GLY B 204 20.23 38.76 -48.07
CA GLY B 204 18.87 39.14 -47.74
C GLY B 204 17.92 37.98 -47.51
N PRO B 205 16.82 37.95 -48.25
CA PRO B 205 15.92 36.79 -48.19
C PRO B 205 16.52 35.59 -48.90
N TYR B 206 16.96 34.60 -48.13
CA TYR B 206 17.56 33.41 -48.74
C TYR B 206 16.52 32.44 -49.27
N TRP B 207 15.25 32.63 -48.92
CA TRP B 207 14.19 31.80 -49.47
C TRP B 207 13.71 32.29 -50.82
N ASP B 208 13.98 33.55 -51.18
CA ASP B 208 13.48 34.12 -52.41
C ASP B 208 14.32 33.59 -53.56
N ARG B 209 13.74 32.70 -54.36
CA ARG B 209 14.47 32.09 -55.46
C ARG B 209 14.68 33.05 -56.62
N THR B 210 13.95 34.17 -56.66
CA THR B 210 14.12 35.14 -57.74
C THR B 210 15.43 35.90 -57.59
N LEU B 211 15.91 36.02 -56.34
CA LEU B 211 17.19 36.72 -56.07
C LEU B 211 18.36 35.73 -56.10
N HIS B 212 18.09 34.43 -56.31
CA HIS B 212 19.15 33.44 -56.32
C HIS B 212 20.11 33.67 -57.48
N VAL B 213 21.40 33.55 -57.20
CA VAL B 213 22.44 33.84 -58.19
C VAL B 213 23.39 32.65 -58.28
N GLU B 214 24.27 32.74 -59.27
CA GLU B 214 25.37 31.79 -59.44
C GLU B 214 26.41 32.05 -58.35
N ALA B 215 26.51 31.14 -57.38
CA ALA B 215 27.26 31.39 -56.17
C ALA B 215 28.16 30.22 -55.83
N LEU B 216 29.23 30.51 -55.09
CA LEU B 216 30.10 29.42 -54.54
C LEU B 216 29.71 29.34 -53.05
N ALA B 217 29.20 28.20 -52.59
CA ALA B 217 28.74 28.13 -51.18
C ALA B 217 29.22 26.87 -50.47
N PRO B 218 29.29 26.90 -49.12
CA PRO B 218 29.73 25.77 -48.31
C PRO B 218 28.58 24.77 -48.11
N THR B 219 28.90 23.55 -47.67
CA THR B 219 27.86 22.51 -47.44
C THR B 219 27.66 22.35 -45.93
N PRO B 220 26.40 22.40 -45.42
CA PRO B 220 26.12 22.25 -43.99
C PRO B 220 26.52 20.89 -43.43
N MET C 1 2.98 39.57 -26.36
CA MET C 1 2.60 39.30 -24.99
C MET C 1 2.38 37.79 -24.83
N GLN C 2 2.50 37.30 -23.60
CA GLN C 2 2.48 35.87 -23.33
C GLN C 2 1.28 35.49 -22.49
N ILE C 3 0.67 34.36 -22.85
CA ILE C 3 -0.39 33.73 -22.08
C ILE C 3 0.07 32.31 -21.78
N GLU C 4 0.16 31.97 -20.51
CA GLU C 4 0.55 30.63 -20.09
C GLU C 4 -0.65 29.97 -19.44
N VAL C 5 -1.13 28.88 -20.04
CA VAL C 5 -2.31 28.17 -19.58
C VAL C 5 -1.86 26.86 -18.96
N THR C 6 -2.04 26.72 -17.66
CA THR C 6 -1.76 25.49 -16.95
C THR C 6 -3.09 24.75 -16.76
N VAL C 7 -3.18 23.56 -17.34
CA VAL C 7 -4.39 22.77 -17.33
C VAL C 7 -4.08 21.38 -16.78
N ARG C 8 -5.10 20.73 -16.25
CA ARG C 8 -5.00 19.31 -15.93
C ARG C 8 -5.97 18.55 -16.81
N ASN C 9 -5.52 17.45 -17.39
CA ASN C 9 -6.40 16.67 -18.25
C ASN C 9 -7.25 15.76 -17.37
N ILE C 10 -8.57 15.90 -17.51
CA ILE C 10 -9.49 15.06 -16.79
C ILE C 10 -9.40 13.62 -17.29
N THR C 11 -9.21 13.44 -18.59
CA THR C 11 -9.14 12.15 -19.26
C THR C 11 -7.76 12.01 -19.88
N PRO C 12 -7.38 10.80 -20.34
CA PRO C 12 -6.05 10.64 -20.95
C PRO C 12 -5.86 11.44 -22.23
N ILE C 13 -4.58 11.66 -22.55
CA ILE C 13 -4.16 12.42 -23.71
C ILE C 13 -3.53 11.46 -24.72
N PHE C 14 -4.02 11.50 -25.96
CA PHE C 14 -3.52 10.63 -27.01
C PHE C 14 -3.36 11.43 -28.29
N SER C 15 -2.12 11.62 -28.73
CA SER C 15 -1.85 12.24 -30.03
C SER C 15 -0.93 11.29 -30.78
N ALA C 16 -1.47 10.61 -31.80
CA ALA C 16 -0.82 9.47 -32.42
C ALA C 16 0.44 9.90 -33.19
N ALA C 17 1.42 9.00 -33.19
CA ALA C 17 2.75 9.20 -33.74
C ALA C 17 2.92 8.37 -35.00
N PRO C 18 3.78 8.79 -35.94
CA PRO C 18 4.02 7.96 -37.13
C PRO C 18 4.97 6.81 -36.85
N GLY C 19 5.28 6.05 -37.89
CA GLY C 19 6.14 4.88 -37.76
C GLY C 19 5.34 3.64 -37.41
N SER C 20 6.01 2.49 -37.54
CA SER C 20 5.43 1.20 -37.23
C SER C 20 5.96 0.76 -35.87
N ASN C 21 5.12 0.87 -34.85
CA ASN C 21 5.49 0.55 -33.49
C ASN C 21 4.82 -0.74 -33.05
N TYR C 22 5.59 -1.63 -32.45
CA TYR C 22 5.12 -2.95 -32.08
C TYR C 22 5.40 -3.18 -30.60
N ILE C 23 4.39 -3.70 -29.89
CA ILE C 23 4.50 -4.03 -28.48
C ILE C 23 4.09 -5.48 -28.29
N THR C 24 4.77 -6.19 -27.38
CA THR C 24 4.33 -7.52 -27.03
C THR C 24 3.11 -7.45 -26.11
N ILE C 25 2.59 -8.62 -25.75
CA ILE C 25 1.45 -8.66 -24.84
C ILE C 25 1.89 -8.32 -23.41
N ASP C 26 3.18 -8.46 -23.11
CA ASP C 26 3.67 -8.12 -21.79
C ASP C 26 3.96 -6.63 -21.67
N GLY C 27 4.48 -6.01 -22.72
CA GLY C 27 4.78 -4.59 -22.72
C GLY C 27 6.09 -4.20 -23.35
N THR C 28 6.85 -5.11 -23.96
CA THR C 28 8.14 -4.74 -24.55
C THR C 28 7.94 -4.01 -25.86
N ILE C 29 8.48 -2.80 -25.93
CA ILE C 29 8.35 -1.92 -27.08
C ILE C 29 9.40 -2.32 -28.12
N ASN C 30 8.94 -2.51 -29.37
CA ASN C 30 9.80 -2.81 -30.51
C ASN C 30 10.66 -4.06 -30.32
N PRO C 31 10.07 -5.25 -30.35
CA PRO C 31 10.83 -6.46 -30.08
C PRO C 31 11.71 -6.82 -31.27
N PRO C 32 12.75 -7.61 -31.04
CA PRO C 32 13.50 -8.18 -32.17
C PRO C 32 12.62 -9.18 -32.90
N PRO C 33 12.90 -9.41 -34.19
CA PRO C 33 12.06 -10.33 -34.97
C PRO C 33 12.20 -11.78 -34.51
N GLY C 34 11.15 -12.55 -34.74
CA GLY C 34 11.10 -13.93 -34.29
C GLY C 34 10.22 -14.18 -33.09
N VAL C 35 9.53 -13.16 -32.59
CA VAL C 35 8.61 -13.29 -31.46
C VAL C 35 7.31 -12.59 -31.86
N SER C 36 6.21 -13.00 -31.24
CA SER C 36 4.92 -12.38 -31.50
C SER C 36 4.92 -10.92 -31.07
N ARG C 37 4.38 -10.06 -31.93
CA ARG C 37 4.34 -8.63 -31.68
C ARG C 37 2.90 -8.14 -31.81
N PHE C 38 2.75 -6.84 -31.70
CA PHE C 38 1.44 -6.22 -31.63
C PHE C 38 1.47 -4.82 -32.23
N PRO C 39 0.42 -4.41 -32.93
CA PRO C 39 0.34 -3.03 -33.40
C PRO C 39 0.15 -2.07 -32.24
N LEU C 40 0.88 -0.95 -32.30
CA LEU C 40 0.88 0.03 -31.23
C LEU C 40 1.00 1.41 -31.86
N VAL C 41 0.10 2.30 -31.50
CA VAL C 41 0.28 3.70 -31.88
C VAL C 41 0.54 4.54 -30.64
N ARG C 42 1.81 4.89 -30.44
CA ARG C 42 2.20 5.63 -29.26
C ARG C 42 1.74 7.08 -29.36
N THR C 43 1.61 7.73 -28.20
CA THR C 43 1.39 9.16 -28.20
C THR C 43 2.65 9.88 -28.68
N ARG C 44 2.47 11.11 -29.15
CA ARG C 44 3.58 11.81 -29.77
C ARG C 44 4.58 12.28 -28.72
N MET C 45 5.84 11.95 -28.97
CA MET C 45 6.94 12.21 -28.06
C MET C 45 8.10 12.74 -28.88
N MET C 46 8.80 13.74 -28.36
CA MET C 46 10.03 14.22 -28.99
C MET C 46 11.21 13.90 -28.09
N TYR C 47 12.37 13.69 -28.70
CA TYR C 47 13.60 13.58 -27.94
C TYR C 47 14.13 14.99 -27.66
N VAL C 48 14.22 15.33 -26.38
CA VAL C 48 14.60 16.68 -25.96
C VAL C 48 15.88 16.58 -25.13
N ALA C 49 16.56 17.73 -25.01
CA ALA C 49 17.80 17.79 -24.27
C ALA C 49 17.54 17.81 -22.78
N ALA C 50 18.42 17.17 -22.03
CA ALA C 50 18.27 17.04 -20.58
C ALA C 50 19.60 17.35 -19.92
N ASP C 51 19.56 18.31 -18.99
CA ASP C 51 20.64 18.56 -18.06
C ASP C 51 20.44 17.83 -16.74
N VAL C 52 19.38 17.02 -16.62
CA VAL C 52 19.21 16.20 -15.43
C VAL C 52 20.20 15.05 -15.48
N GLY C 53 20.63 14.59 -14.31
CA GLY C 53 21.73 13.66 -14.24
C GLY C 53 23.04 14.39 -14.11
N ASP C 54 23.72 14.58 -15.25
CA ASP C 54 25.02 15.23 -15.27
C ASP C 54 24.91 16.60 -15.94
N GLY C 55 26.02 17.34 -15.94
CA GLY C 55 26.05 18.62 -16.61
C GLY C 55 26.05 18.49 -18.13
N VAL C 56 26.48 17.34 -18.63
CA VAL C 56 26.42 17.10 -20.07
C VAL C 56 24.97 16.85 -20.47
N ILE C 57 24.68 17.09 -21.74
CA ILE C 57 23.32 17.02 -22.28
C ILE C 57 23.05 15.60 -22.74
N LYS C 58 21.93 15.03 -22.30
CA LYS C 58 21.51 13.72 -22.78
C LYS C 58 20.13 13.82 -23.43
N SER C 59 19.87 12.93 -24.37
CA SER C 59 18.61 12.94 -25.11
C SER C 59 17.59 12.09 -24.39
N VAL C 60 16.50 12.69 -23.93
CA VAL C 60 15.46 11.95 -23.22
C VAL C 60 14.14 12.05 -23.98
N PRO C 61 13.30 11.02 -23.93
CA PRO C 61 11.96 11.14 -24.52
C PRO C 61 11.06 12.02 -23.67
N LEU C 62 10.19 12.76 -24.33
CA LEU C 62 9.20 13.61 -23.69
C LEU C 62 7.89 13.53 -24.45
N GLN C 63 6.83 13.15 -23.76
CA GLN C 63 5.55 12.86 -24.39
C GLN C 63 4.67 14.10 -24.34
N ILE C 64 4.40 14.67 -25.50
CA ILE C 64 3.72 15.96 -25.62
C ILE C 64 2.46 15.82 -26.45
N VAL C 65 1.76 16.95 -26.59
CA VAL C 65 0.83 17.19 -27.68
C VAL C 65 1.59 18.10 -28.62
N PRO C 66 1.56 17.88 -29.93
CA PRO C 66 2.22 18.82 -30.84
C PRO C 66 1.57 20.18 -30.83
N GLY C 67 2.37 21.20 -31.19
CA GLY C 67 1.86 22.56 -31.14
C GLY C 67 0.83 22.84 -32.21
N ASN C 68 0.85 22.06 -33.30
CA ASN C 68 -0.14 22.23 -34.36
C ASN C 68 -1.53 21.84 -33.87
N THR C 69 -1.61 20.80 -33.05
CA THR C 69 -2.87 20.41 -32.43
C THR C 69 -3.37 21.51 -31.50
N MET C 70 -2.45 22.14 -30.78
CA MET C 70 -2.80 23.27 -29.91
C MET C 70 -3.32 24.44 -30.71
N ARG C 71 -2.64 24.75 -31.82
CA ARG C 71 -2.99 25.88 -32.66
C ARG C 71 -4.35 25.68 -33.31
N SER C 72 -4.59 24.47 -33.82
CA SER C 72 -5.88 24.16 -34.43
C SER C 72 -6.98 24.08 -33.39
N LEU C 73 -6.67 23.64 -32.18
CA LEU C 73 -7.67 23.57 -31.12
C LEU C 73 -8.10 24.97 -30.68
N LEU C 74 -7.13 25.87 -30.51
CA LEU C 74 -7.44 27.26 -30.20
C LEU C 74 -8.21 27.93 -31.32
N ARG C 75 -7.79 27.69 -32.57
CA ARG C 75 -8.49 28.20 -33.74
C ARG C 75 -9.93 27.73 -33.78
N ARG C 76 -10.13 26.41 -33.66
CA ARG C 76 -11.45 25.81 -33.79
C ARG C 76 -12.36 26.20 -32.63
N THR C 77 -11.82 26.45 -31.44
CA THR C 77 -12.72 26.86 -30.36
C THR C 77 -13.13 28.34 -30.52
N MET C 78 -12.25 29.17 -31.11
CA MET C 78 -12.68 30.53 -31.44
C MET C 78 -13.75 30.53 -32.53
N LEU C 79 -13.62 29.66 -33.53
CA LEU C 79 -14.66 29.57 -34.55
C LEU C 79 -15.95 28.98 -34.00
N LYS C 80 -15.87 27.89 -33.25
CA LYS C 80 -17.08 27.21 -32.79
C LYS C 80 -17.81 27.99 -31.70
N HIS C 81 -17.11 28.80 -30.91
CA HIS C 81 -17.78 29.37 -29.74
C HIS C 81 -18.14 30.85 -29.83
N VAL C 82 -17.36 31.68 -30.52
CA VAL C 82 -17.65 33.10 -30.64
C VAL C 82 -17.82 33.56 -32.09
N ILE C 83 -17.04 32.99 -33.01
CA ILE C 83 -17.03 33.48 -34.39
C ILE C 83 -18.29 33.02 -35.13
N GLU C 84 -18.56 31.71 -35.11
CA GLU C 84 -19.76 31.19 -35.78
C GLU C 84 -21.09 31.73 -35.24
N PRO C 85 -21.35 31.83 -33.92
CA PRO C 85 -22.63 32.46 -33.52
C PRO C 85 -22.76 33.91 -33.94
N ALA C 86 -21.64 34.66 -33.96
CA ALA C 86 -21.68 36.04 -34.45
C ALA C 86 -21.97 36.09 -35.94
N LEU C 87 -21.39 35.18 -36.71
CA LEU C 87 -21.59 35.22 -38.16
C LEU C 87 -22.92 34.61 -38.59
N VAL C 88 -23.58 33.81 -37.75
CA VAL C 88 -24.91 33.32 -38.08
C VAL C 88 -26.03 34.15 -37.44
N GLU C 89 -25.72 34.98 -36.44
CA GLU C 89 -26.70 35.96 -35.98
C GLU C 89 -26.81 37.14 -36.94
N LYS C 90 -25.87 37.29 -37.87
CA LYS C 90 -25.90 38.33 -38.87
C LYS C 90 -26.38 37.81 -40.22
N GLY C 91 -26.13 36.53 -40.52
CA GLY C 91 -26.60 35.93 -41.75
C GLY C 91 -25.50 35.76 -42.77
N ASN C 92 -24.25 35.76 -42.30
CA ASN C 92 -23.11 35.66 -43.18
C ASN C 92 -22.95 34.24 -43.72
N LYS C 93 -22.55 34.15 -44.99
CA LYS C 93 -22.35 32.86 -45.65
C LYS C 93 -20.93 32.84 -46.21
N LEU C 94 -20.08 32.01 -45.61
CA LEU C 94 -18.71 31.91 -46.06
C LEU C 94 -18.62 31.10 -47.35
N SER C 95 -17.46 31.18 -48.00
CA SER C 95 -17.20 30.43 -49.22
C SER C 95 -16.05 29.46 -48.97
N ILE C 96 -16.07 28.33 -49.67
CA ILE C 96 -14.96 27.41 -49.58
C ILE C 96 -13.74 28.01 -50.26
N GLY C 97 -12.63 28.04 -49.53
CA GLY C 97 -11.51 28.89 -49.86
C GLY C 97 -11.36 30.08 -48.95
N ALA C 98 -12.48 30.61 -48.44
CA ALA C 98 -12.48 31.50 -47.29
C ALA C 98 -12.80 30.75 -46.01
N TYR C 99 -13.71 29.77 -46.09
CA TYR C 99 -13.92 28.86 -44.98
C TYR C 99 -12.70 27.97 -44.79
N ALA C 100 -12.06 27.57 -45.89
CA ALA C 100 -10.85 26.75 -45.81
C ALA C 100 -9.68 27.54 -45.26
N THR C 101 -9.66 28.85 -45.50
CA THR C 101 -8.60 29.69 -44.97
C THR C 101 -8.83 30.01 -43.49
N ALA C 102 -10.09 30.18 -43.10
CA ALA C 102 -10.38 30.49 -41.70
C ALA C 102 -10.28 29.26 -40.82
N TYR C 103 -10.76 28.11 -41.31
CA TYR C 103 -10.87 26.91 -40.49
C TYR C 103 -9.65 26.01 -40.61
N SER C 104 -8.91 26.11 -41.71
CA SER C 104 -7.70 25.34 -41.89
C SER C 104 -6.58 26.29 -42.32
N GLY C 105 -5.36 25.76 -42.32
CA GLY C 105 -4.26 26.55 -42.83
C GLY C 105 -3.95 26.25 -44.28
N ASN C 106 -4.90 26.51 -45.18
CA ASN C 106 -4.79 26.07 -46.56
C ASN C 106 -5.01 27.23 -47.51
N ALA C 107 -4.44 27.11 -48.71
CA ALA C 107 -4.45 28.17 -49.71
C ALA C 107 -5.37 27.87 -50.90
N THR C 108 -6.54 27.29 -50.66
CA THR C 108 -7.43 26.98 -51.76
C THR C 108 -8.46 28.07 -52.04
N GLY C 109 -8.30 29.26 -51.46
CA GLY C 109 -9.01 30.42 -51.98
C GLY C 109 -8.59 30.73 -53.40
N ASN C 110 -7.31 31.01 -53.61
CA ASN C 110 -6.67 30.90 -54.92
C ASN C 110 -5.37 30.14 -54.68
N PRO C 111 -5.19 28.98 -55.33
CA PRO C 111 -3.91 28.25 -55.25
C PRO C 111 -2.71 29.04 -55.75
N ASP C 112 -2.98 29.98 -56.63
CA ASP C 112 -2.03 30.98 -57.10
C ASP C 112 -1.43 31.78 -55.94
N GLY C 113 -0.22 32.27 -56.15
CA GLY C 113 0.41 33.14 -55.18
C GLY C 113 -0.16 34.54 -55.26
N VAL C 114 -1.00 34.90 -54.29
CA VAL C 114 -1.68 36.19 -54.26
C VAL C 114 -0.68 37.23 -53.77
N PRO C 115 -0.43 38.31 -54.51
CA PRO C 115 0.43 39.37 -54.00
C PRO C 115 -0.25 40.12 -52.87
N SER C 116 0.57 40.56 -51.91
CA SER C 116 0.08 41.22 -50.71
C SER C 116 0.80 42.56 -50.57
N SER C 117 0.03 43.64 -50.68
CA SER C 117 0.56 44.96 -50.39
C SER C 117 0.78 45.11 -48.89
N PHE C 118 1.66 46.04 -48.51
CA PHE C 118 2.01 46.20 -47.11
C PHE C 118 0.86 46.80 -46.31
N ASP C 119 0.06 47.65 -46.95
CA ASP C 119 -1.13 48.20 -46.29
C ASP C 119 -2.18 47.12 -46.05
N GLU C 120 -2.39 46.23 -47.02
CA GLU C 120 -3.35 45.16 -46.80
C GLU C 120 -2.79 44.09 -45.87
N ILE C 121 -1.47 43.92 -45.82
CA ILE C 121 -0.84 43.06 -44.82
C ILE C 121 -1.10 43.61 -43.42
N ALA C 122 -0.98 44.93 -43.26
CA ALA C 122 -1.27 45.57 -41.98
C ALA C 122 -2.74 45.47 -41.62
N THR C 123 -3.64 45.62 -42.60
CA THR C 123 -5.06 45.62 -42.28
C THR C 123 -5.61 44.21 -42.07
N MET C 124 -4.85 43.18 -42.49
CA MET C 124 -5.31 41.82 -42.17
C MET C 124 -4.60 41.27 -40.94
N ARG C 125 -3.41 41.77 -40.61
CA ARG C 125 -2.78 41.34 -39.36
C ARG C 125 -3.41 41.98 -38.14
N ALA C 126 -4.18 43.07 -38.30
CA ALA C 126 -4.88 43.70 -37.20
C ALA C 126 -6.30 43.18 -37.04
N HIS C 127 -6.70 42.21 -37.85
CA HIS C 127 -8.01 41.59 -37.70
C HIS C 127 -8.02 40.74 -36.42
N PRO C 128 -9.15 40.72 -35.69
CA PRO C 128 -9.20 39.99 -34.40
C PRO C 128 -8.96 38.49 -34.50
N PHE C 129 -9.38 37.84 -35.58
CA PHE C 129 -9.10 36.42 -35.80
C PHE C 129 -8.01 36.17 -36.82
N ILE C 130 -8.07 36.86 -37.96
CA ILE C 130 -7.29 36.53 -39.15
C ILE C 130 -5.80 36.76 -38.90
N GLY C 131 -5.46 37.85 -38.21
CA GLY C 131 -4.06 38.17 -37.98
C GLY C 131 -3.36 37.27 -36.99
N LEU C 132 -4.11 36.45 -36.25
CA LEU C 132 -3.49 35.50 -35.33
C LEU C 132 -2.76 34.40 -36.09
N PHE C 133 -3.39 33.82 -37.11
CA PHE C 133 -2.81 32.72 -37.86
C PHE C 133 -2.40 33.09 -39.27
N GLY C 134 -3.20 33.88 -39.97
CA GLY C 134 -2.94 34.15 -41.36
C GLY C 134 -3.40 33.01 -42.25
N GLY C 135 -2.48 32.46 -43.03
CA GLY C 135 -2.84 31.38 -43.92
C GLY C 135 -3.34 31.89 -45.27
N GLY C 136 -3.67 30.93 -46.13
CA GLY C 136 -4.16 31.23 -47.45
C GLY C 136 -3.04 31.57 -48.41
N PRO C 137 -3.42 32.04 -49.60
CA PRO C 137 -2.40 32.35 -50.63
C PRO C 137 -1.49 33.52 -50.29
N ARG C 138 -1.89 34.38 -49.37
CA ARG C 138 -1.03 35.47 -48.94
C ARG C 138 0.21 34.93 -48.23
N MET C 139 0.05 33.85 -47.45
CA MET C 139 1.11 33.17 -46.70
C MET C 139 1.83 34.13 -45.76
N LEU C 140 1.07 35.02 -45.14
CA LEU C 140 1.61 36.02 -44.25
C LEU C 140 1.75 35.43 -42.85
N GLU C 141 2.76 35.91 -42.12
CA GLU C 141 3.06 35.37 -40.80
C GLU C 141 1.99 35.77 -39.81
N GLY C 142 1.37 34.78 -39.18
CA GLY C 142 0.40 35.05 -38.15
C GLY C 142 1.05 35.55 -36.88
N ARG C 143 0.29 36.30 -36.10
CA ARG C 143 0.82 36.89 -34.88
C ARG C 143 0.89 35.90 -33.73
N LEU C 144 0.13 34.82 -33.84
CA LEU C 144 0.04 33.86 -32.70
C LEU C 144 1.08 32.75 -32.82
N MET C 145 1.95 32.65 -31.82
CA MET C 145 2.92 31.55 -31.74
C MET C 145 2.35 30.61 -30.67
N VAL C 146 1.82 29.46 -31.09
CA VAL C 146 1.20 28.51 -30.11
C VAL C 146 2.21 27.41 -29.86
N ASP C 147 2.56 27.19 -28.59
CA ASP C 147 3.54 26.15 -28.30
C ASP C 147 2.86 24.82 -28.08
N SER C 148 3.68 23.77 -28.03
CA SER C 148 3.21 22.43 -27.70
C SER C 148 2.67 22.39 -26.28
N LEU C 149 1.74 21.48 -26.03
CA LEU C 149 1.29 21.26 -24.67
C LEU C 149 2.36 20.47 -23.94
N TYR C 150 3.08 21.15 -23.04
CA TYR C 150 4.14 20.39 -22.41
C TYR C 150 3.71 19.93 -21.03
N PRO C 151 3.85 18.64 -20.71
CA PRO C 151 3.55 18.18 -19.35
C PRO C 151 4.61 18.70 -18.38
N ILE C 152 4.18 18.97 -17.16
CA ILE C 152 5.16 19.38 -16.15
C ILE C 152 5.93 18.15 -15.73
N HIS C 153 7.09 17.93 -16.36
CA HIS C 153 7.83 16.69 -16.23
C HIS C 153 9.31 17.00 -16.21
N THR C 154 10.07 16.11 -15.54
CA THR C 154 11.49 16.36 -15.33
C THR C 154 12.30 16.21 -16.62
N ASN C 155 11.74 15.51 -17.62
CA ASN C 155 12.40 15.46 -18.91
C ASN C 155 12.23 16.77 -19.67
N ALA C 156 11.25 17.57 -19.29
CA ALA C 156 10.97 18.83 -19.94
C ALA C 156 11.48 20.03 -19.17
N GLU C 157 12.39 19.84 -18.20
CA GLU C 157 12.81 20.96 -17.36
C GLU C 157 13.58 22.02 -18.13
N ARG C 158 14.20 21.64 -19.24
CA ARG C 158 14.76 22.64 -20.14
C ARG C 158 13.65 23.40 -20.88
N ILE C 159 12.62 22.66 -21.32
CA ILE C 159 11.47 23.31 -22.02
C ILE C 159 10.62 24.11 -21.02
N LEU C 160 10.30 23.51 -19.87
CA LEU C 160 9.43 24.12 -18.83
C LEU C 160 10.10 25.36 -18.22
N GLY C 161 11.40 25.26 -17.93
CA GLY C 161 12.13 26.36 -17.27
C GLY C 161 12.00 26.28 -15.76
N ALA C 162 12.59 27.22 -15.03
CA ALA C 162 12.52 27.24 -13.55
C ALA C 162 11.14 27.70 -13.10
N GLY C 163 10.74 27.32 -11.87
CA GLY C 163 9.48 27.72 -11.31
C GLY C 163 8.41 26.65 -11.31
N TYR C 164 8.57 25.61 -12.12
CA TYR C 164 7.63 24.49 -12.13
C TYR C 164 8.14 23.30 -11.34
N GLU C 165 9.21 23.49 -10.56
CA GLU C 165 9.76 22.41 -9.75
C GLU C 165 8.78 21.96 -8.67
N ASN C 166 8.06 22.91 -8.09
CA ASN C 166 6.89 22.56 -7.29
C ASN C 166 5.79 22.08 -8.22
N GLU C 167 5.06 21.05 -7.78
CA GLU C 167 3.97 20.41 -8.53
C GLU C 167 4.47 19.89 -9.88
N MET C 168 5.35 18.89 -9.77
CA MET C 168 6.13 18.38 -10.88
C MET C 168 6.05 16.86 -10.88
N MET C 169 5.97 16.26 -12.06
CA MET C 169 5.99 14.82 -12.20
C MET C 169 7.34 14.33 -12.69
N SER C 170 7.53 13.01 -12.56
CA SER C 170 8.74 12.31 -12.94
C SER C 170 8.37 10.90 -13.34
N GLY C 171 9.35 10.15 -13.85
CA GLY C 171 9.15 8.77 -14.19
C GLY C 171 8.31 8.61 -15.45
N PRO C 172 7.74 7.41 -15.65
CA PRO C 172 6.90 7.19 -16.83
C PRO C 172 5.58 7.93 -16.73
N ILE C 173 5.15 8.51 -17.86
CA ILE C 173 3.88 9.19 -17.96
C ILE C 173 2.98 8.58 -19.04
N THR C 174 3.41 7.51 -19.70
CA THR C 174 2.62 6.84 -20.72
C THR C 174 2.13 5.50 -20.21
N GLN C 175 0.86 5.23 -20.46
CA GLN C 175 0.28 3.92 -20.21
C GLN C 175 -0.24 3.36 -21.53
N VAL C 176 0.12 2.12 -21.82
CA VAL C 176 -0.32 1.48 -23.05
C VAL C 176 -1.74 0.94 -22.81
N VAL C 177 -2.74 1.70 -23.22
CA VAL C 177 -4.13 1.26 -23.10
C VAL C 177 -4.42 0.30 -24.25
N TRP C 178 -4.91 -0.90 -23.91
CA TRP C 178 -5.27 -1.91 -24.89
C TRP C 178 -6.75 -1.82 -25.19
N ALA C 179 -7.09 -1.78 -26.48
CA ALA C 179 -8.46 -1.71 -26.94
C ALA C 179 -8.71 -2.89 -27.86
N ARG C 180 -9.99 -3.16 -28.12
CA ARG C 180 -10.33 -4.26 -29.00
C ARG C 180 -11.68 -4.06 -29.66
N ARG C 181 -11.89 -4.80 -30.75
CA ARG C 181 -13.14 -4.89 -31.47
C ARG C 181 -13.50 -6.36 -31.53
N MET C 182 -14.71 -6.71 -31.12
CA MET C 182 -15.17 -8.08 -31.27
C MET C 182 -16.12 -8.14 -32.45
N ASP C 183 -16.13 -9.28 -33.11
CA ASP C 183 -17.16 -9.55 -34.11
C ASP C 183 -18.50 -9.72 -33.39
N PRO C 184 -19.45 -8.81 -33.57
CA PRO C 184 -20.69 -8.86 -32.78
C PRO C 184 -21.69 -9.90 -33.24
N ILE C 185 -21.44 -10.55 -34.36
CA ILE C 185 -22.29 -11.67 -34.79
C ILE C 185 -22.08 -12.86 -33.86
N LEU C 186 -20.87 -13.01 -33.33
CA LEU C 186 -20.59 -14.04 -32.34
C LEU C 186 -21.30 -13.75 -31.02
N ASN C 187 -21.65 -12.49 -30.77
CA ASN C 187 -22.35 -12.08 -29.57
C ASN C 187 -23.86 -12.37 -29.65
N LEU C 188 -24.36 -12.77 -30.81
CA LEU C 188 -25.79 -12.98 -31.01
C LEU C 188 -26.29 -14.18 -30.22
N GLY C 189 -27.26 -13.94 -29.35
CA GLY C 189 -27.75 -14.96 -28.45
C GLY C 189 -28.75 -15.94 -29.02
N SER C 190 -29.91 -15.44 -29.45
CA SER C 190 -31.03 -16.30 -29.77
C SER C 190 -31.83 -15.67 -30.90
N SER C 191 -33.06 -16.16 -31.09
CA SER C 191 -33.90 -15.72 -32.19
C SER C 191 -34.41 -14.30 -31.98
N GLU C 192 -34.60 -13.90 -30.72
CA GLU C 192 -35.06 -12.54 -30.44
C GLU C 192 -33.97 -11.51 -30.72
N ASP C 193 -32.71 -11.88 -30.52
CA ASP C 193 -31.62 -10.96 -30.82
C ASP C 193 -31.28 -10.92 -32.30
N VAL C 194 -31.67 -11.95 -33.06
CA VAL C 194 -31.25 -12.08 -34.46
C VAL C 194 -32.36 -11.73 -35.43
N GLU C 195 -33.58 -11.43 -34.94
CA GLU C 195 -34.72 -11.20 -35.83
C GLU C 195 -34.60 -9.89 -36.59
N VAL C 196 -33.79 -8.95 -36.09
CA VAL C 196 -33.59 -7.69 -36.79
C VAL C 196 -32.66 -7.86 -38.00
N ILE C 197 -31.93 -8.97 -38.08
CA ILE C 197 -31.05 -9.19 -39.23
C ILE C 197 -31.85 -9.75 -40.39
N ASN C 198 -31.72 -9.12 -41.56
CA ASN C 198 -32.22 -9.71 -42.80
C ASN C 198 -31.47 -11.01 -43.09
N GLY C 199 -32.21 -12.12 -43.09
CA GLY C 199 -31.64 -13.44 -43.11
C GLY C 199 -31.56 -14.07 -41.73
N GLY C 200 -31.17 -13.29 -40.73
CA GLY C 200 -31.21 -13.74 -39.34
C GLY C 200 -30.18 -14.80 -39.05
N ALA C 201 -30.69 -16.01 -38.79
CA ALA C 201 -29.83 -17.14 -38.48
C ALA C 201 -28.96 -17.53 -39.66
N VAL C 202 -29.52 -17.46 -40.87
CA VAL C 202 -28.77 -17.83 -42.08
C VAL C 202 -27.64 -16.84 -42.32
N ALA C 203 -27.91 -15.54 -42.19
CA ALA C 203 -26.88 -14.53 -42.40
C ALA C 203 -25.80 -14.58 -41.33
N ALA C 204 -26.21 -14.78 -40.06
CA ALA C 204 -25.24 -14.88 -38.97
C ALA C 204 -24.36 -16.11 -39.14
N ASN C 205 -24.96 -17.24 -39.52
CA ASN C 205 -24.19 -18.45 -39.78
C ASN C 205 -23.24 -18.27 -40.95
N GLY C 206 -23.70 -17.59 -42.01
CA GLY C 206 -22.85 -17.38 -43.17
C GLY C 206 -21.65 -16.51 -42.88
N TRP C 207 -21.83 -15.47 -42.05
CA TRP C 207 -20.68 -14.67 -41.63
C TRP C 207 -19.76 -15.48 -40.74
N ILE C 208 -20.30 -16.38 -39.90
CA ILE C 208 -19.44 -17.18 -39.04
C ILE C 208 -18.58 -18.15 -39.87
N GLN C 209 -19.17 -18.81 -40.89
CA GLN C 209 -18.34 -19.65 -41.75
C GLN C 209 -17.38 -18.84 -42.60
N ASP C 210 -17.76 -17.63 -43.02
CA ASP C 210 -16.85 -16.79 -43.79
C ASP C 210 -15.65 -16.35 -42.96
N LEU C 211 -15.91 -15.94 -41.71
CA LEU C 211 -14.83 -15.55 -40.80
C LEU C 211 -13.96 -16.74 -40.45
N LEU C 212 -14.57 -17.91 -40.26
CA LEU C 212 -13.81 -19.13 -39.96
C LEU C 212 -12.91 -19.54 -41.11
N ALA C 213 -13.45 -19.49 -42.34
CA ALA C 213 -12.67 -19.84 -43.51
C ALA C 213 -11.53 -18.86 -43.73
N ASN C 214 -11.80 -17.57 -43.53
CA ASN C 214 -10.76 -16.55 -43.67
C ASN C 214 -9.66 -16.71 -42.63
N SER C 215 -10.03 -17.01 -41.38
CA SER C 215 -9.04 -17.16 -40.31
C SER C 215 -8.20 -18.41 -40.50
N LYS C 216 -8.82 -19.54 -40.88
CA LYS C 216 -8.06 -20.76 -41.11
C LYS C 216 -7.19 -20.65 -42.36
N ALA C 217 -7.67 -19.92 -43.38
CA ALA C 217 -6.85 -19.70 -44.57
C ALA C 217 -5.66 -18.80 -44.27
N ALA C 218 -5.86 -17.78 -43.44
CA ALA C 218 -4.76 -16.91 -43.03
C ALA C 218 -3.74 -17.67 -42.19
N ALA C 219 -4.22 -18.53 -41.29
CA ALA C 219 -3.31 -19.33 -40.46
C ALA C 219 -2.58 -20.39 -41.28
N SER C 220 -3.22 -20.93 -42.33
CA SER C 220 -2.53 -21.85 -43.23
C SER C 220 -1.51 -21.13 -44.08
N LYS C 221 -1.79 -19.86 -44.44
CA LYS C 221 -0.80 -19.06 -45.15
C LYS C 221 0.37 -18.71 -44.25
N LYS C 222 0.12 -18.54 -42.94
CA LYS C 222 1.20 -18.24 -42.00
C LYS C 222 2.13 -19.43 -41.82
N LYS C 223 1.65 -20.65 -42.06
CA LYS C 223 2.48 -21.84 -42.01
C LYS C 223 2.68 -22.43 -43.40
N ASN C 239 -6.47 -10.63 -49.87
CA ASN C 239 -6.10 -10.21 -48.52
C ASN C 239 -7.23 -9.41 -47.88
N GLY C 240 -8.13 -10.11 -47.18
CA GLY C 240 -9.18 -9.48 -46.43
C GLY C 240 -8.83 -9.35 -44.95
N ARG C 241 -9.78 -8.83 -44.19
CA ARG C 241 -9.60 -8.69 -42.76
C ARG C 241 -10.93 -8.69 -42.02
N GLY C 242 -10.99 -9.39 -40.88
CA GLY C 242 -12.21 -9.48 -40.11
C GLY C 242 -12.37 -8.32 -39.14
N LEU C 243 -13.52 -8.32 -38.45
CA LEU C 243 -13.81 -7.29 -37.48
C LEU C 243 -13.05 -7.49 -36.17
N LYS C 244 -12.69 -8.73 -35.85
CA LYS C 244 -12.07 -9.04 -34.57
C LYS C 244 -10.65 -8.49 -34.50
N ALA C 245 -10.49 -7.38 -33.80
CA ALA C 245 -9.21 -6.72 -33.64
C ALA C 245 -8.90 -6.58 -32.15
N PHE C 246 -7.61 -6.43 -31.86
CA PHE C 246 -7.14 -6.18 -30.49
C PHE C 246 -5.81 -5.48 -30.63
N ASN C 247 -5.77 -4.19 -30.30
CA ASN C 247 -4.58 -3.38 -30.53
C ASN C 247 -4.30 -2.57 -29.28
N ALA C 248 -3.26 -1.74 -29.37
CA ALA C 248 -2.75 -1.00 -28.24
C ALA C 248 -2.41 0.42 -28.65
N HIS C 249 -2.47 1.33 -27.69
CA HIS C 249 -2.04 2.70 -27.93
C HIS C 249 -1.55 3.31 -26.65
N GLU C 250 -0.37 3.93 -26.69
CA GLU C 250 0.14 4.64 -25.53
C GLU C 250 -0.60 5.96 -25.37
N VAL C 251 -1.04 6.25 -24.16
CA VAL C 251 -1.66 7.52 -23.83
C VAL C 251 -0.86 8.17 -22.72
N VAL C 252 -0.94 9.49 -22.64
CA VAL C 252 -0.38 10.18 -21.49
C VAL C 252 -1.39 10.09 -20.35
N ILE C 253 -0.89 9.90 -19.13
CA ILE C 253 -1.70 9.58 -17.96
C ILE C 253 -2.66 10.72 -17.62
N PRO C 254 -3.89 10.43 -17.23
CA PRO C 254 -4.84 11.49 -16.87
C PRO C 254 -4.47 12.13 -15.54
N GLY C 255 -4.94 13.36 -15.35
CA GLY C 255 -4.66 14.11 -14.14
C GLY C 255 -3.33 14.82 -14.15
N LEU C 256 -2.59 14.68 -15.25
CA LEU C 256 -1.29 15.34 -15.38
C LEU C 256 -1.49 16.84 -15.61
N LYS C 257 -0.54 17.62 -15.10
CA LYS C 257 -0.55 19.06 -15.28
C LYS C 257 0.29 19.43 -16.51
N TRP C 258 -0.19 20.39 -17.27
CA TRP C 258 0.39 20.79 -18.54
C TRP C 258 0.48 22.31 -18.59
N VAL C 259 1.55 22.79 -19.21
CA VAL C 259 1.71 24.21 -19.48
C VAL C 259 1.54 24.42 -20.99
N TRP C 260 0.96 25.57 -21.33
CA TRP C 260 0.68 25.93 -22.72
C TRP C 260 1.11 27.37 -22.91
N ARG C 261 2.07 27.58 -23.81
CA ARG C 261 2.62 28.91 -24.03
C ARG C 261 2.07 29.48 -25.33
N ILE C 262 1.49 30.68 -25.23
CA ILE C 262 0.87 31.35 -26.37
C ILE C 262 1.50 32.74 -26.36
N SER C 263 2.48 32.95 -27.21
CA SER C 263 3.17 34.24 -27.29
C SER C 263 2.72 34.97 -28.54
N LEU C 264 2.27 36.21 -28.37
CA LEU C 264 1.71 37.00 -29.45
C LEU C 264 2.71 38.07 -29.87
N ASP C 265 2.99 38.14 -31.17
CA ASP C 265 3.97 39.07 -31.71
C ASP C 265 3.28 40.39 -32.02
N ARG C 266 3.44 41.35 -31.11
CA ARG C 266 2.77 42.66 -31.16
C ARG C 266 1.26 42.58 -31.38
N PRO C 267 0.50 42.12 -30.39
CA PRO C 267 -0.94 41.93 -30.60
C PRO C 267 -1.74 43.19 -30.38
N THR C 268 -2.97 43.16 -30.89
CA THR C 268 -3.96 44.16 -30.55
C THR C 268 -4.71 43.71 -29.30
N ASP C 269 -5.59 44.57 -28.80
CA ASP C 269 -6.40 44.22 -27.64
C ASP C 269 -7.48 43.21 -28.00
N ALA C 270 -8.04 43.33 -29.22
CA ALA C 270 -9.10 42.43 -29.64
C ALA C 270 -8.60 41.01 -29.90
N GLN C 271 -7.36 40.86 -30.37
CA GLN C 271 -6.79 39.53 -30.60
C GLN C 271 -6.57 38.79 -29.28
N VAL C 272 -6.02 39.49 -28.29
CA VAL C 272 -5.82 38.93 -26.96
C VAL C 272 -7.16 38.64 -26.32
N GLY C 273 -8.16 39.50 -26.57
CA GLY C 273 -9.51 39.23 -26.08
C GLY C 273 -10.13 38.00 -26.72
N LEU C 274 -9.82 37.75 -27.98
CA LEU C 274 -10.32 36.54 -28.65
C LEU C 274 -9.66 35.29 -28.08
N VAL C 275 -8.37 35.37 -27.78
CA VAL C 275 -7.69 34.24 -27.13
C VAL C 275 -8.25 34.01 -25.72
N LEU C 276 -8.56 35.10 -25.01
CA LEU C 276 -9.12 34.99 -23.66
C LEU C 276 -10.53 34.40 -23.68
N LEU C 277 -11.35 34.79 -24.65
CA LEU C 277 -12.68 34.20 -24.78
C LEU C 277 -12.63 32.77 -25.31
N ALA C 278 -11.56 32.40 -26.00
CA ALA C 278 -11.32 30.99 -26.29
C ALA C 278 -11.04 30.20 -25.03
N LEU C 279 -10.21 30.76 -24.14
CA LEU C 279 -9.91 30.09 -22.88
C LEU C 279 -11.12 30.08 -21.95
N ASN C 280 -12.02 31.04 -22.11
CA ASN C 280 -13.26 31.05 -21.32
C ASN C 280 -14.19 29.92 -21.69
N LYS C 281 -14.16 29.44 -22.94
CA LYS C 281 -15.08 28.43 -23.41
C LYS C 281 -14.42 27.12 -23.84
N MET C 282 -13.10 26.97 -23.65
CA MET C 282 -12.43 25.76 -24.11
C MET C 282 -12.61 24.57 -23.17
N THR C 283 -13.40 24.69 -22.10
CA THR C 283 -13.64 23.55 -21.23
C THR C 283 -14.46 22.47 -21.93
N ASN C 284 -15.26 22.86 -22.92
CA ASN C 284 -16.04 21.90 -23.69
C ASN C 284 -15.25 21.26 -24.82
N GLU C 285 -14.01 21.69 -25.05
CA GLU C 285 -13.21 21.15 -26.12
C GLU C 285 -12.42 19.92 -25.65
N ARG C 286 -11.85 19.20 -26.61
CA ARG C 286 -11.08 18.00 -26.34
C ARG C 286 -9.75 18.09 -27.06
N ILE C 287 -8.74 17.38 -26.54
CA ILE C 287 -7.42 17.37 -27.13
C ILE C 287 -6.93 15.92 -27.15
N ALA C 288 -7.18 15.22 -28.27
CA ALA C 288 -6.90 13.79 -28.32
C ALA C 288 -7.03 13.28 -29.75
N GLY C 289 -6.60 12.03 -29.91
CA GLY C 289 -7.02 11.16 -30.99
C GLY C 289 -7.90 10.06 -30.43
N GLY C 290 -8.69 10.43 -29.42
CA GLY C 290 -9.55 9.53 -28.68
C GLY C 290 -10.94 10.06 -28.47
N HIS C 291 -11.52 10.70 -29.50
CA HIS C 291 -12.79 11.40 -29.35
C HIS C 291 -13.94 10.45 -29.02
N SER C 292 -13.86 9.20 -29.49
CA SER C 292 -14.87 8.22 -29.10
C SER C 292 -14.78 7.90 -27.62
N LYS C 293 -13.56 7.85 -27.09
CA LYS C 293 -13.35 7.42 -25.72
C LYS C 293 -13.30 8.58 -24.73
N ASP C 294 -13.76 9.78 -25.13
CA ASP C 294 -13.76 11.02 -24.35
C ASP C 294 -12.36 11.43 -23.88
N TYR C 295 -11.32 10.96 -24.56
CA TYR C 295 -9.95 11.33 -24.23
C TYR C 295 -9.72 12.81 -24.50
N GLY C 296 -8.84 13.41 -23.70
CA GLY C 296 -8.50 14.80 -23.89
C GLY C 296 -9.43 15.80 -23.26
N ARG C 297 -10.36 15.37 -22.40
CA ARG C 297 -11.11 16.33 -21.62
C ARG C 297 -10.20 16.93 -20.55
N PHE C 298 -10.29 18.25 -20.39
CA PHE C 298 -9.43 18.94 -19.44
C PHE C 298 -10.21 20.06 -18.79
N VAL C 299 -9.76 20.47 -17.61
CA VAL C 299 -10.20 21.70 -17.00
C VAL C 299 -9.00 22.63 -16.89
N ILE C 300 -9.27 23.91 -16.86
CA ILE C 300 -8.22 24.93 -16.81
C ILE C 300 -8.02 25.32 -15.36
N ASP C 301 -6.78 25.26 -14.89
CA ASP C 301 -6.49 25.66 -13.52
C ASP C 301 -5.82 27.03 -13.42
N GLY C 302 -5.07 27.44 -14.42
CA GLY C 302 -4.44 28.74 -14.39
C GLY C 302 -4.26 29.31 -15.78
N VAL C 303 -4.44 30.61 -15.89
CA VAL C 303 -4.17 31.38 -17.10
C VAL C 303 -3.41 32.62 -16.66
N SER C 304 -2.17 32.76 -17.09
CA SER C 304 -1.33 33.90 -16.69
C SER C 304 -1.09 34.77 -17.92
N LEU C 305 -1.48 36.04 -17.83
CA LEU C 305 -1.22 37.02 -18.87
C LEU C 305 -0.07 37.91 -18.42
N ASN C 306 1.02 37.88 -19.19
CA ASN C 306 2.25 38.65 -18.92
C ASN C 306 2.83 38.36 -17.54
N GLY C 307 2.69 37.12 -17.08
CA GLY C 307 3.14 36.72 -15.76
C GLY C 307 2.11 36.88 -14.66
N GLU C 308 0.98 37.52 -14.93
CA GLU C 308 -0.06 37.73 -13.92
C GLU C 308 -1.21 36.77 -14.17
N GLN C 309 -1.53 35.95 -13.17
CA GLN C 309 -2.58 34.95 -13.30
C GLN C 309 -3.95 35.62 -13.35
N VAL C 310 -4.83 35.09 -14.20
CA VAL C 310 -6.13 35.72 -14.43
C VAL C 310 -7.29 34.72 -14.35
N TRP C 311 -7.02 33.41 -14.36
CA TRP C 311 -8.10 32.43 -14.39
C TRP C 311 -8.75 32.30 -13.02
N SER C 312 -10.07 32.16 -13.01
CA SER C 312 -10.83 31.90 -11.80
C SER C 312 -11.70 30.68 -12.04
N GLN C 313 -12.42 30.26 -11.00
CA GLN C 313 -13.29 29.09 -11.12
C GLN C 313 -14.51 29.39 -11.99
N SER C 314 -14.99 30.63 -11.96
CA SER C 314 -16.11 31.04 -12.81
C SER C 314 -15.57 31.77 -14.05
N GLY C 315 -14.80 31.03 -14.83
CA GLY C 315 -14.23 31.59 -16.05
C GLY C 315 -13.10 32.57 -15.77
N ILE C 316 -12.95 33.51 -16.70
CA ILE C 316 -11.89 34.51 -16.65
C ILE C 316 -12.38 35.73 -15.90
N THR C 317 -11.64 36.12 -14.86
CA THR C 317 -11.89 37.35 -14.12
C THR C 317 -10.68 38.24 -14.27
N GLY C 318 -10.82 39.30 -15.07
CA GLY C 318 -9.73 40.21 -15.36
C GLY C 318 -9.58 40.43 -16.86
N GLY C 319 -8.83 41.47 -17.19
CA GLY C 319 -8.66 41.86 -18.58
C GLY C 319 -9.94 42.35 -19.21
N GLU C 320 -10.65 43.25 -18.54
CA GLU C 320 -11.94 43.75 -19.04
C GLU C 320 -11.78 44.59 -20.30
N GLN C 321 -10.62 45.21 -20.48
CA GLN C 321 -10.36 45.94 -21.71
C GLN C 321 -10.27 44.99 -22.90
N TYR C 322 -9.70 43.80 -22.68
CA TYR C 322 -9.66 42.78 -23.71
C TYR C 322 -11.05 42.27 -24.03
N PHE C 323 -11.89 42.13 -23.00
CA PHE C 323 -13.25 41.63 -23.18
C PHE C 323 -14.11 42.64 -23.95
N ASP C 324 -13.98 43.93 -23.62
CA ASP C 324 -14.73 44.95 -24.37
C ASP C 324 -14.22 45.07 -25.80
N ALA C 325 -12.89 44.96 -25.99
CA ALA C 325 -12.31 45.01 -27.32
C ALA C 325 -12.78 43.85 -28.18
N VAL C 326 -12.83 42.64 -27.62
CA VAL C 326 -13.27 41.51 -28.41
C VAL C 326 -14.78 41.53 -28.63
N ALA C 327 -15.55 42.12 -27.70
CA ALA C 327 -17.00 42.25 -27.91
C ALA C 327 -17.28 43.18 -29.08
N GLU C 328 -16.65 44.36 -29.09
CA GLU C 328 -16.83 45.27 -30.22
C GLU C 328 -16.12 44.80 -31.49
N ALA C 329 -15.18 43.86 -31.39
CA ALA C 329 -14.58 43.29 -32.58
C ALA C 329 -15.50 42.26 -33.23
N ILE C 330 -16.06 41.33 -32.43
CA ILE C 330 -16.88 40.27 -33.02
C ILE C 330 -18.27 40.79 -33.35
N ASP C 331 -18.66 41.94 -32.81
CA ASP C 331 -19.93 42.53 -33.21
C ASP C 331 -19.84 43.12 -34.62
N GLY C 332 -18.68 43.67 -34.98
CA GLY C 332 -18.61 44.49 -36.19
C GLY C 332 -18.26 43.69 -37.44
N LEU C 333 -17.85 42.44 -37.28
CA LEU C 333 -17.41 41.65 -38.44
C LEU C 333 -18.60 41.21 -39.28
N SER C 334 -18.45 41.32 -40.60
CA SER C 334 -19.52 41.00 -41.56
C SER C 334 -19.07 40.05 -42.66
N SER C 335 -17.94 39.36 -42.45
CA SER C 335 -17.41 38.26 -43.26
C SER C 335 -16.99 38.65 -44.68
N LYS C 336 -17.14 39.93 -45.06
CA LYS C 336 -16.53 40.39 -46.30
C LYS C 336 -15.02 40.51 -46.15
N GLU C 337 -14.56 40.72 -44.91
CA GLU C 337 -13.14 40.74 -44.64
C GLU C 337 -12.53 39.34 -44.74
N PHE C 338 -13.30 38.29 -44.42
CA PHE C 338 -12.84 36.92 -44.62
C PHE C 338 -12.70 36.61 -46.12
N GLU C 339 -13.68 37.05 -46.91
CA GLU C 339 -13.63 36.85 -48.36
C GLU C 339 -12.51 37.65 -48.99
N GLN C 340 -12.25 38.85 -48.49
CA GLN C 340 -11.15 39.65 -49.03
C GLN C 340 -9.81 39.12 -48.54
N PHE C 341 -9.81 38.41 -47.41
CA PHE C 341 -8.61 37.74 -46.93
C PHE C 341 -8.28 36.52 -47.78
N ALA C 342 -9.31 35.80 -48.24
CA ALA C 342 -9.09 34.63 -49.07
C ALA C 342 -8.54 35.01 -50.45
N GLN C 343 -9.25 35.88 -51.15
CA GLN C 343 -8.85 36.26 -52.50
C GLN C 343 -8.30 37.68 -52.53
N MET D 1 -23.14 17.40 -23.80
CA MET D 1 -24.29 17.60 -22.93
C MET D 1 -23.74 17.39 -21.51
N GLN D 2 -22.65 16.62 -21.45
CA GLN D 2 -21.85 16.35 -20.25
C GLN D 2 -22.69 15.74 -19.13
N ILE D 3 -23.16 14.52 -19.40
CA ILE D 3 -23.86 13.71 -18.41
C ILE D 3 -22.86 13.18 -17.40
N GLU D 4 -23.23 13.22 -16.12
CA GLU D 4 -22.38 12.72 -15.02
C GLU D 4 -23.23 11.78 -14.18
N VAL D 5 -23.11 10.48 -14.44
CA VAL D 5 -23.85 9.48 -13.68
C VAL D 5 -22.95 8.83 -12.63
N THR D 6 -23.42 8.88 -11.39
CA THR D 6 -22.76 8.23 -10.25
C THR D 6 -23.47 6.92 -9.98
N VAL D 7 -22.71 5.82 -10.03
CA VAL D 7 -23.25 4.47 -9.99
C VAL D 7 -22.81 3.87 -8.65
N ARG D 8 -23.49 2.80 -8.26
CA ARG D 8 -23.08 1.97 -7.13
C ARG D 8 -23.03 0.52 -7.59
N ASN D 9 -21.85 -0.08 -7.62
CA ASN D 9 -21.72 -1.47 -8.04
C ASN D 9 -22.14 -2.36 -6.86
N ILE D 10 -23.13 -3.22 -7.10
CA ILE D 10 -23.57 -4.15 -6.08
C ILE D 10 -22.62 -5.33 -5.96
N THR D 11 -22.12 -5.82 -7.08
CA THR D 11 -21.19 -6.93 -7.17
C THR D 11 -19.84 -6.38 -7.59
N PRO D 12 -18.75 -7.18 -7.44
CA PRO D 12 -17.43 -6.74 -7.94
C PRO D 12 -17.35 -6.40 -9.42
N ILE D 13 -16.28 -5.70 -9.79
CA ILE D 13 -16.08 -5.20 -11.14
C ILE D 13 -14.81 -5.80 -11.69
N PHE D 14 -14.88 -6.39 -12.88
CA PHE D 14 -13.75 -7.15 -13.43
C PHE D 14 -13.62 -6.84 -14.91
N SER D 15 -12.76 -5.90 -15.25
CA SER D 15 -12.33 -5.65 -16.63
C SER D 15 -10.89 -6.10 -16.74
N ALA D 16 -10.67 -7.32 -17.25
CA ALA D 16 -9.34 -7.92 -17.21
C ALA D 16 -8.36 -7.19 -18.13
N ALA D 17 -7.08 -7.30 -17.78
CA ALA D 17 -6.03 -6.63 -18.52
C ALA D 17 -5.14 -7.67 -19.17
N PRO D 18 -4.73 -7.47 -20.42
CA PRO D 18 -3.79 -8.40 -21.06
C PRO D 18 -2.41 -8.32 -20.43
N GLY D 19 -1.68 -9.42 -20.56
CA GLY D 19 -0.32 -9.50 -20.08
C GLY D 19 -0.05 -10.78 -19.32
N SER D 20 1.23 -11.16 -19.34
CA SER D 20 1.71 -12.33 -18.62
C SER D 20 1.96 -11.93 -17.17
N ASN D 21 0.92 -11.96 -16.35
CA ASN D 21 0.99 -11.51 -14.96
C ASN D 21 0.84 -12.71 -14.04
N TYR D 22 1.63 -12.72 -12.97
CA TYR D 22 1.70 -13.86 -12.07
C TYR D 22 1.51 -13.41 -10.62
N ILE D 23 1.16 -14.36 -9.78
CA ILE D 23 0.94 -14.13 -8.36
C ILE D 23 1.32 -15.40 -7.60
N THR D 24 1.87 -15.22 -6.40
CA THR D 24 2.15 -16.34 -5.52
C THR D 24 0.90 -16.68 -4.73
N ILE D 25 1.02 -17.71 -3.90
CA ILE D 25 -0.13 -18.19 -3.14
C ILE D 25 -0.52 -17.17 -2.06
N ASP D 26 0.47 -16.54 -1.42
CA ASP D 26 0.17 -15.57 -0.38
C ASP D 26 -0.19 -14.19 -0.93
N GLY D 27 0.09 -13.93 -2.19
CA GLY D 27 -0.32 -12.69 -2.83
C GLY D 27 0.79 -11.80 -3.35
N THR D 28 2.01 -12.30 -3.54
CA THR D 28 3.08 -11.48 -4.11
C THR D 28 2.83 -11.38 -5.61
N ILE D 29 2.53 -10.18 -6.09
CA ILE D 29 2.09 -9.99 -7.46
C ILE D 29 3.30 -9.74 -8.34
N ASN D 30 3.35 -10.44 -9.47
CA ASN D 30 4.49 -10.36 -10.43
C ASN D 30 5.80 -10.73 -9.71
N PRO D 31 5.86 -11.90 -9.03
CA PRO D 31 7.04 -12.35 -8.30
C PRO D 31 8.24 -12.72 -9.19
N PRO D 32 9.48 -12.64 -8.68
CA PRO D 32 10.69 -12.95 -9.45
C PRO D 32 10.85 -14.44 -9.78
N PRO D 33 11.60 -14.80 -10.84
CA PRO D 33 11.79 -16.21 -11.23
C PRO D 33 12.52 -17.00 -10.12
N GLY D 34 12.15 -18.27 -9.99
CA GLY D 34 12.69 -19.17 -8.98
C GLY D 34 11.78 -19.46 -7.81
N VAL D 35 10.53 -18.99 -7.85
CA VAL D 35 9.58 -19.23 -6.78
C VAL D 35 8.28 -19.71 -7.43
N SER D 36 7.40 -20.28 -6.61
CA SER D 36 6.12 -20.78 -7.09
C SER D 36 5.23 -19.64 -7.57
N ARG D 37 4.98 -19.60 -8.88
CA ARG D 37 4.24 -18.52 -9.50
C ARG D 37 3.02 -19.08 -10.22
N PHE D 38 1.94 -18.32 -10.13
CA PHE D 38 0.56 -18.70 -10.43
C PHE D 38 0.03 -17.72 -11.47
N PRO D 39 -0.92 -18.14 -12.30
CA PRO D 39 -1.47 -17.21 -13.29
C PRO D 39 -2.39 -16.19 -12.62
N LEU D 40 -2.33 -14.95 -13.11
CA LEU D 40 -3.18 -13.91 -12.59
C LEU D 40 -3.54 -12.96 -13.72
N VAL D 41 -4.84 -12.70 -13.89
CA VAL D 41 -5.28 -11.65 -14.78
C VAL D 41 -5.72 -10.47 -13.90
N ARG D 42 -4.94 -9.41 -13.96
CA ARG D 42 -5.28 -8.21 -13.21
C ARG D 42 -6.40 -7.46 -13.91
N THR D 43 -7.18 -6.72 -13.14
CA THR D 43 -8.22 -5.90 -13.73
C THR D 43 -7.60 -4.67 -14.41
N ARG D 44 -8.45 -3.89 -15.07
CA ARG D 44 -7.97 -2.77 -15.89
C ARG D 44 -7.45 -1.67 -14.99
N MET D 45 -6.15 -1.43 -15.09
CA MET D 45 -5.46 -0.43 -14.31
C MET D 45 -5.24 0.79 -15.19
N MET D 46 -5.56 1.97 -14.67
CA MET D 46 -5.20 3.23 -15.28
C MET D 46 -4.25 3.95 -14.34
N TYR D 47 -3.04 4.25 -14.81
CA TYR D 47 -2.15 5.10 -14.05
C TYR D 47 -2.68 6.53 -14.11
N VAL D 48 -2.93 7.12 -12.95
CA VAL D 48 -3.44 8.48 -12.85
C VAL D 48 -2.46 9.30 -12.01
N ALA D 49 -2.23 10.53 -12.44
CA ALA D 49 -1.47 11.46 -11.63
C ALA D 49 -2.30 11.86 -10.43
N ALA D 50 -1.74 11.71 -9.23
CA ALA D 50 -2.50 11.92 -8.01
C ALA D 50 -1.64 12.62 -6.98
N ASP D 51 -2.34 13.21 -6.01
CA ASP D 51 -1.72 13.94 -4.89
C ASP D 51 -1.58 12.98 -3.71
N VAL D 52 -0.49 12.22 -3.72
CA VAL D 52 -0.22 11.33 -2.61
C VAL D 52 0.58 12.08 -1.54
N GLY D 53 0.10 12.01 -0.31
CA GLY D 53 0.71 12.78 0.75
C GLY D 53 0.42 14.26 0.57
N ASP D 54 1.48 15.07 0.60
CA ASP D 54 1.38 16.51 0.42
C ASP D 54 2.22 16.89 -0.78
N GLY D 55 1.56 17.40 -1.82
CA GLY D 55 2.24 17.53 -3.10
C GLY D 55 2.56 16.15 -3.64
N VAL D 56 3.74 16.04 -4.26
CA VAL D 56 4.27 14.81 -4.87
C VAL D 56 3.25 14.20 -5.81
N ILE D 57 2.98 14.89 -6.92
CA ILE D 57 2.06 14.35 -7.91
C ILE D 57 2.72 13.17 -8.59
N LYS D 58 2.17 11.98 -8.40
CA LYS D 58 2.81 10.79 -8.93
C LYS D 58 1.78 9.89 -9.59
N SER D 59 2.27 9.03 -10.48
CA SER D 59 1.42 8.14 -11.26
C SER D 59 1.09 6.91 -10.43
N VAL D 60 -0.07 6.94 -9.79
CA VAL D 60 -0.51 5.83 -8.93
C VAL D 60 -1.59 5.05 -9.68
N PRO D 61 -1.75 3.76 -9.41
CA PRO D 61 -2.77 2.98 -10.12
C PRO D 61 -4.16 3.16 -9.54
N LEU D 62 -5.11 3.54 -10.39
CA LEU D 62 -6.52 3.43 -10.10
C LEU D 62 -7.09 2.31 -10.97
N GLN D 63 -8.21 1.75 -10.56
CA GLN D 63 -8.79 0.64 -11.31
C GLN D 63 -10.09 1.08 -11.95
N ILE D 64 -10.18 0.91 -13.27
CA ILE D 64 -11.22 1.49 -14.10
C ILE D 64 -11.87 0.41 -14.94
N VAL D 65 -12.99 0.78 -15.55
CA VAL D 65 -13.50 0.12 -16.74
C VAL D 65 -13.22 1.06 -17.91
N PRO D 66 -12.64 0.57 -19.01
CA PRO D 66 -12.24 1.48 -20.09
C PRO D 66 -13.42 2.14 -20.77
N GLY D 67 -13.13 3.24 -21.46
CA GLY D 67 -14.18 3.97 -22.16
C GLY D 67 -14.76 3.20 -23.32
N ASN D 68 -13.98 2.29 -23.89
CA ASN D 68 -14.50 1.41 -24.93
C ASN D 68 -15.56 0.45 -24.38
N THR D 69 -15.30 -0.12 -23.21
CA THR D 69 -16.25 -1.07 -22.61
C THR D 69 -17.53 -0.36 -22.18
N MET D 70 -17.38 0.74 -21.45
CA MET D 70 -18.55 1.53 -20.97
C MET D 70 -19.31 2.07 -22.18
N ARG D 71 -18.59 2.56 -23.19
CA ARG D 71 -19.22 3.10 -24.42
C ARG D 71 -19.97 1.97 -25.13
N SER D 72 -19.36 0.79 -25.24
CA SER D 72 -20.05 -0.35 -25.88
C SER D 72 -21.29 -0.72 -25.06
N LEU D 73 -21.18 -0.71 -23.73
CA LEU D 73 -22.34 -1.04 -22.85
C LEU D 73 -23.48 -0.08 -23.17
N LEU D 74 -23.16 1.21 -23.34
CA LEU D 74 -24.17 2.25 -23.67
C LEU D 74 -24.77 1.94 -25.05
N ARG D 75 -23.90 1.53 -25.98
CA ARG D 75 -24.25 1.20 -27.39
C ARG D 75 -25.23 0.02 -27.42
N ARG D 76 -24.99 -0.98 -26.57
CA ARG D 76 -25.78 -2.19 -26.46
C ARG D 76 -27.08 -1.93 -25.69
N THR D 77 -27.03 -1.04 -24.69
CA THR D 77 -28.22 -0.75 -23.92
C THR D 77 -29.28 -0.02 -24.74
N MET D 78 -28.90 1.07 -25.44
CA MET D 78 -29.88 1.75 -26.28
C MET D 78 -30.27 0.90 -27.47
N LEU D 79 -29.38 0.04 -27.95
CA LEU D 79 -29.70 -0.79 -29.09
C LEU D 79 -30.70 -1.87 -28.71
N LYS D 80 -30.30 -2.78 -27.82
CA LYS D 80 -31.12 -3.92 -27.40
C LYS D 80 -32.31 -3.53 -26.52
N HIS D 81 -32.40 -2.28 -26.04
CA HIS D 81 -33.56 -1.88 -25.27
C HIS D 81 -34.46 -0.86 -25.97
N VAL D 82 -33.91 0.00 -26.82
CA VAL D 82 -34.73 1.04 -27.44
C VAL D 82 -34.76 0.89 -28.96
N ILE D 83 -33.59 0.71 -29.57
CA ILE D 83 -33.49 0.79 -31.03
C ILE D 83 -34.09 -0.43 -31.71
N GLU D 84 -33.49 -1.61 -31.49
CA GLU D 84 -34.04 -2.78 -32.19
C GLU D 84 -35.37 -3.32 -31.65
N PRO D 85 -35.74 -3.18 -30.32
CA PRO D 85 -37.14 -3.45 -29.96
C PRO D 85 -38.19 -2.62 -30.69
N ALA D 86 -37.98 -1.30 -30.77
CA ALA D 86 -38.93 -0.47 -31.51
C ALA D 86 -38.74 -0.58 -33.01
N LEU D 87 -37.65 -1.20 -33.46
CA LEU D 87 -37.36 -1.38 -34.87
C LEU D 87 -37.84 -2.72 -35.41
N VAL D 88 -38.04 -3.73 -34.55
CA VAL D 88 -38.76 -4.94 -34.93
C VAL D 88 -40.23 -4.86 -34.59
N GLU D 89 -40.68 -3.78 -33.97
CA GLU D 89 -42.11 -3.56 -33.76
C GLU D 89 -42.83 -3.37 -35.09
N LYS D 90 -42.15 -2.84 -36.09
CA LYS D 90 -42.59 -2.87 -37.47
C LYS D 90 -41.61 -3.73 -38.27
N GLY D 91 -41.80 -3.77 -39.59
CA GLY D 91 -41.03 -4.67 -40.41
C GLY D 91 -39.65 -4.21 -40.83
N ASN D 92 -39.03 -3.31 -40.06
CA ASN D 92 -37.71 -2.83 -40.40
C ASN D 92 -36.65 -3.85 -40.00
N LYS D 93 -35.75 -4.15 -40.93
CA LYS D 93 -34.68 -5.10 -40.68
C LYS D 93 -33.39 -4.57 -41.28
N LEU D 94 -32.27 -5.04 -40.72
CA LEU D 94 -30.94 -4.64 -41.15
C LEU D 94 -30.25 -5.82 -41.83
N SER D 95 -29.28 -5.49 -42.69
CA SER D 95 -28.37 -6.52 -43.14
C SER D 95 -27.40 -6.86 -42.00
N ILE D 96 -26.68 -7.96 -42.18
CA ILE D 96 -25.77 -8.42 -41.14
C ILE D 96 -24.55 -7.50 -41.06
N GLY D 97 -24.17 -6.88 -42.18
CA GLY D 97 -23.16 -5.83 -42.13
C GLY D 97 -23.69 -4.56 -41.48
N ALA D 98 -24.99 -4.29 -41.63
CA ALA D 98 -25.57 -3.14 -40.95
C ALA D 98 -25.68 -3.39 -39.46
N TYR D 99 -25.94 -4.64 -39.06
CA TYR D 99 -25.86 -5.03 -37.66
C TYR D 99 -24.44 -4.86 -37.12
N ALA D 100 -23.45 -5.24 -37.94
CA ALA D 100 -22.05 -5.11 -37.53
C ALA D 100 -21.65 -3.64 -37.37
N THR D 101 -22.13 -2.77 -38.25
CA THR D 101 -21.85 -1.35 -38.12
C THR D 101 -22.64 -0.71 -36.98
N ALA D 102 -23.81 -1.25 -36.66
CA ALA D 102 -24.55 -0.73 -35.52
C ALA D 102 -23.98 -1.17 -34.18
N TYR D 103 -23.30 -2.31 -34.13
CA TYR D 103 -22.76 -2.82 -32.87
C TYR D 103 -21.27 -2.57 -32.69
N SER D 104 -20.49 -2.55 -33.76
CA SER D 104 -19.05 -2.37 -33.65
C SER D 104 -18.54 -1.21 -34.48
N GLY D 105 -19.42 -0.39 -35.02
CA GLY D 105 -19.01 0.74 -35.85
C GLY D 105 -18.73 0.38 -37.29
N ASN D 106 -18.01 -0.72 -37.51
CA ASN D 106 -17.57 -1.11 -38.85
C ASN D 106 -18.15 -2.49 -39.17
N ALA D 107 -18.19 -2.79 -40.47
CA ALA D 107 -18.62 -4.11 -40.93
C ALA D 107 -17.47 -4.99 -41.40
N THR D 108 -16.27 -4.44 -41.56
CA THR D 108 -15.14 -5.24 -42.04
C THR D 108 -13.84 -4.61 -41.59
N GLY D 109 -12.78 -5.40 -41.70
CA GLY D 109 -11.44 -4.84 -41.71
C GLY D 109 -11.13 -4.26 -43.08
N ASN D 110 -9.89 -3.74 -43.19
CA ASN D 110 -9.45 -2.89 -44.29
C ASN D 110 -10.53 -1.93 -44.82
N PRO D 111 -10.91 -0.92 -44.04
CA PRO D 111 -11.94 0.01 -44.50
C PRO D 111 -11.42 0.89 -45.63
N ASP D 112 -12.35 1.38 -46.46
CA ASP D 112 -11.93 2.13 -47.64
C ASP D 112 -11.38 3.50 -47.28
N GLY D 113 -10.41 3.96 -48.06
CA GLY D 113 -9.77 5.24 -47.81
C GLY D 113 -10.49 6.44 -48.39
N VAL D 114 -11.60 6.21 -49.09
CA VAL D 114 -12.39 7.29 -49.68
C VAL D 114 -13.13 8.02 -48.56
N PRO D 115 -13.42 9.30 -48.71
CA PRO D 115 -14.21 10.01 -47.69
C PRO D 115 -15.69 9.78 -47.88
N SER D 116 -16.45 10.19 -46.88
CA SER D 116 -17.90 10.12 -46.94
C SER D 116 -18.47 11.45 -47.42
N SER D 117 -19.69 11.41 -47.93
CA SER D 117 -20.35 12.59 -48.47
C SER D 117 -20.74 13.55 -47.35
N PHE D 118 -20.79 14.84 -47.70
CA PHE D 118 -21.09 15.87 -46.71
C PHE D 118 -22.53 15.78 -46.21
N ASP D 119 -23.49 15.64 -47.12
CA ASP D 119 -24.88 15.50 -46.72
C ASP D 119 -25.10 14.18 -46.01
N GLU D 120 -24.35 13.14 -46.40
CA GLU D 120 -24.42 11.85 -45.72
C GLU D 120 -23.90 11.94 -44.28
N ILE D 121 -22.73 12.56 -44.10
CA ILE D 121 -22.15 12.78 -42.76
C ILE D 121 -23.09 13.60 -41.91
N ALA D 122 -23.72 14.60 -42.51
CA ALA D 122 -24.64 15.47 -41.78
C ALA D 122 -25.92 14.78 -41.36
N THR D 123 -26.47 13.91 -42.23
CA THR D 123 -27.73 13.26 -41.84
C THR D 123 -27.47 12.10 -40.89
N MET D 124 -26.25 11.54 -40.90
CA MET D 124 -25.97 10.49 -39.93
C MET D 124 -25.63 11.07 -38.56
N ARG D 125 -24.97 12.23 -38.52
CA ARG D 125 -24.70 12.86 -37.23
C ARG D 125 -25.93 13.47 -36.58
N ALA D 126 -27.02 13.63 -37.32
CA ALA D 126 -28.28 14.05 -36.73
C ALA D 126 -29.17 12.87 -36.37
N HIS D 127 -28.75 11.64 -36.68
CA HIS D 127 -29.52 10.44 -36.36
C HIS D 127 -29.50 10.21 -34.86
N PRO D 128 -30.59 9.67 -34.29
CA PRO D 128 -30.63 9.40 -32.84
C PRO D 128 -29.58 8.41 -32.35
N PHE D 129 -29.22 7.41 -33.16
CA PHE D 129 -28.23 6.41 -32.75
C PHE D 129 -26.92 6.52 -33.50
N ILE D 130 -26.96 6.73 -34.82
CA ILE D 130 -25.78 6.62 -35.67
C ILE D 130 -24.79 7.75 -35.37
N GLY D 131 -25.31 8.94 -35.05
CA GLY D 131 -24.45 10.06 -34.74
C GLY D 131 -23.63 9.89 -33.49
N LEU D 132 -24.12 9.08 -32.54
CA LEU D 132 -23.37 8.85 -31.32
C LEU D 132 -22.16 7.96 -31.55
N PHE D 133 -22.27 6.99 -32.46
CA PHE D 133 -21.17 6.10 -32.81
C PHE D 133 -21.02 6.05 -34.31
N GLY D 134 -20.11 6.84 -34.85
CA GLY D 134 -19.92 6.80 -36.27
C GLY D 134 -18.69 6.03 -36.71
N GLY D 135 -18.87 4.78 -37.09
CA GLY D 135 -17.80 4.04 -37.71
C GLY D 135 -18.05 3.94 -39.19
N GLY D 136 -17.92 2.71 -39.70
CA GLY D 136 -18.17 2.46 -41.08
C GLY D 136 -16.88 2.33 -41.86
N PRO D 137 -16.98 1.99 -43.15
CA PRO D 137 -15.76 1.89 -43.96
C PRO D 137 -15.15 3.24 -44.26
N ARG D 138 -15.99 4.29 -44.19
CA ARG D 138 -15.49 5.68 -44.28
C ARG D 138 -15.61 6.20 -42.83
N MET D 139 -14.49 6.62 -42.22
CA MET D 139 -14.52 7.02 -40.78
C MET D 139 -15.47 8.21 -40.58
N LEU D 140 -16.31 8.13 -39.54
CA LEU D 140 -17.29 9.18 -39.17
C LEU D 140 -17.11 9.47 -37.67
N GLU D 141 -17.13 10.75 -37.28
CA GLU D 141 -16.94 11.12 -35.85
C GLU D 141 -18.26 10.98 -35.08
N GLY D 142 -18.21 10.23 -33.99
CA GLY D 142 -19.33 9.98 -33.10
C GLY D 142 -19.58 11.18 -32.19
N ARG D 143 -20.85 11.54 -32.04
CA ARG D 143 -21.22 12.62 -31.13
C ARG D 143 -21.00 12.22 -29.68
N LEU D 144 -21.13 10.94 -29.35
CA LEU D 144 -20.97 10.46 -27.99
C LEU D 144 -19.50 10.43 -27.61
N MET D 145 -19.17 11.06 -26.49
CA MET D 145 -17.90 10.90 -25.82
C MET D 145 -18.18 10.10 -24.56
N VAL D 146 -17.53 8.95 -24.41
CA VAL D 146 -17.77 8.11 -23.23
C VAL D 146 -16.45 7.94 -22.50
N ASP D 147 -16.39 8.45 -21.28
CA ASP D 147 -15.19 8.42 -20.46
C ASP D 147 -15.17 7.10 -19.71
N SER D 148 -13.97 6.67 -19.32
CA SER D 148 -13.77 5.50 -18.47
C SER D 148 -14.50 5.66 -17.15
N LEU D 149 -15.00 4.57 -16.59
CA LEU D 149 -15.73 4.60 -15.33
C LEU D 149 -14.73 4.65 -14.18
N TYR D 150 -14.74 5.77 -13.43
CA TYR D 150 -13.74 6.01 -12.41
C TYR D 150 -14.37 5.80 -11.03
N PRO D 151 -13.75 5.07 -10.11
CA PRO D 151 -14.30 5.01 -8.75
C PRO D 151 -14.11 6.35 -8.05
N ILE D 152 -15.08 6.71 -7.20
CA ILE D 152 -14.95 7.94 -6.44
C ILE D 152 -13.93 7.66 -5.36
N HIS D 153 -12.69 8.04 -5.62
CA HIS D 153 -11.54 7.60 -4.86
C HIS D 153 -10.54 8.73 -4.76
N THR D 154 -9.74 8.72 -3.69
CA THR D 154 -8.80 9.79 -3.43
C THR D 154 -7.59 9.80 -4.36
N ASN D 155 -7.41 8.76 -5.18
CA ASN D 155 -6.41 8.79 -6.23
C ASN D 155 -6.90 9.49 -7.48
N ALA D 156 -8.17 9.88 -7.52
CA ALA D 156 -8.76 10.49 -8.71
C ALA D 156 -9.29 11.90 -8.45
N GLU D 157 -8.69 12.64 -7.51
CA GLU D 157 -9.13 14.01 -7.24
C GLU D 157 -8.78 14.94 -8.40
N ARG D 158 -7.71 14.64 -9.13
CA ARG D 158 -7.37 15.40 -10.32
C ARG D 158 -8.19 14.96 -11.52
N ILE D 159 -9.00 13.92 -11.36
CA ILE D 159 -9.94 13.47 -12.38
C ILE D 159 -11.34 13.99 -12.11
N LEU D 160 -11.73 14.05 -10.84
CA LEU D 160 -13.12 14.12 -10.44
C LEU D 160 -13.48 15.59 -10.20
N GLY D 161 -14.73 15.95 -10.48
CA GLY D 161 -15.17 17.31 -10.26
C GLY D 161 -15.46 17.60 -8.79
N ALA D 162 -15.77 18.86 -8.52
CA ALA D 162 -16.05 19.29 -7.16
C ALA D 162 -17.44 18.86 -6.72
N GLY D 163 -17.64 18.84 -5.41
CA GLY D 163 -18.91 18.43 -4.83
C GLY D 163 -19.00 16.95 -4.51
N TYR D 164 -18.01 16.16 -4.92
CA TYR D 164 -17.97 14.74 -4.63
C TYR D 164 -16.89 14.39 -3.60
N GLU D 165 -16.42 15.38 -2.83
CA GLU D 165 -15.41 15.13 -1.81
C GLU D 165 -15.99 14.34 -0.64
N ASN D 166 -17.28 14.51 -0.38
CA ASN D 166 -17.96 13.67 0.59
C ASN D 166 -18.29 12.32 -0.03
N GLU D 167 -18.73 11.38 0.82
CA GLU D 167 -19.07 9.97 0.52
C GLU D 167 -18.01 9.27 -0.36
N MET D 168 -16.75 9.65 -0.14
CA MET D 168 -15.65 9.33 -1.04
C MET D 168 -14.61 8.53 -0.27
N MET D 169 -14.34 7.34 -0.82
CA MET D 169 -13.43 6.29 -0.28
C MET D 169 -11.96 6.60 -0.60
N SER D 170 -11.06 5.93 0.13
CA SER D 170 -9.58 6.05 -0.04
C SER D 170 -8.94 4.68 0.23
N GLY D 171 -7.69 4.48 -0.18
CA GLY D 171 -6.97 3.21 0.05
C GLY D 171 -7.13 2.22 -1.09
N PRO D 172 -6.55 1.00 -0.99
CA PRO D 172 -6.64 0.01 -2.07
C PRO D 172 -8.09 -0.39 -2.37
N ILE D 173 -8.42 -0.50 -3.67
CA ILE D 173 -9.81 -0.83 -4.10
C ILE D 173 -9.87 -2.22 -4.75
N THR D 174 -8.81 -3.02 -4.69
CA THR D 174 -8.90 -4.32 -5.34
C THR D 174 -8.83 -5.47 -4.35
N GLN D 175 -9.22 -6.64 -4.86
CA GLN D 175 -9.10 -7.91 -4.16
C GLN D 175 -8.78 -8.99 -5.18
N VAL D 176 -7.80 -9.84 -4.86
CA VAL D 176 -7.52 -11.02 -5.68
C VAL D 176 -8.52 -12.11 -5.31
N VAL D 177 -9.22 -12.65 -6.31
CA VAL D 177 -10.22 -13.69 -6.14
C VAL D 177 -9.74 -14.92 -6.88
N TRP D 178 -9.72 -16.07 -6.20
CA TRP D 178 -9.09 -17.28 -6.70
C TRP D 178 -10.10 -18.30 -7.16
N ALA D 179 -10.00 -18.65 -8.45
CA ALA D 179 -10.89 -19.67 -9.05
C ALA D 179 -10.02 -20.88 -9.37
N ARG D 180 -10.40 -22.05 -8.88
CA ARG D 180 -9.61 -23.28 -9.13
C ARG D 180 -10.39 -24.18 -10.07
N ARG D 181 -9.78 -24.59 -11.18
CA ARG D 181 -10.50 -25.49 -12.10
C ARG D 181 -10.35 -26.90 -11.51
N MET D 182 -11.46 -27.49 -11.08
CA MET D 182 -11.39 -28.83 -10.44
C MET D 182 -11.95 -29.88 -11.40
N ASP D 183 -11.12 -30.89 -11.71
CA ASP D 183 -11.59 -31.98 -12.56
C ASP D 183 -12.83 -32.61 -11.95
N PRO D 184 -13.96 -32.65 -12.68
CA PRO D 184 -15.23 -33.09 -12.07
C PRO D 184 -15.33 -34.59 -11.84
N ILE D 185 -14.60 -35.39 -12.60
CA ILE D 185 -14.78 -36.84 -12.51
C ILE D 185 -14.07 -37.43 -11.30
N LEU D 186 -13.22 -36.67 -10.62
CA LEU D 186 -12.70 -37.11 -9.34
C LEU D 186 -13.68 -36.87 -8.21
N ASN D 187 -14.71 -36.07 -8.45
CA ASN D 187 -15.80 -35.86 -7.50
C ASN D 187 -16.84 -36.97 -7.60
N LEU D 188 -16.77 -37.78 -8.66
CA LEU D 188 -17.67 -38.92 -8.85
C LEU D 188 -17.50 -39.94 -7.73
N GLY D 189 -18.53 -40.06 -6.90
CA GLY D 189 -18.44 -40.82 -5.67
C GLY D 189 -18.97 -42.23 -5.70
N SER D 190 -19.54 -42.67 -6.82
CA SER D 190 -20.07 -44.04 -6.89
C SER D 190 -20.14 -44.51 -8.33
N SER D 191 -20.33 -45.81 -8.52
CA SER D 191 -20.71 -46.32 -9.83
C SER D 191 -22.16 -46.01 -10.16
N GLU D 192 -22.93 -45.59 -9.15
CA GLU D 192 -24.33 -45.16 -9.43
C GLU D 192 -24.25 -43.91 -10.32
N ASP D 193 -23.33 -43.00 -10.00
CA ASP D 193 -23.07 -41.72 -10.72
C ASP D 193 -22.49 -41.96 -12.12
N VAL D 194 -21.63 -42.97 -12.28
CA VAL D 194 -20.88 -43.26 -13.54
C VAL D 194 -21.76 -43.86 -14.65
N GLU D 195 -23.01 -44.24 -14.35
CA GLU D 195 -23.89 -44.87 -15.36
C GLU D 195 -24.09 -43.94 -16.56
N VAL D 196 -24.27 -42.64 -16.32
CA VAL D 196 -24.52 -41.68 -17.38
C VAL D 196 -23.27 -41.38 -18.22
N ILE D 197 -22.10 -41.29 -17.58
CA ILE D 197 -20.83 -41.26 -18.30
C ILE D 197 -20.64 -42.54 -19.11
N ASN D 198 -20.06 -42.38 -20.31
CA ASN D 198 -19.90 -43.42 -21.32
C ASN D 198 -19.06 -44.59 -20.80
N GLY D 199 -19.48 -45.79 -21.16
CA GLY D 199 -18.72 -46.99 -20.89
C GLY D 199 -18.74 -47.47 -19.45
N GLY D 200 -19.47 -46.77 -18.60
CA GLY D 200 -19.38 -47.06 -17.18
C GLY D 200 -18.03 -46.65 -16.64
N ALA D 201 -17.35 -47.60 -16.00
CA ALA D 201 -16.13 -47.29 -15.26
C ALA D 201 -14.92 -47.11 -16.16
N VAL D 202 -14.96 -47.66 -17.37
CA VAL D 202 -13.73 -47.79 -18.16
C VAL D 202 -13.27 -46.44 -18.71
N ALA D 203 -14.20 -45.55 -19.08
CA ALA D 203 -13.80 -44.25 -19.60
C ALA D 203 -13.32 -43.33 -18.48
N ALA D 204 -13.93 -43.44 -17.30
CA ALA D 204 -13.47 -42.67 -16.15
C ALA D 204 -12.07 -43.10 -15.74
N ASN D 205 -11.82 -44.42 -15.72
CA ASN D 205 -10.48 -44.90 -15.38
C ASN D 205 -9.49 -44.59 -16.49
N GLY D 206 -9.95 -44.51 -17.74
CA GLY D 206 -9.08 -44.06 -18.83
C GLY D 206 -8.68 -42.60 -18.70
N TRP D 207 -9.61 -41.77 -18.23
CA TRP D 207 -9.27 -40.37 -17.95
C TRP D 207 -8.34 -40.26 -16.75
N ILE D 208 -8.47 -41.15 -15.76
CA ILE D 208 -7.49 -41.16 -14.66
C ILE D 208 -6.11 -41.57 -15.16
N GLN D 209 -6.09 -42.57 -16.05
CA GLN D 209 -4.80 -43.02 -16.65
C GLN D 209 -4.23 -41.83 -17.44
N ASP D 210 -5.10 -41.12 -18.14
CA ASP D 210 -4.70 -39.93 -18.95
C ASP D 210 -4.14 -38.86 -18.01
N LEU D 211 -4.80 -38.63 -16.87
CA LEU D 211 -4.35 -37.61 -15.88
C LEU D 211 -2.97 -38.01 -15.34
N LEU D 212 -2.80 -39.30 -15.04
CA LEU D 212 -1.54 -39.81 -14.49
C LEU D 212 -0.40 -39.66 -15.49
N ALA D 213 -0.67 -39.89 -16.78
CA ALA D 213 0.35 -39.70 -17.80
C ALA D 213 0.73 -38.24 -17.94
N ASN D 214 -0.26 -37.33 -17.91
CA ASN D 214 0.02 -35.90 -17.99
C ASN D 214 0.75 -35.41 -16.75
N SER D 215 0.40 -35.94 -15.57
CA SER D 215 1.08 -35.56 -14.34
C SER D 215 2.52 -36.05 -14.33
N LYS D 216 2.76 -37.25 -14.85
CA LYS D 216 4.13 -37.77 -14.91
C LYS D 216 4.95 -36.98 -15.91
N ALA D 217 4.34 -36.60 -17.03
CA ALA D 217 5.03 -35.79 -18.04
C ALA D 217 5.36 -34.40 -17.51
N ALA D 218 4.42 -33.77 -16.80
CA ALA D 218 4.68 -32.44 -16.25
C ALA D 218 5.68 -32.49 -15.10
N ALA D 219 5.66 -33.56 -14.32
CA ALA D 219 6.59 -33.67 -13.19
C ALA D 219 8.00 -33.98 -13.66
N SER D 220 8.14 -34.86 -14.67
CA SER D 220 9.46 -35.19 -15.18
C SER D 220 10.00 -34.07 -16.06
N LYS D 221 9.12 -33.28 -16.68
CA LYS D 221 9.56 -32.09 -17.38
C LYS D 221 10.08 -31.04 -16.39
N LYS D 222 9.41 -30.90 -15.25
CA LYS D 222 9.83 -29.96 -14.22
C LYS D 222 11.07 -30.47 -13.49
N GLY D 240 -0.41 -32.50 -24.58
CA GLY D 240 -1.56 -31.64 -24.39
C GLY D 240 -1.52 -30.90 -23.06
N ARG D 241 -2.68 -30.79 -22.42
CA ARG D 241 -2.79 -30.11 -21.14
C ARG D 241 -3.97 -30.69 -20.37
N GLY D 242 -3.86 -30.67 -19.05
CA GLY D 242 -4.91 -31.21 -18.20
C GLY D 242 -6.06 -30.23 -18.04
N LEU D 243 -7.06 -30.74 -17.30
CA LEU D 243 -8.31 -29.99 -17.03
C LEU D 243 -8.17 -29.24 -15.71
N LYS D 244 -7.13 -29.54 -14.94
CA LYS D 244 -6.98 -28.78 -13.68
C LYS D 244 -6.74 -27.34 -14.14
N ALA D 245 -7.56 -26.41 -13.66
CA ALA D 245 -7.42 -25.01 -14.09
C ALA D 245 -7.42 -24.14 -12.84
N PHE D 246 -6.36 -24.21 -12.05
CA PHE D 246 -6.31 -23.38 -10.81
C PHE D 246 -5.81 -21.97 -11.16
N ASN D 247 -6.58 -20.92 -10.83
CA ASN D 247 -6.19 -19.53 -11.19
C ASN D 247 -6.84 -18.49 -10.27
N ALA D 248 -6.34 -17.24 -10.33
CA ALA D 248 -6.85 -16.09 -9.55
C ALA D 248 -6.99 -14.85 -10.46
N HIS D 249 -7.99 -14.00 -10.20
CA HIS D 249 -8.25 -12.78 -11.02
C HIS D 249 -8.51 -11.59 -10.09
N GLU D 250 -7.90 -10.43 -10.37
CA GLU D 250 -8.07 -9.28 -9.50
C GLU D 250 -9.37 -8.55 -9.87
N VAL D 251 -10.19 -8.25 -8.88
CA VAL D 251 -11.44 -7.53 -9.10
C VAL D 251 -11.42 -6.25 -8.28
N VAL D 252 -12.28 -5.33 -8.67
CA VAL D 252 -12.54 -4.11 -7.91
C VAL D 252 -13.71 -4.41 -6.98
N ILE D 253 -13.55 -4.02 -5.71
CA ILE D 253 -14.44 -4.45 -4.64
C ILE D 253 -15.82 -3.80 -4.78
N PRO D 254 -16.90 -4.44 -4.30
CA PRO D 254 -18.23 -3.86 -4.50
C PRO D 254 -18.62 -2.81 -3.48
N GLY D 255 -19.80 -2.23 -3.65
CA GLY D 255 -20.29 -1.17 -2.80
C GLY D 255 -19.75 0.20 -3.11
N LEU D 256 -18.83 0.30 -4.07
CA LEU D 256 -18.19 1.56 -4.42
C LEU D 256 -19.15 2.47 -5.15
N LYS D 257 -18.96 3.76 -4.96
CA LYS D 257 -19.61 4.75 -5.80
C LYS D 257 -18.62 5.16 -6.89
N TRP D 258 -19.08 5.16 -8.12
CA TRP D 258 -18.24 5.51 -9.25
C TRP D 258 -18.85 6.69 -9.99
N VAL D 259 -18.02 7.38 -10.76
CA VAL D 259 -18.44 8.43 -11.65
C VAL D 259 -18.26 7.94 -13.09
N TRP D 260 -19.19 8.33 -13.95
CA TRP D 260 -19.15 8.01 -15.37
C TRP D 260 -19.62 9.24 -16.12
N ARG D 261 -18.80 9.70 -17.06
CA ARG D 261 -19.07 10.95 -17.76
C ARG D 261 -19.32 10.67 -19.23
N ILE D 262 -20.49 11.08 -19.69
CA ILE D 262 -21.01 10.79 -21.02
C ILE D 262 -21.28 12.14 -21.68
N SER D 263 -20.29 12.65 -22.41
CA SER D 263 -20.38 13.96 -23.03
C SER D 263 -21.01 13.85 -24.43
N LEU D 264 -21.59 14.96 -24.86
CA LEU D 264 -22.20 15.05 -26.19
C LEU D 264 -21.95 16.46 -26.72
N ASP D 265 -21.14 16.57 -27.76
CA ASP D 265 -20.79 17.88 -28.32
C ASP D 265 -21.86 18.27 -29.34
N ARG D 266 -22.56 19.39 -29.06
CA ARG D 266 -23.68 19.94 -29.81
C ARG D 266 -24.75 18.89 -30.04
N PRO D 267 -25.42 18.41 -28.99
CA PRO D 267 -26.28 17.22 -29.16
C PRO D 267 -27.65 17.58 -29.70
N THR D 268 -28.21 16.66 -30.48
CA THR D 268 -29.63 16.73 -30.80
C THR D 268 -30.43 16.37 -29.56
N ASP D 269 -31.67 16.85 -29.52
CA ASP D 269 -32.57 16.56 -28.41
C ASP D 269 -32.87 15.07 -28.32
N ALA D 270 -33.04 14.43 -29.48
CA ALA D 270 -33.38 13.01 -29.53
C ALA D 270 -32.22 12.13 -29.08
N GLN D 271 -30.98 12.52 -29.37
CA GLN D 271 -29.83 11.73 -28.98
C GLN D 271 -29.65 11.72 -27.47
N VAL D 272 -29.81 12.89 -26.84
CA VAL D 272 -29.75 12.98 -25.38
C VAL D 272 -30.91 12.22 -24.76
N GLY D 273 -32.09 12.27 -25.40
CA GLY D 273 -33.22 11.47 -24.95
C GLY D 273 -32.96 9.97 -25.05
N LEU D 274 -32.20 9.55 -26.05
CA LEU D 274 -31.89 8.13 -26.21
C LEU D 274 -30.89 7.66 -25.15
N VAL D 275 -29.87 8.48 -24.86
CA VAL D 275 -28.95 8.17 -23.77
C VAL D 275 -29.68 8.20 -22.43
N LEU D 276 -30.66 9.09 -22.29
CA LEU D 276 -31.48 9.16 -21.08
C LEU D 276 -32.34 7.92 -20.91
N LEU D 277 -32.90 7.42 -22.01
CA LEU D 277 -33.70 6.19 -21.93
C LEU D 277 -32.81 4.99 -21.65
N ALA D 278 -31.57 5.01 -22.13
CA ALA D 278 -30.61 3.98 -21.76
C ALA D 278 -30.29 4.02 -20.27
N LEU D 279 -30.10 5.22 -19.73
CA LEU D 279 -29.80 5.35 -18.31
C LEU D 279 -31.01 4.95 -17.48
N ASN D 280 -32.20 5.18 -18.00
CA ASN D 280 -33.41 4.69 -17.35
C ASN D 280 -33.58 3.18 -17.48
N LYS D 281 -32.92 2.55 -18.46
CA LYS D 281 -32.94 1.09 -18.63
C LYS D 281 -31.59 0.46 -18.40
N MET D 282 -30.75 1.06 -17.55
CA MET D 282 -29.46 0.48 -17.18
C MET D 282 -29.58 -0.66 -16.19
N THR D 283 -30.78 -0.92 -15.67
CA THR D 283 -31.00 -1.99 -14.70
C THR D 283 -30.73 -3.35 -15.33
N ASN D 284 -30.28 -4.29 -14.48
CA ASN D 284 -29.78 -5.64 -14.81
C ASN D 284 -28.92 -5.66 -16.07
N GLU D 285 -27.86 -4.85 -16.04
CA GLU D 285 -26.79 -4.89 -17.04
C GLU D 285 -25.47 -5.09 -16.31
N ARG D 286 -24.57 -5.84 -16.91
CA ARG D 286 -23.27 -6.09 -16.32
C ARG D 286 -22.22 -5.22 -17.00
N ILE D 287 -21.30 -4.68 -16.21
CA ILE D 287 -20.43 -3.62 -16.71
C ILE D 287 -19.31 -4.18 -17.59
N ALA D 288 -18.45 -5.01 -17.02
CA ALA D 288 -17.16 -5.24 -17.67
C ALA D 288 -16.94 -6.67 -18.12
N GLY D 289 -16.96 -7.63 -17.21
CA GLY D 289 -16.57 -8.97 -17.54
C GLY D 289 -16.76 -9.87 -16.34
N GLY D 290 -16.45 -11.16 -16.54
CA GLY D 290 -16.79 -12.14 -15.54
C GLY D 290 -18.29 -12.26 -15.44
N HIS D 291 -18.92 -12.67 -16.55
CA HIS D 291 -20.38 -12.73 -16.60
C HIS D 291 -20.92 -13.86 -15.74
N SER D 292 -20.16 -14.94 -15.60
CA SER D 292 -20.64 -16.11 -14.85
C SER D 292 -20.72 -15.83 -13.36
N LYS D 293 -19.89 -14.91 -12.86
CA LYS D 293 -19.82 -14.61 -11.44
C LYS D 293 -20.62 -13.37 -11.05
N ASP D 294 -21.59 -12.96 -11.87
CA ASP D 294 -22.47 -11.81 -11.66
C ASP D 294 -21.71 -10.49 -11.55
N TYR D 295 -20.49 -10.42 -12.07
CA TYR D 295 -19.68 -9.22 -11.91
C TYR D 295 -20.18 -8.10 -12.81
N GLY D 296 -20.37 -6.92 -12.24
CA GLY D 296 -20.79 -5.76 -13.00
C GLY D 296 -22.21 -5.31 -12.77
N ARG D 297 -22.92 -5.91 -11.81
CA ARG D 297 -24.26 -5.44 -11.49
C ARG D 297 -24.18 -4.14 -10.72
N PHE D 298 -24.99 -3.16 -11.14
CA PHE D 298 -24.88 -1.83 -10.58
C PHE D 298 -26.26 -1.24 -10.40
N VAL D 299 -26.37 -0.34 -9.42
CA VAL D 299 -27.55 0.47 -9.20
C VAL D 299 -27.10 1.92 -9.23
N ILE D 300 -27.56 2.67 -10.23
CA ILE D 300 -27.07 4.03 -10.42
C ILE D 300 -27.73 4.94 -9.40
N ASP D 301 -26.90 5.67 -8.64
CA ASP D 301 -27.43 6.49 -7.57
C ASP D 301 -27.94 7.82 -8.12
N GLY D 302 -27.26 8.39 -9.10
CA GLY D 302 -27.70 9.65 -9.67
C GLY D 302 -27.23 9.87 -11.08
N VAL D 303 -27.94 10.72 -11.82
CA VAL D 303 -27.47 11.25 -13.09
C VAL D 303 -27.42 12.77 -12.98
N SER D 304 -26.32 13.36 -13.44
CA SER D 304 -26.21 14.81 -13.50
C SER D 304 -26.30 15.24 -14.95
N LEU D 305 -27.47 15.76 -15.33
CA LEU D 305 -27.67 16.36 -16.64
C LEU D 305 -27.22 17.80 -16.55
N ASN D 306 -26.09 18.09 -17.23
CA ASN D 306 -25.33 19.37 -17.31
C ASN D 306 -25.38 20.19 -16.01
N GLY D 307 -25.14 19.51 -14.89
CA GLY D 307 -25.11 20.15 -13.59
C GLY D 307 -26.33 19.94 -12.72
N GLU D 308 -27.46 19.51 -13.28
CA GLU D 308 -28.70 19.36 -12.52
C GLU D 308 -28.93 17.90 -12.17
N GLN D 309 -29.50 17.66 -11.00
CA GLN D 309 -29.71 16.30 -10.51
C GLN D 309 -31.13 15.87 -10.84
N VAL D 310 -31.26 14.86 -11.69
CA VAL D 310 -32.56 14.51 -12.26
C VAL D 310 -32.83 13.01 -12.08
N TRP D 311 -32.24 12.42 -11.04
CA TRP D 311 -32.50 11.02 -10.70
C TRP D 311 -33.24 10.87 -9.37
N SER D 312 -34.39 10.22 -9.45
CA SER D 312 -35.12 9.58 -8.34
C SER D 312 -35.02 8.07 -8.53
N GLN D 313 -35.35 7.33 -7.46
CA GLN D 313 -35.06 5.88 -7.45
C GLN D 313 -35.95 5.10 -8.42
N SER D 314 -37.09 5.67 -8.83
CA SER D 314 -37.91 5.02 -9.85
C SER D 314 -37.23 5.10 -11.22
N GLY D 315 -36.73 6.27 -11.58
CA GLY D 315 -36.09 6.44 -12.88
C GLY D 315 -35.59 7.84 -13.14
N ILE D 316 -35.87 8.37 -14.33
CA ILE D 316 -35.49 9.75 -14.61
C ILE D 316 -36.53 10.70 -14.05
N THR D 317 -37.77 10.62 -14.57
CA THR D 317 -38.93 11.45 -14.16
C THR D 317 -38.64 12.95 -14.26
N GLY D 318 -37.93 13.36 -15.30
CA GLY D 318 -37.63 14.76 -15.51
C GLY D 318 -37.06 14.97 -16.89
N GLY D 319 -37.09 16.23 -17.33
CA GLY D 319 -36.62 16.58 -18.66
C GLY D 319 -37.49 15.97 -19.73
N GLU D 320 -38.76 16.41 -19.80
CA GLU D 320 -39.73 15.78 -20.68
C GLU D 320 -39.44 16.05 -22.16
N GLN D 321 -38.66 17.09 -22.45
CA GLN D 321 -38.32 17.41 -23.83
C GLN D 321 -37.44 16.33 -24.45
N TYR D 322 -36.56 15.73 -23.65
CA TYR D 322 -35.68 14.68 -24.15
C TYR D 322 -36.46 13.39 -24.43
N PHE D 323 -37.40 13.05 -23.54
CA PHE D 323 -38.20 11.85 -23.73
C PHE D 323 -39.18 12.02 -24.88
N ASP D 324 -39.77 13.22 -25.05
CA ASP D 324 -40.64 13.46 -26.19
C ASP D 324 -39.85 13.45 -27.51
N ALA D 325 -38.63 14.01 -27.49
CA ALA D 325 -37.79 14.02 -28.68
C ALA D 325 -37.41 12.60 -29.10
N VAL D 326 -37.01 11.76 -28.13
CA VAL D 326 -36.62 10.40 -28.48
C VAL D 326 -37.86 9.56 -28.84
N ALA D 327 -39.02 9.90 -28.28
CA ALA D 327 -40.25 9.18 -28.63
C ALA D 327 -40.64 9.45 -30.07
N GLU D 328 -40.64 10.72 -30.48
CA GLU D 328 -40.95 11.05 -31.87
C GLU D 328 -39.82 10.64 -32.80
N ALA D 329 -38.62 10.45 -32.26
CA ALA D 329 -37.53 9.93 -33.09
C ALA D 329 -37.69 8.43 -33.36
N ILE D 330 -38.07 7.66 -32.35
CA ILE D 330 -38.15 6.22 -32.53
C ILE D 330 -39.47 5.80 -33.18
N ASP D 331 -40.50 6.66 -33.14
CA ASP D 331 -41.65 6.41 -34.01
C ASP D 331 -41.28 6.59 -35.48
N GLY D 332 -40.43 7.57 -35.78
CA GLY D 332 -39.95 7.76 -37.13
C GLY D 332 -38.70 6.99 -37.47
N LEU D 333 -38.28 6.07 -36.60
CA LEU D 333 -37.05 5.32 -36.84
C LEU D 333 -37.26 4.26 -37.91
N SER D 334 -36.27 4.14 -38.79
CA SER D 334 -36.27 3.15 -39.85
C SER D 334 -34.86 2.60 -40.02
N SER D 335 -34.75 1.54 -40.82
CA SER D 335 -33.46 0.89 -41.01
C SER D 335 -32.61 1.54 -42.09
N LYS D 336 -33.21 2.35 -42.97
CA LYS D 336 -32.54 2.83 -44.16
C LYS D 336 -31.36 3.72 -43.84
N GLU D 337 -31.43 4.42 -42.70
CA GLU D 337 -30.29 5.17 -42.19
C GLU D 337 -29.12 4.24 -41.87
N PHE D 338 -29.41 3.09 -41.27
CA PHE D 338 -28.36 2.12 -40.96
C PHE D 338 -27.78 1.48 -42.22
N GLU D 339 -28.62 1.20 -43.22
CA GLU D 339 -28.06 0.72 -44.48
C GLU D 339 -27.17 1.76 -45.15
N GLN D 340 -27.65 3.01 -45.28
CA GLN D 340 -26.81 4.00 -45.95
C GLN D 340 -25.61 4.40 -45.10
N PHE D 341 -25.63 4.06 -43.81
CA PHE D 341 -24.40 4.09 -43.02
C PHE D 341 -23.50 2.90 -43.35
N ALA D 342 -24.07 1.78 -43.79
CA ALA D 342 -23.38 0.50 -43.77
C ALA D 342 -22.68 0.09 -45.07
N GLN D 343 -23.27 0.33 -46.25
CA GLN D 343 -22.61 -0.03 -47.51
C GLN D 343 -21.31 0.73 -47.74
N SER D 344 -20.29 0.00 -48.21
CA SER D 344 -19.02 0.59 -48.57
C SER D 344 -19.13 1.35 -49.88
N ALA D 345 -18.47 2.49 -49.95
CA ALA D 345 -18.44 3.26 -51.19
C ALA D 345 -17.64 2.53 -52.27
N LYS D 346 -16.58 1.83 -51.87
CA LYS D 346 -15.79 1.04 -52.81
C LYS D 346 -16.46 -0.31 -53.06
N MET E 1 -34.05 -12.33 -14.98
CA MET E 1 -35.01 -12.26 -13.88
C MET E 1 -34.28 -12.23 -12.55
N GLN E 2 -34.78 -11.43 -11.62
CA GLN E 2 -34.12 -11.24 -10.33
C GLN E 2 -34.61 -12.31 -9.36
N ILE E 3 -33.66 -13.05 -8.78
CA ILE E 3 -33.95 -14.07 -7.79
C ILE E 3 -33.14 -13.71 -6.56
N GLU E 4 -33.82 -13.47 -5.46
CA GLU E 4 -33.19 -12.97 -4.25
C GLU E 4 -33.48 -14.00 -3.18
N VAL E 5 -32.63 -15.02 -3.03
CA VAL E 5 -33.00 -16.07 -2.09
C VAL E 5 -32.48 -15.63 -0.74
N THR E 6 -33.19 -16.06 0.29
CA THR E 6 -32.97 -15.66 1.67
C THR E 6 -32.74 -16.94 2.47
N VAL E 7 -31.49 -17.20 2.80
CA VAL E 7 -31.12 -18.41 3.53
C VAL E 7 -30.60 -17.96 4.89
N ARG E 8 -30.75 -18.80 5.89
CA ARG E 8 -30.01 -18.64 7.13
C ARG E 8 -29.17 -19.89 7.28
N ASN E 9 -27.87 -19.72 7.51
CA ASN E 9 -27.03 -20.89 7.63
C ASN E 9 -27.25 -21.51 9.00
N ILE E 10 -27.48 -22.81 9.01
CA ILE E 10 -27.77 -23.51 10.25
C ILE E 10 -26.46 -23.91 10.92
N THR E 11 -25.37 -23.95 10.16
CA THR E 11 -24.06 -24.43 10.56
C THR E 11 -23.03 -23.35 10.24
N PRO E 12 -21.86 -23.39 10.88
CA PRO E 12 -20.77 -22.48 10.50
C PRO E 12 -20.34 -22.65 9.05
N ILE E 13 -20.07 -21.54 8.38
CA ILE E 13 -19.68 -21.54 6.98
C ILE E 13 -18.17 -21.33 6.89
N PHE E 14 -17.48 -22.21 6.18
CA PHE E 14 -16.03 -22.11 6.01
C PHE E 14 -15.70 -22.28 4.54
N SER E 15 -15.27 -21.20 3.88
CA SER E 15 -14.80 -21.26 2.50
C SER E 15 -13.33 -20.91 2.50
N ALA E 16 -12.48 -21.88 2.12
CA ALA E 16 -11.04 -21.79 2.36
C ALA E 16 -10.40 -20.63 1.62
N ALA E 17 -9.52 -19.92 2.32
CA ALA E 17 -8.84 -18.80 1.70
C ALA E 17 -7.46 -19.22 1.24
N PRO E 18 -7.13 -19.04 -0.04
CA PRO E 18 -5.78 -19.34 -0.51
C PRO E 18 -4.74 -18.42 0.12
N GLY E 19 -3.56 -18.99 0.37
CA GLY E 19 -2.48 -18.28 1.01
C GLY E 19 -1.86 -19.13 2.10
N SER E 20 -1.15 -18.48 3.00
CA SER E 20 -0.52 -19.14 4.14
C SER E 20 -0.75 -18.23 5.34
N ASN E 21 -1.85 -18.44 6.04
CA ASN E 21 -2.16 -17.63 7.21
C ASN E 21 -1.68 -18.34 8.46
N TYR E 22 -1.58 -17.59 9.56
CA TYR E 22 -1.09 -18.15 10.81
C TYR E 22 -1.83 -17.49 11.95
N ILE E 23 -1.81 -18.14 13.11
CA ILE E 23 -2.50 -17.64 14.29
C ILE E 23 -1.79 -18.16 15.54
N THR E 24 -1.80 -17.36 16.61
CA THR E 24 -1.33 -17.81 17.91
C THR E 24 -2.38 -18.68 18.59
N ILE E 25 -2.13 -18.99 19.86
CA ILE E 25 -3.12 -19.68 20.70
C ILE E 25 -4.38 -18.82 20.85
N ASP E 26 -4.20 -17.52 21.06
CA ASP E 26 -5.30 -16.59 21.09
C ASP E 26 -5.68 -16.19 19.65
N GLY E 27 -6.49 -15.14 19.53
CA GLY E 27 -7.03 -14.77 18.23
C GLY E 27 -6.14 -13.90 17.37
N THR E 28 -4.86 -13.80 17.71
CA THR E 28 -3.93 -12.98 16.94
C THR E 28 -3.62 -13.65 15.61
N ILE E 29 -4.21 -13.14 14.54
CA ILE E 29 -4.07 -13.69 13.19
C ILE E 29 -2.85 -13.07 12.55
N ASN E 30 -2.07 -13.91 11.85
CA ASN E 30 -0.80 -13.53 11.23
C ASN E 30 0.18 -12.86 12.20
N PRO E 31 0.78 -13.64 13.10
CA PRO E 31 1.66 -13.06 14.10
C PRO E 31 2.98 -12.66 13.48
N PRO E 32 3.73 -11.74 14.11
CA PRO E 32 5.11 -11.52 13.69
C PRO E 32 5.96 -12.72 14.02
N PRO E 33 7.06 -12.94 13.28
CA PRO E 33 7.87 -14.15 13.50
C PRO E 33 8.58 -14.14 14.84
N GLY E 34 8.83 -15.34 15.36
CA GLY E 34 9.45 -15.55 16.65
C GLY E 34 8.57 -16.25 17.66
N VAL E 35 7.27 -15.96 17.66
CA VAL E 35 6.31 -16.59 18.55
C VAL E 35 5.80 -17.85 17.85
N SER E 36 5.50 -18.88 18.64
CA SER E 36 4.99 -20.14 18.10
C SER E 36 3.64 -19.94 17.44
N ARG E 37 3.62 -19.98 16.11
CA ARG E 37 2.42 -19.71 15.33
C ARG E 37 1.97 -20.97 14.62
N PHE E 38 0.66 -21.15 14.51
CA PHE E 38 -0.01 -22.31 13.95
C PHE E 38 -0.54 -21.97 12.56
N PRO E 39 -0.48 -22.91 11.61
CA PRO E 39 -1.04 -22.65 10.28
C PRO E 39 -2.55 -22.47 10.31
N LEU E 40 -3.03 -21.58 9.45
CA LEU E 40 -4.42 -21.16 9.41
C LEU E 40 -4.78 -20.77 7.99
N VAL E 41 -5.91 -21.33 7.53
CA VAL E 41 -6.63 -20.83 6.38
C VAL E 41 -7.92 -20.19 6.90
N ARG E 42 -8.41 -19.19 6.20
CA ARG E 42 -9.53 -18.41 6.69
C ARG E 42 -10.76 -18.60 5.81
N THR E 43 -11.87 -18.02 6.26
CA THR E 43 -13.05 -17.91 5.42
C THR E 43 -12.73 -17.00 4.25
N ARG E 44 -13.21 -17.39 3.05
CA ARG E 44 -13.06 -16.54 1.87
C ARG E 44 -13.73 -15.20 2.10
N MET E 45 -13.00 -14.15 1.76
CA MET E 45 -13.26 -12.81 2.22
C MET E 45 -13.38 -11.89 1.02
N MET E 46 -14.30 -10.92 1.11
CA MET E 46 -14.43 -9.91 0.08
C MET E 46 -14.55 -8.57 0.76
N TYR E 47 -13.72 -7.61 0.34
CA TYR E 47 -13.85 -6.26 0.85
C TYR E 47 -15.09 -5.60 0.27
N VAL E 48 -15.83 -4.89 1.10
CA VAL E 48 -16.92 -4.05 0.65
C VAL E 48 -16.49 -2.60 0.84
N ALA E 49 -17.27 -1.70 0.25
CA ALA E 49 -17.26 -0.31 0.65
C ALA E 49 -18.45 -0.10 1.57
N ALA E 50 -18.17 0.32 2.81
CA ALA E 50 -19.20 0.55 3.86
C ALA E 50 -18.84 1.82 4.65
N ASP E 51 -19.83 2.40 5.35
CA ASP E 51 -19.59 3.64 6.14
C ASP E 51 -19.27 3.27 7.60
N VAL E 52 -18.00 3.40 7.98
CA VAL E 52 -17.52 3.10 9.37
C VAL E 52 -18.06 4.12 10.39
N GLY E 53 -18.05 5.42 10.03
CA GLY E 53 -18.45 6.48 10.93
C GLY E 53 -19.76 7.09 10.49
N ASP E 54 -20.54 6.31 9.73
CA ASP E 54 -21.89 6.56 9.23
C ASP E 54 -21.94 7.62 8.13
N GLY E 55 -20.83 8.29 7.87
CA GLY E 55 -20.72 9.18 6.73
C GLY E 55 -19.53 8.86 5.85
N VAL E 56 -18.51 8.23 6.44
CA VAL E 56 -17.24 7.96 5.77
C VAL E 56 -17.23 6.52 5.27
N ILE E 57 -16.86 6.34 4.01
CA ILE E 57 -16.91 5.04 3.33
C ILE E 57 -15.50 4.47 3.30
N LYS E 58 -15.38 3.20 3.69
CA LYS E 58 -14.08 2.54 3.79
C LYS E 58 -14.24 1.10 3.33
N SER E 59 -13.16 0.54 2.79
CA SER E 59 -13.10 -0.88 2.45
C SER E 59 -13.03 -1.69 3.73
N VAL E 60 -14.05 -2.49 3.97
CA VAL E 60 -14.19 -3.29 5.19
C VAL E 60 -14.37 -4.74 4.79
N PRO E 61 -13.65 -5.69 5.38
CA PRO E 61 -13.79 -7.10 5.00
C PRO E 61 -15.13 -7.68 5.44
N LEU E 62 -15.72 -8.50 4.55
CA LEU E 62 -16.94 -9.24 4.84
C LEU E 62 -16.76 -10.68 4.37
N GLN E 63 -17.26 -11.62 5.16
CA GLN E 63 -17.01 -13.03 4.92
C GLN E 63 -18.14 -13.61 4.10
N ILE E 64 -17.80 -14.24 2.98
CA ILE E 64 -18.80 -14.65 1.98
C ILE E 64 -18.57 -16.07 1.53
N VAL E 65 -19.63 -16.65 0.99
CA VAL E 65 -19.55 -17.78 0.06
C VAL E 65 -19.42 -17.18 -1.34
N PRO E 66 -18.38 -17.51 -2.10
CA PRO E 66 -18.14 -16.82 -3.37
C PRO E 66 -19.17 -17.17 -4.43
N GLY E 67 -19.27 -16.30 -5.44
CA GLY E 67 -20.25 -16.49 -6.49
C GLY E 67 -19.96 -17.70 -7.35
N ASN E 68 -18.69 -18.02 -7.58
CA ASN E 68 -18.37 -19.20 -8.37
C ASN E 68 -18.61 -20.47 -7.57
N THR E 69 -18.45 -20.40 -6.24
CA THR E 69 -18.79 -21.52 -5.37
C THR E 69 -20.28 -21.84 -5.42
N MET E 70 -21.10 -20.81 -5.31
CA MET E 70 -22.54 -21.01 -5.44
C MET E 70 -22.96 -21.33 -6.87
N ARG E 71 -22.19 -20.91 -7.86
CA ARG E 71 -22.49 -21.29 -9.24
C ARG E 71 -22.25 -22.77 -9.47
N SER E 72 -21.13 -23.29 -8.96
CA SER E 72 -20.88 -24.73 -9.01
C SER E 72 -21.88 -25.49 -8.16
N LEU E 73 -22.31 -24.90 -7.04
CA LEU E 73 -23.32 -25.52 -6.20
C LEU E 73 -24.66 -25.63 -6.92
N LEU E 74 -25.04 -24.58 -7.65
CA LEU E 74 -26.27 -24.63 -8.44
C LEU E 74 -26.15 -25.61 -9.59
N ARG E 75 -24.95 -25.73 -10.16
CA ARG E 75 -24.69 -26.70 -11.23
C ARG E 75 -24.84 -28.13 -10.71
N ARG E 76 -24.29 -28.38 -9.54
CA ARG E 76 -24.38 -29.71 -8.88
C ARG E 76 -25.83 -30.02 -8.48
N THR E 77 -26.56 -29.03 -7.96
CA THR E 77 -27.90 -29.29 -7.43
C THR E 77 -28.98 -29.23 -8.51
N MET E 78 -28.66 -28.79 -9.72
CA MET E 78 -29.59 -29.11 -10.79
C MET E 78 -29.15 -30.33 -11.58
N LEU E 79 -27.84 -30.58 -11.68
CA LEU E 79 -27.39 -31.67 -12.52
C LEU E 79 -27.74 -33.02 -11.90
N LYS E 80 -27.36 -33.23 -10.63
CA LYS E 80 -27.66 -34.49 -9.96
C LYS E 80 -29.14 -34.68 -9.67
N HIS E 81 -29.89 -33.58 -9.50
CA HIS E 81 -31.18 -33.71 -8.85
C HIS E 81 -32.33 -33.74 -9.85
N VAL E 82 -32.23 -33.02 -10.96
CA VAL E 82 -33.26 -33.02 -11.99
C VAL E 82 -32.70 -33.41 -13.37
N ILE E 83 -31.48 -32.98 -13.69
CA ILE E 83 -30.90 -33.32 -14.99
C ILE E 83 -30.53 -34.81 -15.06
N GLU E 84 -29.86 -35.33 -14.01
CA GLU E 84 -29.54 -36.76 -14.02
C GLU E 84 -30.76 -37.69 -13.96
N PRO E 85 -31.81 -37.45 -13.15
CA PRO E 85 -33.01 -38.31 -13.27
C PRO E 85 -33.68 -38.23 -14.64
N ALA E 86 -33.67 -37.07 -15.29
CA ALA E 86 -34.25 -36.97 -16.63
C ALA E 86 -33.40 -37.70 -17.65
N LEU E 87 -32.07 -37.68 -17.48
CA LEU E 87 -31.18 -38.41 -18.37
C LEU E 87 -31.29 -39.91 -18.15
N VAL E 88 -31.47 -40.33 -16.90
CA VAL E 88 -31.50 -41.75 -16.57
C VAL E 88 -32.83 -42.37 -16.99
N GLU E 89 -33.94 -41.66 -16.71
CA GLU E 89 -35.27 -42.21 -16.95
C GLU E 89 -35.57 -42.33 -18.44
N LYS E 90 -34.99 -41.45 -19.26
CA LYS E 90 -35.07 -41.58 -20.71
C LYS E 90 -33.98 -42.47 -21.27
N GLY E 91 -33.07 -42.96 -20.43
CA GLY E 91 -31.99 -43.80 -20.91
C GLY E 91 -30.93 -43.06 -21.68
N ASN E 92 -30.86 -41.74 -21.54
CA ASN E 92 -29.88 -40.92 -22.23
C ASN E 92 -28.56 -40.99 -21.48
N LYS E 93 -27.47 -41.13 -22.22
CA LYS E 93 -26.17 -41.51 -21.68
C LYS E 93 -25.12 -40.59 -22.27
N LEU E 94 -24.50 -39.76 -21.43
CA LEU E 94 -23.53 -38.79 -21.92
C LEU E 94 -22.20 -39.45 -22.21
N SER E 95 -21.29 -38.67 -22.80
CA SER E 95 -19.91 -39.11 -22.94
C SER E 95 -19.10 -38.58 -21.77
N ILE E 96 -17.83 -38.98 -21.71
CA ILE E 96 -16.96 -38.55 -20.63
C ILE E 96 -16.59 -37.08 -20.80
N GLY E 97 -16.26 -36.67 -22.03
CA GLY E 97 -16.07 -35.26 -22.31
C GLY E 97 -17.35 -34.47 -22.18
N ALA E 98 -18.49 -35.10 -22.51
CA ALA E 98 -19.78 -34.44 -22.33
C ALA E 98 -20.09 -34.24 -20.86
N TYR E 99 -19.73 -35.20 -20.01
CA TYR E 99 -19.94 -35.05 -18.57
C TYR E 99 -19.02 -33.97 -17.99
N ALA E 100 -17.77 -33.94 -18.46
CA ALA E 100 -16.82 -32.93 -18.04
C ALA E 100 -17.29 -31.52 -18.44
N THR E 101 -17.82 -31.39 -19.64
CA THR E 101 -18.34 -30.10 -20.09
C THR E 101 -19.66 -29.78 -19.39
N ALA E 102 -20.39 -30.81 -18.95
CA ALA E 102 -21.61 -30.56 -18.19
C ALA E 102 -21.30 -30.03 -16.80
N TYR E 103 -20.14 -30.40 -16.24
CA TYR E 103 -19.78 -29.88 -14.93
C TYR E 103 -18.70 -28.80 -14.96
N SER E 104 -17.55 -29.06 -15.59
CA SER E 104 -16.49 -28.05 -15.60
C SER E 104 -16.80 -26.91 -16.56
N GLY E 105 -17.69 -27.16 -17.53
CA GLY E 105 -17.90 -26.22 -18.60
C GLY E 105 -16.87 -26.29 -19.70
N ASN E 106 -15.97 -27.27 -19.64
CA ASN E 106 -14.89 -27.42 -20.61
C ASN E 106 -14.41 -28.86 -20.57
N ALA E 107 -14.39 -29.52 -21.73
CA ALA E 107 -13.89 -30.89 -21.79
C ALA E 107 -12.38 -30.94 -21.61
N THR E 108 -11.69 -29.93 -22.14
CA THR E 108 -10.23 -29.89 -22.10
C THR E 108 -9.83 -28.47 -21.73
N GLY E 109 -8.73 -28.35 -20.98
CA GLY E 109 -8.22 -27.03 -20.65
C GLY E 109 -7.80 -26.22 -21.86
N ASN E 110 -7.38 -26.89 -22.92
CA ASN E 110 -7.12 -26.19 -24.18
C ASN E 110 -8.43 -25.94 -24.91
N PRO E 111 -8.75 -24.69 -25.24
CA PRO E 111 -9.90 -24.43 -26.11
C PRO E 111 -9.51 -24.38 -27.57
N ASP E 112 -10.40 -24.78 -28.48
CA ASP E 112 -10.14 -24.55 -29.89
C ASP E 112 -10.35 -23.08 -30.21
N GLY E 113 -9.46 -22.52 -31.02
CA GLY E 113 -9.54 -21.10 -31.32
C GLY E 113 -10.48 -20.76 -32.45
N VAL E 114 -11.69 -21.30 -32.40
CA VAL E 114 -12.70 -21.10 -33.44
C VAL E 114 -13.98 -20.60 -32.78
N PRO E 115 -14.82 -19.85 -33.49
CA PRO E 115 -16.16 -19.57 -32.99
C PRO E 115 -17.16 -20.60 -33.51
N SER E 116 -18.23 -20.81 -32.75
CA SER E 116 -19.29 -21.71 -33.17
C SER E 116 -20.25 -21.01 -34.11
N SER E 117 -20.94 -21.81 -34.94
CA SER E 117 -21.97 -21.29 -35.82
C SER E 117 -23.19 -20.87 -35.02
N PHE E 118 -23.96 -19.91 -35.55
CA PHE E 118 -24.98 -19.24 -34.75
C PHE E 118 -26.15 -20.15 -34.41
N ASP E 119 -26.48 -21.08 -35.32
CA ASP E 119 -27.58 -22.00 -35.05
C ASP E 119 -27.26 -22.90 -33.86
N GLU E 120 -25.99 -23.27 -33.71
CA GLU E 120 -25.52 -23.96 -32.53
C GLU E 120 -25.72 -23.13 -31.27
N ILE E 121 -25.29 -21.85 -31.29
CA ILE E 121 -25.35 -21.01 -30.11
C ILE E 121 -26.81 -20.76 -29.70
N ALA E 122 -27.69 -20.58 -30.70
CA ALA E 122 -29.11 -20.40 -30.41
C ALA E 122 -29.73 -21.64 -29.80
N THR E 123 -29.37 -22.84 -30.31
CA THR E 123 -29.89 -24.07 -29.75
C THR E 123 -29.43 -24.29 -28.31
N MET E 124 -28.14 -24.03 -28.03
CA MET E 124 -27.70 -24.30 -26.66
C MET E 124 -28.01 -23.15 -25.71
N ARG E 125 -28.34 -21.96 -26.21
CA ARG E 125 -28.89 -20.95 -25.31
C ARG E 125 -30.39 -21.15 -25.12
N ALA E 126 -31.02 -21.95 -25.98
CA ALA E 126 -32.40 -22.35 -25.71
C ALA E 126 -32.46 -23.50 -24.71
N HIS E 127 -31.32 -24.10 -24.40
CA HIS E 127 -31.27 -25.24 -23.47
C HIS E 127 -31.62 -24.77 -22.07
N PRO E 128 -32.46 -25.53 -21.33
CA PRO E 128 -32.65 -25.23 -19.90
C PRO E 128 -31.39 -25.31 -19.06
N PHE E 129 -30.41 -26.14 -19.43
CA PHE E 129 -29.21 -26.27 -18.62
C PHE E 129 -28.00 -25.58 -19.22
N ILE E 130 -27.66 -25.89 -20.47
CA ILE E 130 -26.43 -25.37 -21.07
C ILE E 130 -26.57 -23.88 -21.34
N GLY E 131 -27.80 -23.41 -21.55
CA GLY E 131 -28.03 -21.98 -21.65
C GLY E 131 -27.72 -21.22 -20.38
N LEU E 132 -27.92 -21.87 -19.23
CA LEU E 132 -27.61 -21.23 -17.97
C LEU E 132 -26.11 -21.05 -17.77
N PHE E 133 -25.32 -22.10 -17.99
CA PHE E 133 -23.91 -22.04 -17.64
C PHE E 133 -22.98 -21.84 -18.81
N GLY E 134 -23.38 -22.27 -20.01
CA GLY E 134 -22.53 -22.04 -21.18
C GLY E 134 -21.25 -22.87 -21.12
N GLY E 135 -20.15 -22.25 -21.49
CA GLY E 135 -18.87 -22.93 -21.43
C GLY E 135 -18.49 -23.56 -22.75
N GLY E 136 -18.01 -24.79 -22.64
CA GLY E 136 -17.60 -25.54 -23.81
C GLY E 136 -16.21 -25.12 -24.25
N PRO E 137 -15.67 -25.81 -25.27
CA PRO E 137 -14.39 -25.38 -25.83
C PRO E 137 -14.48 -24.10 -26.64
N ARG E 138 -15.68 -23.73 -27.10
CA ARG E 138 -15.85 -22.53 -27.90
C ARG E 138 -16.45 -21.37 -27.11
N MET E 139 -16.47 -21.47 -25.78
CA MET E 139 -16.74 -20.36 -24.84
C MET E 139 -18.13 -19.76 -25.04
N LEU E 140 -19.16 -20.57 -24.79
CA LEU E 140 -20.51 -20.03 -24.80
C LEU E 140 -20.77 -19.23 -23.52
N GLU E 141 -21.32 -18.04 -23.67
CA GLU E 141 -21.73 -17.22 -22.54
C GLU E 141 -23.06 -17.71 -22.02
N GLY E 142 -23.16 -17.90 -20.71
CA GLY E 142 -24.37 -18.45 -20.13
C GLY E 142 -25.40 -17.38 -19.80
N ARG E 143 -26.61 -17.84 -19.50
CA ARG E 143 -27.70 -16.95 -19.11
C ARG E 143 -27.79 -16.73 -17.61
N LEU E 144 -26.95 -17.41 -16.82
CA LEU E 144 -27.04 -17.38 -15.37
C LEU E 144 -25.91 -16.53 -14.80
N MET E 145 -26.27 -15.57 -13.97
CA MET E 145 -25.32 -14.76 -13.23
C MET E 145 -25.47 -15.10 -11.75
N VAL E 146 -24.43 -15.71 -11.17
CA VAL E 146 -24.46 -16.16 -9.80
C VAL E 146 -23.58 -15.25 -8.96
N ASP E 147 -24.17 -14.59 -7.98
CA ASP E 147 -23.47 -13.67 -7.11
C ASP E 147 -23.05 -14.39 -5.83
N SER E 148 -22.15 -13.76 -5.08
CA SER E 148 -21.70 -14.31 -3.82
C SER E 148 -22.79 -14.18 -2.76
N LEU E 149 -22.84 -15.15 -1.85
CA LEU E 149 -23.76 -15.13 -0.72
C LEU E 149 -23.32 -14.07 0.28
N TYR E 150 -24.21 -13.12 0.57
CA TYR E 150 -23.87 -11.97 1.40
C TYR E 150 -24.59 -12.07 2.73
N PRO E 151 -23.90 -12.00 3.86
CA PRO E 151 -24.59 -11.90 5.14
C PRO E 151 -25.16 -10.49 5.31
N ILE E 152 -26.37 -10.41 5.85
CA ILE E 152 -27.03 -9.13 6.00
C ILE E 152 -26.40 -8.39 7.17
N HIS E 153 -25.53 -7.43 6.86
CA HIS E 153 -24.59 -6.86 7.80
C HIS E 153 -24.62 -5.34 7.70
N THR E 154 -23.88 -4.70 8.60
CA THR E 154 -23.54 -3.28 8.41
C THR E 154 -22.74 -3.11 7.13
N ASN E 155 -21.83 -4.06 6.87
CA ASN E 155 -20.94 -3.96 5.73
C ASN E 155 -21.68 -4.13 4.40
N ALA E 156 -22.69 -4.97 4.37
CA ALA E 156 -23.42 -5.24 3.14
C ALA E 156 -24.59 -4.29 2.92
N GLU E 157 -24.75 -3.26 3.75
CA GLU E 157 -25.85 -2.31 3.59
C GLU E 157 -25.72 -1.51 2.28
N ARG E 158 -24.50 -1.19 1.87
CA ARG E 158 -24.30 -0.59 0.56
C ARG E 158 -24.33 -1.62 -0.57
N ILE E 159 -24.32 -2.91 -0.23
CA ILE E 159 -24.59 -3.94 -1.24
C ILE E 159 -26.08 -4.17 -1.37
N LEU E 160 -26.79 -4.27 -0.25
CA LEU E 160 -28.19 -4.68 -0.26
C LEU E 160 -29.00 -3.72 0.61
N GLY E 161 -30.08 -3.20 0.04
CA GLY E 161 -30.93 -2.27 0.76
C GLY E 161 -32.40 -2.35 0.42
N ALA E 162 -32.81 -3.44 -0.22
CA ALA E 162 -34.19 -3.58 -0.69
C ALA E 162 -35.08 -4.15 0.42
N GLY E 163 -35.24 -3.33 1.46
CA GLY E 163 -36.06 -3.72 2.60
C GLY E 163 -35.36 -4.58 3.63
N TYR E 164 -34.04 -4.49 3.74
CA TYR E 164 -33.28 -5.29 4.70
C TYR E 164 -32.67 -4.44 5.81
N GLU E 165 -33.41 -3.46 6.34
CA GLU E 165 -32.86 -2.61 7.40
C GLU E 165 -33.14 -3.16 8.79
N ASN E 166 -34.34 -3.69 9.03
CA ASN E 166 -34.73 -4.08 10.39
C ASN E 166 -34.02 -5.36 10.84
N GLU E 167 -34.04 -6.38 10.01
CA GLU E 167 -33.39 -7.66 10.29
C GLU E 167 -31.92 -7.70 9.92
N MET E 168 -31.36 -6.54 9.59
CA MET E 168 -29.92 -6.36 9.51
C MET E 168 -29.27 -6.57 10.88
N MET E 169 -28.10 -7.21 10.88
CA MET E 169 -27.40 -7.52 12.11
C MET E 169 -26.01 -6.90 12.10
N SER E 170 -25.49 -6.62 13.29
CA SER E 170 -24.26 -5.88 13.48
C SER E 170 -23.29 -6.71 14.31
N GLY E 171 -22.01 -6.55 14.05
CA GLY E 171 -20.98 -7.21 14.83
C GLY E 171 -20.15 -8.17 14.01
N PRO E 172 -19.10 -8.72 14.62
CA PRO E 172 -18.25 -9.67 13.90
C PRO E 172 -18.97 -11.00 13.66
N ILE E 173 -18.58 -11.65 12.57
CA ILE E 173 -19.25 -12.86 12.12
C ILE E 173 -18.32 -14.07 12.07
N THR E 174 -17.07 -13.93 12.46
CA THR E 174 -16.12 -15.02 12.34
C THR E 174 -15.91 -15.76 13.65
N GLN E 175 -15.22 -16.90 13.53
CA GLN E 175 -14.76 -17.68 14.67
C GLN E 175 -13.64 -18.61 14.26
N VAL E 176 -12.61 -18.70 15.08
CA VAL E 176 -11.53 -19.65 14.80
C VAL E 176 -11.88 -21.00 15.43
N VAL E 177 -11.79 -22.05 14.61
CA VAL E 177 -12.07 -23.41 15.05
C VAL E 177 -10.80 -24.22 14.86
N TRP E 178 -10.36 -24.88 15.92
CA TRP E 178 -9.10 -25.60 15.96
C TRP E 178 -9.32 -27.07 15.64
N ALA E 179 -8.28 -27.74 15.18
CA ALA E 179 -8.29 -29.17 14.90
C ALA E 179 -6.89 -29.71 15.06
N ARG E 180 -6.74 -30.77 15.84
CA ARG E 180 -5.46 -31.46 16.00
C ARG E 180 -5.59 -32.89 15.47
N ARG E 181 -4.66 -33.26 14.61
CA ARG E 181 -4.46 -34.63 14.18
C ARG E 181 -3.42 -35.24 15.11
N MET E 182 -3.87 -36.11 16.00
CA MET E 182 -2.97 -36.90 16.83
C MET E 182 -2.66 -38.22 16.14
N ASP E 183 -1.44 -38.69 16.37
CA ASP E 183 -1.11 -40.05 15.99
C ASP E 183 -1.86 -41.00 16.92
N PRO E 184 -2.76 -41.83 16.40
CA PRO E 184 -3.59 -42.67 17.27
C PRO E 184 -2.91 -43.93 17.76
N ILE E 185 -1.65 -44.13 17.35
CA ILE E 185 -0.82 -45.16 17.94
C ILE E 185 -0.24 -44.68 19.27
N LEU E 186 -0.41 -43.38 19.54
CA LEU E 186 0.06 -42.79 20.83
C LEU E 186 -1.10 -42.82 21.83
N ASN E 187 -2.28 -43.29 21.40
CA ASN E 187 -3.47 -43.29 22.31
C ASN E 187 -3.99 -44.71 22.60
N LEU E 188 -3.60 -45.73 21.83
CA LEU E 188 -4.19 -47.06 22.10
C LEU E 188 -3.78 -47.58 23.49
N GLY E 189 -2.49 -47.56 23.81
CA GLY E 189 -1.97 -47.92 25.15
C GLY E 189 -2.53 -49.23 25.69
N SER E 190 -2.66 -50.29 24.88
CA SER E 190 -3.23 -51.57 25.40
C SER E 190 -2.86 -52.76 24.50
N SER E 191 -3.05 -53.98 25.01
CA SER E 191 -2.82 -55.19 24.22
C SER E 191 -4.09 -55.68 23.52
N GLU E 192 -5.26 -55.34 24.07
CA GLU E 192 -6.51 -55.59 23.37
C GLU E 192 -6.63 -54.74 22.11
N ASP E 193 -6.14 -53.51 22.16
CA ASP E 193 -6.27 -52.61 21.03
C ASP E 193 -5.20 -52.84 19.97
N VAL E 194 -4.14 -53.60 20.28
CA VAL E 194 -3.05 -53.81 19.34
C VAL E 194 -3.16 -55.15 18.63
N GLU E 195 -4.14 -55.98 19.00
CA GLU E 195 -4.31 -57.27 18.35
C GLU E 195 -4.84 -57.12 16.93
N VAL E 196 -5.40 -55.95 16.60
CA VAL E 196 -5.85 -55.68 15.24
C VAL E 196 -4.68 -55.37 14.32
N ILE E 197 -3.51 -55.04 14.88
CA ILE E 197 -2.35 -54.69 14.07
C ILE E 197 -1.75 -55.95 13.46
N ASN E 198 -1.49 -55.91 12.16
CA ASN E 198 -0.63 -56.92 11.55
C ASN E 198 0.81 -56.67 11.97
N GLY E 199 1.34 -57.54 12.81
CA GLY E 199 2.59 -57.33 13.50
C GLY E 199 2.42 -57.06 14.98
N GLY E 200 1.37 -56.35 15.38
CA GLY E 200 1.01 -56.22 16.77
C GLY E 200 1.84 -55.21 17.53
N ALA E 201 2.24 -55.62 18.74
CA ALA E 201 2.87 -54.72 19.70
C ALA E 201 4.25 -54.28 19.22
N VAL E 202 4.99 -55.17 18.57
CA VAL E 202 6.32 -54.82 18.06
C VAL E 202 6.21 -53.83 16.91
N ALA E 203 5.15 -53.95 16.08
CA ALA E 203 4.94 -53.01 14.98
C ALA E 203 4.54 -51.63 15.52
N ALA E 204 3.66 -51.61 16.52
CA ALA E 204 3.27 -50.35 17.16
C ALA E 204 4.45 -49.67 17.84
N ASN E 205 5.27 -50.46 18.54
CA ASN E 205 6.45 -49.93 19.21
C ASN E 205 7.49 -49.44 18.22
N GLY E 206 7.61 -50.11 17.07
CA GLY E 206 8.51 -49.63 16.02
C GLY E 206 8.04 -48.32 15.44
N TRP E 207 6.72 -48.15 15.31
CA TRP E 207 6.18 -46.85 14.89
C TRP E 207 6.48 -45.78 15.93
N ILE E 208 6.45 -46.13 17.21
CA ILE E 208 6.84 -45.19 18.26
C ILE E 208 8.33 -44.83 18.14
N GLN E 209 9.17 -45.80 17.75
CA GLN E 209 10.59 -45.50 17.53
C GLN E 209 10.80 -44.54 16.35
N ASP E 210 10.03 -44.72 15.27
CA ASP E 210 10.09 -43.76 14.17
C ASP E 210 9.59 -42.38 14.60
N LEU E 211 8.56 -42.34 15.46
CA LEU E 211 8.06 -41.07 15.98
C LEU E 211 9.10 -40.40 16.89
N LEU E 212 9.84 -41.21 17.64
CA LEU E 212 10.93 -40.69 18.46
C LEU E 212 12.04 -40.09 17.61
N ALA E 213 12.36 -40.77 16.50
CA ALA E 213 13.40 -40.27 15.61
C ALA E 213 12.97 -39.01 14.88
N ASN E 214 11.70 -38.94 14.49
CA ASN E 214 11.21 -37.80 13.70
C ASN E 214 10.77 -36.63 14.57
N SER E 215 10.59 -36.83 15.88
CA SER E 215 10.07 -35.77 16.72
C SER E 215 11.15 -34.77 17.11
N LYS E 216 12.42 -35.14 16.94
CA LYS E 216 13.52 -34.24 17.27
C LYS E 216 14.11 -33.64 16.00
N ASN E 239 12.35 -35.65 4.97
CA ASN E 239 11.14 -34.85 5.09
C ASN E 239 9.92 -35.69 5.45
N GLY E 240 10.17 -36.84 6.06
CA GLY E 240 9.09 -37.70 6.49
C GLY E 240 8.32 -37.10 7.66
N ARG E 241 7.11 -36.63 7.38
CA ARG E 241 6.31 -35.94 8.38
C ARG E 241 5.30 -36.92 8.99
N GLY E 242 5.23 -36.94 10.32
CA GLY E 242 4.33 -37.84 11.02
C GLY E 242 2.90 -37.35 11.01
N LEU E 243 2.08 -38.00 11.84
CA LEU E 243 0.66 -37.69 11.86
C LEU E 243 0.32 -36.54 12.81
N LYS E 244 1.30 -35.96 13.50
CA LYS E 244 1.00 -34.86 14.42
C LYS E 244 0.68 -33.59 13.67
N ALA E 245 -0.35 -32.89 14.12
CA ALA E 245 -0.77 -31.63 13.51
C ALA E 245 -1.63 -30.85 14.49
N PHE E 246 -1.35 -29.56 14.65
CA PHE E 246 -2.26 -28.62 15.28
C PHE E 246 -2.44 -27.45 14.34
N ASN E 247 -3.69 -27.14 14.01
CA ASN E 247 -4.00 -26.15 12.99
C ASN E 247 -5.40 -25.62 13.26
N ALA E 248 -5.78 -24.59 12.51
CA ALA E 248 -7.04 -23.91 12.73
C ALA E 248 -7.62 -23.43 11.41
N HIS E 249 -8.91 -23.12 11.44
CA HIS E 249 -9.61 -22.61 10.27
C HIS E 249 -10.67 -21.63 10.75
N GLU E 250 -10.88 -20.57 9.98
CA GLU E 250 -11.84 -19.55 10.34
C GLU E 250 -13.18 -19.81 9.66
N VAL E 251 -14.25 -19.81 10.46
CA VAL E 251 -15.60 -20.04 9.96
C VAL E 251 -16.41 -18.77 10.16
N VAL E 252 -17.52 -18.68 9.43
CA VAL E 252 -18.58 -17.75 9.80
C VAL E 252 -19.38 -18.41 10.91
N ILE E 253 -20.04 -17.61 11.74
CA ILE E 253 -20.87 -18.14 12.82
C ILE E 253 -22.11 -18.78 12.22
N PRO E 254 -22.76 -19.73 12.90
CA PRO E 254 -24.06 -20.21 12.44
C PRO E 254 -25.19 -19.31 12.91
N GLY E 255 -26.33 -19.45 12.24
CA GLY E 255 -27.55 -18.80 12.65
C GLY E 255 -27.84 -17.46 12.00
N LEU E 256 -26.84 -16.80 11.42
CA LEU E 256 -27.10 -15.51 10.81
C LEU E 256 -27.68 -15.69 9.42
N LYS E 257 -28.24 -14.63 8.89
CA LYS E 257 -29.14 -14.70 7.75
C LYS E 257 -28.55 -13.95 6.57
N TRP E 258 -28.47 -14.64 5.43
CA TRP E 258 -27.78 -14.22 4.22
C TRP E 258 -28.78 -14.12 3.08
N VAL E 259 -28.38 -13.39 2.03
CA VAL E 259 -29.13 -13.39 0.78
C VAL E 259 -28.18 -13.74 -0.36
N TRP E 260 -28.78 -14.15 -1.48
CA TRP E 260 -28.07 -14.58 -2.66
C TRP E 260 -28.78 -14.03 -3.89
N ARG E 261 -28.00 -13.36 -4.74
CA ARG E 261 -28.50 -12.76 -5.98
C ARG E 261 -28.27 -13.75 -7.11
N ILE E 262 -29.35 -14.17 -7.76
CA ILE E 262 -29.29 -14.99 -8.96
C ILE E 262 -29.99 -14.20 -10.06
N SER E 263 -29.23 -13.78 -11.07
CA SER E 263 -29.78 -12.95 -12.13
C SER E 263 -29.79 -13.75 -13.43
N LEU E 264 -30.73 -13.42 -14.31
CA LEU E 264 -30.86 -14.07 -15.61
C LEU E 264 -30.95 -13.01 -16.69
N ASP E 265 -30.10 -13.12 -17.70
CA ASP E 265 -29.96 -12.05 -18.68
C ASP E 265 -31.11 -12.07 -19.69
N ARG E 266 -31.19 -13.14 -20.49
CA ARG E 266 -32.33 -13.36 -21.36
C ARG E 266 -32.78 -14.80 -21.17
N PRO E 267 -33.49 -15.08 -20.09
CA PRO E 267 -33.85 -16.47 -19.78
C PRO E 267 -35.00 -16.99 -20.61
N THR E 268 -34.95 -18.27 -20.97
CA THR E 268 -36.16 -18.97 -21.34
C THR E 268 -36.93 -19.30 -20.07
N ASP E 269 -38.19 -19.68 -20.23
CA ASP E 269 -39.02 -20.06 -19.09
C ASP E 269 -38.53 -21.39 -18.51
N ALA E 270 -37.92 -22.21 -19.38
CA ALA E 270 -37.32 -23.47 -18.95
C ALA E 270 -36.15 -23.26 -17.99
N GLN E 271 -35.28 -22.29 -18.29
CA GLN E 271 -34.09 -22.06 -17.48
C GLN E 271 -34.45 -21.53 -16.10
N VAL E 272 -35.37 -20.57 -16.04
CA VAL E 272 -35.83 -20.03 -14.78
C VAL E 272 -36.66 -21.05 -14.01
N GLY E 273 -37.35 -21.94 -14.72
CA GLY E 273 -38.00 -23.06 -14.04
C GLY E 273 -36.99 -24.03 -13.44
N LEU E 274 -35.86 -24.22 -14.12
CA LEU E 274 -34.81 -25.10 -13.59
C LEU E 274 -34.17 -24.50 -12.34
N VAL E 275 -33.96 -23.18 -12.33
CA VAL E 275 -33.42 -22.52 -11.15
C VAL E 275 -34.44 -22.56 -10.00
N LEU E 276 -35.72 -22.42 -10.33
CA LEU E 276 -36.76 -22.52 -9.31
C LEU E 276 -36.85 -23.93 -8.74
N LEU E 277 -36.68 -24.95 -9.59
CA LEU E 277 -36.69 -26.34 -9.12
C LEU E 277 -35.46 -26.63 -8.27
N ALA E 278 -34.33 -25.99 -8.58
CA ALA E 278 -33.17 -26.07 -7.70
C ALA E 278 -33.47 -25.46 -6.35
N LEU E 279 -34.15 -24.32 -6.34
CA LEU E 279 -34.47 -23.64 -5.08
C LEU E 279 -35.48 -24.42 -4.26
N ASN E 280 -36.33 -25.22 -4.91
CA ASN E 280 -37.27 -26.04 -4.17
C ASN E 280 -36.61 -27.25 -3.50
N LYS E 281 -35.54 -27.80 -4.08
CA LYS E 281 -34.81 -28.91 -3.48
C LYS E 281 -33.42 -28.50 -2.99
N MET E 282 -33.23 -27.21 -2.69
CA MET E 282 -31.99 -26.66 -2.18
C MET E 282 -31.72 -27.02 -0.73
N THR E 283 -32.69 -27.61 -0.03
CA THR E 283 -32.59 -27.77 1.42
C THR E 283 -31.57 -28.83 1.83
N ASN E 284 -31.56 -29.97 1.15
CA ASN E 284 -30.63 -31.03 1.53
C ASN E 284 -29.35 -30.96 0.73
N GLU E 285 -28.74 -29.79 0.68
CA GLU E 285 -27.48 -29.58 -0.03
C GLU E 285 -26.58 -28.72 0.84
N ARG E 286 -25.28 -28.91 0.66
CA ARG E 286 -24.27 -28.23 1.46
C ARG E 286 -23.63 -27.14 0.65
N ILE E 287 -23.61 -25.93 1.22
CA ILE E 287 -22.77 -24.84 0.75
C ILE E 287 -21.33 -25.32 0.80
N ALA E 288 -20.62 -25.27 -0.34
CA ALA E 288 -19.35 -25.96 -0.49
C ALA E 288 -18.29 -25.37 0.41
N GLY E 289 -17.62 -26.24 1.16
CA GLY E 289 -16.93 -25.81 2.35
C GLY E 289 -16.17 -26.89 3.08
N GLY E 290 -16.39 -27.00 4.39
CA GLY E 290 -15.85 -28.10 5.16
C GLY E 290 -16.84 -29.25 5.25
N HIS E 291 -16.56 -30.34 4.53
CA HIS E 291 -17.55 -31.40 4.38
C HIS E 291 -17.75 -32.19 5.67
N SER E 292 -16.65 -32.58 6.32
CA SER E 292 -16.73 -33.54 7.43
C SER E 292 -17.36 -32.92 8.67
N LYS E 293 -17.22 -31.61 8.83
CA LYS E 293 -17.78 -30.94 9.99
C LYS E 293 -19.23 -30.52 9.79
N ASP E 294 -19.81 -30.87 8.62
CA ASP E 294 -21.17 -30.50 8.20
C ASP E 294 -21.32 -28.98 8.27
N TYR E 295 -20.63 -28.29 7.35
CA TYR E 295 -20.54 -26.84 7.46
C TYR E 295 -21.56 -26.15 6.56
N GLY E 296 -21.90 -26.75 5.43
CA GLY E 296 -22.71 -26.04 4.47
C GLY E 296 -24.21 -26.06 4.66
N ARG E 297 -24.68 -26.50 5.82
CA ARG E 297 -26.12 -26.66 6.01
C ARG E 297 -26.80 -25.30 6.18
N PHE E 298 -27.96 -25.17 5.55
CA PHE E 298 -28.73 -23.93 5.53
C PHE E 298 -30.18 -24.25 5.24
N VAL E 299 -31.05 -23.33 5.63
CA VAL E 299 -32.48 -23.41 5.35
C VAL E 299 -32.90 -22.12 4.67
N ILE E 300 -33.67 -22.24 3.59
CA ILE E 300 -34.09 -21.08 2.83
C ILE E 300 -35.25 -20.43 3.59
N ASP E 301 -35.07 -19.16 3.97
CA ASP E 301 -36.16 -18.44 4.62
C ASP E 301 -37.12 -17.82 3.62
N GLY E 302 -36.64 -17.52 2.41
CA GLY E 302 -37.50 -16.89 1.43
C GLY E 302 -36.89 -16.92 0.05
N VAL E 303 -37.73 -16.66 -0.96
CA VAL E 303 -37.27 -16.38 -2.31
C VAL E 303 -38.04 -15.16 -2.84
N SER E 304 -37.35 -14.03 -3.00
CA SER E 304 -37.96 -12.88 -3.65
C SER E 304 -37.81 -13.03 -5.15
N LEU E 305 -38.92 -13.06 -5.86
CA LEU E 305 -38.97 -13.34 -7.29
C LEU E 305 -39.44 -12.07 -8.00
N ASN E 306 -38.48 -11.27 -8.48
CA ASN E 306 -38.69 -9.87 -8.89
C ASN E 306 -39.40 -9.08 -7.80
N GLY E 307 -38.91 -9.23 -6.57
CA GLY E 307 -39.50 -8.55 -5.43
C GLY E 307 -40.71 -9.24 -4.83
N GLU E 308 -41.12 -10.39 -5.36
CA GLU E 308 -42.28 -11.11 -4.86
C GLU E 308 -41.83 -12.34 -4.08
N GLN E 309 -42.23 -12.40 -2.81
CA GLN E 309 -41.86 -13.51 -1.93
C GLN E 309 -42.77 -14.69 -2.23
N VAL E 310 -42.21 -15.76 -2.79
CA VAL E 310 -42.98 -16.92 -3.21
C VAL E 310 -42.53 -18.20 -2.49
N TRP E 311 -41.89 -18.07 -1.33
CA TRP E 311 -41.51 -19.22 -0.54
C TRP E 311 -42.57 -19.52 0.53
N SER E 312 -42.65 -20.79 0.91
CA SER E 312 -43.43 -21.23 2.06
C SER E 312 -42.62 -22.29 2.78
N GLN E 313 -43.12 -22.71 3.94
CA GLN E 313 -42.43 -23.76 4.70
C GLN E 313 -42.49 -25.10 3.97
N SER E 314 -43.56 -25.33 3.21
CA SER E 314 -43.63 -26.53 2.38
C SER E 314 -42.66 -26.45 1.21
N GLY E 315 -42.58 -25.29 0.57
CA GLY E 315 -41.72 -25.13 -0.59
C GLY E 315 -41.97 -23.79 -1.26
N ILE E 316 -42.12 -23.84 -2.58
CA ILE E 316 -42.33 -22.65 -3.39
C ILE E 316 -43.79 -22.60 -3.82
N THR E 317 -44.56 -21.69 -3.22
CA THR E 317 -45.94 -21.48 -3.62
C THR E 317 -46.01 -20.44 -4.74
N GLY E 318 -46.91 -20.65 -5.67
CA GLY E 318 -47.01 -19.75 -6.79
C GLY E 318 -45.90 -19.96 -7.81
N GLY E 319 -45.93 -19.12 -8.84
CA GLY E 319 -45.00 -19.23 -9.95
C GLY E 319 -45.12 -20.53 -10.71
N GLU E 320 -46.35 -20.97 -10.98
CA GLU E 320 -46.58 -22.29 -11.53
C GLU E 320 -46.21 -22.39 -13.01
N GLN E 321 -46.15 -21.27 -13.73
CA GLN E 321 -45.84 -21.34 -15.15
C GLN E 321 -44.37 -21.68 -15.37
N TYR E 322 -43.51 -21.30 -14.43
CA TYR E 322 -42.08 -21.62 -14.56
C TYR E 322 -41.85 -23.11 -14.33
N PHE E 323 -42.53 -23.67 -13.31
CA PHE E 323 -42.46 -25.10 -13.03
C PHE E 323 -43.07 -25.91 -14.17
N ASP E 324 -44.18 -25.42 -14.75
CA ASP E 324 -44.79 -26.10 -15.89
C ASP E 324 -43.88 -26.09 -17.11
N ALA E 325 -43.22 -24.95 -17.36
CA ALA E 325 -42.33 -24.85 -18.52
C ALA E 325 -41.11 -25.75 -18.36
N VAL E 326 -40.53 -25.81 -17.16
CA VAL E 326 -39.38 -26.70 -16.98
C VAL E 326 -39.83 -28.16 -16.97
N ALA E 327 -41.09 -28.42 -16.58
CA ALA E 327 -41.64 -29.77 -16.64
C ALA E 327 -41.78 -30.25 -18.08
N GLU E 328 -42.20 -29.35 -18.97
CA GLU E 328 -42.16 -29.71 -20.40
C GLU E 328 -40.74 -29.72 -20.94
N ALA E 329 -39.90 -28.86 -20.36
CA ALA E 329 -38.48 -28.73 -20.74
C ALA E 329 -37.72 -30.01 -20.39
N ILE E 330 -37.96 -30.54 -19.19
CA ILE E 330 -37.27 -31.78 -18.72
C ILE E 330 -37.67 -32.93 -19.65
N ASP E 331 -38.96 -32.99 -20.02
CA ASP E 331 -39.44 -34.05 -20.95
C ASP E 331 -38.81 -33.80 -22.32
N GLY E 332 -38.32 -34.86 -22.96
CA GLY E 332 -37.70 -34.73 -24.30
C GLY E 332 -36.25 -34.30 -24.24
N LEU E 333 -35.66 -34.19 -23.03
CA LEU E 333 -34.24 -33.80 -22.91
C LEU E 333 -33.39 -34.89 -23.57
N SER E 334 -32.38 -34.51 -24.35
CA SER E 334 -31.52 -35.49 -25.04
C SER E 334 -30.04 -35.17 -24.79
N SER E 335 -29.17 -36.17 -24.91
CA SER E 335 -27.72 -35.98 -24.68
C SER E 335 -27.01 -35.58 -25.99
N LYS E 336 -27.74 -35.55 -27.11
CA LYS E 336 -27.10 -35.18 -28.37
C LYS E 336 -26.59 -33.75 -28.34
N GLU E 337 -27.28 -32.86 -27.62
CA GLU E 337 -26.79 -31.50 -27.47
C GLU E 337 -25.60 -31.44 -26.52
N PHE E 338 -25.58 -32.28 -25.49
CA PHE E 338 -24.42 -32.33 -24.61
C PHE E 338 -23.20 -32.87 -25.33
N GLU E 339 -23.41 -33.81 -26.26
CA GLU E 339 -22.30 -34.31 -27.07
C GLU E 339 -21.82 -33.27 -28.08
N GLN E 340 -22.76 -32.53 -28.70
CA GLN E 340 -22.38 -31.50 -29.66
C GLN E 340 -21.65 -30.34 -28.98
N PHE E 341 -22.05 -30.03 -27.75
CA PHE E 341 -21.46 -28.91 -27.03
C PHE E 341 -20.03 -29.19 -26.59
N ALA E 342 -19.73 -30.45 -26.30
CA ALA E 342 -18.41 -30.82 -25.82
C ALA E 342 -17.41 -31.10 -26.92
N GLN E 343 -17.87 -31.17 -28.17
CA GLN E 343 -17.00 -31.53 -29.28
C GLN E 343 -16.22 -30.30 -29.74
N SER E 344 -14.91 -30.46 -29.84
CA SER E 344 -14.03 -29.37 -30.27
C SER E 344 -13.97 -29.34 -31.79
N ALA E 345 -13.04 -28.55 -32.33
CA ALA E 345 -12.84 -28.48 -33.77
C ALA E 345 -11.72 -29.41 -34.22
N MET F 1 -29.85 -37.72 4.66
CA MET F 1 -30.31 -38.53 5.78
C MET F 1 -30.01 -37.78 7.07
N GLN F 2 -31.02 -37.17 7.66
CA GLN F 2 -30.86 -36.27 8.79
C GLN F 2 -31.14 -37.04 10.07
N ILE F 3 -30.15 -37.08 10.96
CA ILE F 3 -30.27 -37.71 12.28
C ILE F 3 -30.21 -36.61 13.32
N GLU F 4 -31.30 -36.44 14.07
CA GLU F 4 -31.44 -35.43 15.09
C GLU F 4 -31.44 -36.13 16.45
N VAL F 5 -30.28 -36.12 17.11
CA VAL F 5 -30.10 -36.85 18.36
C VAL F 5 -30.24 -35.84 19.49
N THR F 6 -31.38 -35.88 20.18
CA THR F 6 -31.53 -35.08 21.40
C THR F 6 -31.05 -35.91 22.59
N VAL F 7 -30.12 -35.34 23.35
CA VAL F 7 -29.48 -36.02 24.48
C VAL F 7 -29.59 -35.12 25.70
N ARG F 8 -29.34 -35.70 26.86
CA ARG F 8 -29.32 -34.94 28.12
C ARG F 8 -28.08 -35.32 28.91
N ASN F 9 -27.32 -34.32 29.32
CA ASN F 9 -26.06 -34.57 30.01
C ASN F 9 -26.31 -34.94 31.47
N ILE F 10 -25.64 -36.00 31.91
CA ILE F 10 -25.81 -36.50 33.27
C ILE F 10 -24.78 -35.75 34.12
N THR F 11 -23.51 -35.97 33.85
CA THR F 11 -22.47 -35.14 34.42
C THR F 11 -22.28 -33.90 33.57
N PRO F 12 -21.64 -32.85 34.10
CA PRO F 12 -21.38 -31.66 33.27
C PRO F 12 -20.45 -31.95 32.09
N ILE F 13 -20.45 -31.05 31.12
CA ILE F 13 -19.69 -31.21 29.89
C ILE F 13 -18.58 -30.17 29.83
N PHE F 14 -17.37 -30.63 29.55
CA PHE F 14 -16.19 -29.78 29.46
C PHE F 14 -15.40 -30.19 28.22
N SER F 15 -15.55 -29.41 27.15
CA SER F 15 -14.77 -29.60 25.92
C SER F 15 -13.90 -28.36 25.75
N ALA F 16 -12.62 -28.49 26.06
CA ALA F 16 -11.77 -27.34 26.32
C ALA F 16 -11.44 -26.56 25.05
N ALA F 17 -11.51 -25.23 25.14
CA ALA F 17 -11.07 -24.35 24.06
C ALA F 17 -9.56 -24.15 24.14
N PRO F 18 -8.87 -24.13 22.99
CA PRO F 18 -7.40 -24.01 23.03
C PRO F 18 -6.88 -22.66 23.50
N GLY F 19 -7.71 -21.61 23.51
CA GLY F 19 -7.25 -20.33 23.98
C GLY F 19 -7.09 -20.29 25.49
N SER F 20 -5.90 -19.92 25.95
CA SER F 20 -5.62 -19.86 27.37
C SER F 20 -6.15 -18.56 27.98
N ASN F 21 -7.20 -18.68 28.80
CA ASN F 21 -7.79 -17.53 29.44
C ASN F 21 -7.46 -17.58 30.93
N TYR F 22 -7.97 -16.60 31.67
CA TYR F 22 -7.58 -16.44 33.07
C TYR F 22 -8.79 -15.98 33.88
N ILE F 23 -8.74 -16.22 35.19
CA ILE F 23 -9.88 -15.94 36.05
C ILE F 23 -9.39 -15.63 37.46
N THR F 24 -10.03 -14.65 38.11
CA THR F 24 -9.81 -14.31 39.51
C THR F 24 -10.71 -15.17 40.40
N ILE F 25 -10.85 -14.75 41.67
CA ILE F 25 -11.67 -15.48 42.65
C ILE F 25 -13.15 -15.53 42.27
N ASP F 26 -13.76 -14.39 41.93
CA ASP F 26 -15.21 -14.32 41.70
C ASP F 26 -15.42 -13.77 40.29
N GLY F 27 -15.46 -14.67 39.32
CA GLY F 27 -15.67 -14.25 37.94
C GLY F 27 -14.46 -13.52 37.38
N THR F 28 -14.74 -12.47 36.60
CA THR F 28 -13.75 -11.65 35.89
C THR F 28 -12.84 -12.52 35.01
N ILE F 29 -13.46 -13.11 33.99
CA ILE F 29 -12.72 -13.87 33.00
C ILE F 29 -11.85 -12.92 32.18
N ASN F 30 -10.58 -13.30 32.00
CA ASN F 30 -9.50 -12.51 31.40
C ASN F 30 -9.35 -11.15 32.06
N PRO F 31 -8.82 -11.08 33.28
CA PRO F 31 -8.65 -9.79 33.94
C PRO F 31 -7.42 -9.07 33.41
N PRO F 32 -7.22 -7.81 33.76
CA PRO F 32 -5.95 -7.13 33.45
C PRO F 32 -4.78 -7.77 34.20
N PRO F 33 -3.55 -7.58 33.72
CA PRO F 33 -2.39 -8.12 34.44
C PRO F 33 -2.18 -7.45 35.80
N GLY F 34 -1.66 -8.24 36.73
CA GLY F 34 -1.36 -7.72 38.06
C GLY F 34 -2.42 -7.97 39.11
N VAL F 35 -3.41 -8.83 38.81
CA VAL F 35 -4.50 -9.12 39.74
C VAL F 35 -4.30 -10.53 40.33
N SER F 36 -3.14 -11.14 40.08
CA SER F 36 -2.82 -12.54 40.43
C SER F 36 -3.86 -13.49 39.85
N ARG F 37 -3.91 -13.56 38.53
CA ARG F 37 -4.91 -14.35 37.83
C ARG F 37 -4.54 -15.83 37.78
N PHE F 38 -5.56 -16.68 37.79
CA PHE F 38 -5.37 -18.11 37.66
C PHE F 38 -5.60 -18.55 36.21
N PRO F 39 -4.87 -19.56 35.75
CA PRO F 39 -5.10 -20.09 34.40
C PRO F 39 -6.46 -20.78 34.29
N LEU F 40 -7.02 -20.72 33.09
CA LEU F 40 -8.38 -21.17 32.84
C LEU F 40 -8.45 -21.66 31.41
N VAL F 41 -9.00 -22.85 31.22
CA VAL F 41 -9.22 -23.41 29.91
C VAL F 41 -10.72 -23.55 29.72
N ARG F 42 -11.32 -22.64 28.98
CA ARG F 42 -12.77 -22.55 28.86
C ARG F 42 -13.30 -23.67 27.99
N THR F 43 -14.58 -24.01 28.21
CA THR F 43 -15.26 -24.92 27.31
C THR F 43 -15.41 -24.29 25.93
N ARG F 44 -15.32 -25.10 24.89
CA ARG F 44 -15.28 -24.56 23.54
C ARG F 44 -16.66 -24.03 23.14
N MET F 45 -16.64 -23.06 22.22
CA MET F 45 -17.69 -22.06 22.15
C MET F 45 -17.81 -21.51 20.73
N MET F 46 -18.94 -21.76 20.08
CA MET F 46 -19.31 -21.03 18.89
C MET F 46 -20.20 -19.85 19.21
N TYR F 47 -20.02 -18.75 18.48
CA TYR F 47 -21.03 -17.73 18.55
C TYR F 47 -22.24 -18.14 17.71
N VAL F 48 -23.36 -17.48 17.94
CA VAL F 48 -24.58 -17.77 17.21
C VAL F 48 -25.42 -16.50 17.16
N ALA F 49 -26.05 -16.25 16.02
CA ALA F 49 -27.02 -15.15 15.95
C ALA F 49 -28.26 -15.52 16.75
N ALA F 50 -28.69 -14.60 17.60
CA ALA F 50 -29.84 -14.85 18.45
C ALA F 50 -30.65 -13.58 18.64
N ASP F 51 -31.95 -13.76 18.84
CA ASP F 51 -32.89 -12.65 19.05
C ASP F 51 -32.87 -12.29 20.53
N VAL F 52 -31.97 -11.37 20.88
CA VAL F 52 -31.90 -10.90 22.26
C VAL F 52 -32.94 -9.84 22.54
N GLY F 53 -33.59 -9.32 21.52
CA GLY F 53 -34.61 -8.29 21.68
C GLY F 53 -35.71 -8.45 20.68
N ASP F 54 -36.28 -7.33 20.24
CA ASP F 54 -37.41 -7.35 19.31
C ASP F 54 -36.89 -7.49 17.88
N GLY F 55 -36.56 -8.71 17.49
CA GLY F 55 -36.24 -9.01 16.10
C GLY F 55 -34.84 -8.64 15.67
N VAL F 56 -33.99 -8.22 16.59
CA VAL F 56 -32.60 -7.92 16.31
C VAL F 56 -31.77 -9.09 16.82
N ILE F 57 -30.82 -9.55 16.01
CA ILE F 57 -30.00 -10.70 16.38
C ILE F 57 -28.56 -10.24 16.60
N LYS F 58 -27.94 -10.78 17.64
CA LYS F 58 -26.55 -10.54 17.96
C LYS F 58 -25.76 -11.84 17.94
N SER F 59 -24.44 -11.73 17.81
CA SER F 59 -23.57 -12.94 17.81
C SER F 59 -23.27 -13.34 19.25
N VAL F 60 -24.28 -13.83 19.98
CA VAL F 60 -24.11 -14.24 21.41
C VAL F 60 -23.20 -15.47 21.47
N PRO F 61 -22.31 -15.59 22.48
CA PRO F 61 -21.43 -16.75 22.59
C PRO F 61 -22.21 -17.99 23.06
N LEU F 62 -21.98 -19.14 22.41
CA LEU F 62 -22.65 -20.39 22.81
C LEU F 62 -21.57 -21.46 23.06
N GLN F 63 -21.63 -22.13 24.21
CA GLN F 63 -20.64 -23.16 24.50
C GLN F 63 -21.16 -24.52 24.07
N ILE F 64 -20.36 -25.23 23.27
CA ILE F 64 -20.78 -26.46 22.62
C ILE F 64 -19.68 -27.51 22.76
N VAL F 65 -19.91 -28.64 22.11
CA VAL F 65 -18.89 -29.64 21.85
C VAL F 65 -18.67 -29.66 20.33
N PRO F 66 -17.43 -29.52 19.85
CA PRO F 66 -17.23 -29.33 18.40
C PRO F 66 -17.53 -30.57 17.59
N GLY F 67 -17.74 -30.36 16.28
CA GLY F 67 -18.11 -31.45 15.41
C GLY F 67 -16.95 -32.39 15.12
N ASN F 68 -15.72 -31.88 15.20
CA ASN F 68 -14.56 -32.75 14.99
C ASN F 68 -14.37 -33.70 16.16
N THR F 69 -14.66 -33.23 17.38
CA THR F 69 -14.57 -34.07 18.57
C THR F 69 -15.54 -35.24 18.51
N MET F 70 -16.80 -34.97 18.19
CA MET F 70 -17.75 -36.07 18.17
C MET F 70 -17.76 -36.83 16.85
N ARG F 71 -17.17 -36.28 15.79
CA ARG F 71 -16.89 -37.10 14.62
C ARG F 71 -15.81 -38.13 14.94
N SER F 72 -14.77 -37.71 15.66
CA SER F 72 -13.77 -38.65 16.15
C SER F 72 -14.37 -39.62 17.16
N LEU F 73 -15.33 -39.16 17.97
CA LEU F 73 -16.02 -40.03 18.92
C LEU F 73 -16.83 -41.11 18.20
N LEU F 74 -17.61 -40.72 17.20
CA LEU F 74 -18.45 -41.67 16.48
C LEU F 74 -17.59 -42.66 15.69
N ARG F 75 -16.50 -42.16 15.08
CA ARG F 75 -15.55 -43.03 14.41
C ARG F 75 -14.91 -44.01 15.39
N ARG F 76 -14.53 -43.52 16.58
CA ARG F 76 -13.86 -44.35 17.56
C ARG F 76 -14.79 -45.39 18.17
N THR F 77 -16.06 -45.06 18.40
CA THR F 77 -16.95 -46.06 18.98
C THR F 77 -17.35 -47.11 17.93
N MET F 78 -17.53 -46.71 16.67
CA MET F 78 -17.87 -47.69 15.64
C MET F 78 -16.67 -48.57 15.32
N LEU F 79 -15.46 -48.00 15.40
CA LEU F 79 -14.26 -48.78 15.14
C LEU F 79 -13.79 -49.50 16.40
N LYS F 80 -14.40 -49.19 17.55
CA LYS F 80 -13.98 -49.83 18.79
C LYS F 80 -14.83 -51.06 19.07
N HIS F 81 -16.14 -50.98 18.82
CA HIS F 81 -16.95 -52.18 19.02
C HIS F 81 -17.96 -52.52 17.92
N VAL F 82 -17.83 -52.00 16.70
CA VAL F 82 -18.63 -52.53 15.59
C VAL F 82 -17.76 -53.06 14.46
N ILE F 83 -16.56 -52.52 14.27
CA ILE F 83 -15.75 -52.87 13.10
C ILE F 83 -14.60 -53.78 13.51
N GLU F 84 -13.80 -53.36 14.49
CA GLU F 84 -12.64 -54.15 14.91
C GLU F 84 -12.99 -55.48 15.59
N PRO F 85 -14.08 -55.62 16.37
CA PRO F 85 -14.55 -56.99 16.68
C PRO F 85 -14.90 -57.82 15.45
N ALA F 86 -15.46 -57.20 14.41
CA ALA F 86 -15.73 -57.94 13.18
C ALA F 86 -14.43 -58.22 12.41
N LEU F 87 -13.41 -57.38 12.59
CA LEU F 87 -12.13 -57.63 11.95
C LEU F 87 -11.40 -58.79 12.61
N VAL F 88 -11.37 -58.81 13.95
CA VAL F 88 -10.59 -59.84 14.64
C VAL F 88 -11.42 -61.11 14.85
N GLU F 89 -12.74 -61.05 14.62
CA GLU F 89 -13.57 -62.23 14.79
C GLU F 89 -13.33 -63.23 13.67
N LYS F 90 -13.15 -62.74 12.45
CA LYS F 90 -12.78 -63.61 11.33
C LYS F 90 -11.29 -63.53 11.00
N GLY F 91 -10.49 -62.96 11.89
CA GLY F 91 -9.05 -63.12 11.85
C GLY F 91 -8.26 -62.12 11.06
N ASN F 92 -8.91 -61.21 10.34
CA ASN F 92 -8.18 -60.24 9.53
C ASN F 92 -7.57 -59.15 10.40
N LYS F 93 -6.34 -58.77 10.09
CA LYS F 93 -5.60 -57.79 10.86
C LYS F 93 -5.21 -56.62 9.97
N LEU F 94 -5.47 -55.41 10.45
CA LEU F 94 -5.06 -54.20 9.76
C LEU F 94 -3.55 -54.03 9.82
N SER F 95 -2.99 -53.42 8.78
CA SER F 95 -1.61 -52.99 8.83
C SER F 95 -1.48 -51.74 9.71
N ILE F 96 -0.23 -51.35 9.98
CA ILE F 96 0.01 -50.19 10.83
C ILE F 96 -0.41 -48.91 10.10
N GLY F 97 -0.13 -48.83 8.81
CA GLY F 97 -0.67 -47.74 8.01
C GLY F 97 -2.17 -47.85 7.85
N ALA F 98 -2.69 -49.08 7.77
CA ALA F 98 -4.14 -49.27 7.69
C ALA F 98 -4.82 -48.85 8.99
N TYR F 99 -4.18 -49.12 10.12
CA TYR F 99 -4.70 -48.66 11.40
C TYR F 99 -4.66 -47.14 11.51
N ALA F 100 -3.58 -46.53 11.01
CA ALA F 100 -3.45 -45.07 11.03
C ALA F 100 -4.51 -44.42 10.14
N THR F 101 -4.79 -45.01 8.97
CA THR F 101 -5.84 -44.48 8.11
C THR F 101 -7.23 -44.79 8.65
N ALA F 102 -7.37 -45.85 9.45
CA ALA F 102 -8.66 -46.15 10.04
C ALA F 102 -9.02 -45.19 11.16
N TYR F 103 -8.04 -44.85 12.01
CA TYR F 103 -8.34 -43.99 13.15
C TYR F 103 -8.10 -42.50 12.84
N SER F 104 -7.00 -42.17 12.18
CA SER F 104 -6.71 -40.76 11.93
C SER F 104 -7.21 -40.31 10.56
N GLY F 105 -7.23 -41.21 9.58
CA GLY F 105 -7.55 -40.87 8.21
C GLY F 105 -6.35 -40.80 7.30
N ASN F 106 -5.13 -40.89 7.82
CA ASN F 106 -3.94 -40.83 7.00
C ASN F 106 -2.87 -41.71 7.62
N ALA F 107 -1.96 -42.19 6.77
CA ALA F 107 -0.84 -42.99 7.23
C ALA F 107 0.32 -42.10 7.69
N THR F 108 0.85 -41.28 6.79
CA THR F 108 1.87 -40.30 7.11
C THR F 108 1.31 -38.90 6.91
N GLY F 109 2.14 -37.91 7.22
CA GLY F 109 1.76 -36.53 6.94
C GLY F 109 1.71 -36.22 5.46
N ASN F 110 2.67 -36.77 4.71
CA ASN F 110 2.74 -36.50 3.28
C ASN F 110 1.73 -37.37 2.52
N PRO F 111 0.82 -36.77 1.77
CA PRO F 111 -0.09 -37.57 0.95
C PRO F 111 0.41 -37.74 -0.48
N ASP F 112 -0.32 -38.51 -1.28
CA ASP F 112 0.04 -38.69 -2.67
C ASP F 112 -0.36 -37.46 -3.48
N GLY F 113 0.57 -36.99 -4.32
CA GLY F 113 0.23 -35.93 -5.25
C GLY F 113 -0.59 -36.43 -6.43
N VAL F 114 -0.54 -37.74 -6.69
CA VAL F 114 -1.29 -38.32 -7.81
C VAL F 114 -2.75 -38.51 -7.40
N PRO F 115 -3.68 -38.58 -8.35
CA PRO F 115 -5.03 -39.02 -8.00
C PRO F 115 -5.19 -40.52 -8.21
N SER F 116 -6.10 -41.11 -7.44
CA SER F 116 -6.36 -42.54 -7.55
C SER F 116 -7.40 -42.82 -8.62
N SER F 117 -7.48 -44.09 -9.01
CA SER F 117 -8.41 -44.51 -10.07
C SER F 117 -9.84 -44.49 -9.55
N PHE F 118 -10.79 -44.49 -10.49
CA PHE F 118 -12.19 -44.39 -10.10
C PHE F 118 -12.68 -45.70 -9.47
N ASP F 119 -12.17 -46.84 -9.94
CA ASP F 119 -12.60 -48.14 -9.42
C ASP F 119 -12.24 -48.27 -7.94
N GLU F 120 -11.11 -47.69 -7.53
CA GLU F 120 -10.80 -47.57 -6.11
C GLU F 120 -11.88 -46.80 -5.36
N ILE F 121 -12.24 -45.59 -5.85
CA ILE F 121 -13.24 -44.75 -5.19
C ILE F 121 -14.61 -45.43 -5.17
N ALA F 122 -14.91 -46.22 -6.20
CA ALA F 122 -16.15 -46.98 -6.21
C ALA F 122 -16.13 -48.09 -5.16
N THR F 123 -14.97 -48.68 -4.90
CA THR F 123 -14.88 -49.69 -3.85
C THR F 123 -14.98 -49.06 -2.46
N MET F 124 -14.19 -48.01 -2.20
CA MET F 124 -14.11 -47.51 -0.82
C MET F 124 -15.32 -46.66 -0.45
N ARG F 125 -15.81 -45.90 -1.43
CA ARG F 125 -17.01 -45.04 -1.26
C ARG F 125 -18.24 -45.96 -1.15
N ALA F 126 -19.33 -45.46 -0.53
CA ALA F 126 -20.56 -46.27 -0.33
C ALA F 126 -20.20 -47.57 0.41
N HIS F 127 -19.41 -47.44 1.48
CA HIS F 127 -18.90 -48.56 2.32
C HIS F 127 -19.27 -48.27 3.77
N PRO F 128 -19.35 -49.28 4.66
CA PRO F 128 -19.75 -49.05 6.05
C PRO F 128 -18.81 -48.09 6.78
N PHE F 129 -17.49 -48.22 6.55
CA PHE F 129 -16.53 -47.34 7.27
C PHE F 129 -15.75 -46.39 6.34
N ILE F 130 -15.15 -46.90 5.26
CA ILE F 130 -14.30 -46.03 4.44
C ILE F 130 -15.14 -45.09 3.59
N GLY F 131 -16.38 -45.47 3.29
CA GLY F 131 -17.30 -44.53 2.69
C GLY F 131 -17.61 -43.36 3.61
N LEU F 132 -17.86 -43.65 4.89
CA LEU F 132 -18.21 -42.60 5.85
C LEU F 132 -17.02 -41.69 6.12
N PHE F 133 -15.83 -42.27 6.23
CA PHE F 133 -14.62 -41.54 6.60
C PHE F 133 -13.60 -41.70 5.49
N GLY F 134 -13.30 -40.61 4.80
CA GLY F 134 -12.34 -40.67 3.71
C GLY F 134 -10.90 -40.57 4.17
N GLY F 135 -10.08 -39.90 3.39
CA GLY F 135 -8.70 -39.68 3.76
C GLY F 135 -7.72 -40.52 2.96
N GLY F 136 -6.69 -40.98 3.66
CA GLY F 136 -5.64 -41.74 3.04
C GLY F 136 -4.71 -40.86 2.25
N PRO F 137 -3.81 -41.47 1.48
CA PRO F 137 -2.83 -40.68 0.71
C PRO F 137 -3.44 -39.90 -0.46
N ARG F 138 -4.61 -40.33 -0.92
CA ARG F 138 -5.31 -39.68 -2.06
C ARG F 138 -6.40 -38.71 -1.57
N MET F 139 -6.52 -38.53 -0.24
CA MET F 139 -7.52 -37.60 0.34
C MET F 139 -8.93 -37.92 -0.17
N LEU F 140 -9.34 -39.20 -0.11
CA LEU F 140 -10.69 -39.62 -0.59
C LEU F 140 -11.76 -38.91 0.25
N GLU F 141 -12.82 -38.43 -0.41
CA GLU F 141 -13.96 -37.71 0.23
C GLU F 141 -14.76 -38.68 1.11
N GLY F 142 -15.23 -38.22 2.27
CA GLY F 142 -16.02 -39.04 3.20
C GLY F 142 -17.51 -38.69 3.15
N ARG F 143 -18.36 -39.70 3.00
CA ARG F 143 -19.80 -39.52 2.90
C ARG F 143 -20.40 -38.84 4.12
N LEU F 144 -19.79 -39.00 5.29
CA LEU F 144 -20.47 -38.67 6.54
C LEU F 144 -20.16 -37.26 6.99
N MET F 145 -21.15 -36.61 7.59
CA MET F 145 -21.18 -35.16 7.75
C MET F 145 -21.66 -34.89 9.17
N VAL F 146 -20.72 -34.79 10.10
CA VAL F 146 -20.99 -34.78 11.54
C VAL F 146 -20.99 -33.35 12.03
N ASP F 147 -22.10 -32.91 12.59
CA ASP F 147 -22.21 -31.56 13.12
C ASP F 147 -21.82 -31.53 14.59
N SER F 148 -21.69 -30.33 15.13
CA SER F 148 -21.39 -30.11 16.53
C SER F 148 -22.66 -30.20 17.38
N LEU F 149 -22.47 -30.46 18.67
CA LEU F 149 -23.57 -30.68 19.59
C LEU F 149 -23.93 -29.36 20.26
N TYR F 150 -24.93 -28.67 19.74
CA TYR F 150 -25.44 -27.49 20.43
C TYR F 150 -26.27 -27.90 21.63
N PRO F 151 -26.32 -27.07 22.67
CA PRO F 151 -27.36 -27.23 23.68
C PRO F 151 -28.69 -26.71 23.14
N ILE F 152 -29.77 -27.30 23.63
CA ILE F 152 -31.08 -26.70 23.41
C ILE F 152 -31.13 -25.43 24.25
N HIS F 153 -31.06 -24.28 23.59
CA HIS F 153 -30.87 -23.02 24.28
C HIS F 153 -31.50 -21.92 23.45
N THR F 154 -31.83 -20.81 24.10
CA THR F 154 -32.50 -19.72 23.38
C THR F 154 -31.53 -19.01 22.44
N ASN F 155 -30.23 -19.05 22.76
CA ASN F 155 -29.23 -18.46 21.87
C ASN F 155 -29.13 -19.24 20.57
N ALA F 156 -29.34 -20.55 20.64
CA ALA F 156 -29.46 -21.38 19.45
C ALA F 156 -30.91 -21.55 19.01
N GLU F 157 -31.77 -20.56 19.24
CA GLU F 157 -33.13 -20.65 18.69
C GLU F 157 -33.11 -20.52 17.16
N ARG F 158 -32.16 -19.75 16.62
CA ARG F 158 -32.08 -19.59 15.17
C ARG F 158 -31.56 -20.85 14.50
N ILE F 159 -30.94 -21.73 15.30
CA ILE F 159 -30.46 -23.04 14.79
C ILE F 159 -31.54 -24.07 15.17
N LEU F 160 -31.98 -24.87 14.21
CA LEU F 160 -33.09 -25.86 14.43
C LEU F 160 -34.30 -25.12 14.99
N GLY F 161 -34.67 -24.01 14.35
CA GLY F 161 -35.78 -23.12 14.74
C GLY F 161 -37.16 -23.69 14.42
N ALA F 162 -38.20 -23.03 14.95
CA ALA F 162 -39.62 -23.42 14.80
C ALA F 162 -39.86 -24.82 15.38
N GLY F 163 -39.17 -25.12 16.49
CA GLY F 163 -39.31 -26.37 17.20
C GLY F 163 -39.03 -26.16 18.68
N TYR F 164 -39.49 -27.14 19.48
CA TYR F 164 -39.39 -27.11 20.95
C TYR F 164 -40.02 -25.84 21.53
N GLU F 165 -41.35 -25.76 21.46
CA GLU F 165 -42.11 -24.61 21.97
C GLU F 165 -41.87 -24.39 23.46
N ASN F 166 -41.84 -25.47 24.24
CA ASN F 166 -41.41 -25.44 25.62
C ASN F 166 -39.96 -25.92 25.73
N GLU F 167 -39.53 -26.20 26.96
CA GLU F 167 -38.25 -26.87 27.32
C GLU F 167 -37.02 -26.19 26.73
N MET F 168 -37.05 -24.85 26.71
CA MET F 168 -36.03 -24.04 26.09
C MET F 168 -35.25 -23.30 27.16
N MET F 169 -33.93 -23.54 27.22
CA MET F 169 -33.08 -22.92 28.24
C MET F 169 -32.78 -21.49 27.86
N SER F 170 -32.99 -20.57 28.81
CA SER F 170 -32.80 -19.15 28.57
C SER F 170 -31.77 -18.49 29.47
N GLY F 171 -31.51 -19.04 30.65
CA GLY F 171 -30.61 -18.43 31.59
C GLY F 171 -29.16 -18.76 31.30
N PRO F 172 -28.27 -18.30 32.18
CA PRO F 172 -26.87 -18.75 32.12
C PRO F 172 -26.77 -20.25 32.36
N ILE F 173 -25.93 -20.90 31.55
CA ILE F 173 -25.88 -22.36 31.52
C ILE F 173 -24.48 -22.89 31.79
N THR F 174 -23.64 -22.13 32.49
CA THR F 174 -22.28 -22.60 32.77
C THR F 174 -21.91 -22.37 34.23
N GLN F 175 -20.71 -22.83 34.58
CA GLN F 175 -20.14 -22.80 35.91
C GLN F 175 -18.64 -23.00 35.80
N VAL F 176 -17.87 -22.31 36.62
CA VAL F 176 -16.43 -22.50 36.66
C VAL F 176 -16.10 -23.36 37.86
N VAL F 177 -15.41 -24.46 37.62
CA VAL F 177 -15.09 -25.43 38.68
C VAL F 177 -13.58 -25.38 38.91
N TRP F 178 -13.20 -25.21 40.17
CA TRP F 178 -11.81 -25.06 40.58
C TRP F 178 -11.23 -26.40 40.96
N ALA F 179 -10.01 -26.66 40.51
CA ALA F 179 -9.26 -27.85 40.88
C ALA F 179 -7.89 -27.41 41.38
N ARG F 180 -7.55 -27.78 42.61
CA ARG F 180 -6.26 -27.46 43.19
C ARG F 180 -5.38 -28.70 43.18
N ARG F 181 -4.08 -28.50 43.20
CA ARG F 181 -3.12 -29.58 43.29
C ARG F 181 -2.52 -29.59 44.69
N MET F 182 -2.34 -30.79 45.24
CA MET F 182 -1.56 -30.92 46.45
C MET F 182 -0.16 -31.41 46.13
N ASP F 183 0.79 -31.00 46.95
CA ASP F 183 2.05 -31.67 47.03
C ASP F 183 1.93 -32.72 48.13
N PRO F 184 1.95 -34.01 47.78
CA PRO F 184 1.62 -35.05 48.77
C PRO F 184 2.67 -35.20 49.86
N ILE F 185 3.91 -34.86 49.53
CA ILE F 185 5.01 -34.95 50.48
C ILE F 185 4.83 -33.92 51.59
N LEU F 186 4.37 -32.73 51.21
CA LEU F 186 4.14 -31.63 52.19
C LEU F 186 3.03 -32.04 53.17
N ASN F 187 1.95 -32.63 52.65
CA ASN F 187 0.80 -33.04 53.50
C ASN F 187 0.99 -34.45 54.04
N LEU F 188 1.99 -34.65 54.91
CA LEU F 188 2.19 -36.01 55.52
C LEU F 188 2.11 -35.90 57.05
N GLY F 189 3.06 -35.18 57.66
CA GLY F 189 3.10 -34.96 59.12
C GLY F 189 3.05 -36.25 59.92
N SER F 190 3.75 -37.29 59.47
CA SER F 190 3.76 -38.59 60.20
C SER F 190 4.98 -39.43 59.79
N SER F 191 5.29 -40.46 60.58
CA SER F 191 6.41 -41.35 60.28
C SER F 191 5.97 -42.57 59.48
N GLU F 192 4.73 -43.02 59.72
CA GLU F 192 4.18 -44.18 59.03
C GLU F 192 4.03 -43.91 57.53
N ASP F 193 3.76 -42.67 57.15
CA ASP F 193 3.60 -42.34 55.74
C ASP F 193 4.94 -42.26 55.02
N VAL F 194 6.02 -41.95 55.74
CA VAL F 194 7.29 -41.72 55.07
C VAL F 194 8.20 -42.95 55.24
N GLU F 195 7.70 -43.97 55.96
CA GLU F 195 8.40 -45.25 56.03
C GLU F 195 8.43 -45.99 54.68
N VAL F 196 7.61 -45.54 53.73
CA VAL F 196 7.47 -46.20 52.44
C VAL F 196 8.54 -45.71 51.45
N ILE F 197 9.17 -44.57 51.75
CA ILE F 197 10.10 -43.93 50.81
C ILE F 197 11.42 -44.69 50.78
N ASN F 198 12.01 -44.81 49.60
CA ASN F 198 13.42 -45.18 49.50
C ASN F 198 14.25 -43.99 49.97
N GLY F 199 14.91 -44.16 51.11
CA GLY F 199 15.59 -43.08 51.79
C GLY F 199 14.84 -42.55 52.99
N GLY F 200 13.53 -42.42 52.90
CA GLY F 200 12.72 -42.12 54.06
C GLY F 200 12.62 -40.64 54.37
N ALA F 201 12.81 -40.33 55.66
CA ALA F 201 12.59 -38.98 56.16
C ALA F 201 13.61 -38.00 55.61
N VAL F 202 14.85 -38.45 55.43
CA VAL F 202 15.90 -37.58 54.91
C VAL F 202 15.64 -37.27 53.42
N ALA F 203 15.10 -38.24 52.68
CA ALA F 203 14.79 -38.01 51.27
C ALA F 203 13.59 -37.07 51.12
N ALA F 204 12.57 -37.25 51.96
CA ALA F 204 11.42 -36.35 51.96
C ALA F 204 11.82 -34.94 52.38
N ASN F 205 12.71 -34.83 53.37
CA ASN F 205 13.20 -33.52 53.78
C ASN F 205 14.05 -32.87 52.70
N GLY F 206 14.81 -33.66 51.94
CA GLY F 206 15.56 -33.10 50.83
C GLY F 206 14.69 -32.59 49.70
N TRP F 207 13.63 -33.32 49.37
CA TRP F 207 12.70 -32.86 48.34
C TRP F 207 11.93 -31.62 48.79
N ILE F 208 11.54 -31.57 50.08
CA ILE F 208 10.89 -30.37 50.62
C ILE F 208 11.87 -29.19 50.64
N GLN F 209 13.16 -29.47 50.91
CA GLN F 209 14.19 -28.45 50.91
C GLN F 209 14.40 -27.87 49.51
N ASP F 210 14.34 -28.73 48.49
CA ASP F 210 14.37 -28.24 47.10
C ASP F 210 13.14 -27.41 46.79
N LEU F 211 11.98 -27.81 47.35
CA LEU F 211 10.76 -27.03 47.16
C LEU F 211 10.83 -25.67 47.84
N LEU F 212 11.63 -25.56 48.91
CA LEU F 212 11.83 -24.28 49.57
C LEU F 212 12.65 -23.34 48.71
N ALA F 213 13.64 -23.87 48.00
CA ALA F 213 14.41 -23.06 47.07
C ALA F 213 13.58 -22.67 45.86
N ASN F 214 12.68 -23.56 45.43
CA ASN F 214 11.85 -23.26 44.27
C ASN F 214 10.56 -22.52 44.60
N SER F 215 10.27 -22.29 45.89
CA SER F 215 9.01 -21.65 46.26
C SER F 215 9.03 -20.15 45.97
N LYS F 216 10.14 -19.48 46.26
CA LYS F 216 10.22 -18.03 46.14
C LYS F 216 10.64 -17.62 44.74
N GLY F 240 12.14 -26.41 35.82
CA GLY F 240 11.82 -27.10 37.05
C GLY F 240 10.51 -26.65 37.67
N ARG F 241 9.41 -26.94 36.99
CA ARG F 241 8.09 -26.60 37.51
C ARG F 241 7.72 -27.49 38.69
N GLY F 242 7.25 -26.86 39.75
CA GLY F 242 6.81 -27.60 40.93
C GLY F 242 5.35 -28.01 40.85
N LEU F 243 4.91 -28.70 41.88
CA LEU F 243 3.53 -29.13 42.01
C LEU F 243 2.75 -28.08 42.79
N LYS F 244 1.56 -28.46 43.26
CA LYS F 244 0.69 -27.68 44.15
C LYS F 244 0.25 -26.35 43.50
N ALA F 245 -0.57 -26.49 42.45
CA ALA F 245 -1.22 -25.38 41.79
C ALA F 245 -2.71 -25.33 42.17
N PHE F 246 -3.39 -24.30 41.68
CA PHE F 246 -4.83 -24.07 41.95
C PHE F 246 -5.43 -23.37 40.75
N ASN F 247 -6.15 -24.12 39.90
CA ASN F 247 -6.59 -23.63 38.60
C ASN F 247 -8.10 -23.81 38.50
N ALA F 248 -8.63 -23.42 37.34
CA ALA F 248 -10.06 -23.50 37.08
C ALA F 248 -10.30 -24.07 35.70
N HIS F 249 -11.51 -24.55 35.47
CA HIS F 249 -11.98 -24.76 34.11
C HIS F 249 -13.46 -24.40 34.02
N GLU F 250 -13.80 -23.80 32.88
CA GLU F 250 -15.14 -23.29 32.62
C GLU F 250 -15.94 -24.38 31.92
N VAL F 251 -17.08 -24.74 32.50
CA VAL F 251 -17.75 -26.02 32.24
C VAL F 251 -19.25 -25.78 32.14
N VAL F 252 -19.89 -26.37 31.13
CA VAL F 252 -21.34 -26.27 30.99
C VAL F 252 -22.03 -27.02 32.13
N ILE F 253 -23.17 -26.50 32.59
CA ILE F 253 -23.93 -27.09 33.69
C ILE F 253 -24.55 -28.42 33.25
N PRO F 254 -24.85 -29.36 34.15
CA PRO F 254 -25.47 -30.61 33.73
C PRO F 254 -26.99 -30.55 33.79
N GLY F 255 -27.60 -31.52 33.12
CA GLY F 255 -29.04 -31.73 33.20
C GLY F 255 -29.88 -30.97 32.21
N LEU F 256 -29.25 -30.42 31.18
CA LEU F 256 -29.95 -29.61 30.14
C LEU F 256 -29.96 -30.37 28.81
N LYS F 257 -30.94 -30.07 27.95
CA LYS F 257 -31.07 -30.76 26.68
C LYS F 257 -30.03 -30.26 25.67
N TRP F 258 -29.52 -31.19 24.87
CA TRP F 258 -28.59 -30.90 23.79
C TRP F 258 -29.12 -31.54 22.53
N VAL F 259 -28.78 -30.97 21.38
CA VAL F 259 -29.15 -31.54 20.09
C VAL F 259 -27.88 -31.79 19.28
N TRP F 260 -27.92 -32.87 18.49
CA TRP F 260 -26.83 -33.26 17.61
C TRP F 260 -27.42 -33.57 16.25
N ARG F 261 -26.65 -33.28 15.20
CA ARG F 261 -27.10 -33.55 13.84
C ARG F 261 -26.04 -34.37 13.11
N ILE F 262 -26.50 -35.41 12.43
CA ILE F 262 -25.66 -36.27 11.60
C ILE F 262 -26.27 -36.28 10.21
N SER F 263 -25.46 -36.04 9.19
CA SER F 263 -25.97 -35.93 7.83
C SER F 263 -25.15 -36.81 6.88
N LEU F 264 -25.79 -37.18 5.78
CA LEU F 264 -25.30 -38.20 4.86
C LEU F 264 -25.88 -37.93 3.47
N ASP F 265 -25.00 -37.78 2.48
CA ASP F 265 -25.42 -37.52 1.11
C ASP F 265 -25.28 -38.80 0.29
N ARG F 266 -26.40 -39.23 -0.30
CA ARG F 266 -26.54 -40.52 -0.97
C ARG F 266 -25.97 -41.70 -0.19
N PRO F 267 -26.52 -42.01 0.99
CA PRO F 267 -25.91 -43.07 1.81
C PRO F 267 -26.44 -44.45 1.45
N THR F 268 -25.60 -45.46 1.60
CA THR F 268 -26.08 -46.82 1.52
C THR F 268 -26.75 -47.19 2.85
N ASP F 269 -27.48 -48.30 2.82
CA ASP F 269 -28.14 -48.76 4.04
C ASP F 269 -27.14 -49.29 5.06
N ALA F 270 -26.00 -49.81 4.59
CA ALA F 270 -24.98 -50.31 5.50
C ALA F 270 -24.30 -49.17 6.25
N GLN F 271 -24.06 -48.04 5.59
CA GLN F 271 -23.44 -46.89 6.24
C GLN F 271 -24.35 -46.30 7.32
N VAL F 272 -25.65 -46.18 7.00
CA VAL F 272 -26.61 -45.66 7.96
C VAL F 272 -26.76 -46.64 9.12
N GLY F 273 -26.74 -47.93 8.82
CA GLY F 273 -26.79 -48.94 9.89
C GLY F 273 -25.56 -48.92 10.78
N LEU F 274 -24.39 -48.63 10.21
CA LEU F 274 -23.18 -48.53 11.00
C LEU F 274 -23.23 -47.30 11.91
N VAL F 275 -23.77 -46.18 11.40
CA VAL F 275 -23.97 -45.00 12.23
C VAL F 275 -24.96 -45.30 13.35
N LEU F 276 -26.05 -46.01 13.05
CA LEU F 276 -27.04 -46.34 14.05
C LEU F 276 -26.53 -47.34 15.07
N LEU F 277 -25.61 -48.23 14.68
CA LEU F 277 -25.03 -49.17 15.63
C LEU F 277 -24.01 -48.49 16.52
N ALA F 278 -23.28 -47.51 15.99
CA ALA F 278 -22.42 -46.68 16.83
C ALA F 278 -23.25 -45.86 17.80
N LEU F 279 -24.43 -45.40 17.36
CA LEU F 279 -25.25 -44.52 18.17
C LEU F 279 -26.11 -45.30 19.16
N ASN F 280 -26.31 -46.59 18.92
CA ASN F 280 -27.00 -47.44 19.88
C ASN F 280 -26.21 -47.56 21.17
N LYS F 281 -24.93 -47.87 21.05
CA LYS F 281 -23.99 -47.96 22.16
C LYS F 281 -23.04 -46.76 22.22
N MET F 282 -23.54 -45.58 21.88
CA MET F 282 -22.81 -44.33 22.10
C MET F 282 -22.83 -43.93 23.58
N THR F 283 -23.80 -44.45 24.33
CA THR F 283 -24.14 -43.94 25.66
C THR F 283 -23.08 -44.23 26.72
N ASN F 284 -22.11 -45.08 26.41
CA ASN F 284 -21.04 -45.39 27.34
C ASN F 284 -19.73 -44.65 27.04
N GLU F 285 -19.71 -43.78 26.03
CA GLU F 285 -18.48 -43.14 25.61
C GLU F 285 -18.46 -41.67 26.07
N ARG F 286 -17.43 -40.94 25.66
CA ARG F 286 -17.10 -39.63 26.24
C ARG F 286 -17.16 -38.54 25.17
N ILE F 287 -18.26 -37.77 25.14
CA ILE F 287 -18.40 -36.71 24.16
C ILE F 287 -17.41 -35.58 24.42
N ALA F 288 -17.01 -35.40 25.67
CA ALA F 288 -16.20 -34.25 26.05
C ALA F 288 -14.78 -34.68 26.39
N GLY F 289 -13.97 -33.71 26.82
CA GLY F 289 -12.72 -33.99 27.49
C GLY F 289 -12.89 -33.96 29.00
N GLY F 290 -11.77 -34.11 29.70
CA GLY F 290 -11.75 -34.14 31.14
C GLY F 290 -12.51 -35.31 31.72
N HIS F 291 -12.28 -36.50 31.18
CA HIS F 291 -13.08 -37.67 31.56
C HIS F 291 -12.67 -38.28 32.88
N SER F 292 -11.52 -37.86 33.46
CA SER F 292 -11.16 -38.33 34.79
C SER F 292 -12.13 -37.81 35.84
N LYS F 293 -12.71 -36.63 35.62
CA LYS F 293 -13.81 -36.14 36.42
C LYS F 293 -15.17 -36.59 35.89
N ASP F 294 -15.18 -37.63 35.03
CA ASP F 294 -16.38 -38.20 34.42
C ASP F 294 -17.18 -37.18 33.62
N TYR F 295 -16.51 -36.18 33.06
CA TYR F 295 -17.23 -35.09 32.41
C TYR F 295 -17.67 -35.53 31.01
N GLY F 296 -18.97 -35.40 30.76
CA GLY F 296 -19.54 -35.72 29.46
C GLY F 296 -20.43 -36.94 29.39
N ARG F 297 -20.93 -37.43 30.51
CA ARG F 297 -21.93 -38.50 30.47
C ARG F 297 -23.25 -37.93 29.97
N PHE F 298 -23.88 -38.65 29.06
CA PHE F 298 -25.11 -38.19 28.42
C PHE F 298 -26.07 -39.35 28.28
N VAL F 299 -27.37 -39.07 28.45
CA VAL F 299 -28.43 -40.04 28.20
C VAL F 299 -29.27 -39.51 27.04
N ILE F 300 -29.51 -40.37 26.06
CA ILE F 300 -30.18 -39.95 24.83
C ILE F 300 -31.67 -39.79 25.09
N ASP F 301 -32.17 -38.57 24.90
CA ASP F 301 -33.61 -38.34 25.01
C ASP F 301 -34.36 -38.95 23.84
N GLY F 302 -33.78 -38.89 22.65
CA GLY F 302 -34.44 -39.45 21.48
C GLY F 302 -33.60 -39.25 20.25
N VAL F 303 -33.96 -39.99 19.21
CA VAL F 303 -33.25 -39.98 17.93
C VAL F 303 -34.30 -39.84 16.83
N SER F 304 -34.20 -38.76 16.06
CA SER F 304 -35.13 -38.49 14.98
C SER F 304 -34.45 -38.86 13.67
N LEU F 305 -35.00 -39.84 12.97
CA LEU F 305 -34.42 -40.31 11.73
C LEU F 305 -35.25 -39.76 10.57
N ASN F 306 -34.78 -38.64 9.99
CA ASN F 306 -35.58 -37.78 9.09
C ASN F 306 -36.88 -37.34 9.73
N GLY F 307 -36.85 -37.08 11.04
CA GLY F 307 -37.98 -36.53 11.75
C GLY F 307 -38.85 -37.50 12.51
N GLU F 308 -38.63 -38.81 12.35
CA GLU F 308 -39.42 -39.80 13.07
C GLU F 308 -38.62 -40.36 14.23
N GLN F 309 -39.30 -40.51 15.37
CA GLN F 309 -38.63 -40.85 16.62
C GLN F 309 -38.37 -42.36 16.64
N VAL F 310 -37.09 -42.75 16.67
CA VAL F 310 -36.72 -44.15 16.55
C VAL F 310 -35.98 -44.66 17.78
N TRP F 311 -35.88 -43.85 18.83
CA TRP F 311 -35.13 -44.23 20.02
C TRP F 311 -36.08 -44.70 21.12
N SER F 312 -35.74 -45.84 21.73
CA SER F 312 -36.42 -46.34 22.92
C SER F 312 -35.38 -46.63 23.99
N GLN F 313 -35.83 -47.26 25.08
CA GLN F 313 -34.93 -47.61 26.16
C GLN F 313 -33.95 -48.71 25.73
N SER F 314 -34.42 -49.68 24.95
CA SER F 314 -33.56 -50.75 24.46
C SER F 314 -33.00 -50.41 23.08
N GLY F 315 -32.36 -49.24 23.01
CA GLY F 315 -31.73 -48.82 21.78
C GLY F 315 -32.70 -48.29 20.73
N ILE F 316 -32.28 -48.43 19.47
CA ILE F 316 -33.04 -47.92 18.35
C ILE F 316 -34.08 -48.95 17.92
N THR F 317 -35.35 -48.54 17.89
CA THR F 317 -36.44 -49.31 17.31
C THR F 317 -36.87 -48.63 16.02
N GLY F 318 -36.81 -49.36 14.92
CA GLY F 318 -37.02 -48.77 13.61
C GLY F 318 -35.72 -48.71 12.83
N GLY F 319 -35.81 -48.38 11.55
CA GLY F 319 -34.61 -48.46 10.71
C GLY F 319 -34.10 -49.87 10.52
N GLU F 320 -35.00 -50.79 10.13
CA GLU F 320 -34.68 -52.21 10.12
C GLU F 320 -33.68 -52.54 9.02
N GLN F 321 -33.91 -52.02 7.81
CA GLN F 321 -33.08 -52.35 6.65
C GLN F 321 -31.64 -51.89 6.82
N TYR F 322 -31.43 -50.81 7.56
CA TYR F 322 -30.09 -50.32 7.84
C TYR F 322 -29.33 -51.30 8.73
N PHE F 323 -29.98 -51.79 9.80
CA PHE F 323 -29.37 -52.76 10.69
C PHE F 323 -29.08 -54.08 9.99
N ASP F 324 -30.02 -54.55 9.16
CA ASP F 324 -29.78 -55.79 8.40
C ASP F 324 -28.66 -55.63 7.38
N ALA F 325 -28.62 -54.48 6.68
CA ALA F 325 -27.59 -54.29 5.67
C ALA F 325 -26.20 -54.16 6.30
N VAL F 326 -26.11 -53.49 7.46
CA VAL F 326 -24.82 -53.46 8.13
C VAL F 326 -24.51 -54.80 8.79
N ALA F 327 -25.53 -55.62 9.07
CA ALA F 327 -25.30 -56.96 9.61
C ALA F 327 -24.63 -57.87 8.58
N GLU F 328 -25.16 -57.94 7.37
CA GLU F 328 -24.39 -58.67 6.35
C GLU F 328 -23.24 -57.85 5.76
N ALA F 329 -23.07 -56.59 6.14
CA ALA F 329 -21.93 -55.83 5.63
C ALA F 329 -20.68 -56.04 6.47
N ILE F 330 -20.83 -56.06 7.81
CA ILE F 330 -19.64 -56.23 8.66
C ILE F 330 -19.13 -57.66 8.61
N ASP F 331 -19.98 -58.62 8.27
CA ASP F 331 -19.49 -59.94 7.92
C ASP F 331 -18.99 -59.94 6.49
N GLY F 332 -17.79 -60.47 6.28
CA GLY F 332 -17.12 -60.31 5.00
C GLY F 332 -16.30 -59.05 4.87
N LEU F 333 -16.13 -58.30 5.97
CA LEU F 333 -15.35 -57.06 5.95
C LEU F 333 -13.90 -57.42 6.19
N SER F 334 -13.16 -57.60 5.10
CA SER F 334 -11.76 -57.97 5.18
C SER F 334 -10.89 -56.74 5.39
N SER F 335 -9.58 -56.96 5.45
CA SER F 335 -8.61 -55.90 5.64
C SER F 335 -7.79 -55.62 4.39
N LYS F 336 -8.12 -56.27 3.27
CA LYS F 336 -7.44 -56.00 2.02
C LYS F 336 -7.79 -54.60 1.53
N GLU F 337 -9.06 -54.20 1.68
CA GLU F 337 -9.47 -52.87 1.28
C GLU F 337 -8.81 -51.79 2.13
N PHE F 338 -8.64 -52.04 3.44
CA PHE F 338 -7.93 -51.10 4.29
C PHE F 338 -6.45 -50.99 3.91
N GLU F 339 -5.86 -52.11 3.50
CA GLU F 339 -4.46 -52.12 3.10
C GLU F 339 -4.25 -51.38 1.78
N GLN F 340 -5.17 -51.54 0.82
CA GLN F 340 -5.02 -50.81 -0.43
C GLN F 340 -5.48 -49.37 -0.28
N PHE F 341 -6.24 -49.07 0.77
CA PHE F 341 -6.51 -47.67 1.13
C PHE F 341 -5.21 -47.03 1.56
N ALA F 342 -4.52 -47.64 2.52
CA ALA F 342 -3.37 -47.01 3.15
C ALA F 342 -2.12 -47.05 2.28
N GLN F 343 -2.12 -47.81 1.20
CA GLN F 343 -0.96 -47.85 0.33
C GLN F 343 -0.77 -46.54 -0.41
N SER F 344 0.46 -46.04 -0.38
CA SER F 344 0.79 -44.74 -0.96
C SER F 344 1.72 -44.95 -2.15
N ALA F 345 1.47 -44.18 -3.21
CA ALA F 345 2.27 -44.26 -4.42
C ALA F 345 3.54 -43.39 -4.31
N MET G 1 -17.77 -49.13 34.52
CA MET G 1 -18.59 -50.22 35.04
C MET G 1 -19.84 -49.73 35.75
N GLN G 2 -19.99 -48.40 35.80
CA GLN G 2 -21.17 -47.72 36.37
C GLN G 2 -21.38 -48.09 37.84
N ILE G 3 -20.30 -48.06 38.61
CA ILE G 3 -20.37 -48.17 40.05
C ILE G 3 -21.11 -46.96 40.62
N GLU G 4 -21.89 -47.18 41.67
CA GLU G 4 -22.86 -46.19 42.11
C GLU G 4 -23.08 -46.33 43.61
N VAL G 5 -22.79 -45.25 44.35
CA VAL G 5 -22.76 -45.26 45.80
C VAL G 5 -23.77 -44.25 46.32
N THR G 6 -24.58 -44.65 47.29
CA THR G 6 -25.46 -43.72 47.99
C THR G 6 -24.94 -43.52 49.41
N VAL G 7 -24.74 -42.26 49.79
CA VAL G 7 -24.05 -41.86 51.00
C VAL G 7 -25.03 -41.08 51.87
N ARG G 8 -25.18 -41.49 53.12
CA ARG G 8 -26.06 -40.82 54.08
C ARG G 8 -25.16 -39.99 55.00
N ASN G 9 -25.20 -38.67 54.83
CA ASN G 9 -24.30 -37.76 55.53
C ASN G 9 -24.98 -37.26 56.80
N ILE G 10 -24.29 -37.37 57.94
CA ILE G 10 -24.91 -37.12 59.24
C ILE G 10 -24.35 -35.89 59.95
N THR G 11 -23.39 -35.19 59.35
CA THR G 11 -22.91 -33.90 59.83
C THR G 11 -22.82 -32.98 58.62
N PRO G 12 -22.79 -31.63 58.82
CA PRO G 12 -22.68 -30.71 57.68
C PRO G 12 -21.43 -30.84 56.83
N ILE G 13 -21.38 -30.12 55.70
CA ILE G 13 -20.32 -30.26 54.72
C ILE G 13 -19.77 -28.87 54.39
N PHE G 14 -18.45 -28.75 54.40
CA PHE G 14 -17.77 -27.61 53.81
C PHE G 14 -17.06 -28.00 52.52
N PRO G 39 -18.50 -11.23 55.56
CA PRO G 39 -17.60 -12.28 55.10
C PRO G 39 -18.15 -13.68 55.35
N LEU G 40 -18.70 -14.29 54.31
CA LEU G 40 -19.26 -15.64 54.40
C LEU G 40 -18.56 -16.53 53.39
N VAL G 41 -18.06 -17.67 53.86
CA VAL G 41 -17.41 -18.65 52.99
C VAL G 41 -18.49 -19.61 52.49
N ARG G 42 -18.57 -19.76 51.18
CA ARG G 42 -19.61 -20.58 50.55
C ARG G 42 -19.15 -22.03 50.42
N THR G 43 -20.12 -22.94 50.43
CA THR G 43 -19.84 -24.33 50.10
C THR G 43 -19.68 -24.46 48.58
N ARG G 44 -19.15 -25.61 48.16
CA ARG G 44 -18.87 -25.83 46.75
C ARG G 44 -20.16 -25.92 45.94
N MET G 45 -20.21 -25.15 44.86
CA MET G 45 -21.45 -24.86 44.14
C MET G 45 -21.47 -25.61 42.82
N MET G 46 -22.69 -25.88 42.32
CA MET G 46 -22.90 -26.14 40.91
C MET G 46 -24.32 -25.72 40.58
N TYR G 47 -24.48 -24.96 39.50
CA TYR G 47 -25.81 -24.74 38.97
C TYR G 47 -26.23 -25.97 38.16
N VAL G 48 -27.48 -26.37 38.32
CA VAL G 48 -28.02 -27.54 37.67
C VAL G 48 -29.35 -27.15 37.01
N ALA G 49 -29.51 -27.53 35.75
CA ALA G 49 -30.77 -27.31 35.06
C ALA G 49 -31.82 -28.27 35.63
N ALA G 50 -32.82 -27.72 36.29
CA ALA G 50 -33.91 -28.51 36.83
C ALA G 50 -35.24 -27.96 36.32
N ASP G 51 -36.20 -28.87 36.16
CA ASP G 51 -37.51 -28.52 35.61
C ASP G 51 -38.42 -28.00 36.73
N VAL G 52 -38.15 -26.78 37.15
CA VAL G 52 -38.94 -26.11 38.18
C VAL G 52 -39.83 -25.07 37.51
N GLY G 53 -41.09 -25.02 37.92
CA GLY G 53 -42.08 -24.19 37.27
C GLY G 53 -42.99 -24.90 36.27
N ASP G 54 -43.04 -26.24 36.31
CA ASP G 54 -43.94 -27.08 35.50
C ASP G 54 -43.72 -26.88 34.00
N GLY G 55 -42.53 -27.26 33.54
CA GLY G 55 -42.23 -27.27 32.13
C GLY G 55 -41.03 -26.41 31.73
N VAL G 56 -40.93 -25.24 32.35
CA VAL G 56 -39.78 -24.37 32.14
C VAL G 56 -38.60 -24.94 32.92
N ILE G 57 -37.42 -24.93 32.31
CA ILE G 57 -36.21 -25.41 32.95
C ILE G 57 -35.38 -24.22 33.40
N LYS G 58 -34.92 -24.26 34.65
CA LYS G 58 -34.16 -23.16 35.22
C LYS G 58 -32.89 -23.70 35.86
N SER G 59 -31.83 -22.90 35.80
CA SER G 59 -30.53 -23.23 36.37
C SER G 59 -30.54 -22.88 37.85
N VAL G 60 -30.83 -23.86 38.70
CA VAL G 60 -30.93 -23.62 40.14
C VAL G 60 -29.62 -24.02 40.82
N PRO G 61 -29.22 -23.35 41.89
CA PRO G 61 -27.98 -23.74 42.59
C PRO G 61 -28.16 -25.04 43.37
N LEU G 62 -27.03 -25.73 43.60
CA LEU G 62 -27.02 -26.96 44.38
C LEU G 62 -25.61 -27.16 44.89
N GLN G 63 -25.49 -27.50 46.18
CA GLN G 63 -24.18 -27.72 46.78
C GLN G 63 -23.72 -29.15 46.52
N ILE G 64 -22.43 -29.31 46.24
CA ILE G 64 -21.84 -30.59 45.92
C ILE G 64 -20.62 -30.82 46.81
N VAL G 65 -19.99 -31.96 46.61
CA VAL G 65 -18.57 -32.19 46.90
C VAL G 65 -17.92 -32.51 45.56
N PRO G 66 -16.80 -31.86 45.20
CA PRO G 66 -16.29 -31.98 43.82
C PRO G 66 -15.81 -33.39 43.47
N GLY G 67 -15.92 -33.71 42.18
CA GLY G 67 -15.45 -35.00 41.72
C GLY G 67 -13.94 -35.15 41.82
N ASN G 68 -13.21 -34.03 41.74
CA ASN G 68 -11.78 -34.06 42.02
C ASN G 68 -11.50 -34.41 43.48
N THR G 69 -12.34 -33.91 44.40
CA THR G 69 -12.16 -34.17 45.83
C THR G 69 -12.37 -35.65 46.14
N MET G 70 -13.50 -36.22 45.69
CA MET G 70 -13.74 -37.65 45.89
C MET G 70 -12.79 -38.51 45.08
N ARG G 71 -12.29 -38.00 43.94
CA ARG G 71 -11.30 -38.73 43.16
C ARG G 71 -10.00 -38.88 43.93
N SER G 72 -9.49 -37.79 44.49
CA SER G 72 -8.28 -37.87 45.29
C SER G 72 -8.52 -38.58 46.61
N LEU G 73 -9.76 -38.52 47.11
CA LEU G 73 -10.14 -39.26 48.31
C LEU G 73 -10.06 -40.76 48.09
N LEU G 74 -10.63 -41.23 46.97
CA LEU G 74 -10.54 -42.63 46.60
C LEU G 74 -9.09 -43.02 46.35
N ARG G 75 -8.31 -42.12 45.73
CA ARG G 75 -6.90 -42.36 45.49
C ARG G 75 -6.12 -42.53 46.80
N ARG G 76 -6.35 -41.64 47.76
CA ARG G 76 -5.62 -41.69 49.02
C ARG G 76 -6.04 -42.90 49.86
N THR G 77 -7.33 -43.23 49.84
CA THR G 77 -7.84 -44.40 50.55
C THR G 77 -7.23 -45.69 50.00
N MET G 78 -7.30 -45.86 48.69
CA MET G 78 -6.77 -47.06 48.05
C MET G 78 -5.25 -47.06 48.01
N LEU G 79 -4.62 -45.92 48.29
CA LEU G 79 -3.18 -45.78 48.13
C LEU G 79 -2.42 -45.85 49.43
N LYS G 80 -3.05 -45.49 50.55
CA LYS G 80 -2.47 -45.71 51.87
C LYS G 80 -3.16 -46.82 52.65
N HIS G 81 -4.26 -47.37 52.13
CA HIS G 81 -4.95 -48.50 52.74
C HIS G 81 -4.72 -49.81 52.01
N VAL G 82 -4.42 -49.77 50.71
CA VAL G 82 -4.21 -50.99 49.94
C VAL G 82 -2.80 -51.01 49.35
N ILE G 83 -2.44 -49.95 48.62
CA ILE G 83 -1.16 -49.92 47.91
C ILE G 83 0.01 -49.84 48.88
N GLU G 84 -0.08 -48.94 49.87
CA GLU G 84 0.98 -48.80 50.86
C GLU G 84 1.16 -50.03 51.76
N PRO G 85 0.12 -50.67 52.33
CA PRO G 85 0.40 -51.90 53.11
C PRO G 85 0.89 -53.07 52.28
N ALA G 86 0.42 -53.22 51.04
CA ALA G 86 0.90 -54.32 50.21
C ALA G 86 2.31 -54.06 49.69
N LEU G 87 2.66 -52.79 49.50
CA LEU G 87 3.95 -52.44 48.93
C LEU G 87 5.00 -52.21 50.00
N VAL G 88 4.59 -52.04 51.26
CA VAL G 88 5.57 -51.89 52.34
C VAL G 88 6.10 -53.26 52.76
N GLU G 89 5.37 -54.32 52.40
CA GLU G 89 5.87 -55.67 52.62
C GLU G 89 6.91 -56.01 51.55
N LYS G 90 7.77 -56.99 51.88
CA LYS G 90 8.91 -57.48 51.08
C LYS G 90 9.78 -56.36 50.50
N GLY G 91 9.93 -55.27 51.25
CA GLY G 91 10.70 -54.14 50.79
C GLY G 91 9.90 -53.20 49.91
N ASN G 92 10.28 -53.16 48.62
CA ASN G 92 9.66 -52.33 47.58
C ASN G 92 9.64 -50.85 47.98
N LYS G 93 10.85 -50.33 48.15
CA LYS G 93 11.03 -48.93 48.54
C LYS G 93 11.03 -48.06 47.29
N LEU G 94 9.90 -47.37 47.06
CA LEU G 94 9.79 -46.46 45.94
C LEU G 94 10.60 -45.20 46.21
N SER G 95 11.16 -44.62 45.15
CA SER G 95 11.79 -43.31 45.27
C SER G 95 10.74 -42.23 45.50
N ILE G 96 11.22 -41.05 45.88
CA ILE G 96 10.32 -39.93 46.19
C ILE G 96 9.63 -39.43 44.91
N GLY G 97 10.28 -39.58 43.76
CA GLY G 97 9.60 -39.33 42.50
C GLY G 97 8.47 -40.32 42.24
N ALA G 98 8.68 -41.58 42.63
CA ALA G 98 7.62 -42.57 42.50
C ALA G 98 6.52 -42.32 43.52
N TYR G 99 6.89 -41.80 44.69
CA TYR G 99 5.91 -41.38 45.70
C TYR G 99 5.00 -40.29 45.15
N ALA G 100 5.59 -39.27 44.52
CA ALA G 100 4.79 -38.17 43.99
C ALA G 100 4.02 -38.59 42.75
N THR G 101 4.57 -39.50 41.94
CA THR G 101 3.87 -39.96 40.75
C THR G 101 2.72 -40.89 41.12
N ALA G 102 2.81 -41.56 42.27
CA ALA G 102 1.67 -42.37 42.74
C ALA G 102 0.61 -41.51 43.41
N TYR G 103 1.03 -40.65 44.35
CA TYR G 103 0.05 -39.92 45.16
C TYR G 103 -0.54 -38.72 44.41
N SER G 104 0.32 -37.87 43.87
CA SER G 104 -0.14 -36.93 42.86
C SER G 104 -0.10 -37.59 41.50
N GLY G 105 -0.42 -36.84 40.46
CA GLY G 105 -0.35 -37.38 39.13
C GLY G 105 1.06 -37.37 38.56
N ASN G 106 1.96 -36.62 39.16
CA ASN G 106 3.28 -36.39 38.61
C ASN G 106 4.31 -36.27 39.71
N ALA G 107 5.58 -36.50 39.34
CA ALA G 107 6.70 -36.20 40.21
C ALA G 107 7.13 -34.74 40.08
N THR G 108 7.46 -34.32 38.87
CA THR G 108 7.77 -32.93 38.57
C THR G 108 6.58 -32.32 37.82
N GLY G 109 6.45 -31.00 37.94
CA GLY G 109 5.33 -30.32 37.30
C GLY G 109 5.44 -30.21 35.80
N ASN G 110 6.66 -30.36 35.25
CA ASN G 110 6.83 -30.33 33.82
C ASN G 110 6.87 -31.76 33.26
N PRO G 111 5.93 -32.14 32.40
CA PRO G 111 5.98 -33.47 31.80
C PRO G 111 7.00 -33.55 30.68
N ASP G 112 7.24 -34.77 30.20
CA ASP G 112 8.22 -35.03 29.12
C ASP G 112 7.47 -35.10 27.78
N GLY G 113 7.94 -34.34 26.78
CA GLY G 113 7.33 -34.29 25.44
C GLY G 113 7.38 -35.61 24.69
N VAL G 114 8.50 -36.35 24.81
CA VAL G 114 8.69 -37.63 24.07
C VAL G 114 7.66 -38.68 24.50
N PRO G 115 7.23 -39.58 23.58
CA PRO G 115 6.25 -40.63 23.87
C PRO G 115 6.91 -41.98 24.20
N SER G 116 6.43 -42.64 25.25
CA SER G 116 6.96 -43.95 25.71
C SER G 116 6.57 -45.09 24.75
N SER G 117 7.32 -46.19 24.79
CA SER G 117 7.06 -47.38 23.93
C SER G 117 5.70 -47.98 24.29
N PHE G 118 4.97 -48.48 23.29
CA PHE G 118 3.64 -49.02 23.51
C PHE G 118 3.62 -50.11 24.57
N ASP G 119 4.67 -50.95 24.61
CA ASP G 119 4.70 -52.08 25.55
C ASP G 119 4.71 -51.60 26.99
N GLU G 120 5.45 -50.50 27.25
CA GLU G 120 5.39 -49.82 28.53
C GLU G 120 3.97 -49.38 28.86
N ILE G 121 3.28 -48.78 27.89
CA ILE G 121 1.94 -48.25 28.13
C ILE G 121 0.94 -49.36 28.37
N ALA G 122 1.11 -50.50 27.70
CA ALA G 122 0.26 -51.66 27.95
C ALA G 122 0.50 -52.22 29.35
N THR G 123 1.75 -52.27 29.80
CA THR G 123 2.04 -52.77 31.14
C THR G 123 1.49 -51.84 32.22
N MET G 124 1.66 -50.53 32.06
CA MET G 124 1.16 -49.62 33.09
C MET G 124 -0.33 -49.37 33.01
N ARG G 125 -0.97 -49.57 31.85
CA ARG G 125 -2.42 -49.48 31.80
C ARG G 125 -3.09 -50.80 32.17
N ALA G 126 -2.34 -51.89 32.18
CA ALA G 126 -2.82 -53.12 32.82
C ALA G 126 -2.38 -53.22 34.27
N HIS G 127 -1.68 -52.20 34.78
CA HIS G 127 -1.16 -52.25 36.14
C HIS G 127 -2.31 -52.05 37.13
N PRO G 128 -2.22 -52.65 38.33
CA PRO G 128 -3.28 -52.46 39.33
C PRO G 128 -3.56 -51.02 39.74
N PHE G 129 -2.51 -50.20 39.89
CA PHE G 129 -2.69 -48.80 40.27
C PHE G 129 -2.51 -47.83 39.11
N ILE G 130 -1.51 -48.06 38.26
CA ILE G 130 -1.07 -47.05 37.31
C ILE G 130 -2.10 -46.87 36.20
N GLY G 131 -2.73 -47.96 35.77
CA GLY G 131 -3.82 -47.83 34.81
C GLY G 131 -5.01 -47.11 35.39
N LEU G 132 -5.26 -47.30 36.67
CA LEU G 132 -6.43 -46.71 37.30
C LEU G 132 -6.27 -45.20 37.49
N PHE G 133 -5.05 -44.75 37.81
CA PHE G 133 -4.73 -43.33 37.92
C PHE G 133 -3.55 -43.01 37.00
N GLY G 134 -3.82 -42.26 35.94
CA GLY G 134 -2.80 -41.93 34.97
C GLY G 134 -1.87 -40.83 35.44
N GLY G 135 -1.23 -40.19 34.47
CA GLY G 135 -0.23 -39.18 34.75
C GLY G 135 1.14 -39.61 34.29
N GLY G 136 2.18 -39.18 35.01
CA GLY G 136 3.53 -39.49 34.64
C GLY G 136 4.08 -38.48 33.65
N PRO G 137 5.39 -38.55 33.39
CA PRO G 137 6.00 -37.61 32.44
C PRO G 137 5.49 -37.74 31.00
N ARG G 138 5.10 -38.94 30.58
CA ARG G 138 4.53 -39.14 29.26
C ARG G 138 3.01 -39.23 29.32
N MET G 139 2.42 -38.86 30.46
CA MET G 139 1.03 -38.43 30.61
C MET G 139 0.05 -39.55 30.23
N LEU G 140 0.01 -40.54 31.12
CA LEU G 140 -0.90 -41.68 30.96
C LEU G 140 -2.35 -41.25 31.08
N GLU G 141 -3.22 -41.93 30.33
CA GLU G 141 -4.64 -41.72 30.41
C GLU G 141 -5.22 -42.42 31.63
N GLY G 142 -6.17 -41.78 32.29
CA GLY G 142 -6.79 -42.35 33.48
C GLY G 142 -8.02 -43.19 33.18
N ARG G 143 -8.01 -44.44 33.63
CA ARG G 143 -9.12 -45.36 33.43
C ARG G 143 -10.14 -45.31 34.55
N LEU G 144 -10.02 -44.38 35.49
CA LEU G 144 -11.03 -44.16 36.53
C LEU G 144 -11.72 -42.85 36.25
N MET G 145 -13.04 -42.82 36.46
CA MET G 145 -13.91 -41.80 35.89
C MET G 145 -14.88 -41.38 36.99
N VAL G 146 -14.50 -40.35 37.75
CA VAL G 146 -15.09 -40.09 39.07
C VAL G 146 -16.02 -38.89 38.99
N ASP G 147 -17.29 -39.11 39.29
CA ASP G 147 -18.29 -38.05 39.29
C ASP G 147 -18.27 -37.32 40.64
N SER G 148 -19.07 -36.27 40.75
CA SER G 148 -19.22 -35.51 41.99
C SER G 148 -20.37 -36.07 42.83
N LEU G 149 -20.34 -35.73 44.11
CA LEU G 149 -21.38 -36.18 45.04
C LEU G 149 -22.66 -35.37 44.86
N TYR G 150 -23.78 -36.08 44.68
CA TYR G 150 -25.03 -35.47 44.22
C TYR G 150 -26.18 -35.79 45.16
N PRO G 151 -26.82 -34.79 45.77
CA PRO G 151 -27.95 -35.07 46.66
C PRO G 151 -29.22 -35.36 45.87
N ILE G 152 -30.22 -35.90 46.58
CA ILE G 152 -31.48 -36.32 45.96
C ILE G 152 -32.48 -35.18 46.09
N HIS G 153 -32.63 -34.39 45.04
CA HIS G 153 -33.17 -33.04 45.16
C HIS G 153 -33.97 -32.75 43.90
N THR G 154 -34.05 -31.46 43.52
CA THR G 154 -34.43 -31.11 42.15
C THR G 154 -33.51 -31.77 41.12
N ASN G 155 -32.25 -32.05 41.50
CA ASN G 155 -31.36 -32.97 40.79
C ASN G 155 -32.01 -34.30 40.44
N ALA G 156 -32.88 -34.83 41.34
CA ALA G 156 -33.61 -36.06 41.04
C ALA G 156 -34.77 -35.85 40.06
N GLU G 157 -34.92 -34.72 39.38
CA GLU G 157 -35.87 -34.59 38.28
C GLU G 157 -35.22 -34.63 36.91
N ARG G 158 -33.94 -34.24 36.79
CA ARG G 158 -33.32 -34.10 35.48
C ARG G 158 -31.99 -34.83 35.32
N ILE G 159 -31.37 -35.32 36.39
CA ILE G 159 -30.17 -36.14 36.24
C ILE G 159 -30.33 -37.52 36.85
N LEU G 160 -30.51 -37.59 38.16
CA LEU G 160 -30.52 -38.89 38.84
C LEU G 160 -31.93 -39.44 39.01
N GLY G 161 -32.92 -38.85 38.32
CA GLY G 161 -34.29 -39.32 38.44
C GLY G 161 -34.53 -40.66 37.79
N ALA G 162 -33.64 -41.08 36.88
CA ALA G 162 -33.72 -42.43 36.32
C ALA G 162 -33.41 -43.48 37.38
N GLY G 163 -32.47 -43.18 38.27
CA GLY G 163 -32.11 -44.16 39.30
C GLY G 163 -32.95 -44.02 40.56
N TYR G 164 -33.15 -42.78 41.02
CA TYR G 164 -33.83 -42.51 42.30
C TYR G 164 -34.93 -41.48 42.05
N GLU G 165 -36.11 -41.97 41.65
CA GLU G 165 -37.25 -41.08 41.49
C GLU G 165 -37.83 -40.68 42.84
N ASN G 166 -37.91 -41.62 43.77
CA ASN G 166 -38.49 -41.37 45.08
C ASN G 166 -37.41 -41.05 46.11
N GLU G 167 -37.88 -40.68 47.31
CA GLU G 167 -37.06 -40.36 48.49
C GLU G 167 -36.09 -39.22 48.20
N MET G 168 -36.65 -38.09 47.78
CA MET G 168 -35.90 -36.88 47.52
C MET G 168 -36.35 -35.77 48.47
N MET G 169 -35.41 -34.92 48.88
CA MET G 169 -35.76 -33.81 49.75
C MET G 169 -35.88 -32.52 48.94
N SER G 170 -36.80 -31.66 49.35
CA SER G 170 -37.11 -30.41 48.69
C SER G 170 -36.63 -29.23 49.53
N GLY G 171 -36.90 -28.02 49.03
CA GLY G 171 -36.63 -26.81 49.76
C GLY G 171 -35.15 -26.52 49.94
N PRO G 172 -34.75 -26.20 51.17
CA PRO G 172 -33.36 -25.80 51.43
C PRO G 172 -32.44 -27.01 51.53
N ILE G 173 -31.53 -27.14 50.57
CA ILE G 173 -30.42 -28.07 50.73
C ILE G 173 -29.49 -27.58 51.84
N THR G 174 -29.21 -26.28 51.86
CA THR G 174 -28.34 -25.66 52.87
C THR G 174 -29.05 -25.58 54.22
N ALA G 248 -21.11 -16.66 62.25
CA ALA G 248 -21.41 -18.06 62.03
C ALA G 248 -21.41 -18.38 60.54
N HIS G 249 -21.86 -19.59 60.19
CA HIS G 249 -21.94 -20.02 58.80
C HIS G 249 -23.22 -20.81 58.59
N GLU G 250 -23.69 -20.82 57.34
CA GLU G 250 -24.83 -21.63 56.95
C GLU G 250 -24.37 -22.66 55.94
N VAL G 251 -24.57 -23.93 56.26
CA VAL G 251 -24.05 -25.05 55.50
C VAL G 251 -25.15 -26.10 55.35
N VAL G 252 -24.78 -27.24 54.76
CA VAL G 252 -25.75 -28.27 54.42
C VAL G 252 -26.26 -28.95 55.68
N ILE G 253 -27.54 -29.31 55.68
CA ILE G 253 -28.24 -29.95 56.80
C ILE G 253 -27.64 -31.34 57.03
N PRO G 254 -27.50 -31.79 58.28
CA PRO G 254 -27.09 -33.19 58.51
C PRO G 254 -28.19 -34.17 58.10
N GLY G 255 -27.77 -35.42 57.93
CA GLY G 255 -28.69 -36.51 57.64
C GLY G 255 -29.33 -36.46 56.26
N LEU G 256 -28.53 -36.25 55.22
CA LEU G 256 -29.04 -36.12 53.86
C LEU G 256 -28.50 -37.24 52.99
N LYS G 257 -29.27 -37.57 51.94
CA LYS G 257 -28.91 -38.64 51.02
C LYS G 257 -28.24 -38.08 49.77
N TRP G 258 -27.11 -38.69 49.38
CA TRP G 258 -26.27 -38.21 48.31
C TRP G 258 -25.89 -39.38 47.40
N VAL G 259 -25.46 -39.05 46.18
CA VAL G 259 -25.13 -40.06 45.17
C VAL G 259 -23.77 -39.75 44.55
N TRP G 260 -22.92 -40.76 44.47
CA TRP G 260 -21.60 -40.67 43.85
C TRP G 260 -21.54 -41.72 42.74
N ARG G 261 -21.09 -41.32 41.56
CA ARG G 261 -20.94 -42.23 40.43
C ARG G 261 -19.47 -42.43 40.10
N ILE G 262 -19.11 -43.66 39.74
CA ILE G 262 -17.74 -44.04 39.41
C ILE G 262 -17.84 -44.91 38.15
N SER G 263 -16.95 -44.67 37.20
CA SER G 263 -16.97 -45.47 35.98
C SER G 263 -15.54 -45.85 35.62
N LEU G 264 -15.41 -46.94 34.85
CA LEU G 264 -14.13 -47.35 34.31
C LEU G 264 -14.32 -47.69 32.84
N ASP G 265 -13.31 -47.40 32.03
CA ASP G 265 -13.39 -47.60 30.59
C ASP G 265 -12.48 -48.75 30.17
N ARG G 266 -13.10 -49.87 29.80
CA ARG G 266 -12.41 -51.08 29.34
C ARG G 266 -11.29 -51.57 30.24
N PRO G 267 -11.54 -51.77 31.54
CA PRO G 267 -10.44 -51.97 32.47
C PRO G 267 -10.01 -53.42 32.55
N THR G 268 -9.10 -53.68 33.48
CA THR G 268 -8.83 -55.05 33.88
C THR G 268 -9.65 -55.40 35.12
N ASP G 269 -9.61 -56.68 35.49
CA ASP G 269 -10.36 -57.17 36.64
C ASP G 269 -9.79 -56.59 37.94
N ALA G 270 -8.47 -56.41 37.97
CA ALA G 270 -7.76 -55.98 39.16
C ALA G 270 -8.17 -54.57 39.59
N GLN G 271 -8.27 -53.65 38.63
CA GLN G 271 -8.48 -52.23 38.94
C GLN G 271 -9.85 -51.99 39.58
N VAL G 272 -10.90 -52.61 39.05
CA VAL G 272 -12.21 -52.51 39.67
C VAL G 272 -12.22 -53.27 41.00
N GLY G 273 -11.37 -54.31 41.14
CA GLY G 273 -11.15 -54.90 42.46
C GLY G 273 -10.58 -53.90 43.48
N LEU G 274 -9.59 -53.12 43.07
CA LEU G 274 -9.02 -52.10 43.96
C LEU G 274 -10.02 -51.00 44.28
N VAL G 275 -10.87 -50.65 43.31
CA VAL G 275 -11.93 -49.68 43.54
C VAL G 275 -12.91 -50.21 44.59
N LEU G 276 -13.21 -51.51 44.53
CA LEU G 276 -14.11 -52.10 45.53
C LEU G 276 -13.46 -52.15 46.92
N LEU G 277 -12.15 -52.42 46.99
CA LEU G 277 -11.46 -52.35 48.28
C LEU G 277 -11.46 -50.93 48.85
N ALA G 278 -11.25 -49.93 47.98
CA ALA G 278 -11.34 -48.54 48.42
C ALA G 278 -12.74 -48.19 48.89
N LEU G 279 -13.76 -48.71 48.21
CA LEU G 279 -15.13 -48.37 48.55
C LEU G 279 -15.56 -48.99 49.89
N ASN G 280 -15.13 -50.22 50.17
CA ASN G 280 -15.55 -50.77 51.47
C ASN G 280 -14.56 -50.46 52.59
N LYS G 281 -13.40 -49.90 52.28
CA LYS G 281 -12.49 -49.48 53.33
C LYS G 281 -12.38 -47.96 53.47
N MET G 282 -13.20 -47.20 52.74
CA MET G 282 -13.10 -45.74 52.74
C MET G 282 -13.90 -45.08 53.87
N THR G 283 -14.76 -45.84 54.57
CA THR G 283 -15.66 -45.27 55.56
C THR G 283 -14.95 -44.64 56.77
N ASN G 284 -13.67 -44.95 56.99
CA ASN G 284 -12.92 -44.27 58.03
C ASN G 284 -12.21 -43.02 57.52
N GLU G 285 -12.00 -42.91 56.21
CA GLU G 285 -11.27 -41.79 55.65
C GLU G 285 -12.15 -40.54 55.57
N ARG G 286 -11.54 -39.44 55.16
CA ARG G 286 -12.07 -38.11 55.43
C ARG G 286 -12.51 -37.42 54.14
N ILE G 287 -13.81 -37.11 54.07
CA ILE G 287 -14.40 -36.25 53.03
C ILE G 287 -14.03 -34.82 53.42
N ALA G 288 -13.86 -33.94 52.42
CA ALA G 288 -13.57 -32.53 52.67
C ALA G 288 -14.70 -31.86 53.45
N GLY G 289 -14.31 -31.04 54.42
CA GLY G 289 -15.26 -30.40 55.31
C GLY G 289 -14.60 -29.81 56.54
N GLY G 290 -15.39 -29.21 57.43
CA GLY G 290 -14.88 -28.65 58.67
C GLY G 290 -14.31 -29.67 59.62
N HIS G 291 -13.09 -29.42 60.12
CA HIS G 291 -12.45 -30.37 61.02
C HIS G 291 -12.75 -30.05 62.48
N SER G 292 -12.94 -28.75 62.80
CA SER G 292 -13.14 -28.36 64.19
C SER G 292 -14.53 -28.75 64.69
N LYS G 293 -15.51 -28.85 63.80
CA LYS G 293 -16.87 -29.20 64.16
C LYS G 293 -17.26 -30.61 63.73
N ASP G 294 -16.28 -31.43 63.34
CA ASP G 294 -16.46 -32.82 62.88
C ASP G 294 -17.42 -32.91 61.69
N TYR G 295 -17.28 -31.98 60.75
CA TYR G 295 -18.21 -31.88 59.64
C TYR G 295 -17.94 -32.94 58.57
N GLY G 296 -19.03 -33.53 58.05
CA GLY G 296 -18.97 -34.41 56.91
C GLY G 296 -19.06 -35.89 57.22
N ARG G 297 -19.44 -36.28 58.43
CA ARG G 297 -19.56 -37.70 58.79
C ARG G 297 -20.67 -38.37 57.99
N PHE G 298 -20.48 -39.64 57.66
CA PHE G 298 -21.36 -40.33 56.72
C PHE G 298 -21.30 -41.84 56.90
N VAL G 299 -22.40 -42.48 56.54
CA VAL G 299 -22.47 -43.92 56.34
C VAL G 299 -22.81 -44.17 54.89
N ILE G 300 -22.74 -45.45 54.48
CA ILE G 300 -22.91 -45.86 53.10
C ILE G 300 -24.02 -46.89 53.04
N ASP G 301 -24.99 -46.70 52.15
CA ASP G 301 -26.05 -47.68 51.97
C ASP G 301 -26.40 -47.79 50.50
N GLY G 302 -26.73 -49.01 50.06
CA GLY G 302 -27.22 -49.22 48.71
C GLY G 302 -26.24 -48.94 47.59
N VAL G 303 -25.01 -49.45 47.71
CA VAL G 303 -24.03 -49.33 46.63
C VAL G 303 -24.46 -50.20 45.46
N SER G 304 -24.48 -49.61 44.27
CA SER G 304 -24.85 -50.31 43.05
C SER G 304 -23.63 -50.51 42.17
N LEU G 305 -23.32 -51.77 41.85
CA LEU G 305 -22.23 -52.13 40.95
C LEU G 305 -22.85 -52.70 39.68
N ASN G 306 -22.65 -51.99 38.56
CA ASN G 306 -23.31 -52.24 37.27
C ASN G 306 -24.83 -52.26 37.40
N GLY G 307 -25.35 -51.38 38.24
CA GLY G 307 -26.79 -51.23 38.41
C GLY G 307 -27.45 -52.28 39.27
N GLU G 308 -26.69 -53.14 39.95
CA GLU G 308 -27.26 -54.20 40.77
C GLU G 308 -26.89 -53.94 42.24
N GLN G 309 -27.80 -54.29 43.14
CA GLN G 309 -27.60 -54.03 44.57
C GLN G 309 -26.54 -54.97 45.12
N VAL G 310 -25.44 -54.42 45.63
CA VAL G 310 -24.26 -55.22 45.91
C VAL G 310 -23.71 -54.94 47.31
N TRP G 311 -24.35 -54.02 48.04
CA TRP G 311 -23.81 -53.53 49.31
C TRP G 311 -24.31 -54.36 50.48
N SER G 312 -23.39 -54.69 51.39
CA SER G 312 -23.71 -55.28 52.67
C SER G 312 -23.28 -54.33 53.79
N GLN G 313 -23.69 -54.64 55.02
CA GLN G 313 -23.34 -53.76 56.12
C GLN G 313 -21.92 -53.99 56.62
N SER G 314 -21.26 -55.06 56.16
CA SER G 314 -19.88 -55.35 56.55
C SER G 314 -18.90 -55.19 55.39
N GLY G 315 -19.30 -54.48 54.33
CA GLY G 315 -18.46 -54.31 53.15
C GLY G 315 -19.27 -54.46 51.88
N ILE G 316 -18.63 -54.94 50.80
CA ILE G 316 -19.40 -55.27 49.61
C ILE G 316 -20.04 -56.64 49.76
N THR G 317 -19.21 -57.68 49.89
CA THR G 317 -19.60 -59.09 49.75
C THR G 317 -20.40 -59.31 48.47
N GLY G 318 -19.76 -58.96 47.36
CA GLY G 318 -20.36 -59.03 46.04
C GLY G 318 -19.33 -58.63 45.01
N GLY G 319 -19.39 -59.22 43.82
CA GLY G 319 -18.27 -59.06 42.91
C GLY G 319 -17.04 -59.78 43.40
N GLU G 320 -17.18 -61.07 43.73
CA GLU G 320 -16.09 -61.82 44.35
C GLU G 320 -14.96 -62.13 43.37
N GLN G 321 -15.24 -62.16 42.06
CA GLN G 321 -14.17 -62.31 41.09
C GLN G 321 -13.26 -61.08 41.09
N TYR G 322 -13.83 -59.90 41.34
CA TYR G 322 -13.04 -58.69 41.51
C TYR G 322 -12.15 -58.79 42.74
N PHE G 323 -12.67 -59.40 43.81
CA PHE G 323 -11.90 -59.53 45.05
C PHE G 323 -10.76 -60.53 44.88
N ASP G 324 -11.01 -61.64 44.19
CA ASP G 324 -9.95 -62.60 43.88
C ASP G 324 -8.90 -61.99 42.96
N ALA G 325 -9.35 -61.19 41.98
CA ALA G 325 -8.43 -60.52 41.07
C ALA G 325 -7.56 -59.50 41.78
N VAL G 326 -8.13 -58.74 42.72
CA VAL G 326 -7.32 -57.74 43.40
C VAL G 326 -6.41 -58.41 44.42
N ALA G 327 -6.82 -59.56 44.98
CA ALA G 327 -5.94 -60.32 45.86
C ALA G 327 -4.73 -60.86 45.11
N GLU G 328 -4.95 -61.44 43.92
CA GLU G 328 -3.82 -61.91 43.13
C GLU G 328 -3.05 -60.79 42.47
N ALA G 329 -3.62 -59.59 42.39
CA ALA G 329 -2.89 -58.42 41.90
C ALA G 329 -1.94 -57.87 42.96
N ILE G 330 -2.44 -57.71 44.19
CA ILE G 330 -1.58 -57.19 45.26
C ILE G 330 -0.67 -58.27 45.81
N ASP G 331 -0.88 -59.53 45.43
CA ASP G 331 0.09 -60.57 45.76
C ASP G 331 1.43 -60.33 45.08
N GLY G 332 1.41 -59.91 43.82
CA GLY G 332 2.63 -59.69 43.07
C GLY G 332 2.85 -58.25 42.67
N LEU G 333 2.28 -57.32 43.45
CA LEU G 333 2.39 -55.89 43.13
C LEU G 333 3.76 -55.40 43.58
N SER G 334 4.54 -54.87 42.63
CA SER G 334 5.91 -54.46 42.86
C SER G 334 6.06 -52.96 42.63
N SER G 335 7.32 -52.50 42.66
CA SER G 335 7.64 -51.08 42.55
C SER G 335 8.45 -50.72 41.32
N LYS G 336 8.85 -51.70 40.50
CA LYS G 336 9.58 -51.40 39.28
C LYS G 336 8.67 -50.67 38.28
N GLU G 337 7.41 -51.11 38.18
CA GLU G 337 6.45 -50.43 37.30
C GLU G 337 6.15 -49.02 37.80
N PHE G 338 6.10 -48.84 39.13
CA PHE G 338 5.95 -47.51 39.71
C PHE G 338 7.13 -46.61 39.37
N GLU G 339 8.35 -47.16 39.43
CA GLU G 339 9.54 -46.37 39.14
C GLU G 339 9.62 -46.00 37.67
N GLN G 340 9.26 -46.93 36.78
CA GLN G 340 9.27 -46.63 35.35
C GLN G 340 8.12 -45.70 34.97
N PHE G 341 7.03 -45.74 35.74
CA PHE G 341 5.98 -44.74 35.60
C PHE G 341 6.47 -43.37 36.03
N ALA G 342 7.31 -43.33 37.06
CA ALA G 342 7.82 -42.05 37.56
C ALA G 342 8.88 -41.45 36.67
N GLN G 343 9.75 -42.29 36.10
CA GLN G 343 10.98 -41.81 35.49
C GLN G 343 10.71 -41.08 34.17
N SER G 344 11.39 -39.96 33.99
CA SER G 344 11.27 -39.15 32.78
C SER G 344 12.46 -39.40 31.89
N ALA G 345 12.19 -39.87 30.67
CA ALA G 345 13.24 -40.10 29.66
C ALA G 345 13.49 -38.80 28.92
N LYS G 346 14.14 -37.87 29.61
CA LYS G 346 14.39 -36.54 29.07
C LYS G 346 15.90 -36.27 28.96
N MET H 1 5.47 -2.33 53.23
CA MET H 1 5.23 -3.14 52.04
C MET H 1 4.57 -4.47 52.40
N PHE H 2 5.36 -5.54 52.39
CA PHE H 2 4.86 -6.87 52.68
C PHE H 2 5.81 -7.56 53.65
N VAL H 3 5.26 -8.51 54.41
CA VAL H 3 5.98 -9.29 55.39
C VAL H 3 5.84 -10.77 55.05
N LYS H 4 6.94 -11.50 55.08
CA LYS H 4 6.97 -12.92 54.73
C LYS H 4 6.88 -13.77 56.00
N GLN H 5 5.95 -14.70 56.02
CA GLN H 5 5.68 -15.53 57.18
C GLN H 5 5.91 -16.99 56.82
N VAL H 6 6.84 -17.64 57.53
CA VAL H 6 7.26 -19.00 57.24
C VAL H 6 6.99 -19.87 58.46
N PHE H 7 6.24 -20.95 58.28
CA PHE H 7 5.89 -21.86 59.35
C PHE H 7 6.62 -23.19 59.18
N PHE H 8 7.18 -23.70 60.27
CA PHE H 8 7.89 -24.97 60.29
C PHE H 8 7.13 -25.96 61.17
N ASP H 9 6.94 -27.18 60.66
CA ASP H 9 6.16 -28.21 61.33
C ASP H 9 7.14 -29.28 61.84
N LEU H 10 7.43 -29.26 63.14
CA LEU H 10 8.31 -30.24 63.74
C LEU H 10 7.54 -31.38 64.40
N GLY H 11 6.21 -31.39 64.31
CA GLY H 11 5.40 -32.39 64.96
C GLY H 11 5.05 -32.12 66.40
N ALA H 12 5.88 -31.37 67.13
CA ALA H 12 5.61 -31.02 68.51
C ALA H 12 5.86 -29.53 68.67
N ARG H 13 5.06 -28.88 69.53
CA ARG H 13 5.17 -27.45 69.72
C ARG H 13 6.39 -27.11 70.59
N ILE H 14 7.27 -26.28 70.05
CA ILE H 14 8.33 -25.65 70.82
C ILE H 14 8.11 -24.14 70.75
N HIS H 15 8.51 -23.44 71.80
CA HIS H 15 8.23 -22.02 71.89
C HIS H 15 9.21 -21.21 71.06
N ALA H 16 8.90 -19.92 70.89
CA ALA H 16 9.67 -19.06 69.98
C ALA H 16 11.08 -18.77 70.53
N ASP H 17 11.20 -18.57 71.84
CA ASP H 17 12.49 -18.25 72.44
C ASP H 17 13.44 -19.44 72.40
N GLU H 18 12.93 -20.64 72.70
CA GLU H 18 13.76 -21.83 72.60
C GLU H 18 14.03 -22.20 71.14
N ALA H 19 13.13 -21.81 70.23
CA ALA H 19 13.42 -21.96 68.81
C ALA H 19 14.58 -21.07 68.39
N ARG H 20 14.56 -19.81 68.85
CA ARG H 20 15.66 -18.88 68.48
C ARG H 20 16.98 -19.43 69.04
N ALA H 21 16.96 -19.91 70.29
CA ALA H 21 18.17 -20.48 70.93
C ALA H 21 18.61 -21.75 70.20
N LEU H 22 17.65 -22.62 69.83
CA LEU H 22 17.96 -23.90 69.14
C LEU H 22 18.61 -23.61 67.78
N VAL H 23 18.07 -22.62 67.06
CA VAL H 23 18.59 -22.26 65.74
C VAL H 23 19.95 -21.58 65.86
N ALA H 24 20.14 -20.75 66.90
CA ALA H 24 21.45 -20.18 67.15
C ALA H 24 22.47 -21.24 67.56
N LYS H 25 22.00 -22.32 68.18
CA LYS H 25 22.91 -23.40 68.56
C LYS H 25 23.36 -24.23 67.36
N LEU H 26 22.42 -24.61 66.48
CA LEU H 26 22.74 -25.60 65.46
C LEU H 26 23.56 -24.99 64.31
N LEU H 27 23.33 -23.72 64.00
CA LEU H 27 24.06 -23.04 62.93
C LEU H 27 25.23 -22.22 63.47
N ASP H 28 25.69 -22.51 64.69
CA ASP H 28 26.80 -21.76 65.26
C ASP H 28 28.13 -22.16 64.62
N ASP H 29 28.30 -23.46 64.33
CA ASP H 29 29.58 -23.95 63.84
C ASP H 29 29.81 -23.57 62.37
N THR H 30 28.78 -23.67 61.54
CA THR H 30 28.91 -23.45 60.11
C THR H 30 27.98 -22.33 59.65
N GLN H 31 28.41 -21.66 58.59
CA GLN H 31 27.67 -20.58 57.93
C GLN H 31 27.29 -19.44 58.88
N PRO H 32 28.26 -18.63 59.31
CA PRO H 32 27.97 -17.62 60.33
C PRO H 32 27.17 -16.42 59.80
N GLY H 33 27.23 -16.15 58.50
CA GLY H 33 26.56 -14.97 57.96
C GLY H 33 25.05 -15.06 58.01
N LEU H 34 24.50 -16.25 57.72
CA LEU H 34 23.04 -16.39 57.67
C LEU H 34 22.44 -16.38 59.07
N VAL H 35 23.10 -17.03 60.03
CA VAL H 35 22.59 -17.00 61.41
C VAL H 35 22.80 -15.61 62.01
N SER H 36 23.87 -14.91 61.57
CA SER H 36 24.07 -13.52 61.99
C SER H 36 22.97 -12.61 61.45
N ALA H 37 22.53 -12.85 60.22
CA ALA H 37 21.47 -12.04 59.63
C ALA H 37 20.11 -12.37 60.26
N LEU H 38 19.86 -13.65 60.52
CA LEU H 38 18.58 -14.06 61.09
C LEU H 38 18.49 -13.69 62.57
N MET H 39 19.64 -13.59 63.23
CA MET H 39 19.69 -13.12 64.61
C MET H 39 19.79 -11.61 64.70
N ASN H 40 19.86 -10.93 63.55
CA ASN H 40 20.06 -9.48 63.44
C ASN H 40 21.31 -9.04 64.20
N TYR H 41 22.41 -9.77 64.00
CA TYR H 41 23.65 -9.49 64.69
C TYR H 41 24.46 -8.42 63.97
N MET H 42 25.49 -7.94 64.66
CA MET H 42 26.40 -6.97 64.08
C MET H 42 27.24 -7.65 63.02
N PRO H 43 27.60 -6.94 61.93
CA PRO H 43 28.53 -7.52 60.94
C PRO H 43 29.92 -7.81 61.50
N ALA H 44 30.32 -7.17 62.59
CA ALA H 44 31.63 -7.40 63.19
C ALA H 44 31.56 -8.22 64.48
N SER H 45 30.57 -7.99 65.33
CA SER H 45 30.49 -8.63 66.63
C SER H 45 29.19 -9.43 66.74
N LYS H 46 28.94 -9.95 67.95
CA LYS H 46 27.75 -10.76 68.20
C LYS H 46 26.60 -9.94 68.78
N THR H 47 26.76 -8.63 68.91
CA THR H 47 25.72 -7.80 69.51
C THR H 47 24.65 -7.45 68.49
N SER H 48 23.39 -7.62 68.91
CA SER H 48 22.19 -7.35 68.04
C SER H 48 22.02 -5.85 67.81
N LYS H 49 21.37 -5.49 66.69
CA LYS H 49 21.14 -4.06 66.33
C LYS H 49 20.11 -3.45 67.28
N THR H 50 20.25 -2.15 67.56
CA THR H 50 19.32 -1.42 68.47
C THR H 50 18.06 -0.99 67.72
N GLU H 51 18.08 -1.07 66.39
CA GLU H 51 16.95 -0.69 65.55
C GLU H 51 15.88 -1.80 65.55
N PHE H 52 14.93 -1.68 64.64
CA PHE H 52 13.90 -2.70 64.50
C PHE H 52 14.50 -4.00 63.99
N PRO H 53 14.26 -5.14 64.66
CA PRO H 53 14.60 -6.43 64.06
C PRO H 53 13.69 -6.72 62.87
N LEU H 54 14.30 -6.81 61.70
CA LEU H 54 13.53 -7.03 60.46
C LEU H 54 12.91 -8.41 60.43
N VAL H 55 13.65 -9.42 60.90
CA VAL H 55 13.14 -10.77 61.02
C VAL H 55 13.02 -11.11 62.51
N GLN H 56 12.07 -11.97 62.84
CA GLN H 56 11.75 -12.30 64.21
C GLN H 56 11.06 -13.65 64.28
N PHE H 57 11.26 -14.36 65.39
CA PHE H 57 10.55 -15.60 65.61
C PHE H 57 9.15 -15.32 66.14
N SER H 58 8.26 -16.30 66.00
CA SER H 58 6.87 -16.15 66.39
C SER H 58 6.35 -17.52 66.85
N ASN H 59 5.04 -17.62 67.01
CA ASN H 59 4.43 -18.82 67.57
C ASN H 59 3.81 -19.65 66.44
N PHE H 60 3.80 -20.97 66.66
CA PHE H 60 3.15 -21.91 65.77
C PHE H 60 2.76 -23.14 66.58
N ASN H 61 1.59 -23.71 66.26
CA ASN H 61 1.05 -24.76 67.11
C ASN H 61 1.75 -26.09 66.87
N GLN H 62 2.23 -26.35 65.65
CA GLN H 62 3.03 -27.54 65.38
C GLN H 62 4.52 -27.23 65.28
N GLY H 63 4.97 -26.05 65.70
CA GLY H 63 6.37 -25.72 65.56
C GLY H 63 6.70 -24.26 65.84
N PHE H 64 7.41 -23.61 64.93
CA PHE H 64 7.76 -22.21 65.09
C PHE H 64 7.53 -21.47 63.77
N ALA H 65 7.35 -20.15 63.91
CA ALA H 65 7.12 -19.27 62.78
C ALA H 65 8.24 -18.24 62.69
N LEU H 66 8.48 -17.77 61.48
CA LEU H 66 9.47 -16.74 61.20
C LEU H 66 8.82 -15.62 60.41
N LEU H 67 9.13 -14.38 60.79
CA LEU H 67 8.56 -13.19 60.18
C LEU H 67 9.69 -12.34 59.63
N GLY H 68 9.65 -12.05 58.33
CA GLY H 68 10.62 -11.19 57.71
C GLY H 68 9.95 -9.96 57.14
N PHE H 69 10.23 -8.80 57.72
CA PHE H 69 9.55 -7.56 57.38
C PHE H 69 10.32 -6.83 56.29
N GLY H 70 9.61 -6.42 55.25
CA GLY H 70 10.22 -5.72 54.14
C GLY H 70 10.89 -6.66 53.16
N GLU H 71 11.45 -6.05 52.11
CA GLU H 71 12.14 -6.81 51.07
C GLU H 71 13.41 -7.47 51.61
N VAL H 72 14.12 -6.77 52.50
CA VAL H 72 15.34 -7.31 53.09
C VAL H 72 15.04 -8.51 53.97
N GLY H 73 14.01 -8.41 54.81
CA GLY H 73 13.63 -9.53 55.67
C GLY H 73 13.08 -10.71 54.89
N ALA H 74 12.29 -10.41 53.83
CA ALA H 74 11.78 -11.48 52.97
C ALA H 74 12.91 -12.18 52.22
N GLN H 75 13.92 -11.42 51.77
CA GLN H 75 15.07 -12.01 51.12
C GLN H 75 15.88 -12.86 52.09
N ILE H 76 16.03 -12.40 53.34
CA ILE H 76 16.77 -13.14 54.36
C ILE H 76 16.07 -14.46 54.66
N LEU H 77 14.73 -14.43 54.81
CA LEU H 77 13.97 -15.66 55.03
C LEU H 77 14.04 -16.59 53.82
N SER H 78 13.96 -16.03 52.60
CA SER H 78 13.95 -16.85 51.39
C SER H 78 15.30 -17.54 51.18
N ASP H 79 16.40 -16.85 51.48
CA ASP H 79 17.70 -17.52 51.38
C ASP H 79 17.97 -18.45 52.56
N ALA H 80 17.45 -18.16 53.76
CA ALA H 80 17.83 -18.93 54.93
C ALA H 80 16.94 -20.14 55.21
N THR H 81 15.75 -20.21 54.61
CA THR H 81 14.81 -21.30 54.89
C THR H 81 15.31 -22.71 54.57
N PRO H 82 15.92 -23.02 53.40
CA PRO H 82 16.29 -24.43 53.15
C PRO H 82 17.38 -25.00 54.05
N ILE H 83 18.36 -24.19 54.47
CA ILE H 83 19.39 -24.69 55.38
C ILE H 83 18.80 -24.93 56.77
N ILE H 84 17.85 -24.08 57.18
CA ILE H 84 17.12 -24.31 58.43
C ILE H 84 16.33 -25.62 58.36
N HIS H 85 15.66 -25.87 57.24
CA HIS H 85 14.88 -27.10 57.09
C HIS H 85 15.78 -28.33 57.07
N ASP H 86 16.95 -28.23 56.42
CA ASP H 86 17.93 -29.31 56.45
C ASP H 86 18.49 -29.53 57.85
N ALA H 87 18.63 -28.45 58.62
CA ALA H 87 19.14 -28.56 59.98
C ALA H 87 18.15 -29.30 60.89
N MET H 88 16.86 -28.95 60.82
CA MET H 88 15.86 -29.70 61.59
C MET H 88 15.69 -31.12 61.05
N ALA H 89 15.91 -31.31 59.75
CA ALA H 89 15.87 -32.66 59.18
C ALA H 89 16.95 -33.56 59.75
N LYS H 90 18.19 -33.07 59.79
CA LYS H 90 19.28 -33.85 60.35
C LYS H 90 19.14 -34.01 61.86
N LEU H 91 18.62 -32.99 62.54
CA LEU H 91 18.47 -33.04 63.99
C LEU H 91 17.40 -34.05 64.40
N PHE H 92 16.27 -34.07 63.69
CA PHE H 92 15.21 -35.01 64.02
C PHE H 92 15.39 -36.37 63.37
N ALA H 93 16.34 -36.52 62.44
CA ALA H 93 16.68 -37.84 61.92
C ALA H 93 17.86 -38.47 62.64
N SER H 94 18.62 -37.68 63.41
CA SER H 94 19.71 -38.25 64.19
C SER H 94 19.19 -39.11 65.34
N ARG H 95 18.10 -38.70 65.98
CA ARG H 95 17.52 -39.41 67.11
C ARG H 95 16.12 -39.88 66.76
N GLY H 96 15.78 -41.09 67.19
CA GLY H 96 14.47 -41.65 66.95
C GLY H 96 14.32 -42.21 65.55
N GLN H 97 13.06 -42.52 65.21
CA GLN H 97 12.76 -43.01 63.86
C GLN H 97 12.91 -41.91 62.82
N GLY H 98 12.52 -40.68 63.17
CA GLY H 98 12.65 -39.56 62.26
C GLY H 98 11.33 -38.99 61.81
N VAL H 99 11.23 -37.66 61.77
CA VAL H 99 10.02 -36.97 61.33
C VAL H 99 10.35 -36.16 60.08
N VAL H 100 9.28 -35.71 59.41
CA VAL H 100 9.38 -34.87 58.23
C VAL H 100 8.96 -33.45 58.62
N VAL H 101 9.79 -32.48 58.28
CA VAL H 101 9.54 -31.08 58.61
C VAL H 101 8.78 -30.45 57.45
N GLN H 102 7.53 -30.10 57.69
CA GLN H 102 6.67 -29.49 56.68
C GLN H 102 6.77 -27.98 56.78
N VAL H 103 6.43 -27.29 55.68
CA VAL H 103 6.68 -25.87 55.58
C VAL H 103 5.44 -25.15 55.09
N SER H 104 5.36 -23.87 55.41
CA SER H 104 4.34 -22.99 54.85
C SER H 104 4.94 -21.61 54.68
N SER H 105 4.47 -20.86 53.68
CA SER H 105 5.00 -19.54 53.41
C SER H 105 3.92 -18.64 52.83
N ARG H 106 3.76 -17.46 53.43
CA ARG H 106 2.81 -16.45 52.98
C ARG H 106 3.53 -15.11 52.88
N ASP H 107 3.01 -14.24 52.01
CA ASP H 107 3.49 -12.86 51.88
C ASP H 107 2.30 -11.94 52.14
N VAL H 108 2.16 -11.48 53.38
CA VAL H 108 1.02 -10.67 53.80
C VAL H 108 1.38 -9.20 53.58
N PRO H 109 0.60 -8.45 52.80
CA PRO H 109 0.92 -7.03 52.62
C PRO H 109 0.53 -6.20 53.84
N LEU H 110 1.13 -5.02 53.93
CA LEU H 110 0.82 -4.06 54.98
C LEU H 110 0.00 -2.91 54.42
N SER H 111 -0.97 -2.45 55.22
CA SER H 111 -1.85 -1.36 54.80
C SER H 111 -2.40 -0.67 56.05
N CYS H 112 -2.72 0.62 55.88
CA CYS H 112 -3.34 1.38 56.96
C CYS H 112 -4.12 2.54 56.36
N GLU H 113 -5.31 2.79 56.92
CA GLU H 113 -6.15 3.94 56.58
C GLU H 113 -6.79 4.45 57.86
N LYS H 114 -7.41 5.63 57.76
CA LYS H 114 -8.00 6.29 58.92
C LYS H 114 -9.50 6.47 58.74
N ARG H 115 -10.27 6.04 59.74
CA ARG H 115 -11.70 6.25 59.85
C ARG H 115 -12.02 6.94 61.16
N PRO H 116 -13.09 7.78 61.20
CA PRO H 116 -13.46 8.48 62.43
C PRO H 116 -14.30 7.64 63.40
N TYR H 117 -13.82 6.45 63.71
CA TYR H 117 -14.46 5.55 64.66
C TYR H 117 -13.37 4.62 65.18
N GLY H 118 -13.24 4.54 66.51
CA GLY H 118 -12.25 3.68 67.10
C GLY H 118 -12.57 2.21 66.91
N LEU H 119 -11.52 1.39 66.90
CA LEU H 119 -11.63 -0.03 66.60
C LEU H 119 -10.88 -0.85 67.64
N GLN H 120 -11.43 -2.04 67.91
CA GLN H 120 -10.95 -2.96 68.94
C GLN H 120 -9.84 -3.83 68.36
N TYR H 121 -8.70 -3.90 69.05
CA TYR H 121 -7.65 -4.85 68.72
C TYR H 121 -6.98 -5.35 69.99
N THR H 122 -6.92 -6.67 70.15
CA THR H 122 -6.33 -7.27 71.33
C THR H 122 -4.97 -7.89 71.00
N VAL H 123 -4.07 -7.82 71.96
CA VAL H 123 -2.72 -8.37 71.84
C VAL H 123 -2.43 -9.22 73.06
N ALA H 124 -1.87 -10.40 72.84
CA ALA H 124 -1.54 -11.34 73.90
C ALA H 124 -0.01 -11.44 74.01
N LYS H 125 0.47 -11.65 75.24
CA LYS H 125 1.90 -11.74 75.60
C LYS H 125 2.64 -10.47 75.16
N MET H 126 2.23 -9.37 75.77
CA MET H 126 2.73 -8.03 75.48
C MET H 126 3.67 -7.62 76.61
N VAL H 127 4.90 -7.24 76.26
CA VAL H 127 5.93 -6.87 77.23
C VAL H 127 6.04 -5.35 77.26
N VAL H 128 5.86 -4.77 78.44
CA VAL H 128 5.86 -3.32 78.60
C VAL H 128 7.03 -2.81 79.43
N GLN H 129 7.83 -3.69 80.04
CA GLN H 129 8.71 -3.33 81.14
C GLN H 129 10.18 -3.54 80.79
N LYS H 130 10.99 -2.49 80.95
CA LYS H 130 12.43 -2.59 80.77
C LYS H 130 13.24 -1.87 81.85
N LYS H 131 12.66 -0.88 82.52
CA LYS H 131 13.37 -0.03 83.47
C LYS H 131 12.49 0.26 84.69
N HIS H 132 13.15 0.73 85.76
CA HIS H 132 12.48 0.99 87.05
C HIS H 132 11.53 2.17 86.96
N GLU H 133 11.80 3.11 86.05
CA GLU H 133 10.89 4.23 85.84
C GLU H 133 9.55 3.77 85.29
N HIS H 134 9.54 2.65 84.56
CA HIS H 134 8.28 2.11 84.07
C HIS H 134 7.54 1.33 85.15
N ARG H 135 8.27 0.84 86.17
CA ARG H 135 7.62 0.39 87.40
C ARG H 135 6.96 1.56 88.12
N GLU H 136 7.64 2.72 88.15
CA GLU H 136 7.05 3.89 88.79
C GLU H 136 5.87 4.44 88.00
N ARG H 137 5.88 4.26 86.68
CA ARG H 137 4.76 4.69 85.87
C ARG H 137 3.57 3.73 85.99
N LEU H 138 3.83 2.43 86.12
CA LEU H 138 2.75 1.46 86.22
C LEU H 138 2.17 1.34 87.62
N ALA H 139 2.78 1.95 88.63
CA ALA H 139 2.24 1.89 89.98
C ALA H 139 0.96 2.73 90.11
N ASN H 140 0.96 3.91 89.52
CA ASN H 140 -0.20 4.77 89.48
C ASN H 140 -0.90 4.59 88.14
N PRO H 141 -2.24 4.49 88.13
CA PRO H 141 -2.93 4.27 86.85
C PRO H 141 -2.85 5.43 85.88
N GLU H 142 -2.96 6.67 86.39
CA GLU H 142 -3.09 7.85 85.53
C GLU H 142 -1.84 8.10 84.71
N THR H 143 -0.67 7.90 85.32
CA THR H 143 0.57 7.98 84.57
C THR H 143 0.92 6.67 83.87
N GLY H 144 0.07 5.65 83.99
CA GLY H 144 0.32 4.38 83.34
C GLY H 144 -0.38 4.24 82.01
N LYS H 145 -1.62 4.74 81.92
CA LYS H 145 -2.32 4.75 80.64
C LYS H 145 -1.58 5.55 79.58
N VAL H 146 -1.05 6.73 79.95
CA VAL H 146 -0.36 7.57 78.96
C VAL H 146 0.94 6.93 78.51
N PHE H 147 1.60 6.16 79.40
CA PHE H 147 2.80 5.43 79.02
C PHE H 147 2.47 4.33 78.01
N LEU H 148 1.36 3.61 78.24
CA LEU H 148 0.92 2.61 77.27
C LEU H 148 0.49 3.24 75.95
N GLU H 149 -0.13 4.44 76.02
CA GLU H 149 -0.54 5.19 74.84
C GLU H 149 0.66 5.52 73.96
N GLY H 150 1.67 6.12 74.57
CA GLY H 150 2.89 6.48 73.86
C GLY H 150 3.64 5.27 73.34
N LEU H 151 3.67 4.18 74.12
CA LEU H 151 4.36 2.97 73.69
C LEU H 151 3.70 2.35 72.46
N PHE H 152 2.37 2.26 72.46
CA PHE H 152 1.66 1.67 71.33
C PHE H 152 1.79 2.53 70.07
N LEU H 153 1.65 3.85 70.22
CA LEU H 153 1.74 4.74 69.07
C LEU H 153 3.15 4.78 68.50
N ARG H 154 4.16 4.80 69.36
CA ARG H 154 5.53 4.82 68.86
C ARG H 154 5.95 3.47 68.31
N SER H 155 5.34 2.37 68.78
CA SER H 155 5.64 1.06 68.20
C SER H 155 5.07 0.94 66.79
N LEU H 156 3.83 1.42 66.59
CA LEU H 156 3.26 1.51 65.24
C LEU H 156 4.13 2.39 64.35
N GLU H 157 4.61 3.52 64.90
CA GLU H 157 5.40 4.45 64.10
C GLU H 157 6.74 3.85 63.72
N ARG H 158 7.39 3.12 64.63
CA ARG H 158 8.73 2.61 64.30
C ARG H 158 8.64 1.42 63.34
N GLN H 159 7.59 0.59 63.44
CA GLN H 159 7.53 -0.50 62.47
C GLN H 159 7.10 0.03 61.09
N ALA H 160 6.21 1.04 61.07
CA ALA H 160 5.83 1.68 59.81
C ALA H 160 7.01 2.37 59.15
N ALA H 161 7.89 3.00 59.94
CA ALA H 161 9.08 3.63 59.38
C ALA H 161 10.10 2.59 58.93
N ALA H 162 10.17 1.44 59.62
CA ALA H 162 11.15 0.44 59.23
C ALA H 162 10.74 -0.28 57.94
N VAL H 163 9.45 -0.61 57.79
CA VAL H 163 9.03 -1.34 56.60
C VAL H 163 8.92 -0.44 55.36
N GLY H 164 8.94 0.88 55.53
CA GLY H 164 9.05 1.78 54.40
C GLY H 164 7.76 2.35 53.85
N MET H 165 6.74 2.57 54.69
CA MET H 165 5.50 3.20 54.25
C MET H 165 5.09 4.27 55.26
N VAL H 166 4.25 5.19 54.81
CA VAL H 166 3.90 6.38 55.59
C VAL H 166 2.69 6.11 56.46
N LEU H 167 2.82 6.43 57.75
CA LEU H 167 1.71 6.42 58.69
C LEU H 167 1.08 7.80 58.77
N PRO H 168 -0.25 7.88 58.81
CA PRO H 168 -0.90 9.15 59.15
C PRO H 168 -0.60 9.51 60.60
N ARG H 169 -0.19 10.76 60.81
CA ARG H 169 0.27 11.22 62.12
C ARG H 169 -0.85 11.87 62.94
N ASP H 170 -2.10 11.72 62.53
CA ASP H 170 -3.24 12.20 63.31
C ASP H 170 -3.93 11.06 64.04
N LEU H 171 -3.24 9.94 64.22
CA LEU H 171 -3.82 8.78 64.89
C LEU H 171 -3.94 9.02 66.39
N VAL H 172 -5.04 8.56 66.97
CA VAL H 172 -5.24 8.56 68.41
C VAL H 172 -5.57 7.13 68.83
N VAL H 173 -4.99 6.69 69.93
CA VAL H 173 -5.24 5.36 70.46
C VAL H 173 -5.97 5.51 71.78
N SER H 174 -6.32 4.36 72.37
CA SER H 174 -6.80 4.29 73.75
C SER H 174 -6.64 2.86 74.25
N PHE H 175 -6.33 2.74 75.53
CA PHE H 175 -6.12 1.45 76.19
C PHE H 175 -7.27 1.23 77.17
N LYS H 176 -8.08 0.20 76.91
CA LYS H 176 -9.27 -0.05 77.72
C LYS H 176 -9.00 -0.99 78.88
N GLY H 177 -8.52 -2.20 78.59
CA GLY H 177 -8.58 -3.25 79.58
C GLY H 177 -7.41 -4.21 79.48
N ALA H 178 -7.17 -4.86 80.62
CA ALA H 178 -6.10 -5.80 80.84
C ALA H 178 -6.67 -7.04 81.49
N GLU H 179 -6.12 -8.20 81.15
CA GLU H 179 -6.61 -9.44 81.78
C GLU H 179 -5.65 -9.93 82.85
N ARG H 180 -4.36 -10.08 82.53
CA ARG H 180 -3.43 -10.61 83.51
C ARG H 180 -2.11 -9.85 83.42
N VAL H 181 -1.33 -9.93 84.50
CA VAL H 181 0.02 -9.39 84.53
C VAL H 181 0.96 -10.54 84.87
N SER H 182 1.93 -10.80 83.99
CA SER H 182 2.84 -11.92 84.18
C SER H 182 4.24 -11.49 83.79
N SER H 183 5.22 -12.23 84.26
CA SER H 183 6.62 -11.96 83.92
C SER H 183 7.04 -12.79 82.72
N VAL H 184 8.06 -12.29 82.02
CA VAL H 184 8.82 -13.06 81.05
C VAL H 184 10.28 -13.02 81.48
N LYS H 185 10.97 -14.14 81.33
CA LYS H 185 12.37 -14.24 81.70
C LYS H 185 13.24 -14.07 80.46
N LEU H 186 14.47 -13.54 80.63
CA LEU H 186 15.42 -13.33 79.49
C LEU H 186 16.10 -14.64 79.06
N ARG H 187 16.74 -15.35 80.00
CA ARG H 187 17.33 -16.66 79.78
C ARG H 187 16.78 -17.61 80.83
N PRO H 188 16.75 -18.92 80.57
CA PRO H 188 16.27 -19.87 81.59
C PRO H 188 17.17 -19.91 82.82
N ASP H 189 16.53 -20.12 83.97
CA ASP H 189 17.15 -20.13 85.30
C ASP H 189 17.92 -18.84 85.59
N SER H 190 17.28 -17.72 85.26
CA SER H 190 17.82 -16.39 85.55
C SER H 190 16.86 -15.66 86.47
N THR H 191 17.41 -14.96 87.47
CA THR H 191 16.57 -14.26 88.43
C THR H 191 15.92 -13.02 87.83
N LEU H 192 16.58 -12.43 86.83
CA LEU H 192 16.04 -11.21 86.18
C LEU H 192 14.75 -11.53 85.43
N ALA H 193 13.72 -10.69 85.60
CA ALA H 193 12.46 -10.86 84.91
C ALA H 193 11.94 -9.51 84.46
N HIS H 194 11.16 -9.52 83.39
CA HIS H 194 10.52 -8.32 82.86
C HIS H 194 9.02 -8.45 83.01
N GLY H 195 8.38 -7.39 83.51
CA GLY H 195 6.93 -7.38 83.58
C GLY H 195 6.30 -7.36 82.20
N SER H 196 5.09 -7.90 82.12
CA SER H 196 4.43 -8.05 80.84
C SER H 196 2.92 -8.19 81.06
N LEU H 197 2.19 -7.89 79.99
CA LEU H 197 0.73 -7.82 80.02
C LEU H 197 0.16 -8.96 79.19
N ARG H 198 -0.86 -9.63 79.75
CA ARG H 198 -1.54 -10.74 79.11
C ARG H 198 -2.95 -10.33 78.73
N HIS H 199 -3.26 -10.46 77.44
CA HIS H 199 -4.54 -10.07 76.83
C HIS H 199 -4.85 -8.60 77.05
N ALA H 200 -3.96 -7.74 76.61
CA ALA H 200 -4.27 -6.32 76.52
C ALA H 200 -5.26 -6.07 75.40
N VAL H 201 -6.13 -5.08 75.59
CA VAL H 201 -6.98 -4.60 74.51
C VAL H 201 -6.70 -3.12 74.28
N PHE H 202 -6.72 -2.72 73.01
CA PHE H 202 -6.44 -1.35 72.60
C PHE H 202 -7.50 -0.91 71.59
N GLU H 203 -7.67 0.40 71.46
CA GLU H 203 -8.69 0.98 70.61
C GLU H 203 -8.04 2.07 69.76
N VAL H 204 -7.94 1.83 68.47
CA VAL H 204 -7.28 2.77 67.56
C VAL H 204 -8.25 3.14 66.44
N ASN H 205 -8.33 4.44 66.14
CA ASN H 205 -9.28 4.92 65.14
C ASN H 205 -8.86 4.49 63.74
N ALA H 206 -7.58 4.19 63.53
CA ALA H 206 -7.15 3.71 62.23
C ALA H 206 -7.52 2.24 62.06
N ARG H 207 -7.29 1.74 60.83
CA ARG H 207 -7.48 0.31 60.49
C ARG H 207 -6.09 -0.36 60.58
N LEU H 208 -5.98 -1.50 61.28
CA LEU H 208 -4.65 -2.13 61.49
C LEU H 208 -4.46 -3.37 60.61
N GLY H 209 -3.33 -3.40 59.89
CA GLY H 209 -2.93 -4.52 59.01
C GLY H 209 -2.28 -5.65 59.79
N GLY H 210 -2.05 -6.79 59.13
CA GLY H 210 -1.43 -7.98 59.74
C GLY H 210 0.07 -7.83 59.98
N LEU H 211 0.65 -8.69 60.83
CA LEU H 211 2.10 -8.67 61.19
C LEU H 211 2.47 -7.29 61.75
N TRP H 212 1.63 -6.75 62.63
CA TRP H 212 1.82 -5.45 63.25
C TRP H 212 2.24 -5.63 64.70
N SER H 213 3.51 -5.33 64.99
CA SER H 213 4.15 -5.73 66.23
C SER H 213 4.33 -4.52 67.15
N VAL H 214 3.96 -4.71 68.42
CA VAL H 214 3.99 -3.63 69.40
C VAL H 214 4.73 -4.10 70.64
N GLY H 215 5.32 -3.15 71.33
CA GLY H 215 6.00 -3.41 72.59
C GLY H 215 7.47 -3.74 72.42
N PHE H 216 8.03 -4.27 73.50
CA PHE H 216 9.44 -4.60 73.58
C PHE H 216 9.63 -6.10 73.38
N LEU H 217 10.89 -6.47 73.13
CA LEU H 217 11.33 -7.85 72.85
C LEU H 217 10.56 -8.46 71.66
N LEU H 218 10.64 -7.78 70.53
CA LEU H 218 9.88 -8.20 69.35
C LEU H 218 10.54 -9.39 68.66
N SER H 219 11.88 -9.46 68.68
CA SER H 219 12.58 -10.57 68.03
C SER H 219 12.49 -11.86 68.83
N LYS H 220 12.09 -11.80 70.09
CA LYS H 220 11.92 -12.99 70.91
C LYS H 220 10.52 -13.60 70.78
N GLY H 221 9.62 -12.93 70.06
CA GLY H 221 8.30 -13.48 69.81
C GLY H 221 7.22 -13.03 70.76
N PHE H 222 7.15 -11.73 71.06
CA PHE H 222 6.14 -11.17 71.93
C PHE H 222 5.54 -9.93 71.30
N GLY H 223 4.27 -9.68 71.56
CA GLY H 223 3.62 -8.44 71.16
C GLY H 223 3.31 -8.30 69.69
N HIS H 224 3.13 -9.41 68.97
CA HIS H 224 2.70 -9.36 67.59
C HIS H 224 1.56 -10.34 67.34
N ILE H 225 0.61 -9.93 66.52
CA ILE H 225 -0.53 -10.76 66.14
C ILE H 225 -1.04 -10.23 64.79
N ASN H 226 -1.77 -11.08 64.07
CA ASN H 226 -2.36 -10.67 62.81
C ASN H 226 -3.64 -9.88 63.06
N THR H 227 -3.71 -8.68 62.51
CA THR H 227 -4.90 -7.85 62.68
C THR H 227 -5.92 -8.12 61.60
N ASP H 228 -5.51 -8.76 60.51
CA ASP H 228 -6.45 -9.12 59.44
C ASP H 228 -7.45 -10.17 59.91
N LEU H 229 -6.96 -11.14 60.69
CA LEU H 229 -7.85 -12.16 61.26
C LEU H 229 -8.75 -11.55 62.34
N GLN H 230 -8.21 -10.63 63.14
CA GLN H 230 -9.00 -9.95 64.16
C GLN H 230 -10.01 -8.99 63.56
N LEU H 231 -9.79 -8.50 62.35
CA LEU H 231 -10.76 -7.66 61.64
C LEU H 231 -11.74 -8.58 60.92
N GLY H 232 -12.98 -8.61 61.41
CA GLY H 232 -13.97 -9.52 60.86
C GLY H 232 -13.66 -10.97 61.19
N GLN H 233 -13.71 -11.29 62.48
CA GLN H 233 -13.35 -12.63 62.93
C GLN H 233 -14.45 -13.64 62.60
N GLY H 234 -14.07 -14.72 61.92
CA GLY H 234 -15.01 -15.75 61.54
C GLY H 234 -14.72 -17.09 62.20
N PRO L 4 35.14 55.37 -8.54
CA PRO L 4 33.78 55.01 -8.14
C PRO L 4 32.79 56.18 -8.21
N ALA L 5 32.59 56.71 -9.41
CA ALA L 5 31.64 57.80 -9.59
C ALA L 5 30.21 57.30 -9.49
N ASP L 6 29.36 58.11 -8.84
CA ASP L 6 27.95 57.80 -8.54
C ASP L 6 27.84 56.48 -7.78
N ALA L 7 28.65 56.35 -6.74
CA ALA L 7 28.69 55.13 -5.96
C ALA L 7 27.57 55.10 -4.93
N LEU L 8 27.29 53.89 -4.44
CA LEU L 8 26.33 53.69 -3.38
C LEU L 8 26.90 54.17 -2.04
N PRO L 9 26.05 54.44 -1.05
CA PRO L 9 26.56 54.71 0.30
C PRO L 9 27.28 53.50 0.87
N GLY L 10 28.50 53.73 1.35
CA GLY L 10 29.31 52.64 1.88
C GLY L 10 30.01 51.79 0.85
N GLU L 11 30.01 52.21 -0.42
CA GLU L 11 30.67 51.46 -1.49
C GLU L 11 32.18 51.42 -1.35
N GLY L 12 32.79 52.48 -0.81
CA GLY L 12 34.24 52.58 -0.79
C GLY L 12 34.91 51.58 0.14
N ALA L 13 34.17 51.08 1.12
CA ALA L 13 34.67 50.07 2.03
C ALA L 13 34.41 48.64 1.53
N VAL L 14 33.67 48.50 0.42
CA VAL L 14 33.43 47.20 -0.21
C VAL L 14 34.58 46.92 -1.16
N ARG L 15 34.99 45.66 -1.24
CA ARG L 15 36.09 45.27 -2.11
C ARG L 15 35.70 45.40 -3.57
N GLU L 16 36.72 45.45 -4.44
CA GLU L 16 36.51 45.75 -5.85
C GLU L 16 35.87 44.57 -6.59
N VAL L 17 36.05 43.35 -6.09
CA VAL L 17 35.49 42.20 -6.78
C VAL L 17 33.98 42.13 -6.58
N LEU L 18 33.52 42.57 -5.41
CA LEU L 18 32.08 42.48 -5.03
C LEU L 18 31.31 43.71 -5.53
N ARG L 19 32.01 44.68 -6.14
CA ARG L 19 31.35 45.91 -6.64
C ARG L 19 30.31 45.56 -7.72
N PRO L 20 30.61 44.67 -8.69
CA PRO L 20 29.64 44.32 -9.73
C PRO L 20 28.36 43.65 -9.18
N LEU L 21 28.51 42.74 -8.23
CA LEU L 21 27.35 42.02 -7.62
C LEU L 21 26.46 43.04 -6.90
N LEU L 22 27.10 43.97 -6.18
CA LEU L 22 26.42 45.02 -5.43
C LEU L 22 25.61 45.93 -6.35
N LYS L 23 26.17 46.29 -7.51
CA LYS L 23 25.49 47.20 -8.42
C LYS L 23 24.22 46.57 -9.03
N GLN L 24 24.32 45.35 -9.60
CA GLN L 24 23.08 44.77 -10.13
C GLN L 24 22.14 44.32 -9.01
N ALA L 25 22.66 44.00 -7.82
CA ALA L 25 21.75 43.65 -6.73
C ALA L 25 20.92 44.85 -6.29
N ALA L 26 21.55 46.03 -6.18
CA ALA L 26 20.81 47.25 -5.91
C ALA L 26 19.87 47.61 -7.05
N GLU L 27 20.29 47.34 -8.30
CA GLU L 27 19.46 47.69 -9.45
C GLU L 27 18.21 46.83 -9.53
N LYS L 28 18.35 45.52 -9.35
CA LYS L 28 17.19 44.64 -9.49
C LYS L 28 16.38 44.56 -8.19
N THR L 29 16.91 45.09 -7.08
CA THR L 29 16.03 45.32 -5.94
C THR L 29 15.35 46.69 -6.03
N ALA L 30 15.90 47.59 -6.85
CA ALA L 30 15.18 48.82 -7.16
C ALA L 30 13.99 48.54 -8.07
N ALA L 31 14.04 47.46 -8.85
CA ALA L 31 12.94 47.07 -9.71
C ALA L 31 11.89 46.23 -9.00
N GLY L 32 12.11 45.85 -7.75
CA GLY L 32 11.16 45.09 -6.99
C GLY L 32 11.29 43.58 -7.10
N LYS L 33 12.39 43.09 -7.68
CA LYS L 33 12.60 41.66 -7.78
C LYS L 33 13.40 41.14 -6.60
N ILE L 34 13.24 39.85 -6.32
CA ILE L 34 13.96 39.18 -5.25
C ILE L 34 15.28 38.68 -5.83
N VAL L 35 16.39 39.15 -5.27
CA VAL L 35 17.70 39.05 -5.92
C VAL L 35 18.49 37.92 -5.27
N PHE L 36 19.00 37.02 -6.12
CA PHE L 36 19.84 35.90 -5.70
C PHE L 36 21.29 36.30 -5.96
N ALA L 37 21.99 36.75 -4.91
CA ALA L 37 23.36 37.25 -5.03
C ALA L 37 24.30 36.32 -4.28
N GLU L 38 25.31 35.82 -4.98
CA GLU L 38 26.17 34.75 -4.47
C GLU L 38 27.62 35.21 -4.50
N ALA L 39 28.29 35.10 -3.35
CA ALA L 39 29.70 35.41 -3.23
C ALA L 39 30.33 34.46 -2.21
N ALA L 40 31.66 34.35 -2.26
CA ALA L 40 32.35 33.44 -1.36
C ALA L 40 32.47 34.05 0.04
N THR L 41 33.09 33.29 0.95
CA THR L 41 33.08 33.63 2.36
C THR L 41 33.95 34.84 2.67
N GLY L 42 35.18 34.87 2.14
CA GLY L 42 36.10 35.92 2.48
C GLY L 42 36.06 37.16 1.61
N THR L 43 35.01 37.33 0.81
CA THR L 43 34.91 38.49 -0.07
C THR L 43 34.17 39.67 0.58
N GLY L 44 33.83 39.57 1.86
CA GLY L 44 33.22 40.67 2.57
C GLY L 44 31.80 40.95 2.15
N LYS L 45 30.90 39.99 2.37
CA LYS L 45 29.50 40.19 2.00
C LYS L 45 28.80 41.16 2.94
N GLY L 46 29.33 41.34 4.15
CA GLY L 46 28.72 42.26 5.09
C GLY L 46 28.79 43.71 4.63
N ARG L 47 29.93 44.10 4.05
CA ARG L 47 30.08 45.46 3.53
C ARG L 47 29.17 45.72 2.34
N MET L 48 29.06 44.74 1.44
CA MET L 48 28.16 44.87 0.29
C MET L 48 26.70 44.91 0.74
N ILE L 49 26.35 44.10 1.74
CA ILE L 49 25.01 44.11 2.32
C ILE L 49 24.72 45.46 2.99
N ALA L 50 25.73 46.01 3.66
CA ALA L 50 25.61 47.34 4.25
C ALA L 50 25.37 48.41 3.19
N SER L 51 26.06 48.28 2.06
CA SER L 51 25.89 49.26 0.95
C SER L 51 24.45 49.17 0.43
N LEU L 52 23.94 47.94 0.26
CA LEU L 52 22.56 47.70 -0.25
C LEU L 52 21.54 48.27 0.74
N ALA L 53 21.77 48.06 2.04
CA ALA L 53 20.85 48.53 3.08
C ALA L 53 20.86 50.05 3.16
N ALA L 54 22.04 50.67 3.04
CA ALA L 54 22.12 52.13 3.08
C ALA L 54 21.50 52.76 1.83
N ALA L 55 21.80 52.19 0.65
CA ALA L 55 21.29 52.75 -0.60
C ALA L 55 19.77 52.57 -0.70
N ALA L 56 19.22 51.52 -0.08
CA ALA L 56 17.77 51.41 0.01
C ALA L 56 17.21 52.32 1.09
N ALA L 57 17.99 52.58 2.14
CA ALA L 57 17.49 53.38 3.26
C ALA L 57 17.39 54.85 2.89
N ILE L 58 18.24 55.34 1.98
CA ILE L 58 18.13 56.74 1.58
C ILE L 58 16.95 56.99 0.65
N LYS L 59 16.33 55.93 0.12
CA LYS L 59 15.15 56.09 -0.72
C LYS L 59 13.87 56.29 0.10
N GLY L 60 13.95 56.20 1.43
CA GLY L 60 12.78 56.22 2.27
C GLY L 60 12.21 54.86 2.59
N ASP L 61 12.92 53.78 2.26
CA ASP L 61 12.42 52.43 2.42
C ASP L 61 12.69 51.92 3.83
N THR L 62 11.71 51.21 4.39
CA THR L 62 11.91 50.49 5.65
C THR L 62 12.66 49.21 5.34
N VAL L 63 13.94 49.17 5.70
CA VAL L 63 14.86 48.11 5.31
C VAL L 63 14.98 47.14 6.49
N VAL L 64 14.86 45.85 6.20
CA VAL L 64 14.98 44.80 7.20
C VAL L 64 16.11 43.86 6.78
N VAL L 65 17.06 43.64 7.68
CA VAL L 65 18.21 42.77 7.43
C VAL L 65 18.08 41.57 8.36
N SER L 66 17.91 40.39 7.78
CA SER L 66 17.78 39.14 8.52
C SER L 66 19.09 38.36 8.43
N ALA L 67 19.61 37.96 9.58
CA ALA L 67 20.92 37.30 9.64
C ALA L 67 20.99 36.49 10.92
N PRO L 68 21.87 35.47 10.98
CA PRO L 68 22.10 34.79 12.26
C PRO L 68 22.78 35.72 13.27
N LEU L 69 22.67 35.34 14.55
CA LEU L 69 23.09 36.22 15.63
C LEU L 69 24.61 36.34 15.71
N ALA L 70 25.34 35.40 15.12
CA ALA L 70 26.79 35.54 15.05
C ALA L 70 27.19 36.58 14.00
N VAL L 71 26.39 36.69 12.93
CA VAL L 71 26.69 37.63 11.85
C VAL L 71 26.24 39.04 12.23
N THR L 72 25.42 39.14 13.30
CA THR L 72 24.82 40.40 13.75
C THR L 72 25.87 41.45 14.13
N TRP L 73 26.90 41.04 14.85
CA TRP L 73 27.86 42.01 15.37
C TRP L 73 28.71 42.62 14.25
N GLN L 74 29.14 41.81 13.28
CA GLN L 74 29.88 42.37 12.16
C GLN L 74 28.97 43.12 11.20
N LEU L 75 27.68 42.75 11.15
CA LEU L 75 26.75 43.51 10.31
C LEU L 75 26.49 44.90 10.87
N VAL L 76 26.38 45.03 12.19
CA VAL L 76 26.22 46.36 12.78
C VAL L 76 27.58 47.04 12.90
N ASN L 77 28.66 46.28 12.78
CA ASN L 77 29.99 46.87 12.67
C ASN L 77 30.19 47.51 11.30
N ASP L 78 29.52 46.97 10.29
CA ASP L 78 29.55 47.59 8.96
C ASP L 78 28.47 48.66 8.82
N MET L 79 27.69 48.91 9.87
CA MET L 79 26.55 49.81 9.82
C MET L 79 26.64 50.90 10.89
N LYS L 80 27.84 51.37 11.23
CA LYS L 80 27.95 52.37 12.28
C LYS L 80 28.55 53.68 11.79
N ASP L 81 29.51 53.62 10.87
CA ASP L 81 30.31 54.79 10.53
C ASP L 81 29.89 55.49 9.23
N ILE L 82 29.07 54.84 8.41
CA ILE L 82 28.58 55.53 7.20
C ILE L 82 27.51 56.54 7.60
N PRO L 83 27.50 57.75 7.01
CA PRO L 83 26.60 58.80 7.52
C PRO L 83 25.14 58.60 7.15
N GLU L 84 24.84 57.75 6.15
CA GLU L 84 23.47 57.61 5.70
C GLU L 84 22.63 56.80 6.70
N VAL L 85 23.18 55.70 7.23
CA VAL L 85 22.47 54.97 8.26
C VAL L 85 22.62 55.67 9.61
N ARG L 86 23.56 56.61 9.71
CA ARG L 86 23.59 57.50 10.88
C ARG L 86 22.43 58.48 10.84
N ARG L 87 22.06 58.95 9.64
CA ARG L 87 20.92 59.86 9.51
C ARG L 87 19.61 59.11 9.66
N VAL L 88 19.47 57.94 9.03
CA VAL L 88 18.19 57.24 9.07
C VAL L 88 18.07 56.31 10.27
N GLY L 89 19.16 56.03 10.98
CA GLY L 89 19.06 55.19 12.16
C GLY L 89 19.18 53.71 11.85
N LEU L 90 19.70 52.96 12.81
CA LEU L 90 19.78 51.51 12.75
C LEU L 90 19.35 50.94 14.10
N THR L 91 18.45 49.98 14.08
CA THR L 91 17.99 49.32 15.29
C THR L 91 18.00 47.81 15.10
N LEU L 92 17.78 47.09 16.20
CA LEU L 92 17.79 45.64 16.17
C LEU L 92 16.52 45.13 16.84
N SER L 93 16.00 44.01 16.33
CA SER L 93 14.87 43.31 16.94
C SER L 93 15.37 41.98 17.48
N LEU L 94 15.20 41.78 18.78
CA LEU L 94 15.69 40.63 19.51
C LEU L 94 14.53 39.98 20.25
N GLY L 95 14.61 38.67 20.47
CA GLY L 95 13.51 37.94 21.07
C GLY L 95 13.66 37.69 22.55
N ARG L 96 12.73 36.87 23.05
CA ARG L 96 12.85 36.29 24.38
C ARG L 96 14.14 35.50 24.63
N PRO L 97 14.67 34.67 23.71
CA PRO L 97 15.95 34.00 24.01
C PRO L 97 17.18 34.89 23.95
N ASN L 98 17.04 36.19 23.71
CA ASN L 98 18.17 37.10 23.86
C ASN L 98 18.30 37.63 25.29
N PHE L 99 17.33 37.36 26.16
CA PHE L 99 17.31 37.89 27.52
C PHE L 99 17.26 36.76 28.53
N ILE L 100 17.37 37.13 29.82
CA ILE L 100 17.36 36.18 30.92
C ILE L 100 16.38 36.66 31.97
N SER L 101 15.91 35.73 32.79
CA SER L 101 15.07 36.09 33.94
C SER L 101 15.96 36.60 35.06
N PRO L 102 15.70 37.80 35.59
CA PRO L 102 16.58 38.33 36.66
C PRO L 102 16.43 37.60 37.99
N GLN L 103 15.20 37.25 38.38
CA GLN L 103 14.96 36.57 39.65
C GLN L 103 15.58 35.17 39.66
N ARG L 104 15.43 34.43 38.55
CA ARG L 104 15.96 33.07 38.49
C ARG L 104 17.49 33.08 38.42
N THR L 105 18.08 34.02 37.69
CA THR L 105 19.53 34.12 37.61
C THR L 105 20.13 34.57 38.94
N LEU L 106 19.45 35.49 39.65
CA LEU L 106 19.90 35.88 40.99
C LEU L 106 19.79 34.73 41.97
N GLU L 107 18.70 33.95 41.91
CA GLU L 107 18.54 32.79 42.78
C GLU L 107 19.56 31.71 42.48
N TRP L 108 19.95 31.54 41.23
CA TRP L 108 21.03 30.61 40.89
C TRP L 108 22.39 31.13 41.35
N ALA L 109 22.60 32.45 41.27
CA ALA L 109 23.89 33.03 41.66
C ALA L 109 24.09 32.97 43.17
N ILE L 110 23.02 33.13 43.94
CA ILE L 110 23.13 32.95 45.39
C ILE L 110 23.38 31.48 45.73
N ASP L 111 22.73 30.56 45.01
CA ASP L 111 22.88 29.14 45.30
C ASP L 111 24.26 28.62 44.94
N ASN L 112 24.83 29.08 43.82
CA ASN L 112 26.14 28.62 43.36
C ASN L 112 27.28 29.52 43.81
N GLU L 113 26.99 30.56 44.60
CA GLU L 113 27.95 31.49 45.19
C GLU L 113 28.80 32.19 44.11
N ARG L 114 28.11 32.79 43.15
CA ARG L 114 28.74 33.56 42.09
C ARG L 114 28.61 35.04 42.46
N ALA L 115 29.73 35.64 42.89
CA ALA L 115 29.68 37.00 43.40
C ALA L 115 29.51 38.02 42.28
N ASP L 116 30.20 37.81 41.15
CA ASP L 116 30.15 38.76 40.04
C ASP L 116 28.78 38.77 39.38
N LEU L 117 28.16 37.60 39.20
CA LEU L 117 26.84 37.52 38.60
C LEU L 117 25.78 38.16 39.49
N ALA L 118 25.85 37.89 40.80
CA ALA L 118 24.90 38.45 41.75
C ALA L 118 25.07 39.97 41.89
N ALA L 119 26.32 40.44 41.88
CA ALA L 119 26.56 41.88 41.90
C ALA L 119 26.19 42.54 40.59
N TRP L 120 26.21 41.79 39.49
CA TRP L 120 25.77 42.31 38.20
C TRP L 120 24.25 42.47 38.15
N ILE L 121 23.52 41.48 38.68
CA ILE L 121 22.06 41.54 38.65
C ILE L 121 21.56 42.61 39.62
N GLU L 122 22.13 42.67 40.82
CA GLU L 122 21.80 43.73 41.76
C GLU L 122 22.37 45.05 41.27
N GLY L 123 21.51 45.89 40.70
CA GLY L 123 21.94 47.13 40.08
C GLY L 123 21.44 47.35 38.66
N GLY L 124 20.62 46.45 38.12
CA GLY L 124 20.00 46.64 36.84
C GLY L 124 20.46 45.72 35.73
N GLY L 125 21.49 44.91 35.95
CA GLY L 125 22.01 44.07 34.89
C GLY L 125 22.70 44.85 33.79
N LYS L 126 23.58 45.78 34.16
CA LYS L 126 24.20 46.69 33.21
C LYS L 126 25.16 45.93 32.29
N PRO L 127 25.29 46.38 31.03
CA PRO L 127 26.11 45.63 30.07
C PRO L 127 27.60 45.66 30.42
N LEU L 128 28.28 44.56 30.08
CA LEU L 128 29.67 44.35 30.42
C LEU L 128 30.57 44.00 29.24
N SER L 129 30.03 43.38 28.20
CA SER L 129 30.81 43.16 26.99
C SER L 129 30.75 44.39 26.09
N LEU L 130 31.87 44.64 25.38
CA LEU L 130 31.99 45.81 24.51
C LEU L 130 30.94 45.79 23.40
N ARG L 131 30.59 44.60 22.94
CA ARG L 131 29.53 44.43 21.94
C ARG L 131 28.20 44.94 22.48
N SER L 132 27.93 44.67 23.75
CA SER L 132 26.64 45.03 24.35
C SER L 132 26.48 46.53 24.51
N MET L 133 27.48 47.22 25.09
CA MET L 133 27.34 48.67 25.22
C MET L 133 27.44 49.36 23.87
N GLU L 134 28.19 48.80 22.92
CA GLU L 134 28.30 49.45 21.62
C GLU L 134 26.98 49.32 20.86
N THR L 135 26.34 48.15 20.94
CA THR L 135 25.02 47.99 20.35
C THR L 135 23.98 48.82 21.08
N SER L 136 24.13 49.02 22.39
CA SER L 136 23.23 49.90 23.12
C SER L 136 23.39 51.35 22.69
N LYS L 137 24.61 51.74 22.31
CA LYS L 137 24.83 53.08 21.77
C LYS L 137 24.24 53.22 20.37
N VAL L 138 24.37 52.17 19.54
CA VAL L 138 23.88 52.26 18.16
C VAL L 138 22.35 52.27 18.11
N ILE L 139 21.72 51.35 18.86
CA ILE L 139 20.25 51.31 18.90
C ILE L 139 19.69 52.54 19.61
N SER L 140 20.48 53.12 20.53
CA SER L 140 20.03 54.12 21.53
C SER L 140 18.89 53.59 22.38
N HIS L 141 18.92 52.28 22.65
CA HIS L 141 18.07 51.66 23.65
C HIS L 141 18.97 50.73 24.45
N GLU L 142 18.88 50.83 25.78
CA GLU L 142 19.81 50.18 26.68
C GLU L 142 19.54 48.67 26.67
N LEU L 143 20.59 47.87 26.46
CA LEU L 143 20.46 46.42 26.40
C LEU L 143 20.96 45.82 27.71
N CYS L 144 20.04 45.71 28.67
CA CYS L 144 20.31 45.01 29.91
C CYS L 144 19.87 43.55 29.80
N TRP L 145 20.27 42.76 30.80
CA TRP L 145 19.88 41.35 30.98
C TRP L 145 20.21 40.47 29.78
N LEU L 146 21.35 40.70 29.13
CA LEU L 146 21.72 39.91 27.97
C LEU L 146 22.18 38.52 28.39
N LEU L 147 21.81 37.51 27.60
CA LEU L 147 22.22 36.14 27.87
C LEU L 147 23.72 35.99 27.70
N GLU L 148 24.30 36.70 26.72
CA GLU L 148 25.74 36.68 26.53
C GLU L 148 26.47 37.38 27.67
N ASP L 149 25.91 38.48 28.18
CA ASP L 149 26.54 39.20 29.28
C ASP L 149 26.52 38.39 30.57
N ALA L 150 25.43 37.68 30.83
CA ALA L 150 25.38 36.78 31.97
C ALA L 150 26.28 35.57 31.75
N LEU L 151 26.38 35.11 30.50
CA LEU L 151 27.21 33.95 30.17
C LEU L 151 28.69 34.25 30.33
N LEU L 152 29.09 35.52 30.12
CA LEU L 152 30.51 35.86 30.23
C LEU L 152 31.01 35.77 31.67
N LEU L 153 30.13 36.08 32.64
CA LEU L 153 30.52 35.93 34.04
C LEU L 153 30.48 34.47 34.49
N ALA L 154 29.57 33.68 33.94
CA ALA L 154 29.45 32.28 34.33
C ALA L 154 29.17 31.45 33.08
N GLU L 155 30.17 30.68 32.65
CA GLU L 155 30.01 29.86 31.45
C GLU L 155 29.09 28.67 31.68
N ASP L 156 28.90 28.26 32.93
CA ASP L 156 28.19 27.04 33.26
C ASP L 156 26.77 27.26 33.78
N LEU L 157 26.16 28.39 33.49
CA LEU L 157 24.82 28.63 33.99
C LEU L 157 23.80 27.87 33.16
N PRO L 158 22.70 27.39 33.76
CA PRO L 158 21.64 26.74 32.98
C PRO L 158 20.81 27.73 32.18
N ALA L 159 21.28 28.02 30.96
CA ALA L 159 20.69 29.08 30.14
C ALA L 159 19.25 28.78 29.74
N ASP L 160 18.89 27.50 29.66
CA ASP L 160 17.50 27.16 29.39
C ASP L 160 16.63 27.37 30.63
N SER L 161 17.21 27.18 31.82
CA SER L 161 16.43 27.32 33.06
C SER L 161 16.27 28.77 33.48
N LEU L 162 17.28 29.61 33.24
CA LEU L 162 17.24 31.01 33.65
C LEU L 162 16.69 31.94 32.58
N LEU L 163 15.93 31.40 31.62
CA LEU L 163 15.60 32.11 30.41
C LEU L 163 14.30 32.91 30.57
N LEU L 164 14.26 34.05 29.88
CA LEU L 164 13.04 34.86 29.80
C LEU L 164 11.96 34.11 29.04
N THR L 165 10.98 33.58 29.77
CA THR L 165 9.84 32.93 29.16
C THR L 165 8.72 33.93 28.93
N SER L 166 7.70 33.49 28.19
CA SER L 166 6.49 34.29 28.03
C SER L 166 5.64 34.33 29.29
N GLU L 167 5.84 33.39 30.21
CA GLU L 167 5.06 33.30 31.43
C GLU L 167 5.69 34.02 32.61
N ASP L 168 6.80 34.73 32.38
CA ASP L 168 7.41 35.54 33.43
C ASP L 168 6.48 36.70 33.82
N PRO L 169 6.54 37.16 35.06
CA PRO L 169 5.64 38.24 35.49
C PRO L 169 5.97 39.57 34.82
N ALA L 170 5.00 40.49 34.87
CA ALA L 170 5.14 41.75 34.15
C ALA L 170 6.06 42.72 34.88
N ASP L 171 6.40 42.45 36.14
CA ASP L 171 7.20 43.40 36.90
C ASP L 171 8.70 43.09 36.89
N CYS L 172 9.10 41.93 36.39
CA CYS L 172 10.53 41.65 36.24
C CYS L 172 11.09 42.51 35.10
N PRO L 173 12.28 43.12 35.29
CA PRO L 173 12.73 44.21 34.39
C PRO L 173 12.94 43.81 32.93
N ALA L 174 13.36 42.56 32.69
CA ALA L 174 13.66 42.13 31.34
C ALA L 174 12.39 42.01 30.49
N GLN L 175 11.24 41.78 31.13
CA GLN L 175 10.03 41.60 30.34
C GLN L 175 9.51 42.92 29.76
N GLN L 176 9.45 43.99 30.56
CA GLN L 176 9.04 45.26 29.94
C GLN L 176 10.19 45.87 29.16
N LEU L 177 11.44 45.43 29.42
CA LEU L 177 12.53 45.74 28.51
C LEU L 177 12.25 45.19 27.11
N TYR L 178 11.88 43.91 27.02
CA TYR L 178 11.56 43.29 25.74
C TYR L 178 10.28 43.89 25.13
N VAL L 179 9.29 44.20 25.98
CA VAL L 179 8.04 44.78 25.49
C VAL L 179 8.28 46.18 24.94
N ALA L 180 9.05 46.99 25.68
CA ALA L 180 9.34 48.37 25.24
C ALA L 180 10.12 48.34 23.92
N MET L 181 11.09 47.42 23.82
CA MET L 181 11.94 47.28 22.60
C MET L 181 11.09 46.84 21.41
N ARG L 182 10.14 45.92 21.61
CA ARG L 182 9.33 45.41 20.51
C ARG L 182 8.91 46.50 19.52
N SER L 183 8.84 47.76 19.95
CA SER L 183 8.54 48.87 19.06
C SER L 183 9.80 49.57 18.55
N ASN L 184 10.89 48.83 18.37
CA ASN L 184 12.14 49.44 17.89
C ASN L 184 12.07 49.77 16.41
N TYR L 185 11.19 49.10 15.65
CA TYR L 185 11.10 49.31 14.22
C TYR L 185 10.49 50.66 13.84
N THR L 186 9.82 51.32 14.77
CA THR L 186 9.19 52.61 14.46
C THR L 186 10.21 53.74 14.42
N GLU L 187 11.28 53.64 15.21
CA GLU L 187 12.19 54.77 15.44
C GLU L 187 13.45 54.69 14.59
N ALA L 188 13.54 53.76 13.66
CA ALA L 188 14.72 53.66 12.81
C ALA L 188 14.32 53.12 11.44
N GLY L 189 15.12 53.46 10.44
CA GLY L 189 14.85 53.08 9.07
C GLY L 189 15.35 51.70 8.68
N ILE L 190 16.36 51.20 9.39
CA ILE L 190 16.92 49.88 9.15
C ILE L 190 16.77 49.06 10.42
N ILE L 191 16.14 47.90 10.32
CA ILE L 191 15.89 47.01 11.44
C ILE L 191 16.60 45.69 11.17
N LEU L 192 17.42 45.26 12.11
CA LEU L 192 18.06 43.95 12.03
C LEU L 192 17.21 42.95 12.79
N CYS L 193 17.16 41.73 12.28
CA CYS L 193 16.41 40.64 12.90
C CYS L 193 17.15 39.35 12.62
N SER L 194 16.70 38.28 13.27
CA SER L 194 17.15 36.95 12.92
C SER L 194 16.23 36.37 11.87
N HIS L 195 16.66 35.25 11.29
CA HIS L 195 15.75 34.48 10.44
C HIS L 195 14.59 33.92 11.25
N PHE L 196 14.85 33.53 12.50
CA PHE L 196 13.80 33.01 13.37
C PHE L 196 12.81 34.10 13.76
N MET L 197 13.31 35.33 13.99
CA MET L 197 12.43 36.48 14.21
C MET L 197 11.54 36.76 13.02
N LEU L 198 12.11 36.73 11.81
CA LEU L 198 11.34 37.02 10.61
C LEU L 198 10.31 35.92 10.35
N ALA L 199 10.67 34.66 10.61
CA ALA L 199 9.74 33.57 10.41
C ALA L 199 8.64 33.56 11.47
N ALA L 200 8.98 33.87 12.72
CA ALA L 200 7.97 33.95 13.77
C ALA L 200 7.00 35.09 13.53
N HIS L 201 7.51 36.24 13.08
CA HIS L 201 6.62 37.37 12.81
C HIS L 201 5.82 37.10 11.54
N THR L 202 6.36 36.31 10.60
CA THR L 202 5.57 35.89 9.44
C THR L 202 4.43 34.97 9.85
N ARG L 203 4.67 34.08 10.81
CA ARG L 203 3.60 33.27 11.38
C ARG L 203 2.57 34.14 12.10
N MET L 204 3.03 35.22 12.74
CA MET L 204 2.12 36.17 13.39
C MET L 204 1.29 36.94 12.36
N MET L 205 1.87 37.24 11.19
CA MET L 205 1.08 37.77 10.09
C MET L 205 0.04 36.76 9.62
N GLN L 206 0.43 35.49 9.52
CA GLN L 206 -0.46 34.51 8.89
C GLN L 206 -1.61 34.11 9.82
N MET L 207 -1.39 34.19 11.14
CA MET L 207 -2.45 33.77 12.06
C MET L 207 -3.58 34.80 12.15
N ARG L 208 -3.35 36.04 11.70
CA ARG L 208 -4.40 37.04 11.66
C ARG L 208 -5.04 37.11 10.28
N LEU L 224 4.01 43.72 14.78
CA LEU L 224 4.20 43.92 16.20
C LEU L 224 5.65 44.28 16.53
N SER L 225 6.59 43.53 15.95
CA SER L 225 8.01 43.79 16.13
C SER L 225 8.70 44.23 14.85
N LEU L 226 8.13 43.96 13.68
CA LEU L 226 8.67 44.33 12.38
C LEU L 226 7.56 45.06 11.65
N PRO L 227 7.90 45.88 10.64
CA PRO L 227 6.85 46.55 9.86
C PRO L 227 5.96 45.58 9.09
N HIS L 228 4.72 46.00 8.86
CA HIS L 228 3.74 45.17 8.16
C HIS L 228 4.13 44.94 6.70
N PHE L 229 4.76 45.92 6.08
CA PHE L 229 5.30 45.80 4.74
C PHE L 229 6.78 46.14 4.77
N ILE L 230 7.62 45.19 4.37
CA ILE L 230 9.06 45.40 4.25
C ILE L 230 9.34 45.86 2.83
N ASP L 231 9.85 47.08 2.69
CA ASP L 231 10.12 47.61 1.36
C ASP L 231 11.37 47.00 0.76
N THR L 232 12.39 46.75 1.59
CA THR L 232 13.62 46.12 1.15
C THR L 232 14.12 45.18 2.23
N LEU L 233 14.29 43.91 1.88
CA LEU L 233 14.72 42.88 2.79
C LEU L 233 16.03 42.27 2.29
N ILE L 234 17.05 42.28 3.14
CA ILE L 234 18.33 41.66 2.84
C ILE L 234 18.52 40.50 3.80
N VAL L 235 18.68 39.29 3.27
CA VAL L 235 18.87 38.10 4.15
C VAL L 235 20.34 37.68 4.11
N ASP L 236 20.99 37.66 5.27
CA ASP L 236 22.41 37.24 5.38
C ASP L 236 22.42 35.72 5.60
N GLU L 237 23.22 34.98 4.83
CA GLU L 237 23.20 33.52 4.96
C GLU L 237 21.81 32.96 4.71
N ALA L 238 21.32 33.16 3.48
CA ALA L 238 19.94 32.80 3.14
C ALA L 238 19.73 31.30 3.06
N HIS L 239 20.80 30.53 2.84
CA HIS L 239 20.74 29.07 2.79
C HIS L 239 20.20 28.47 4.08
N LEU L 240 20.40 29.12 5.21
CA LEU L 240 19.87 28.67 6.49
C LEU L 240 18.39 29.02 6.68
N LEU L 241 17.90 30.06 5.98
CA LEU L 241 16.67 30.75 6.37
C LEU L 241 15.45 29.85 6.31
N GLU L 242 15.36 29.02 5.26
CA GLU L 242 14.24 28.10 5.10
C GLU L 242 14.19 27.11 6.26
N GLN L 243 15.36 26.63 6.71
CA GLN L 243 15.43 25.76 7.88
C GLN L 243 14.91 26.46 9.13
N ALA L 244 15.16 27.76 9.24
CA ALA L 244 14.59 28.54 10.34
C ALA L 244 13.07 28.55 10.27
N PHE L 245 12.52 28.67 9.06
CA PHE L 245 11.08 28.48 8.88
C PHE L 245 10.68 27.06 9.24
N ALA L 246 11.51 26.09 8.83
CA ALA L 246 11.30 24.70 9.22
C ALA L 246 11.51 24.52 10.71
N SER L 247 12.28 25.41 11.33
CA SER L 247 12.38 25.38 12.79
C SER L 247 11.13 25.99 13.43
N VAL L 248 10.53 26.98 12.77
CA VAL L 248 9.44 27.72 13.40
C VAL L 248 8.14 26.92 13.37
N TYR L 249 7.85 26.28 12.25
CA TYR L 249 6.57 25.61 12.05
C TYR L 249 6.54 24.18 12.55
N THR L 250 7.56 23.76 13.30
CA THR L 250 7.50 22.52 14.08
C THR L 250 7.18 22.87 15.53
N HIS L 251 6.13 22.25 16.05
CA HIS L 251 5.74 22.40 17.44
C HIS L 251 5.91 21.05 18.12
N THR L 252 6.85 20.97 19.06
CA THR L 252 7.26 19.64 19.59
C THR L 252 6.83 19.40 21.04
N LEU L 253 6.30 18.20 21.30
CA LEU L 253 5.87 17.81 22.66
C LEU L 253 6.97 16.95 23.31
N ARG L 254 7.59 17.51 24.36
CA ARG L 254 8.62 16.91 25.20
C ARG L 254 7.96 16.26 26.39
N LEU L 255 8.15 14.94 26.54
CA LEU L 255 7.39 14.13 27.50
C LEU L 255 8.04 14.06 28.89
N ARG L 256 9.34 13.80 28.94
CA ARG L 256 10.05 13.71 30.23
C ARG L 256 10.05 15.01 31.04
N PRO L 257 10.29 16.22 30.47
CA PRO L 257 10.07 17.43 31.29
C PRO L 257 8.64 17.60 31.77
N LEU L 258 7.65 17.18 30.97
CA LEU L 258 6.26 17.21 31.41
C LEU L 258 6.04 16.27 32.59
N MET L 259 6.60 15.06 32.51
CA MET L 259 6.39 14.08 33.57
C MET L 259 7.08 14.49 34.86
N ARG L 260 8.24 15.15 34.74
CA ARG L 260 8.89 15.68 35.94
C ARG L 260 8.18 16.93 36.46
N THR L 261 7.50 17.67 35.58
CA THR L 261 6.77 18.86 36.01
C THR L 261 5.49 18.52 36.74
N ILE L 262 4.75 17.52 36.25
CA ILE L 262 3.47 17.12 36.86
C ILE L 262 3.70 16.52 38.26
N GLU L 263 4.79 15.79 38.44
CA GLU L 263 5.12 15.25 39.76
C GLU L 263 5.45 16.34 40.77
N GLY L 264 5.97 17.47 40.32
CA GLY L 264 6.26 18.59 41.19
C GLY L 264 5.08 19.51 41.40
N LEU L 274 -0.07 12.92 34.03
CA LEU L 274 -1.23 12.05 34.24
C LEU L 274 -0.99 10.68 33.63
N ASP L 275 -1.92 9.76 33.90
CA ASP L 275 -1.79 8.40 33.38
C ASP L 275 -2.12 8.33 31.89
N ALA L 276 -2.87 9.32 31.39
CA ALA L 276 -3.22 9.36 29.98
C ALA L 276 -2.00 9.61 29.10
N LEU L 277 -1.04 10.40 29.58
CA LEU L 277 0.19 10.59 28.81
C LEU L 277 1.10 9.37 28.89
N LYS L 278 1.03 8.61 29.99
CA LYS L 278 1.75 7.33 30.03
C LYS L 278 1.13 6.32 29.07
N GLU L 279 -0.20 6.32 28.95
CA GLU L 279 -0.83 5.50 27.92
C GLU L 279 -0.53 6.02 26.52
N LEU L 280 -0.33 7.33 26.38
CA LEU L 280 0.12 7.88 25.12
C LEU L 280 1.54 7.39 24.79
N PHE L 281 2.39 7.27 25.80
CA PHE L 281 3.71 6.69 25.59
C PHE L 281 3.63 5.20 25.25
N THR L 282 2.73 4.46 25.89
CA THR L 282 2.60 3.03 25.63
C THR L 282 2.04 2.76 24.23
N GLN L 283 1.10 3.57 23.78
CA GLN L 283 0.61 3.46 22.41
C GLN L 283 1.58 4.11 21.43
N MET L 284 2.46 4.97 21.95
CA MET L 284 3.44 5.66 21.12
C MET L 284 4.59 4.71 20.79
N GLN L 285 4.78 3.71 21.66
CA GLN L 285 5.82 2.70 21.50
C GLN L 285 5.58 1.79 20.30
N VAL L 286 4.33 1.41 20.02
CA VAL L 286 4.07 0.39 19.00
C VAL L 286 4.24 0.98 17.59
N ALA L 287 4.05 2.28 17.44
CA ALA L 287 4.23 2.91 16.13
C ALA L 287 5.69 3.34 15.95
N THR L 292 14.63 1.34 10.58
CA THR L 292 14.84 2.24 11.71
C THR L 292 13.97 3.49 11.62
N ASN L 293 13.08 3.50 10.63
CA ASN L 293 12.20 4.63 10.38
C ASN L 293 10.96 4.48 11.26
N THR L 294 10.80 5.39 12.21
CA THR L 294 9.64 5.39 13.09
C THR L 294 8.73 6.53 12.63
N SER L 295 7.77 6.18 11.76
CA SER L 295 6.65 7.05 11.37
C SER L 295 7.12 8.38 10.79
N LEU L 296 7.92 8.30 9.74
CA LEU L 296 8.49 9.48 9.11
C LEU L 296 7.53 10.00 8.05
N ASN L 297 7.29 11.31 8.06
CA ASN L 297 6.42 12.00 7.07
C ASN L 297 5.00 11.41 7.09
N VAL L 298 4.47 11.07 8.27
CA VAL L 298 3.09 10.54 8.36
C VAL L 298 2.25 11.46 9.25
N PRO L 299 1.41 12.35 8.69
CA PRO L 299 0.57 13.24 9.51
C PRO L 299 -0.55 12.51 10.27
N LEU L 300 -1.28 11.63 9.59
CA LEU L 300 -2.40 10.87 10.21
C LEU L 300 -2.51 9.48 9.58
N SER L 301 -1.44 8.96 8.98
CA SER L 301 -1.54 7.63 8.30
C SER L 301 -1.95 6.56 9.31
N ASP L 302 -1.34 6.54 10.51
CA ASP L 302 -1.74 5.54 11.53
C ASP L 302 -2.06 6.28 12.85
N VAL L 303 -3.32 6.20 13.30
CA VAL L 303 -3.75 6.84 14.58
C VAL L 303 -4.68 5.85 15.30
N PRO L 304 -4.23 4.64 15.70
CA PRO L 304 -5.11 3.70 16.41
C PRO L 304 -5.57 4.24 17.76
N GLU L 305 -4.64 4.79 18.55
CA GLU L 305 -4.94 5.36 19.89
C GLU L 305 -4.29 6.75 20.00
N LEU L 306 -3.79 7.26 18.88
CA LEU L 306 -3.06 8.56 18.84
C LEU L 306 -4.00 9.76 19.05
N ILE L 307 -5.21 9.76 18.47
CA ILE L 307 -6.04 10.96 18.66
C ILE L 307 -6.86 10.93 19.95
N PRO L 308 -7.43 9.78 20.51
CA PRO L 308 -8.02 9.88 21.85
C PRO L 308 -6.99 10.15 22.93
N ALA L 309 -5.79 9.60 22.80
CA ALA L 309 -4.71 9.89 23.74
C ALA L 309 -4.29 11.36 23.67
N LEU L 310 -4.27 11.93 22.47
CA LEU L 310 -3.96 13.35 22.31
C LEU L 310 -5.06 14.22 22.93
N LYS L 311 -6.32 13.80 22.78
CA LYS L 311 -7.43 14.56 23.36
C LYS L 311 -7.40 14.51 24.88
N ASP L 312 -7.09 13.33 25.45
CA ASP L 312 -6.94 13.23 26.90
C ASP L 312 -5.74 14.02 27.40
N THR L 313 -4.65 14.05 26.62
CA THR L 313 -3.49 14.87 26.94
C THR L 313 -3.85 16.35 26.98
N VAL L 314 -4.60 16.81 25.97
CA VAL L 314 -5.01 18.20 25.88
C VAL L 314 -5.94 18.58 27.04
N LYS L 315 -6.90 17.70 27.35
CA LYS L 315 -7.85 18.03 28.41
C LYS L 315 -7.24 17.93 29.80
N THR L 316 -6.30 17.00 30.01
CA THR L 316 -5.67 16.89 31.32
C THR L 316 -4.54 17.91 31.49
N LEU L 317 -4.05 18.50 30.40
CA LEU L 317 -3.02 19.52 30.52
C LEU L 317 -3.60 20.92 30.58
N GLY L 318 -4.71 21.18 29.89
CA GLY L 318 -5.30 22.50 29.91
C GLY L 318 -6.20 22.81 31.07
N ALA L 319 -6.67 21.79 31.79
CA ALA L 319 -7.59 21.98 32.91
C ALA L 319 -6.89 21.97 34.26
N LEU L 320 -5.56 21.88 34.29
CA LEU L 320 -4.84 21.96 35.55
C LEU L 320 -4.91 23.39 36.10
N PRO L 321 -4.97 23.54 37.43
CA PRO L 321 -5.15 24.89 38.02
C PRO L 321 -3.91 25.75 37.84
N THR L 322 -4.12 26.97 37.34
CA THR L 322 -3.03 27.92 37.17
C THR L 322 -2.60 28.51 38.50
N LYS L 323 -3.52 28.57 39.46
CA LYS L 323 -3.19 29.11 40.78
C LYS L 323 -2.36 28.12 41.57
N GLY L 324 -1.22 28.58 42.08
CA GLY L 324 -0.32 27.77 42.86
C GLY L 324 0.72 27.02 42.06
N MET L 325 0.53 26.89 40.75
CA MET L 325 1.50 26.22 39.90
C MET L 325 2.56 27.22 39.45
N SER L 326 3.80 26.75 39.34
CA SER L 326 4.98 27.62 39.30
C SER L 326 5.05 28.48 38.04
N ARG L 327 5.81 29.59 38.14
CA ARG L 327 5.92 30.55 37.04
C ARG L 327 6.77 30.03 35.89
N ASP L 328 7.71 29.12 36.14
CA ASP L 328 8.49 28.51 35.09
C ASP L 328 7.91 27.20 34.58
N ALA L 329 7.01 26.58 35.34
CA ALA L 329 6.31 25.38 34.92
C ALA L 329 5.25 25.66 33.87
N ARG L 330 4.60 26.83 33.96
CA ARG L 330 3.56 27.19 33.00
C ARG L 330 4.11 27.36 31.59
N SER L 331 5.39 27.71 31.46
CA SER L 331 6.03 27.73 30.14
C SER L 331 6.08 26.34 29.52
N VAL L 332 6.45 25.33 30.31
CA VAL L 332 6.49 23.94 29.83
C VAL L 332 5.09 23.45 29.49
N ILE L 333 4.13 23.75 30.36
CA ILE L 333 2.74 23.33 30.13
C ILE L 333 2.18 24.00 28.88
N ARG L 334 2.50 25.27 28.68
CA ARG L 334 1.96 26.00 27.54
C ARG L 334 2.60 25.58 26.23
N ILE L 335 3.92 25.32 26.21
CA ILE L 335 4.53 24.86 24.97
C ILE L 335 4.07 23.44 24.63
N ALA L 336 3.83 22.61 25.65
CA ALA L 336 3.27 21.29 25.41
C ALA L 336 1.84 21.34 24.87
N THR L 337 1.00 22.24 25.42
CA THR L 337 -0.35 22.36 24.89
C THR L 337 -0.39 22.98 23.51
N ARG L 338 0.49 23.94 23.22
CA ARG L 338 0.59 24.50 21.87
C ARG L 338 1.04 23.45 20.86
N ALA L 339 2.00 22.61 21.25
CA ALA L 339 2.44 21.53 20.37
C ALA L 339 1.33 20.48 20.16
N ALA L 340 0.58 20.18 21.23
CA ALA L 340 -0.53 19.24 21.11
C ALA L 340 -1.64 19.79 20.22
N ASN L 341 -1.98 21.08 20.38
CA ASN L 341 -2.97 21.72 19.52
C ASN L 341 -2.51 21.85 18.08
N ASP L 342 -1.21 22.01 17.84
CA ASP L 342 -0.69 21.88 16.48
C ASP L 342 -0.82 20.46 15.95
N ALA L 343 -0.66 19.47 16.84
CA ALA L 343 -0.78 18.04 16.48
C ALA L 343 -2.22 17.64 16.10
N LEU L 344 -3.19 18.15 16.84
CA LEU L 344 -4.64 17.81 16.75
C LEU L 344 -5.29 18.14 15.39
N SER L 345 -4.92 19.27 14.77
CA SER L 345 -5.61 19.75 13.54
C SER L 345 -5.57 18.76 12.36
N GLY L 346 -4.48 18.05 12.14
CA GLY L 346 -4.38 17.17 10.99
C GLY L 346 -3.81 17.82 9.75
N HIS L 347 -3.46 19.09 9.81
CA HIS L 347 -2.83 19.81 8.71
C HIS L 347 -1.31 19.73 8.75
N SER L 348 -0.76 19.00 9.71
CA SER L 348 0.67 18.97 9.94
C SER L 348 1.15 17.52 9.92
N ARG L 349 2.45 17.36 9.71
CA ARG L 349 3.06 16.04 9.77
C ARG L 349 3.45 15.70 11.20
N LEU L 350 3.72 14.41 11.44
CA LEU L 350 4.14 13.94 12.74
C LEU L 350 5.48 13.23 12.61
N ARG L 351 6.41 13.54 13.51
CA ARG L 351 7.72 12.90 13.47
C ARG L 351 8.13 12.50 14.88
N ILE L 352 8.99 11.49 14.97
CA ILE L 352 9.49 10.99 16.24
C ILE L 352 11.00 11.15 16.24
N GLU L 353 11.57 11.65 17.34
CA GLU L 353 12.99 11.57 17.57
C GLU L 353 13.28 11.40 19.05
N VAL L 354 14.49 10.96 19.35
CA VAL L 354 14.95 10.71 20.70
C VAL L 354 16.15 11.58 20.97
N THR L 355 16.39 11.90 22.24
CA THR L 355 17.51 12.75 22.60
C THR L 355 18.84 12.01 22.47
N PRO L 356 19.93 12.73 22.22
CA PRO L 356 21.26 12.09 22.26
C PRO L 356 21.66 11.56 23.64
N VAL L 357 21.11 12.14 24.72
CA VAL L 357 21.48 11.70 26.06
C VAL L 357 20.90 10.31 26.36
N HIS L 358 19.62 10.12 26.10
CA HIS L 358 18.95 8.86 26.38
C HIS L 358 17.72 8.77 25.49
N SER L 359 17.05 7.62 25.54
CA SER L 359 15.90 7.34 24.67
C SER L 359 14.63 7.94 25.26
N TYR L 360 14.64 9.28 25.35
CA TYR L 360 13.51 10.07 25.89
C TYR L 360 12.39 10.14 24.85
N PRO L 361 11.14 10.45 25.24
CA PRO L 361 10.04 10.54 24.27
C PRO L 361 9.98 11.95 23.68
N MET L 362 10.29 12.07 22.40
CA MET L 362 10.26 13.37 21.68
C MET L 362 9.27 13.22 20.51
N LEU L 363 8.34 14.16 20.39
CA LEU L 363 7.31 14.07 19.34
C LEU L 363 7.15 15.41 18.65
N LEU L 364 6.91 15.40 17.34
CA LEU L 364 6.93 16.64 16.56
C LEU L 364 5.69 16.75 15.68
N SER L 365 5.09 17.96 15.70
CA SER L 365 4.01 18.33 14.78
C SER L 365 4.57 19.43 13.89
N GLY L 366 5.09 19.04 12.71
CA GLY L 366 5.70 19.97 11.80
C GLY L 366 4.99 20.03 10.46
N ARG L 367 5.38 21.04 9.67
CA ARG L 367 4.78 21.31 8.37
C ARG L 367 5.78 20.98 7.28
N SER L 368 5.43 19.98 6.46
CA SER L 368 6.28 19.61 5.34
C SER L 368 6.06 20.48 4.11
N ASN L 369 4.89 21.10 3.98
CA ASN L 369 4.62 22.07 2.93
C ASN L 369 4.73 23.47 3.50
N LEU L 370 5.43 24.34 2.78
CA LEU L 370 5.70 25.70 3.25
C LEU L 370 5.56 26.73 2.13
N GLN L 371 4.62 26.53 1.21
CA GLN L 371 4.40 27.55 0.19
C GLN L 371 3.61 28.73 0.73
N ARG L 372 2.65 28.48 1.64
CA ARG L 372 1.69 29.51 2.03
C ARG L 372 2.33 30.59 2.87
N ALA L 373 3.09 30.21 3.91
CA ALA L 373 3.64 31.18 4.84
C ALA L 373 4.76 32.00 4.21
N LEU L 374 5.66 31.34 3.48
CA LEU L 374 6.75 32.07 2.85
C LEU L 374 6.26 32.93 1.70
N LEU L 375 5.24 32.46 0.96
CA LEU L 375 4.58 33.32 -0.03
C LEU L 375 3.91 34.52 0.63
N GLY L 376 3.35 34.31 1.84
CA GLY L 376 2.82 35.42 2.62
C GLY L 376 3.90 36.36 3.11
N LEU L 377 5.14 35.89 3.16
CA LEU L 377 6.24 36.82 3.41
C LEU L 377 6.64 37.54 2.11
N TRP L 378 6.64 36.84 0.97
CA TRP L 378 7.10 37.51 -0.26
C TRP L 378 6.11 38.55 -0.81
N ASN L 379 4.80 38.45 -0.56
CA ASN L 379 3.97 39.56 -1.00
C ASN L 379 4.15 40.75 -0.07
N ALA L 380 4.57 40.49 1.17
CA ALA L 380 4.96 41.48 2.19
C ALA L 380 6.38 42.00 2.00
N THR L 381 7.12 41.57 0.97
CA THR L 381 8.43 42.11 0.66
C THR L 381 8.39 42.80 -0.70
N GLY L 382 8.84 44.06 -0.75
CA GLY L 382 8.92 44.77 -2.00
C GLY L 382 10.04 44.26 -2.87
N GLY L 383 11.26 44.27 -2.33
CA GLY L 383 12.40 43.67 -3.01
C GLY L 383 13.33 43.07 -1.98
N ALA L 384 14.05 42.04 -2.39
CA ALA L 384 14.87 41.29 -1.46
C ALA L 384 16.18 40.87 -2.12
N THR L 385 17.24 40.84 -1.31
CA THR L 385 18.53 40.31 -1.71
C THR L 385 18.88 39.14 -0.79
N LEU L 386 18.99 37.95 -1.36
CA LEU L 386 19.32 36.75 -0.60
C LEU L 386 20.80 36.45 -0.84
N VAL L 387 21.64 36.71 0.16
CA VAL L 387 23.08 36.54 0.05
C VAL L 387 23.49 35.33 0.88
N SER L 388 24.31 34.46 0.29
CA SER L 388 24.74 33.24 0.97
C SER L 388 26.07 32.79 0.39
N ALA L 389 26.65 31.76 1.03
CA ALA L 389 27.90 31.17 0.57
C ALA L 389 27.69 29.94 -0.29
N THR L 390 26.55 29.26 -0.14
CA THR L 390 26.09 28.22 -1.07
C THR L 390 24.63 28.53 -1.38
N LEU L 391 24.42 29.29 -2.44
CA LEU L 391 23.11 29.71 -2.90
C LEU L 391 22.73 29.07 -4.22
N PHE L 392 23.70 28.72 -5.06
CA PHE L 392 23.43 28.36 -6.44
C PHE L 392 23.91 26.94 -6.73
N THR L 393 23.25 26.29 -7.69
CA THR L 393 23.45 24.86 -7.91
C THR L 393 24.62 24.62 -8.85
N THR L 394 24.52 25.07 -10.10
CA THR L 394 25.57 24.83 -11.09
C THR L 394 25.63 26.02 -12.03
N GLY L 395 26.63 26.87 -11.84
CA GLY L 395 26.76 28.05 -12.66
C GLY L 395 25.71 29.07 -12.26
N ASP L 396 24.73 29.27 -13.13
CA ASP L 396 23.69 30.26 -12.87
C ASP L 396 22.33 29.60 -12.64
N ASN L 397 22.31 28.29 -12.36
CA ASN L 397 21.09 27.60 -11.95
C ASN L 397 20.89 27.74 -10.46
N GLY L 398 19.78 28.35 -10.05
CA GLY L 398 19.36 28.33 -8.67
C GLY L 398 17.89 27.95 -8.52
N SER L 399 17.45 26.99 -9.34
CA SER L 399 16.03 26.64 -9.40
C SER L 399 15.57 25.94 -8.14
N LEU L 400 16.40 25.06 -7.58
CA LEU L 400 16.01 24.40 -6.34
C LEU L 400 16.02 25.39 -5.18
N THR L 401 16.82 26.45 -5.30
CA THR L 401 16.87 27.44 -4.23
C THR L 401 15.56 28.19 -4.11
N ARG L 402 15.01 28.64 -5.23
CA ARG L 402 13.69 29.22 -5.22
C ARG L 402 12.60 28.16 -5.04
N TRP L 403 12.94 26.87 -5.14
CA TRP L 403 12.02 25.84 -4.67
C TRP L 403 12.00 25.72 -3.14
N LYS L 404 13.15 25.81 -2.45
CA LYS L 404 13.15 25.67 -0.98
C LYS L 404 12.46 26.85 -0.29
N LEU L 405 12.83 28.07 -0.65
CA LEU L 405 12.20 29.25 -0.07
C LEU L 405 10.90 29.63 -0.74
N GLU L 406 10.48 28.88 -1.77
CA GLU L 406 9.23 29.09 -2.51
C GLU L 406 9.13 30.51 -3.08
N VAL L 407 10.25 31.00 -3.59
CA VAL L 407 10.34 32.32 -4.21
C VAL L 407 9.52 32.32 -5.49
N PRO L 408 8.69 33.33 -5.73
CA PRO L 408 7.96 33.42 -7.00
C PRO L 408 8.91 33.60 -8.18
N THR L 409 8.56 32.96 -9.29
CA THR L 409 9.42 32.98 -10.47
C THR L 409 9.39 34.34 -11.15
N GLU L 410 8.28 35.06 -11.03
CA GLU L 410 8.17 36.39 -11.62
C GLU L 410 9.06 37.39 -10.89
N ARG L 411 9.18 37.25 -9.57
CA ARG L 411 10.01 38.14 -8.78
C ARG L 411 11.43 37.64 -8.60
N ALA L 412 11.75 36.45 -9.10
CA ALA L 412 13.09 35.91 -8.96
C ALA L 412 14.07 36.65 -9.87
N ALA L 413 15.29 36.82 -9.37
CA ALA L 413 16.35 37.48 -10.12
C ALA L 413 17.66 36.75 -9.85
N PHE L 414 18.23 36.18 -10.91
CA PHE L 414 19.37 35.27 -10.80
C PHE L 414 20.61 36.01 -11.29
N LEU L 415 21.45 36.45 -10.35
CA LEU L 415 22.68 37.12 -10.75
C LEU L 415 23.84 36.13 -10.85
N PRO L 416 24.80 36.41 -11.73
CA PRO L 416 26.02 35.62 -11.77
C PRO L 416 26.73 35.65 -10.43
N PRO L 417 27.31 34.53 -10.01
CA PRO L 417 28.00 34.48 -8.72
C PRO L 417 29.42 35.03 -8.82
N VAL L 418 30.02 35.22 -7.65
CA VAL L 418 31.42 35.61 -7.53
C VAL L 418 32.18 34.44 -6.91
N HIS L 419 33.07 33.85 -7.70
CA HIS L 419 33.92 32.75 -7.25
C HIS L 419 35.37 33.13 -7.58
N PRO L 420 36.05 33.84 -6.67
CA PRO L 420 37.39 34.35 -6.98
C PRO L 420 38.44 33.25 -6.99
N ALA L 421 39.59 33.57 -7.59
CA ALA L 421 40.64 32.58 -7.77
C ALA L 421 41.37 32.29 -6.46
N TRP L 422 41.46 33.29 -5.57
CA TRP L 422 42.19 33.12 -4.32
C TRP L 422 41.49 32.17 -3.36
N THR L 423 40.21 31.89 -3.56
CA THR L 423 39.55 30.82 -2.80
C THR L 423 40.10 29.45 -3.21
N THR L 424 40.52 29.29 -4.47
CA THR L 424 41.09 28.04 -4.94
C THR L 424 42.59 28.10 -5.18
N ALA L 425 43.25 29.23 -4.90
CA ALA L 425 44.68 29.34 -5.21
C ALA L 425 45.59 28.60 -4.23
N PRO L 426 45.56 28.85 -2.87
CA PRO L 426 46.60 28.24 -2.03
C PRO L 426 46.37 26.75 -1.74
N VAL L 427 45.18 26.26 -2.06
CA VAL L 427 44.76 24.93 -1.66
C VAL L 427 45.38 23.92 -2.62
N LEU L 428 45.96 22.86 -2.04
CA LEU L 428 46.58 21.80 -2.81
C LEU L 428 45.75 20.54 -2.67
N LEU L 429 45.35 19.98 -3.82
CA LEU L 429 44.51 18.78 -3.88
C LEU L 429 45.41 17.58 -4.13
N HIS L 430 45.27 16.56 -3.27
CA HIS L 430 46.16 15.40 -3.32
C HIS L 430 45.49 14.24 -4.04
N LYS L 431 46.28 13.52 -4.83
CA LYS L 431 45.76 12.43 -5.65
C LYS L 431 45.47 11.16 -4.85
N GLU L 432 46.20 10.92 -3.77
CA GLU L 432 46.03 9.69 -3.01
C GLU L 432 44.73 9.72 -2.22
N PHE L 433 44.25 8.53 -1.86
CA PHE L 433 42.94 8.38 -1.22
C PHE L 433 42.86 7.02 -0.55
N CYS L 434 41.67 6.71 -0.04
CA CYS L 434 41.39 5.42 0.57
C CYS L 434 40.65 4.55 -0.45
N ALA L 435 41.24 3.39 -0.76
CA ALA L 435 40.72 2.56 -1.85
C ALA L 435 39.41 1.87 -1.46
N HIS L 436 39.19 1.65 -0.17
CA HIS L 436 37.95 1.03 0.28
C HIS L 436 36.79 2.01 0.15
N GLU L 437 35.66 1.50 -0.32
CA GLU L 437 34.46 2.33 -0.40
C GLU L 437 33.86 2.51 0.99
N PRO L 438 33.29 3.69 1.27
CA PRO L 438 32.66 3.91 2.58
C PRO L 438 31.34 3.15 2.71
N ASP L 439 31.35 2.06 3.47
CA ASP L 439 30.20 1.20 3.63
C ASP L 439 29.94 0.89 5.10
N ASP L 440 30.37 1.80 5.99
CA ASP L 440 30.19 1.74 7.44
C ASP L 440 30.82 0.48 8.05
N SER L 441 31.96 -0.02 7.47
CA SER L 441 32.65 -1.26 7.78
C SER L 441 33.95 -0.99 8.55
N PRO L 442 34.39 -1.93 9.39
CA PRO L 442 35.65 -1.74 10.11
C PRO L 442 36.90 -1.78 9.23
N GLU L 443 36.88 -2.51 8.12
CA GLU L 443 38.04 -2.57 7.23
C GLU L 443 38.25 -1.22 6.55
N TRP L 444 37.16 -0.57 6.15
CA TRP L 444 37.23 0.81 5.67
C TRP L 444 37.75 1.74 6.76
N ALA L 445 37.38 1.49 8.01
CA ALA L 445 37.85 2.32 9.12
C ALA L 445 39.36 2.17 9.31
N THR L 446 39.89 0.95 9.19
CA THR L 446 41.33 0.74 9.31
C THR L 446 42.10 1.39 8.17
N GLU L 447 41.64 1.19 6.92
CA GLU L 447 42.36 1.77 5.77
C GLU L 447 42.26 3.29 5.76
N CYS L 448 41.07 3.82 6.06
CA CYS L 448 40.88 5.25 6.19
C CYS L 448 41.73 5.83 7.31
N ALA L 449 41.78 5.16 8.47
CA ALA L 449 42.55 5.67 9.59
C ALA L 449 44.06 5.61 9.33
N GLN L 450 44.52 4.66 8.50
CA GLN L 450 45.92 4.70 8.10
C GLN L 450 46.18 5.89 7.17
N THR L 451 45.17 6.28 6.37
CA THR L 451 45.37 7.50 5.58
C THR L 451 45.33 8.75 6.46
N ILE L 452 44.50 8.77 7.51
CA ILE L 452 44.51 9.90 8.46
C ILE L 452 45.84 9.96 9.20
N GLN L 453 46.42 8.80 9.52
CA GLN L 453 47.74 8.78 10.15
C GLN L 453 48.80 9.33 9.21
N GLY L 454 48.70 9.01 7.92
CA GLY L 454 49.61 9.59 6.93
C GLY L 454 49.48 11.10 6.82
N VAL L 455 48.24 11.60 6.75
CA VAL L 455 48.01 13.05 6.64
C VAL L 455 48.46 13.77 7.90
N ALA L 456 48.17 13.19 9.08
CA ALA L 456 48.58 13.81 10.34
C ALA L 456 50.09 13.77 10.53
N SER L 457 50.77 12.77 9.96
CA SER L 457 52.23 12.79 9.97
C SER L 457 52.76 13.87 9.03
N THR L 458 52.09 14.09 7.90
CA THR L 458 52.53 15.15 6.99
C THR L 458 51.91 16.51 7.31
N ALA L 459 51.11 16.60 8.37
CA ALA L 459 50.48 17.88 8.70
C ALA L 459 51.46 18.81 9.40
N GLN L 460 51.50 20.07 8.95
CA GLN L 460 52.23 21.14 9.62
C GLN L 460 51.30 22.03 10.43
N GLY L 461 50.24 21.45 10.97
CA GLY L 461 49.26 22.24 11.69
C GLY L 461 48.04 21.40 12.00
N GLY L 462 46.90 22.07 12.11
CA GLY L 462 45.66 21.38 12.43
C GLY L 462 45.12 20.60 11.25
N THR L 463 44.30 19.60 11.58
CA THR L 463 43.65 18.75 10.59
C THR L 463 42.22 18.49 11.00
N LEU L 464 41.28 18.73 10.09
CA LEU L 464 39.88 18.42 10.32
C LEU L 464 39.47 17.31 9.36
N VAL L 465 39.02 16.18 9.90
CA VAL L 465 38.57 15.04 9.13
C VAL L 465 37.05 14.95 9.26
N LEU L 466 36.35 15.07 8.14
CA LEU L 466 34.91 15.30 8.14
C LEU L 466 34.16 14.01 7.83
N CYS L 467 33.17 13.69 8.68
CA CYS L 467 32.33 12.51 8.54
C CYS L 467 30.87 12.95 8.57
N THR L 468 29.97 12.05 8.15
CA THR L 468 28.55 12.39 8.14
C THR L 468 27.75 11.67 9.22
N SER L 469 28.37 10.77 9.98
CA SER L 469 27.62 9.91 10.89
C SER L 469 28.36 9.75 12.20
N TYR L 470 27.63 9.31 13.22
CA TYR L 470 28.26 8.98 14.51
C TYR L 470 28.99 7.65 14.46
N GLN L 471 28.45 6.68 13.71
CA GLN L 471 28.99 5.33 13.77
C GLN L 471 30.37 5.25 13.11
N ASN L 472 30.53 5.92 11.97
CA ASN L 472 31.82 5.89 11.29
C ASN L 472 32.86 6.74 12.02
N THR L 473 32.42 7.80 12.71
CA THR L 473 33.40 8.60 13.45
C THR L 473 33.78 7.90 14.76
N GLU L 474 32.91 7.06 15.33
CA GLU L 474 33.35 6.24 16.46
C GLU L 474 34.23 5.08 15.98
N LEU L 475 34.00 4.58 14.76
CA LEU L 475 34.91 3.61 14.16
C LEU L 475 36.30 4.21 13.96
N LEU L 476 36.34 5.45 13.45
CA LEU L 476 37.62 6.12 13.25
C LEU L 476 38.27 6.48 14.58
N ALA L 477 37.47 6.79 15.60
CA ALA L 477 38.02 7.04 16.93
C ALA L 477 38.62 5.77 17.53
N GLY L 478 37.94 4.64 17.37
CA GLY L 478 38.48 3.38 17.87
C GLY L 478 39.68 2.90 17.06
N ARG L 479 39.80 3.34 15.81
CA ARG L 479 40.96 3.01 15.00
C ARG L 479 42.12 3.99 15.16
N LEU L 480 41.88 5.19 15.69
CA LEU L 480 42.94 6.18 15.86
C LEU L 480 43.27 6.53 17.30
N GLY L 481 42.60 5.94 18.30
CA GLY L 481 42.80 6.33 19.68
C GLY L 481 44.21 6.08 20.20
N ALA L 482 44.64 4.81 20.21
CA ALA L 482 45.98 4.49 20.67
C ALA L 482 47.04 4.93 19.67
N ALA L 483 46.64 5.17 18.42
CA ALA L 483 47.57 5.63 17.40
C ALA L 483 47.95 7.09 17.61
N LEU L 484 46.99 7.93 18.02
CA LEU L 484 47.23 9.36 18.05
C LEU L 484 47.29 9.96 19.45
N GLY L 485 46.56 9.43 20.42
CA GLY L 485 46.72 9.90 21.79
C GLY L 485 46.04 11.23 22.04
N ASP L 486 46.81 12.21 22.50
CA ASP L 486 46.26 13.50 22.91
C ASP L 486 46.00 14.43 21.74
N ARG L 487 46.42 14.07 20.53
CA ARG L 487 46.24 14.96 19.38
C ARG L 487 44.80 14.98 18.90
N LEU L 488 44.02 13.96 19.22
CA LEU L 488 42.71 13.81 18.61
C LEU L 488 41.61 14.51 19.39
N ILE L 489 40.62 15.02 18.66
CA ILE L 489 39.34 15.46 19.20
C ILE L 489 38.26 14.68 18.48
N VAL L 490 37.31 14.14 19.24
CA VAL L 490 36.18 13.40 18.66
C VAL L 490 34.90 14.18 18.97
N GLN L 491 33.91 14.05 18.10
CA GLN L 491 32.58 14.57 18.37
C GLN L 491 31.61 13.41 18.55
N SER L 492 30.75 13.53 19.55
CA SER L 492 29.82 12.45 19.88
C SER L 492 28.54 13.08 20.44
N LYS L 493 27.74 12.25 21.10
CA LYS L 493 26.53 12.73 21.75
C LYS L 493 26.85 13.65 22.92
N THR L 494 27.97 13.39 23.61
CA THR L 494 28.41 14.20 24.73
C THR L 494 29.42 15.27 24.35
N SER L 495 29.81 15.35 23.08
CA SER L 495 30.79 16.32 22.60
C SER L 495 30.15 17.16 21.51
N SER L 496 29.81 18.40 21.84
CA SER L 496 29.19 19.30 20.88
C SER L 496 30.24 19.92 19.97
N ALA L 497 29.77 20.66 18.96
CA ALA L 497 30.68 21.30 18.01
C ALA L 497 31.46 22.43 18.67
N ALA L 498 30.81 23.19 19.56
CA ALA L 498 31.46 24.34 20.19
C ALA L 498 32.57 23.91 21.14
N THR L 499 32.34 22.84 21.90
CA THR L 499 33.36 22.31 22.80
C THR L 499 34.57 21.81 22.02
N CYS L 500 34.30 21.08 20.93
CA CYS L 500 35.36 20.53 20.05
C CYS L 500 36.15 21.69 19.41
N LEU L 501 35.44 22.73 18.94
CA LEU L 501 36.09 23.90 18.29
C LEU L 501 37.00 24.61 19.30
N ALA L 502 36.52 24.76 20.54
CA ALA L 502 37.26 25.41 21.62
C ALA L 502 38.51 24.61 21.99
N GLN L 503 38.39 23.28 22.03
CA GLN L 503 39.57 22.44 22.21
C GLN L 503 40.54 22.57 21.03
N PHE L 504 40.02 22.78 19.82
CA PHE L 504 40.88 22.95 18.66
C PHE L 504 41.74 24.21 18.78
N LYS L 505 41.11 25.34 19.19
CA LYS L 505 41.91 26.54 19.49
C LYS L 505 42.85 26.31 20.67
N ALA L 506 42.41 25.51 21.65
CA ALA L 506 43.21 25.30 22.85
C ALA L 506 44.49 24.53 22.57
N LYS L 507 44.40 23.39 21.86
CA LYS L 507 45.64 22.66 21.58
C LYS L 507 46.32 23.12 20.29
N HIS L 508 45.73 24.05 19.55
CA HIS L 508 46.58 24.78 18.60
C HIS L 508 47.38 25.87 19.30
N LYS L 509 46.83 26.42 20.39
CA LYS L 509 47.57 27.42 21.16
C LYS L 509 48.74 26.79 21.89
N ALA L 510 48.62 25.52 22.27
CA ALA L 510 49.66 24.80 22.98
C ALA L 510 50.81 24.35 22.08
N GLY L 511 50.68 24.50 20.76
CA GLY L 511 51.75 24.15 19.85
C GLY L 511 51.69 22.76 19.25
N ILE L 512 50.80 21.89 19.74
CA ILE L 512 50.66 20.56 19.17
C ILE L 512 49.77 20.64 17.94
N ARG L 513 49.79 19.59 17.12
CA ARG L 513 49.03 19.58 15.88
C ARG L 513 47.79 18.70 16.02
N PRO L 514 46.61 19.30 16.10
CA PRO L 514 45.40 18.51 16.37
C PRO L 514 44.82 17.89 15.12
N VAL L 515 44.06 16.81 15.34
CA VAL L 515 43.14 16.28 14.35
C VAL L 515 41.75 16.29 14.98
N TRP L 516 40.72 16.41 14.14
CA TRP L 516 39.37 16.68 14.59
C TRP L 516 38.40 15.82 13.78
N LEU L 517 37.91 14.74 14.40
CA LEU L 517 36.90 13.87 13.78
C LEU L 517 35.55 14.58 13.87
N GLY L 518 35.31 15.49 12.92
CA GLY L 518 34.19 16.40 12.99
C GLY L 518 33.03 15.97 12.09
N LEU L 519 31.81 16.27 12.55
CA LEU L 519 30.59 15.99 11.81
C LEU L 519 29.54 17.03 12.15
N GLY L 520 28.46 17.01 11.38
CA GLY L 520 27.30 17.85 11.69
C GLY L 520 27.59 19.31 11.41
N ALA L 521 27.72 20.09 12.48
CA ALA L 521 28.04 21.52 12.35
C ALA L 521 29.51 21.75 12.01
N ALA L 522 30.34 20.71 12.06
CA ALA L 522 31.72 20.85 11.59
C ALA L 522 31.80 20.93 10.07
N TRP L 523 30.74 20.48 9.38
CA TRP L 523 30.67 20.67 7.94
C TRP L 523 30.42 22.12 7.58
N THR L 524 29.31 22.69 8.08
CA THR L 524 28.86 24.01 7.70
C THR L 524 28.87 24.93 8.91
N GLY L 525 29.51 26.07 8.79
CA GLY L 525 29.36 27.14 9.75
C GLY L 525 30.31 27.17 10.92
N ILE L 526 31.58 26.82 10.73
CA ILE L 526 32.60 26.96 11.76
C ILE L 526 33.72 27.82 11.20
N ASP L 527 34.23 28.73 12.04
CA ASP L 527 35.31 29.64 11.64
C ASP L 527 36.64 29.05 12.08
N LEU L 528 37.35 28.44 11.14
CA LEU L 528 38.66 27.86 11.41
C LEU L 528 39.80 28.76 10.96
N SER L 529 39.55 30.05 10.80
CA SER L 529 40.58 31.05 10.63
C SER L 529 40.86 31.71 11.97
N ASP L 530 42.13 31.79 12.34
CA ASP L 530 42.50 32.26 13.66
C ASP L 530 42.33 33.77 13.78
N HIS L 531 41.93 34.22 14.97
CA HIS L 531 41.80 35.64 15.27
C HIS L 531 43.00 36.19 16.04
N SER L 532 43.99 35.35 16.33
CA SER L 532 45.21 35.83 16.99
C SER L 532 46.14 36.55 16.03
N LEU L 533 46.01 36.33 14.72
CA LEU L 533 46.77 37.07 13.71
C LEU L 533 45.80 37.66 12.68
N PRO L 534 45.20 38.84 12.98
CA PRO L 534 44.29 39.46 12.01
C PRO L 534 44.98 39.97 10.75
N ASP L 535 46.05 40.75 10.95
CA ASP L 535 46.67 41.50 9.87
C ASP L 535 47.53 40.64 8.94
N ASN L 536 48.03 39.50 9.40
CA ASN L 536 48.94 38.66 8.61
C ASN L 536 48.33 37.29 8.40
N PRO L 537 47.62 37.09 7.29
CA PRO L 537 47.07 35.76 7.00
C PRO L 537 48.06 34.80 6.37
N GLU L 538 49.27 35.25 6.03
CA GLU L 538 50.25 34.35 5.42
C GLU L 538 50.87 33.40 6.44
N LEU L 539 50.74 33.68 7.73
CA LEU L 539 51.19 32.78 8.79
C LEU L 539 50.05 31.97 9.38
N ASP L 540 48.90 31.92 8.72
CA ASP L 540 47.76 31.14 9.20
C ASP L 540 48.03 29.67 8.95
N ARG L 541 48.17 28.91 10.03
CA ARG L 541 48.37 27.47 9.93
C ARG L 541 47.53 26.77 11.00
N LEU L 542 46.39 27.34 11.34
CA LEU L 542 45.52 26.73 12.34
C LEU L 542 44.86 25.48 11.76
N LEU L 543 44.57 25.51 10.46
CA LEU L 543 43.97 24.37 9.77
C LEU L 543 44.77 24.17 8.47
N SER L 544 45.81 23.34 8.54
CA SER L 544 46.63 23.08 7.38
C SER L 544 46.13 21.92 6.54
N ASP L 545 45.15 21.16 7.02
CA ASP L 545 44.67 19.97 6.32
C ASP L 545 43.18 19.82 6.52
N LEU L 546 42.43 19.86 5.42
CA LEU L 546 41.05 19.39 5.38
C LEU L 546 41.01 18.06 4.68
N VAL L 547 40.43 17.05 5.36
CA VAL L 547 40.28 15.73 4.77
C VAL L 547 38.80 15.41 4.82
N ILE L 548 38.21 15.11 3.66
CA ILE L 548 36.83 14.68 3.58
C ILE L 548 36.83 13.15 3.46
N THR L 549 36.37 12.49 4.52
CA THR L 549 36.40 11.03 4.57
C THR L 549 35.34 10.38 3.69
N ARG L 550 34.18 11.03 3.53
CA ARG L 550 33.11 10.49 2.70
C ARG L 550 32.29 11.63 2.12
N ILE L 551 31.63 11.34 1.00
CA ILE L 551 30.70 12.28 0.38
C ILE L 551 29.45 12.41 1.25
N PRO L 552 29.02 13.64 1.61
CA PRO L 552 27.84 13.79 2.49
C PRO L 552 26.50 13.63 1.76
N VAL L 553 26.17 12.38 1.45
CA VAL L 553 24.87 12.03 0.91
C VAL L 553 23.96 11.58 2.04
N GLY L 554 22.69 11.98 1.96
CA GLY L 554 21.75 11.64 3.00
C GLY L 554 21.90 12.45 4.27
N GLN L 555 22.41 13.67 4.17
CA GLN L 555 22.56 14.52 5.34
C GLN L 555 21.25 15.21 5.73
N ASN L 556 20.57 15.85 4.79
CA ASN L 556 19.36 16.60 5.09
C ASN L 556 18.19 15.62 5.21
N ARG L 557 17.66 15.50 6.43
CA ARG L 557 16.53 14.57 6.72
C ARG L 557 15.26 15.35 7.11
N SER L 558 15.22 16.67 6.90
CA SER L 558 14.06 17.45 7.33
C SER L 558 12.82 17.03 6.54
N LEU L 559 11.66 17.45 7.04
CA LEU L 559 10.39 17.11 6.41
C LEU L 559 10.26 17.76 5.04
N THR L 560 10.65 19.04 4.94
CA THR L 560 10.56 19.76 3.67
C THR L 560 11.54 19.19 2.65
N HIS L 561 12.73 18.78 3.08
CA HIS L 561 13.69 18.20 2.15
C HIS L 561 13.26 16.80 1.71
N GLU L 562 12.63 16.04 2.60
CA GLU L 562 12.11 14.72 2.22
C GLU L 562 10.97 14.85 1.21
N ARG L 563 10.06 15.80 1.43
CA ARG L 563 8.98 16.05 0.48
C ARG L 563 9.51 16.55 -0.85
N ARG L 564 10.52 17.43 -0.80
CA ARG L 564 11.11 17.98 -2.02
C ARG L 564 11.90 16.93 -2.79
N THR L 565 12.54 16.00 -2.05
CA THR L 565 13.22 14.87 -2.66
C THR L 565 12.24 13.93 -3.33
N ALA L 566 11.09 13.70 -2.69
CA ALA L 566 10.08 12.80 -3.25
C ALA L 566 9.50 13.35 -4.55
N ILE L 567 9.47 14.68 -4.70
CA ILE L 567 9.09 15.26 -5.99
C ILE L 567 10.24 15.16 -6.98
N GLY L 568 11.40 15.70 -6.60
CA GLY L 568 12.50 15.81 -7.56
C GLY L 568 13.17 14.48 -7.88
N GLY L 569 13.49 13.71 -6.86
CA GLY L 569 14.14 12.43 -7.08
C GLY L 569 15.59 12.40 -6.63
N PHE L 570 16.40 11.70 -7.43
CA PHE L 570 17.81 11.51 -7.12
C PHE L 570 18.59 12.81 -7.29
N ARG L 571 18.09 13.70 -8.16
CA ARG L 571 18.80 14.93 -8.49
C ARG L 571 18.88 15.86 -7.28
N ILE L 572 17.80 15.97 -6.51
CA ILE L 572 17.78 16.86 -5.35
C ILE L 572 18.74 16.35 -4.27
N ILE L 573 18.81 15.03 -4.14
CA ILE L 573 19.77 14.38 -3.18
C ILE L 573 21.20 14.71 -3.63
N SER L 574 21.48 14.63 -4.94
CA SER L 574 22.82 14.91 -5.46
C SER L 574 23.20 16.39 -5.31
N GLN L 575 22.26 17.30 -5.55
CA GLN L 575 22.58 18.72 -5.49
C GLN L 575 22.70 19.19 -4.05
N GLU L 576 21.88 18.64 -3.14
CA GLU L 576 22.02 18.95 -1.72
C GLU L 576 23.32 18.42 -1.15
N ALA L 577 23.76 17.23 -1.63
CA ALA L 577 25.07 16.73 -1.26
C ALA L 577 26.18 17.61 -1.81
N ALA L 578 25.98 18.17 -3.00
CA ALA L 578 26.95 19.11 -3.57
C ALA L 578 27.06 20.39 -2.74
N TRP L 579 25.92 20.89 -2.25
CA TRP L 579 25.95 22.10 -1.42
C TRP L 579 26.58 21.83 -0.06
N HIS L 580 26.28 20.68 0.55
CA HIS L 580 26.92 20.30 1.80
C HIS L 580 28.42 20.10 1.63
N PHE L 581 28.84 19.54 0.50
CA PHE L 581 30.27 19.34 0.28
C PHE L 581 30.96 20.66 -0.03
N ARG L 582 30.26 21.60 -0.69
CA ARG L 582 30.83 22.92 -0.91
C ARG L 582 31.00 23.69 0.39
N GLN L 583 30.02 23.56 1.31
CA GLN L 583 30.19 24.14 2.64
C GLN L 583 31.28 23.42 3.42
N GLY L 584 31.48 22.13 3.16
CA GLY L 584 32.58 21.41 3.79
C GLY L 584 33.93 21.86 3.30
N LEU L 585 34.05 22.11 1.99
CA LEU L 585 35.31 22.57 1.42
C LEU L 585 35.55 24.06 1.69
N GLY L 586 34.51 24.81 2.05
CA GLY L 586 34.70 26.21 2.37
C GLY L 586 35.37 26.49 3.70
N ARG L 587 35.67 25.47 4.51
CA ARG L 587 36.32 25.67 5.79
C ARG L 587 37.81 25.97 5.64
N LEU L 588 38.40 25.70 4.47
CA LEU L 588 39.84 25.86 4.30
C LEU L 588 40.22 27.32 4.14
N VAL L 589 39.71 27.98 3.10
CA VAL L 589 40.02 29.36 2.81
C VAL L 589 38.88 30.24 3.32
N ARG L 590 39.19 31.10 4.29
CA ARG L 590 38.24 32.06 4.82
C ARG L 590 38.67 33.49 4.57
N ARG L 591 39.89 33.73 4.09
CA ARG L 591 40.42 35.05 3.79
C ARG L 591 41.57 34.94 2.79
N PRO L 592 41.76 35.92 1.91
CA PRO L 592 42.89 35.86 0.97
C PRO L 592 44.22 36.10 1.68
N GLY L 593 45.27 35.57 1.08
CA GLY L 593 46.62 35.73 1.60
C GLY L 593 47.19 34.52 2.32
N VAL L 594 46.39 33.49 2.57
CA VAL L 594 46.90 32.29 3.22
C VAL L 594 47.73 31.48 2.24
N THR L 595 48.58 30.61 2.78
CA THR L 595 49.47 29.78 1.97
C THR L 595 49.56 28.39 2.56
N HIS L 596 49.94 27.44 1.69
CA HIS L 596 50.22 26.04 2.04
C HIS L 596 49.00 25.36 2.68
N LYS L 597 47.94 25.24 1.89
CA LYS L 597 46.68 24.65 2.31
C LYS L 597 46.51 23.30 1.62
N ASN L 598 46.10 22.28 2.37
CA ASN L 598 46.01 20.92 1.85
C ASN L 598 44.58 20.41 1.92
N LEU L 599 44.12 19.84 0.80
CA LEU L 599 42.78 19.28 0.69
C LEU L 599 42.90 17.81 0.28
N TRP L 600 42.13 16.96 0.93
CA TRP L 600 42.20 15.51 0.76
C TRP L 600 40.78 14.99 0.59
N VAL L 601 40.57 14.11 -0.39
CA VAL L 601 39.30 13.41 -0.56
C VAL L 601 39.61 11.92 -0.65
N LEU L 602 39.10 11.15 0.32
CA LEU L 602 39.40 9.73 0.41
C LEU L 602 38.27 8.84 -0.08
N ASP L 603 37.19 9.42 -0.59
CA ASP L 603 36.09 8.61 -1.09
C ASP L 603 36.48 7.98 -2.42
N ALA L 604 36.45 6.65 -2.48
CA ALA L 604 36.87 5.95 -3.70
C ALA L 604 35.83 6.03 -4.79
N ARG L 605 34.59 6.45 -4.47
CA ARG L 605 33.58 6.66 -5.49
C ARG L 605 33.93 7.87 -6.36
N ILE L 606 34.63 8.86 -5.78
CA ILE L 606 35.02 10.07 -6.50
C ILE L 606 35.95 9.73 -7.66
N TYR L 607 36.94 8.88 -7.40
CA TYR L 607 37.92 8.50 -8.41
C TYR L 607 37.49 7.30 -9.23
N GLY L 608 36.28 6.79 -9.03
CA GLY L 608 35.75 5.71 -9.82
C GLY L 608 35.15 6.19 -11.12
N GLY L 609 34.56 5.24 -11.85
CA GLY L 609 33.95 5.57 -13.13
C GLY L 609 32.47 5.86 -13.05
N ALA L 610 31.94 6.06 -11.85
CA ALA L 610 30.51 6.32 -11.67
C ALA L 610 30.15 7.72 -12.15
N ALA L 611 28.93 7.85 -12.70
CA ALA L 611 28.51 9.12 -13.28
C ALA L 611 27.79 10.00 -12.26
N TRP L 612 27.17 9.41 -11.24
CA TRP L 612 26.49 10.20 -10.22
C TRP L 612 27.39 11.09 -9.36
N VAL L 613 28.70 10.84 -9.34
CA VAL L 613 29.64 11.71 -8.63
C VAL L 613 30.25 12.70 -9.62
N ALA L 614 29.57 12.90 -10.75
CA ALA L 614 30.07 13.84 -11.75
C ALA L 614 30.15 15.30 -11.30
N PRO L 615 29.16 15.91 -10.61
CA PRO L 615 29.41 17.29 -10.13
C PRO L 615 30.54 17.39 -9.11
N PHE L 616 30.68 16.35 -8.29
CA PHE L 616 31.69 16.28 -7.24
C PHE L 616 33.09 16.29 -7.83
N ARG L 617 33.22 15.82 -9.08
CA ARG L 617 34.50 15.89 -9.79
C ARG L 617 34.75 17.30 -10.33
N GLN L 618 33.72 17.96 -10.87
CA GLN L 618 33.94 19.27 -11.51
C GLN L 618 34.31 20.34 -10.50
N ILE L 619 33.76 20.27 -9.28
CA ILE L 619 34.23 21.13 -8.21
C ILE L 619 35.67 20.76 -7.83
N LEU L 620 36.01 19.46 -7.88
CA LEU L 620 37.41 19.06 -7.74
C LEU L 620 38.20 19.33 -9.01
N ASP L 621 37.53 19.66 -10.11
CA ASP L 621 38.25 20.16 -11.27
C ASP L 621 38.68 21.61 -11.10
N ARG L 622 38.19 22.32 -10.08
CA ARG L 622 38.66 23.68 -9.86
C ARG L 622 39.98 23.75 -9.11
N TYR L 623 40.49 22.62 -8.66
CA TYR L 623 41.82 22.54 -8.06
C TYR L 623 42.75 21.76 -8.98
N LYS L 624 44.06 22.00 -8.83
CA LYS L 624 45.04 21.41 -9.73
C LYS L 624 46.20 20.87 -8.93
N LYS L 625 46.80 19.78 -9.44
CA LYS L 625 48.02 19.14 -8.91
C LYS L 625 47.91 18.74 -7.44
#